data_1QEY
#
_entry.id   1QEY
#
_cell.length_a   1.000
_cell.length_b   1.000
_cell.length_c   1.000
_cell.angle_alpha   90.00
_cell.angle_beta   90.00
_cell.angle_gamma   90.00
#
_symmetry.space_group_name_H-M   'P 1'
#
_entity_poly.entity_id   1
_entity_poly.type   'polypeptide(L)'
_entity_poly.pdbx_seq_one_letter_code
;RNDAERLADEQSELVKKMVFDTLKDLYKKTT
;
_entity_poly.pdbx_strand_id   A,B,C,D
#
# COMPACT_ATOMS: atom_id res chain seq x y z
N ARG A 1 -3.45 -0.13 -29.29
CA ARG A 1 -2.28 0.12 -28.42
C ARG A 1 -2.69 0.76 -27.09
N ASN A 2 -2.02 0.37 -26.02
CA ASN A 2 -2.32 0.92 -24.70
C ASN A 2 -1.05 1.00 -23.85
N ASP A 3 -0.33 2.10 -23.98
CA ASP A 3 0.90 2.31 -23.23
C ASP A 3 0.60 2.51 -21.75
N ALA A 4 -0.54 3.13 -21.46
CA ALA A 4 -0.94 3.37 -20.07
C ALA A 4 -1.15 2.06 -19.33
N GLU A 5 -1.66 1.07 -20.04
CA GLU A 5 -1.91 -0.25 -19.46
C GLU A 5 -0.60 -0.90 -19.03
N ARG A 6 0.33 -1.02 -19.98
CA ARG A 6 1.63 -1.60 -19.71
C ARG A 6 2.45 -0.70 -18.80
N LEU A 7 2.41 0.59 -19.09
CA LEU A 7 3.13 1.58 -18.30
C LEU A 7 2.65 1.56 -16.85
N ALA A 8 1.33 1.57 -16.68
CA ALA A 8 0.75 1.55 -15.35
C ALA A 8 1.22 0.34 -14.54
N ASP A 9 1.34 -0.80 -15.22
CA ASP A 9 1.80 -2.02 -14.58
C ASP A 9 3.17 -1.83 -13.94
N GLU A 10 4.05 -1.12 -14.64
CA GLU A 10 5.39 -0.87 -14.15
C GLU A 10 5.35 -0.10 -12.83
N GLN A 11 4.81 1.10 -12.87
CA GLN A 11 4.72 1.94 -11.68
C GLN A 11 4.08 1.17 -10.53
N SER A 12 2.99 0.45 -10.83
CA SER A 12 2.29 -0.33 -9.82
C SER A 12 3.22 -1.39 -9.23
N GLU A 13 4.03 -2.02 -10.07
CA GLU A 13 4.96 -3.04 -9.63
C GLU A 13 6.04 -2.44 -8.74
N LEU A 14 6.33 -1.17 -8.95
CA LEU A 14 7.33 -0.47 -8.15
C LEU A 14 6.82 -0.23 -6.73
N VAL A 15 5.53 0.05 -6.63
CA VAL A 15 4.90 0.31 -5.33
C VAL A 15 4.71 -0.98 -4.55
N LYS A 16 4.24 -2.02 -5.24
CA LYS A 16 4.01 -3.32 -4.60
C LYS A 16 5.31 -3.85 -4.01
N LYS A 17 6.41 -3.70 -4.76
CA LYS A 17 7.71 -4.16 -4.29
C LYS A 17 8.15 -3.37 -3.08
N MET A 18 7.90 -2.06 -3.10
CA MET A 18 8.25 -1.19 -2.00
C MET A 18 7.49 -1.58 -0.73
N VAL A 19 6.19 -1.80 -0.87
CA VAL A 19 5.35 -2.20 0.25
C VAL A 19 5.85 -3.51 0.85
N PHE A 20 6.25 -4.43 -0.01
CA PHE A 20 6.76 -5.71 0.44
C PHE A 20 7.87 -5.51 1.46
N ASP A 21 8.92 -4.79 1.06
CA ASP A 21 10.04 -4.53 1.95
C ASP A 21 9.56 -3.93 3.27
N THR A 22 8.74 -2.88 3.18
CA THR A 22 8.21 -2.24 4.37
C THR A 22 7.41 -3.23 5.21
N LEU A 23 6.26 -3.64 4.69
CA LEU A 23 5.40 -4.59 5.39
C LEU A 23 6.19 -5.81 5.85
N LYS A 24 7.14 -6.23 5.03
CA LYS A 24 7.97 -7.38 5.37
C LYS A 24 8.60 -7.19 6.74
N ASP A 25 9.53 -6.25 6.82
CA ASP A 25 10.23 -5.96 8.07
C ASP A 25 9.25 -5.50 9.14
N LEU A 26 8.19 -4.80 8.73
CA LEU A 26 7.19 -4.30 9.66
C LEU A 26 6.43 -5.46 10.30
N TYR A 27 6.09 -6.46 9.50
CA TYR A 27 5.36 -7.62 10.00
C TYR A 27 6.30 -8.53 10.80
N LYS A 28 7.59 -8.37 10.62
CA LYS A 28 8.58 -9.16 11.33
C LYS A 28 8.72 -8.68 12.76
N LYS A 29 8.55 -7.37 12.97
CA LYS A 29 8.67 -6.80 14.30
C LYS A 29 7.67 -7.44 15.26
N THR A 30 6.52 -7.87 14.73
CA THR A 30 5.50 -8.50 15.54
C THR A 30 5.87 -9.94 15.86
N THR A 31 6.17 -10.72 14.82
CA THR A 31 6.55 -12.11 14.99
C THR A 31 8.04 -12.29 14.81
N ARG B 1 10.37 -17.21 5.34
CA ARG B 1 10.96 -16.94 6.67
C ARG B 1 9.91 -17.06 7.77
N ASN B 2 8.70 -16.58 7.48
CA ASN B 2 7.61 -16.63 8.45
C ASN B 2 6.35 -15.98 7.89
N ASP B 3 5.27 -16.05 8.66
CA ASP B 3 4.00 -15.47 8.24
C ASP B 3 4.16 -14.00 7.86
N ALA B 4 5.10 -13.32 8.51
CA ALA B 4 5.35 -11.92 8.23
C ALA B 4 5.65 -11.69 6.75
N GLU B 5 6.28 -12.67 6.11
CA GLU B 5 6.62 -12.58 4.69
C GLU B 5 5.39 -12.83 3.84
N ARG B 6 4.78 -14.00 4.00
CA ARG B 6 3.60 -14.37 3.23
C ARG B 6 2.55 -13.26 3.31
N LEU B 7 2.55 -12.52 4.42
CA LEU B 7 1.61 -11.43 4.62
C LEU B 7 1.95 -10.27 3.70
N ALA B 8 3.13 -9.70 3.90
CA ALA B 8 3.59 -8.57 3.09
C ALA B 8 3.34 -8.82 1.61
N ASP B 9 3.36 -10.09 1.22
CA ASP B 9 3.13 -10.47 -0.17
C ASP B 9 1.66 -10.26 -0.55
N GLU B 10 0.77 -10.66 0.34
CA GLU B 10 -0.66 -10.51 0.11
C GLU B 10 -1.05 -9.04 0.05
N GLN B 11 -0.34 -8.22 0.81
CA GLN B 11 -0.61 -6.78 0.86
C GLN B 11 -0.13 -6.12 -0.44
N SER B 12 1.08 -6.45 -0.86
CA SER B 12 1.64 -5.87 -2.08
C SER B 12 0.68 -6.06 -3.24
N GLU B 13 0.38 -7.31 -3.57
CA GLU B 13 -0.54 -7.62 -4.66
C GLU B 13 -1.84 -6.83 -4.50
N LEU B 14 -2.30 -6.70 -3.26
CA LEU B 14 -3.52 -5.96 -2.97
C LEU B 14 -3.35 -4.49 -3.31
N VAL B 15 -2.23 -3.91 -2.87
CA VAL B 15 -1.94 -2.50 -3.14
C VAL B 15 -1.66 -2.28 -4.62
N LYS B 16 -1.06 -3.27 -5.25
CA LYS B 16 -0.72 -3.19 -6.67
C LYS B 16 -1.99 -3.04 -7.50
N LYS B 17 -2.89 -4.01 -7.40
CA LYS B 17 -4.15 -3.98 -8.14
C LYS B 17 -4.88 -2.66 -7.90
N MET B 18 -4.72 -2.12 -6.70
CA MET B 18 -5.38 -0.87 -6.34
C MET B 18 -4.74 0.30 -7.08
N VAL B 19 -3.41 0.39 -7.00
CA VAL B 19 -2.68 1.47 -7.66
C VAL B 19 -2.66 1.26 -9.17
N PHE B 20 -2.80 0.01 -9.60
CA PHE B 20 -2.79 -0.32 -11.02
C PHE B 20 -3.95 0.38 -11.74
N ASP B 21 -5.14 0.28 -11.16
CA ASP B 21 -6.32 0.91 -11.75
C ASP B 21 -6.19 2.43 -11.72
N THR B 22 -5.68 2.95 -10.61
CA THR B 22 -5.51 4.39 -10.46
C THR B 22 -4.71 4.96 -11.63
N LEU B 23 -3.51 4.45 -11.83
CA LEU B 23 -2.66 4.91 -12.92
C LEU B 23 -3.41 4.90 -14.24
N LYS B 24 -4.23 3.88 -14.44
CA LYS B 24 -5.01 3.76 -15.67
C LYS B 24 -5.82 5.03 -15.92
N ASP B 25 -6.55 5.46 -14.89
CA ASP B 25 -7.36 6.67 -14.99
C ASP B 25 -6.47 7.90 -15.08
N LEU B 26 -5.35 7.87 -14.38
CA LEU B 26 -4.40 8.98 -14.38
C LEU B 26 -3.97 9.33 -15.80
N TYR B 27 -3.66 8.30 -16.58
CA TYR B 27 -3.23 8.50 -17.96
C TYR B 27 -4.44 8.75 -18.86
N LYS B 28 -5.57 8.17 -18.49
CA LYS B 28 -6.80 8.34 -19.27
C LYS B 28 -7.09 9.82 -19.52
N LYS B 29 -6.90 10.63 -18.49
CA LYS B 29 -7.13 12.07 -18.60
C LYS B 29 -6.23 12.68 -19.65
N THR B 30 -5.03 12.14 -19.80
CA THR B 30 -4.07 12.63 -20.77
C THR B 30 -3.14 11.52 -21.25
N THR B 31 -3.43 11.00 -22.43
CA THR B 31 -2.63 9.93 -23.02
C THR B 31 -2.27 10.23 -24.46
N ARG C 1 -8.67 -4.92 27.75
CA ARG C 1 -7.51 -4.18 27.18
C ARG C 1 -7.05 -4.81 25.87
N ASN C 2 -6.65 -3.97 24.92
CA ASN C 2 -6.19 -4.44 23.62
C ASN C 2 -5.09 -3.53 23.07
N ASP C 3 -3.85 -3.81 23.46
CA ASP C 3 -2.71 -3.02 23.00
C ASP C 3 -2.46 -3.24 21.52
N ALA C 4 -2.73 -4.45 21.05
CA ALA C 4 -2.53 -4.79 19.65
C ALA C 4 -3.44 -3.95 18.76
N GLU C 5 -4.64 -3.67 19.24
CA GLU C 5 -5.61 -2.88 18.50
C GLU C 5 -5.09 -1.46 18.31
N ARG C 6 -4.76 -0.81 19.42
CA ARG C 6 -4.24 0.56 19.38
C ARG C 6 -2.86 0.57 18.75
N LEU C 7 -2.02 -0.38 19.14
CA LEU C 7 -0.67 -0.49 18.61
C LEU C 7 -0.70 -0.70 17.10
N ALA C 8 -1.54 -1.61 16.65
CA ALA C 8 -1.67 -1.90 15.22
C ALA C 8 -2.03 -0.65 14.44
N ASP C 9 -2.90 0.17 15.02
CA ASP C 9 -3.33 1.42 14.37
C ASP C 9 -2.13 2.30 14.07
N GLU C 10 -1.19 2.37 15.01
CA GLU C 10 0.01 3.18 14.83
C GLU C 10 0.80 2.73 13.60
N GLN C 11 1.29 1.50 13.64
CA GLN C 11 2.06 0.95 12.54
C GLN C 11 1.33 1.15 11.21
N SER C 12 0.04 0.84 11.21
CA SER C 12 -0.78 0.99 10.01
C SER C 12 -0.78 2.43 9.53
N GLU C 13 -0.85 3.37 10.47
CA GLU C 13 -0.85 4.79 10.14
C GLU C 13 0.48 5.22 9.55
N LEU C 14 1.54 4.49 9.93
CA LEU C 14 2.87 4.80 9.43
C LEU C 14 3.00 4.39 7.97
N VAL C 15 2.36 3.28 7.62
CA VAL C 15 2.39 2.78 6.25
C VAL C 15 1.51 3.62 5.34
N LYS C 16 0.31 3.96 5.82
CA LYS C 16 -0.62 4.76 5.03
C LYS C 16 0.00 6.10 4.68
N LYS C 17 0.69 6.70 5.64
CA LYS C 17 1.35 8.00 5.43
C LYS C 17 2.46 7.85 4.40
N MET C 18 3.20 6.75 4.50
CA MET C 18 4.30 6.49 3.59
C MET C 18 3.78 6.34 2.16
N VAL C 19 2.71 5.56 2.00
CA VAL C 19 2.12 5.34 0.69
C VAL C 19 1.65 6.66 0.09
N PHE C 20 1.09 7.52 0.93
CA PHE C 20 0.61 8.83 0.48
C PHE C 20 1.73 9.56 -0.26
N ASP C 21 2.85 9.76 0.41
CA ASP C 21 3.99 10.44 -0.19
C ASP C 21 4.37 9.80 -1.52
N THR C 22 4.54 8.48 -1.51
CA THR C 22 4.89 7.75 -2.73
C THR C 22 3.82 7.95 -3.80
N LEU C 23 2.65 7.38 -3.57
CA LEU C 23 1.55 7.51 -4.52
C LEU C 23 1.32 8.95 -4.92
N LYS C 24 1.49 9.85 -3.96
CA LYS C 24 1.31 11.28 -4.22
C LYS C 24 2.16 11.72 -5.41
N ASP C 25 3.47 11.72 -5.20
CA ASP C 25 4.42 12.12 -6.23
C ASP C 25 4.32 11.19 -7.45
N LEU C 26 4.00 9.92 -7.20
CA LEU C 26 3.88 8.94 -8.27
C LEU C 26 2.68 9.27 -9.16
N TYR C 27 1.58 9.66 -8.56
CA TYR C 27 0.37 10.01 -9.30
C TYR C 27 0.53 11.37 -9.97
N LYS C 28 1.48 12.16 -9.50
CA LYS C 28 1.73 13.48 -10.06
C LYS C 28 2.48 13.37 -11.38
N LYS C 29 3.32 12.35 -11.49
CA LYS C 29 4.11 12.14 -12.71
C LYS C 29 3.18 11.97 -13.92
N THR C 30 1.99 11.42 -13.68
CA THR C 30 1.02 11.21 -14.74
C THR C 30 0.33 12.51 -15.11
N THR C 31 -0.24 13.16 -14.11
CA THR C 31 -0.94 14.43 -14.31
C THR C 31 -0.09 15.60 -13.83
N ARG D 1 -4.06 19.87 -4.52
CA ARG D 1 -3.19 20.23 -5.68
C ARG D 1 -3.74 19.66 -6.99
N ASN D 2 -4.28 18.45 -6.92
CA ASN D 2 -4.84 17.79 -8.09
C ASN D 2 -5.34 16.40 -7.76
N ASP D 3 -5.97 15.74 -8.75
CA ASP D 3 -6.49 14.40 -8.55
C ASP D 3 -5.43 13.46 -8.01
N ALA D 4 -4.18 13.72 -8.38
CA ALA D 4 -3.07 12.88 -7.93
C ALA D 4 -3.03 12.79 -6.40
N GLU D 5 -3.43 13.87 -5.75
CA GLU D 5 -3.44 13.92 -4.28
C GLU D 5 -4.63 13.15 -3.73
N ARG D 6 -5.84 13.56 -4.13
CA ARG D 6 -7.05 12.90 -3.67
C ARG D 6 -6.96 11.39 -3.88
N LEU D 7 -6.20 10.98 -4.88
CA LEU D 7 -6.01 9.56 -5.17
C LEU D 7 -5.17 8.90 -4.10
N ALA D 8 -3.92 9.36 -3.99
CA ALA D 8 -2.98 8.83 -3.00
C ALA D 8 -3.65 8.69 -1.64
N ASP D 9 -4.62 9.56 -1.37
CA ASP D 9 -5.35 9.54 -0.11
C ASP D 9 -6.25 8.32 -0.03
N GLU D 10 -6.96 8.04 -1.13
CA GLU D 10 -7.86 6.91 -1.19
C GLU D 10 -7.09 5.60 -1.08
N GLN D 11 -5.86 5.59 -1.61
CA GLN D 11 -5.02 4.40 -1.56
C GLN D 11 -4.50 4.15 -0.15
N SER D 12 -4.01 5.21 0.49
CA SER D 12 -3.49 5.09 1.86
C SER D 12 -4.52 4.43 2.77
N GLU D 13 -5.68 5.06 2.90
CA GLU D 13 -6.75 4.54 3.73
C GLU D 13 -7.03 3.08 3.38
N LEU D 14 -6.98 2.78 2.08
CA LEU D 14 -7.22 1.42 1.61
C LEU D 14 -6.13 0.48 2.11
N VAL D 15 -4.87 0.91 1.98
CA VAL D 15 -3.74 0.10 2.43
C VAL D 15 -3.71 0.02 3.95
N LYS D 16 -4.14 1.09 4.61
CA LYS D 16 -4.17 1.12 6.06
C LYS D 16 -5.10 0.05 6.63
N LYS D 17 -6.36 0.10 6.23
CA LYS D 17 -7.35 -0.88 6.69
C LYS D 17 -6.85 -2.30 6.42
N MET D 18 -6.11 -2.46 5.33
CA MET D 18 -5.58 -3.77 4.96
C MET D 18 -4.48 -4.20 5.93
N VAL D 19 -3.51 -3.31 6.14
CA VAL D 19 -2.41 -3.61 7.03
C VAL D 19 -2.86 -3.58 8.49
N PHE D 20 -3.93 -2.84 8.76
CA PHE D 20 -4.47 -2.73 10.11
C PHE D 20 -4.89 -4.10 10.63
N ASP D 21 -5.64 -4.83 9.81
CA ASP D 21 -6.12 -6.16 10.18
C ASP D 21 -4.95 -7.12 10.33
N THR D 22 -4.00 -7.04 9.40
CA THR D 22 -2.83 -7.91 9.42
C THR D 22 -2.14 -7.86 10.78
N LEU D 23 -1.73 -6.66 11.18
CA LEU D 23 -1.07 -6.47 12.47
C LEU D 23 -1.86 -7.12 13.60
N LYS D 24 -3.18 -7.00 13.53
CA LYS D 24 -4.06 -7.58 14.54
C LYS D 24 -3.75 -9.06 14.73
N ASP D 25 -3.71 -9.79 13.62
CA ASP D 25 -3.42 -11.22 13.64
C ASP D 25 -1.97 -11.47 14.04
N LEU D 26 -1.09 -10.58 13.59
CA LEU D 26 0.33 -10.69 13.90
C LEU D 26 0.56 -10.76 15.40
N TYR D 27 -0.12 -9.89 16.13
CA TYR D 27 0.00 -9.85 17.58
C TYR D 27 -0.82 -10.95 18.23
N LYS D 28 -1.92 -11.33 17.57
CA LYS D 28 -2.79 -12.37 18.07
C LYS D 28 -1.98 -13.63 18.39
N LYS D 29 -1.07 -13.99 17.51
CA LYS D 29 -0.23 -15.17 17.69
C LYS D 29 0.59 -15.05 18.98
N THR D 30 0.98 -13.83 19.32
CA THR D 30 1.78 -13.58 20.51
C THR D 30 1.51 -12.19 21.08
N THR D 31 0.68 -12.14 22.11
CA THR D 31 0.34 -10.87 22.75
C THR D 31 0.48 -10.96 24.27
N ARG A 1 1.01 1.73 -29.41
CA ARG A 1 1.88 2.08 -28.25
C ARG A 1 1.04 2.29 -26.99
N ASN A 2 0.77 1.20 -26.28
CA ASN A 2 -0.02 1.26 -25.06
C ASN A 2 0.89 1.33 -23.83
N ASP A 3 1.78 2.31 -23.81
CA ASP A 3 2.71 2.49 -22.71
C ASP A 3 1.94 2.70 -21.40
N ALA A 4 0.71 3.17 -21.50
CA ALA A 4 -0.11 3.41 -20.33
C ALA A 4 -0.35 2.11 -19.56
N GLU A 5 -0.62 1.03 -20.30
CA GLU A 5 -0.86 -0.27 -19.70
C GLU A 5 0.40 -0.78 -19.01
N ARG A 6 1.50 -0.80 -19.76
CA ARG A 6 2.77 -1.26 -19.22
C ARG A 6 3.22 -0.36 -18.07
N LEU A 7 3.09 0.94 -18.28
CA LEU A 7 3.47 1.93 -17.27
C LEU A 7 2.74 1.65 -15.96
N ALA A 8 1.41 1.56 -16.03
CA ALA A 8 0.59 1.30 -14.86
C ALA A 8 1.13 0.10 -14.08
N ASP A 9 1.70 -0.86 -14.81
CA ASP A 9 2.25 -2.06 -14.18
C ASP A 9 3.65 -1.77 -13.63
N GLU A 10 4.35 -0.84 -14.26
CA GLU A 10 5.70 -0.48 -13.82
C GLU A 10 5.63 0.43 -12.60
N GLN A 11 4.80 1.45 -12.68
CA GLN A 11 4.64 2.40 -11.57
C GLN A 11 4.06 1.69 -10.35
N SER A 12 3.13 0.78 -10.59
CA SER A 12 2.51 0.02 -9.52
C SER A 12 3.52 -0.90 -8.86
N GLU A 13 4.42 -1.45 -9.67
CA GLU A 13 5.45 -2.35 -9.18
C GLU A 13 6.29 -1.66 -8.10
N LEU A 14 6.66 -0.41 -8.37
CA LEU A 14 7.44 0.36 -7.42
C LEU A 14 6.71 0.49 -6.10
N VAL A 15 5.40 0.72 -6.17
CA VAL A 15 4.57 0.86 -4.99
C VAL A 15 4.44 -0.47 -4.27
N LYS A 16 4.10 -1.51 -5.02
CA LYS A 16 3.94 -2.85 -4.45
C LYS A 16 5.26 -3.33 -3.86
N LYS A 17 6.35 -3.06 -4.57
CA LYS A 17 7.68 -3.45 -4.11
C LYS A 17 8.04 -2.70 -2.84
N MET A 18 7.62 -1.45 -2.75
CA MET A 18 7.89 -0.63 -1.58
C MET A 18 7.17 -1.18 -0.36
N VAL A 19 5.94 -1.65 -0.57
CA VAL A 19 5.15 -2.21 0.51
C VAL A 19 5.74 -3.53 1.00
N PHE A 20 6.12 -4.39 0.05
CA PHE A 20 6.71 -5.68 0.40
C PHE A 20 7.85 -5.49 1.39
N ASP A 21 8.89 -4.79 0.95
CA ASP A 21 10.05 -4.53 1.81
C ASP A 21 9.61 -3.98 3.15
N THR A 22 8.60 -3.11 3.12
CA THR A 22 8.07 -2.52 4.34
C THR A 22 7.37 -3.57 5.19
N LEU A 23 6.18 -3.98 4.75
CA LEU A 23 5.41 -4.99 5.47
C LEU A 23 6.27 -6.20 5.81
N LYS A 24 7.20 -6.52 4.93
CA LYS A 24 8.10 -7.64 5.14
C LYS A 24 8.81 -7.50 6.48
N ASP A 25 9.69 -6.52 6.56
CA ASP A 25 10.44 -6.25 7.77
C ASP A 25 9.50 -5.84 8.91
N LEU A 26 8.38 -5.22 8.56
CA LEU A 26 7.41 -4.78 9.55
C LEU A 26 6.78 -5.97 10.25
N TYR A 27 6.03 -6.77 9.49
CA TYR A 27 5.37 -7.95 10.04
C TYR A 27 6.37 -8.85 10.75
N LYS A 28 7.63 -8.78 10.32
CA LYS A 28 8.69 -9.59 10.91
C LYS A 28 8.98 -9.15 12.34
N LYS A 29 8.79 -7.86 12.60
CA LYS A 29 9.03 -7.31 13.92
C LYS A 29 7.91 -7.70 14.89
N THR A 30 6.72 -7.91 14.33
CA THR A 30 5.56 -8.29 15.14
C THR A 30 5.72 -9.69 15.72
N THR A 31 5.81 -10.67 14.82
CA THR A 31 5.95 -12.07 15.23
C THR A 31 7.29 -12.28 15.95
N ARG B 1 8.77 -18.42 13.40
CA ARG B 1 7.72 -18.30 12.36
C ARG B 1 8.15 -17.35 11.26
N ASN B 2 7.70 -17.63 10.03
CA ASN B 2 8.04 -16.78 8.89
C ASN B 2 6.79 -16.37 8.12
N ASP B 3 5.65 -16.37 8.81
CA ASP B 3 4.38 -15.99 8.19
C ASP B 3 4.34 -14.50 7.89
N ALA B 4 5.16 -13.73 8.59
CA ALA B 4 5.21 -12.28 8.39
C ALA B 4 5.49 -11.94 6.93
N GLU B 5 6.49 -12.62 6.35
CA GLU B 5 6.85 -12.39 4.95
C GLU B 5 5.68 -12.74 4.03
N ARG B 6 5.17 -13.96 4.19
CA ARG B 6 4.05 -14.41 3.37
C ARG B 6 2.89 -13.42 3.44
N LEU B 7 2.70 -12.84 4.61
CA LEU B 7 1.62 -11.87 4.80
C LEU B 7 1.84 -10.63 3.94
N ALA B 8 2.98 -9.98 4.14
CA ALA B 8 3.33 -8.78 3.38
C ALA B 8 3.07 -8.99 1.89
N ASP B 9 3.35 -10.20 1.42
CA ASP B 9 3.14 -10.54 0.02
C ASP B 9 1.68 -10.34 -0.37
N GLU B 10 0.78 -10.87 0.44
CA GLU B 10 -0.65 -10.75 0.18
C GLU B 10 -1.06 -9.28 0.16
N GLN B 11 -0.43 -8.50 1.03
CA GLN B 11 -0.72 -7.07 1.11
C GLN B 11 -0.22 -6.36 -0.15
N SER B 12 1.04 -6.59 -0.50
CA SER B 12 1.64 -5.97 -1.67
C SER B 12 0.76 -6.16 -2.90
N GLU B 13 0.60 -7.41 -3.33
CA GLU B 13 -0.22 -7.72 -4.49
C GLU B 13 -1.56 -6.99 -4.43
N LEU B 14 -2.06 -6.81 -3.21
CA LEU B 14 -3.33 -6.12 -3.02
C LEU B 14 -3.20 -4.65 -3.37
N VAL B 15 -2.08 -4.03 -2.98
CA VAL B 15 -1.84 -2.63 -3.26
C VAL B 15 -1.68 -2.38 -4.76
N LYS B 16 -1.02 -3.31 -5.43
CA LYS B 16 -0.79 -3.20 -6.87
C LYS B 16 -2.10 -3.07 -7.63
N LYS B 17 -3.02 -4.00 -7.37
CA LYS B 17 -4.32 -3.98 -8.04
C LYS B 17 -5.05 -2.68 -7.76
N MET B 18 -4.83 -2.11 -6.58
CA MET B 18 -5.47 -0.87 -6.20
C MET B 18 -4.89 0.31 -6.99
N VAL B 19 -3.57 0.40 -7.02
CA VAL B 19 -2.89 1.47 -7.73
C VAL B 19 -2.89 1.21 -9.23
N PHE B 20 -3.00 -0.05 -9.61
CA PHE B 20 -3.02 -0.43 -11.02
C PHE B 20 -4.20 0.22 -11.74
N ASP B 21 -5.40 0.04 -11.17
CA ASP B 21 -6.60 0.61 -11.75
C ASP B 21 -6.55 2.13 -11.70
N THR B 22 -6.05 2.67 -10.59
CA THR B 22 -5.94 4.11 -10.42
C THR B 22 -5.13 4.73 -11.56
N LEU B 23 -3.91 4.22 -11.76
CA LEU B 23 -3.04 4.72 -12.81
C LEU B 23 -3.71 4.58 -14.18
N LYS B 24 -4.36 3.45 -14.40
CA LYS B 24 -5.05 3.21 -15.67
C LYS B 24 -5.93 4.39 -16.04
N ASP B 25 -6.62 4.94 -15.05
CA ASP B 25 -7.50 6.08 -15.26
C ASP B 25 -6.68 7.36 -15.37
N LEU B 26 -5.55 7.40 -14.67
CA LEU B 26 -4.69 8.56 -14.68
C LEU B 26 -4.11 8.80 -16.07
N TYR B 27 -3.72 7.71 -16.74
CA TYR B 27 -3.15 7.80 -18.08
C TYR B 27 -4.26 7.83 -19.13
N LYS B 28 -5.31 7.05 -18.90
CA LYS B 28 -6.43 6.99 -19.83
C LYS B 28 -6.97 8.39 -20.10
N LYS B 29 -7.18 9.16 -19.05
CA LYS B 29 -7.69 10.52 -19.18
C LYS B 29 -6.67 11.42 -19.87
N THR B 30 -5.47 11.50 -19.30
CA THR B 30 -4.41 12.32 -19.87
C THR B 30 -3.87 11.71 -21.16
N THR B 31 -4.74 11.60 -22.16
CA THR B 31 -4.34 11.03 -23.45
C THR B 31 -3.34 11.93 -24.16
N ARG C 1 -4.18 -3.12 28.98
CA ARG C 1 -3.11 -2.64 28.07
C ARG C 1 -3.25 -3.27 26.68
N ASN C 2 -4.07 -2.65 25.84
CA ASN C 2 -4.29 -3.14 24.49
C ASN C 2 -3.38 -2.43 23.49
N ASP C 3 -2.08 -2.47 23.76
CA ASP C 3 -1.10 -1.84 22.89
C ASP C 3 -1.18 -2.40 21.47
N ALA C 4 -1.70 -3.63 21.36
CA ALA C 4 -1.83 -4.28 20.06
C ALA C 4 -2.76 -3.48 19.15
N GLU C 5 -3.86 -2.99 19.72
CA GLU C 5 -4.82 -2.20 18.95
C GLU C 5 -4.20 -0.88 18.51
N ARG C 6 -3.63 -0.15 19.46
CA ARG C 6 -3.00 1.12 19.16
C ARG C 6 -1.82 0.92 18.23
N LEU C 7 -1.01 -0.10 18.52
CA LEU C 7 0.15 -0.41 17.70
C LEU C 7 -0.26 -0.63 16.25
N ALA C 8 -1.22 -1.52 16.04
CA ALA C 8 -1.71 -1.81 14.70
C ALA C 8 -2.05 -0.54 13.94
N ASP C 9 -2.50 0.48 14.68
CA ASP C 9 -2.85 1.75 14.09
C ASP C 9 -1.61 2.61 13.87
N GLU C 10 -0.60 2.40 14.71
CA GLU C 10 0.65 3.14 14.60
C GLU C 10 1.51 2.59 13.47
N GLN C 11 1.67 1.27 13.47
CA GLN C 11 2.46 0.59 12.44
C GLN C 11 1.83 0.80 11.07
N SER C 12 0.51 0.73 11.02
CA SER C 12 -0.22 0.92 9.77
C SER C 12 -0.06 2.34 9.27
N GLU C 13 -0.04 3.29 10.19
CA GLU C 13 0.12 4.70 9.84
C GLU C 13 1.40 4.90 9.04
N LEU C 14 2.49 4.28 9.49
CA LEU C 14 3.76 4.38 8.80
C LEU C 14 3.65 3.89 7.37
N VAL C 15 2.91 2.78 7.20
CA VAL C 15 2.72 2.21 5.88
C VAL C 15 1.82 3.11 5.03
N LYS C 16 0.68 3.51 5.59
CA LYS C 16 -0.25 4.38 4.88
C LYS C 16 0.42 5.71 4.54
N LYS C 17 1.20 6.23 5.49
CA LYS C 17 1.90 7.49 5.29
C LYS C 17 2.94 7.35 4.18
N MET C 18 3.58 6.18 4.13
CA MET C 18 4.59 5.91 3.12
C MET C 18 3.96 5.89 1.73
N VAL C 19 2.76 5.32 1.64
CA VAL C 19 2.04 5.23 0.36
C VAL C 19 1.61 6.62 -0.10
N PHE C 20 1.06 7.41 0.82
CA PHE C 20 0.60 8.75 0.50
C PHE C 20 1.71 9.53 -0.21
N ASP C 21 2.82 9.75 0.49
CA ASP C 21 3.95 10.47 -0.07
C ASP C 21 4.34 9.89 -1.42
N THR C 22 4.28 8.56 -1.54
CA THR C 22 4.60 7.88 -2.78
C THR C 22 3.56 8.19 -3.84
N LEU C 23 2.38 7.58 -3.70
CA LEU C 23 1.29 7.80 -4.65
C LEU C 23 1.08 9.28 -4.92
N LYS C 24 1.28 10.09 -3.89
CA LYS C 24 1.13 11.53 -4.02
C LYS C 24 1.99 12.06 -5.15
N ASP C 25 3.30 12.01 -4.95
CA ASP C 25 4.25 12.46 -5.96
C ASP C 25 4.15 11.62 -7.22
N LEU C 26 3.77 10.35 -7.06
CA LEU C 26 3.64 9.44 -8.19
C LEU C 26 2.51 9.89 -9.11
N TYR C 27 1.29 9.84 -8.60
CA TYR C 27 0.12 10.24 -9.38
C TYR C 27 0.30 11.65 -9.95
N LYS C 28 1.09 12.45 -9.25
CA LYS C 28 1.35 13.83 -9.68
C LYS C 28 2.16 13.85 -10.97
N LYS C 29 3.01 12.85 -11.14
CA LYS C 29 3.84 12.75 -12.34
C LYS C 29 3.02 12.31 -13.54
N THR C 30 1.95 11.56 -13.28
CA THR C 30 1.08 11.06 -14.34
C THR C 30 0.30 12.20 -14.99
N THR C 31 -0.52 12.87 -14.20
CA THR C 31 -1.33 13.98 -14.69
C THR C 31 -0.44 15.14 -15.13
N ARG D 1 -4.34 20.37 -12.73
CA ARG D 1 -5.19 19.44 -11.94
C ARG D 1 -4.47 18.97 -10.68
N ASN D 2 -5.23 18.73 -9.62
CA ASN D 2 -4.66 18.28 -8.35
C ASN D 2 -5.38 17.03 -7.84
N ASP D 3 -5.97 16.27 -8.76
CA ASP D 3 -6.69 15.06 -8.42
C ASP D 3 -5.72 13.96 -7.99
N ALA D 4 -4.46 14.07 -8.41
CA ALA D 4 -3.45 13.08 -8.07
C ALA D 4 -3.35 12.91 -6.56
N GLU D 5 -3.29 14.03 -5.84
CA GLU D 5 -3.19 14.00 -4.39
C GLU D 5 -4.43 13.33 -3.78
N ARG D 6 -5.60 13.81 -4.16
CA ARG D 6 -6.85 13.27 -3.66
C ARG D 6 -6.91 11.75 -3.88
N LEU D 7 -6.36 11.31 -5.01
CA LEU D 7 -6.34 9.89 -5.34
C LEU D 7 -5.50 9.11 -4.34
N ALA D 8 -4.23 9.49 -4.21
CA ALA D 8 -3.32 8.83 -3.29
C ALA D 8 -3.96 8.67 -1.92
N ASP D 9 -4.77 9.65 -1.53
CA ASP D 9 -5.45 9.61 -0.24
C ASP D 9 -6.37 8.40 -0.16
N GLU D 10 -7.16 8.19 -1.20
CA GLU D 10 -8.07 7.06 -1.25
C GLU D 10 -7.30 5.75 -1.19
N GLN D 11 -6.14 5.73 -1.83
CA GLN D 11 -5.29 4.53 -1.84
C GLN D 11 -4.74 4.27 -0.45
N SER D 12 -4.17 5.32 0.15
CA SER D 12 -3.60 5.21 1.50
C SER D 12 -4.59 4.58 2.47
N GLU D 13 -5.67 5.29 2.75
CA GLU D 13 -6.69 4.81 3.66
C GLU D 13 -7.06 3.37 3.37
N LEU D 14 -6.98 2.99 2.09
CA LEU D 14 -7.29 1.63 1.68
C LEU D 14 -6.23 0.66 2.19
N VAL D 15 -4.97 1.07 2.11
CA VAL D 15 -3.87 0.24 2.57
C VAL D 15 -3.91 0.06 4.09
N LYS D 16 -4.29 1.10 4.80
CA LYS D 16 -4.37 1.05 6.26
C LYS D 16 -5.32 -0.05 6.71
N LYS D 17 -6.54 -0.04 6.17
CA LYS D 17 -7.54 -1.03 6.53
C LYS D 17 -7.04 -2.44 6.22
N MET D 18 -6.22 -2.56 5.18
CA MET D 18 -5.67 -3.85 4.79
C MET D 18 -4.63 -4.33 5.80
N VAL D 19 -3.69 -3.45 6.13
CA VAL D 19 -2.64 -3.79 7.07
C VAL D 19 -3.16 -3.76 8.51
N PHE D 20 -4.22 -2.98 8.73
CA PHE D 20 -4.81 -2.87 10.05
C PHE D 20 -5.30 -4.23 10.54
N ASP D 21 -6.10 -4.90 9.72
CA ASP D 21 -6.62 -6.21 10.08
C ASP D 21 -5.49 -7.23 10.18
N THR D 22 -4.53 -7.14 9.27
CA THR D 22 -3.40 -8.05 9.26
C THR D 22 -2.67 -8.01 10.60
N LEU D 23 -2.26 -6.81 11.01
CA LEU D 23 -1.55 -6.64 12.28
C LEU D 23 -2.40 -7.15 13.44
N LYS D 24 -3.69 -6.84 13.41
CA LYS D 24 -4.61 -7.28 14.46
C LYS D 24 -4.44 -8.77 14.74
N ASP D 25 -4.29 -9.54 13.67
CA ASP D 25 -4.10 -10.99 13.80
C ASP D 25 -2.67 -11.31 14.21
N LEU D 26 -1.73 -10.47 13.77
CA LEU D 26 -0.33 -10.67 14.09
C LEU D 26 -0.08 -10.55 15.59
N TYR D 27 -0.75 -9.58 16.21
CA TYR D 27 -0.61 -9.36 17.65
C TYR D 27 -1.55 -10.27 18.43
N LYS D 28 -2.76 -10.45 17.91
CA LYS D 28 -3.75 -11.29 18.55
C LYS D 28 -3.19 -12.69 18.83
N LYS D 29 -2.54 -13.27 17.83
CA LYS D 29 -1.94 -14.59 17.98
C LYS D 29 -0.78 -14.55 18.96
N THR D 30 0.21 -13.70 18.68
CA THR D 30 1.37 -13.57 19.54
C THR D 30 1.01 -12.88 20.85
N THR D 31 0.13 -13.52 21.62
CA THR D 31 -0.29 -12.98 22.90
C THR D 31 0.86 -12.95 23.89
N ARG A 1 3.78 1.35 -29.47
CA ARG A 1 3.53 0.47 -28.29
C ARG A 1 2.84 1.24 -27.17
N ASN A 2 1.92 0.57 -26.49
CA ASN A 2 1.19 1.19 -25.39
C ASN A 2 2.08 1.37 -24.16
N ASP A 3 2.73 2.52 -24.08
CA ASP A 3 3.61 2.82 -22.95
C ASP A 3 2.80 3.10 -21.69
N ALA A 4 1.65 3.73 -21.86
CA ALA A 4 0.78 4.05 -20.74
C ALA A 4 0.37 2.78 -19.98
N GLU A 5 0.05 1.73 -20.74
CA GLU A 5 -0.36 0.47 -20.16
C GLU A 5 0.82 -0.19 -19.44
N ARG A 6 1.91 -0.36 -20.15
CA ARG A 6 3.12 -0.97 -19.58
C ARG A 6 3.63 -0.12 -18.41
N LEU A 7 3.60 1.19 -18.58
CA LEU A 7 4.05 2.10 -17.54
C LEU A 7 3.25 1.90 -16.26
N ALA A 8 1.92 1.91 -16.40
CA ALA A 8 1.04 1.73 -15.25
C ALA A 8 1.42 0.49 -14.46
N ASP A 9 1.92 -0.52 -15.17
CA ASP A 9 2.33 -1.77 -14.54
C ASP A 9 3.67 -1.60 -13.83
N GLU A 10 4.49 -0.70 -14.36
CA GLU A 10 5.81 -0.44 -13.79
C GLU A 10 5.68 0.36 -12.50
N GLN A 11 4.94 1.47 -12.57
CA GLN A 11 4.73 2.31 -11.40
C GLN A 11 4.16 1.50 -10.24
N SER A 12 3.10 0.74 -10.52
CA SER A 12 2.47 -0.08 -9.50
C SER A 12 3.48 -1.04 -8.89
N GLU A 13 4.33 -1.62 -9.73
CA GLU A 13 5.36 -2.54 -9.27
C GLU A 13 6.29 -1.86 -8.28
N LEU A 14 6.53 -0.57 -8.50
CA LEU A 14 7.40 0.20 -7.62
C LEU A 14 6.73 0.39 -6.25
N VAL A 15 5.40 0.40 -6.27
CA VAL A 15 4.63 0.57 -5.04
C VAL A 15 4.52 -0.77 -4.29
N LYS A 16 4.18 -1.83 -5.03
CA LYS A 16 4.05 -3.15 -4.43
C LYS A 16 5.37 -3.58 -3.78
N LYS A 17 6.47 -3.39 -4.50
CA LYS A 17 7.78 -3.74 -4.00
C LYS A 17 8.09 -2.94 -2.73
N MET A 18 7.69 -1.68 -2.73
CA MET A 18 7.91 -0.80 -1.59
C MET A 18 7.13 -1.30 -0.38
N VAL A 19 5.89 -1.72 -0.60
CA VAL A 19 5.05 -2.24 0.46
C VAL A 19 5.55 -3.59 0.95
N PHE A 20 5.95 -4.45 0.01
CA PHE A 20 6.45 -5.76 0.35
C PHE A 20 7.57 -5.66 1.38
N ASP A 21 8.65 -4.96 1.02
CA ASP A 21 9.77 -4.78 1.92
C ASP A 21 9.31 -4.22 3.26
N THR A 22 8.44 -3.21 3.20
CA THR A 22 7.91 -2.59 4.41
C THR A 22 7.12 -3.61 5.22
N LEU A 23 5.96 -3.98 4.72
CA LEU A 23 5.10 -4.94 5.40
C LEU A 23 5.88 -6.19 5.79
N LYS A 24 6.81 -6.59 4.93
CA LYS A 24 7.64 -7.76 5.20
C LYS A 24 8.36 -7.59 6.53
N ASP A 25 9.29 -6.65 6.57
CA ASP A 25 10.06 -6.37 7.77
C ASP A 25 9.15 -5.91 8.90
N LEU A 26 8.03 -5.26 8.54
CA LEU A 26 7.08 -4.77 9.53
C LEU A 26 6.43 -5.93 10.28
N TYR A 27 5.83 -6.85 9.52
CA TYR A 27 5.17 -8.01 10.11
C TYR A 27 6.18 -8.87 10.85
N LYS A 28 7.45 -8.73 10.49
CA LYS A 28 8.52 -9.51 11.13
C LYS A 28 8.75 -9.03 12.56
N LYS A 29 8.50 -7.74 12.79
CA LYS A 29 8.68 -7.15 14.12
C LYS A 29 7.66 -7.71 15.10
N THR A 30 6.51 -8.13 14.58
CA THR A 30 5.44 -8.69 15.41
C THR A 30 5.71 -10.15 15.72
N THR A 31 5.69 -10.99 14.70
CA THR A 31 5.92 -12.42 14.86
C THR A 31 7.40 -12.75 14.68
N ARG B 1 8.36 -19.12 12.28
CA ARG B 1 7.13 -18.34 11.95
C ARG B 1 7.39 -17.37 10.79
N ASN B 2 7.16 -17.85 9.56
CA ASN B 2 7.37 -17.03 8.38
C ASN B 2 6.04 -16.53 7.82
N ASP B 3 5.01 -16.52 8.66
CA ASP B 3 3.69 -16.07 8.24
C ASP B 3 3.72 -14.59 7.85
N ALA B 4 4.68 -13.86 8.41
CA ALA B 4 4.82 -12.44 8.14
C ALA B 4 5.00 -12.18 6.64
N GLU B 5 5.77 -13.04 5.98
CA GLU B 5 6.01 -12.91 4.56
C GLU B 5 4.73 -13.14 3.76
N ARG B 6 4.03 -14.22 4.07
CA ARG B 6 2.80 -14.56 3.38
C ARG B 6 1.84 -13.37 3.39
N LEU B 7 1.93 -12.54 4.42
CA LEU B 7 1.08 -11.37 4.54
C LEU B 7 1.55 -10.25 3.63
N ALA B 8 2.74 -9.73 3.92
CA ALA B 8 3.32 -8.64 3.13
C ALA B 8 3.18 -8.90 1.63
N ASP B 9 3.12 -10.18 1.26
CA ASP B 9 2.98 -10.56 -0.13
C ASP B 9 1.58 -10.25 -0.65
N GLU B 10 0.58 -10.83 0.02
CA GLU B 10 -0.81 -10.61 -0.37
C GLU B 10 -1.20 -9.14 -0.21
N GLN B 11 -0.50 -8.45 0.69
CA GLN B 11 -0.76 -7.04 0.94
C GLN B 11 -0.22 -6.17 -0.19
N SER B 12 0.95 -6.54 -0.70
CA SER B 12 1.58 -5.79 -1.78
C SER B 12 0.79 -5.96 -3.08
N GLU B 13 0.56 -7.20 -3.46
CA GLU B 13 -0.19 -7.50 -4.67
C GLU B 13 -1.52 -6.76 -4.68
N LEU B 14 -2.12 -6.63 -3.51
CA LEU B 14 -3.40 -5.94 -3.37
C LEU B 14 -3.26 -4.47 -3.74
N VAL B 15 -2.18 -3.84 -3.28
CA VAL B 15 -1.93 -2.43 -3.57
C VAL B 15 -1.73 -2.21 -5.06
N LYS B 16 -0.99 -3.11 -5.69
CA LYS B 16 -0.71 -3.01 -7.12
C LYS B 16 -2.00 -2.91 -7.92
N LYS B 17 -2.85 -3.92 -7.79
CA LYS B 17 -4.12 -3.94 -8.51
C LYS B 17 -4.91 -2.65 -8.26
N MET B 18 -4.77 -2.08 -7.08
CA MET B 18 -5.46 -0.86 -6.73
C MET B 18 -4.85 0.35 -7.45
N VAL B 19 -3.54 0.48 -7.35
CA VAL B 19 -2.83 1.58 -8.00
C VAL B 19 -2.70 1.36 -9.51
N PHE B 20 -2.89 0.12 -9.94
CA PHE B 20 -2.79 -0.23 -11.35
C PHE B 20 -3.94 0.41 -12.14
N ASP B 21 -5.17 0.14 -11.70
CA ASP B 21 -6.35 0.69 -12.36
C ASP B 21 -6.35 2.21 -12.30
N THR B 22 -5.99 2.76 -11.14
CA THR B 22 -5.96 4.21 -10.96
C THR B 22 -5.07 4.87 -12.01
N LEU B 23 -3.87 4.32 -12.21
CA LEU B 23 -2.95 4.85 -13.20
C LEU B 23 -3.56 4.83 -14.60
N LYS B 24 -4.28 3.76 -14.90
CA LYS B 24 -4.91 3.61 -16.21
C LYS B 24 -5.73 4.86 -16.54
N ASP B 25 -6.51 5.33 -15.57
CA ASP B 25 -7.33 6.52 -15.75
C ASP B 25 -6.47 7.77 -15.74
N LEU B 26 -5.31 7.68 -15.11
CA LEU B 26 -4.39 8.81 -15.02
C LEU B 26 -3.70 9.05 -16.36
N TYR B 27 -3.15 8.00 -16.95
CA TYR B 27 -2.45 8.09 -18.22
C TYR B 27 -3.41 8.38 -19.37
N LYS B 28 -4.40 7.51 -19.53
CA LYS B 28 -5.39 7.66 -20.60
C LYS B 28 -5.93 9.09 -20.65
N LYS B 29 -5.98 9.74 -19.50
CA LYS B 29 -6.47 11.11 -19.41
C LYS B 29 -5.56 12.06 -20.20
N THR B 30 -4.25 11.92 -20.01
CA THR B 30 -3.29 12.75 -20.70
C THR B 30 -3.12 12.31 -22.15
N THR B 31 -4.22 12.35 -22.90
CA THR B 31 -4.19 11.95 -24.31
C THR B 31 -4.29 13.17 -25.22
N ARG C 1 -2.81 -0.98 29.55
CA ARG C 1 -3.35 -0.45 28.26
C ARG C 1 -3.00 -1.37 27.10
N ASN C 2 -3.93 -1.53 26.17
CA ASN C 2 -3.72 -2.38 25.00
C ASN C 2 -2.74 -1.73 24.03
N ASP C 3 -1.45 -2.04 24.19
CA ASP C 3 -0.42 -1.49 23.33
C ASP C 3 -0.47 -2.15 21.95
N ALA C 4 -0.80 -3.43 21.93
CA ALA C 4 -0.87 -4.17 20.67
C ALA C 4 -1.91 -3.54 19.74
N GLU C 5 -3.04 -3.14 20.30
CA GLU C 5 -4.10 -2.51 19.51
C GLU C 5 -3.65 -1.15 19.00
N ARG C 6 -3.21 -0.30 19.92
CA ARG C 6 -2.75 1.04 19.58
C ARG C 6 -1.56 0.96 18.63
N LEU C 7 -0.65 0.02 18.92
CA LEU C 7 0.54 -0.17 18.09
C LEU C 7 0.15 -0.50 16.65
N ALA C 8 -0.74 -1.49 16.50
CA ALA C 8 -1.19 -1.89 15.17
C ALA C 8 -1.68 -0.69 14.38
N ASP C 9 -2.24 0.29 15.07
CA ASP C 9 -2.75 1.50 14.42
C ASP C 9 -1.59 2.42 14.05
N GLU C 10 -0.51 2.36 14.84
CA GLU C 10 0.66 3.19 14.59
C GLU C 10 1.44 2.67 13.38
N GLN C 11 1.74 1.38 13.39
CA GLN C 11 2.47 0.76 12.31
C GLN C 11 1.77 1.01 10.97
N SER C 12 0.47 0.73 10.94
CA SER C 12 -0.32 0.92 9.73
C SER C 12 -0.22 2.37 9.26
N GLU C 13 -0.26 3.31 10.21
CA GLU C 13 -0.17 4.72 9.89
C GLU C 13 1.16 5.03 9.21
N LEU C 14 2.20 4.31 9.59
CA LEU C 14 3.52 4.49 9.00
C LEU C 14 3.51 4.01 7.56
N VAL C 15 2.65 3.03 7.27
CA VAL C 15 2.53 2.48 5.93
C VAL C 15 1.66 3.36 5.05
N LYS C 16 0.52 3.78 5.59
CA LYS C 16 -0.40 4.64 4.85
C LYS C 16 0.29 5.95 4.46
N LYS C 17 0.98 6.55 5.42
CA LYS C 17 1.69 7.80 5.19
C LYS C 17 2.75 7.60 4.10
N MET C 18 3.41 6.44 4.13
CA MET C 18 4.43 6.12 3.15
C MET C 18 3.83 6.01 1.76
N VAL C 19 2.67 5.37 1.68
CA VAL C 19 1.97 5.20 0.41
C VAL C 19 1.43 6.53 -0.09
N PHE C 20 0.87 7.31 0.83
CA PHE C 20 0.31 8.62 0.47
C PHE C 20 1.34 9.45 -0.27
N ASP C 21 2.47 9.73 0.38
CA ASP C 21 3.54 10.51 -0.23
C ASP C 21 3.93 9.91 -1.58
N THR C 22 4.10 8.58 -1.61
CA THR C 22 4.47 7.90 -2.84
C THR C 22 3.39 8.09 -3.90
N LEU C 23 2.25 7.45 -3.70
CA LEU C 23 1.14 7.55 -4.64
C LEU C 23 0.83 9.01 -4.97
N LYS C 24 0.95 9.88 -3.97
CA LYS C 24 0.70 11.29 -4.17
C LYS C 24 1.58 11.83 -5.29
N ASP C 25 2.88 11.86 -5.03
CA ASP C 25 3.85 12.34 -6.00
C ASP C 25 3.85 11.47 -7.26
N LEU C 26 3.51 10.19 -7.09
CA LEU C 26 3.47 9.26 -8.21
C LEU C 26 2.36 9.65 -9.18
N TYR C 27 1.13 9.76 -8.67
CA TYR C 27 0.00 10.14 -9.50
C TYR C 27 0.19 11.53 -10.09
N LYS C 28 1.04 12.33 -9.45
CA LYS C 28 1.31 13.68 -9.91
C LYS C 28 2.12 13.65 -11.20
N LYS C 29 2.95 12.63 -11.35
CA LYS C 29 3.78 12.49 -12.55
C LYS C 29 2.93 12.21 -13.77
N THR C 30 1.75 11.61 -13.56
CA THR C 30 0.85 11.29 -14.66
C THR C 30 0.02 12.51 -15.05
N THR C 31 -0.83 12.97 -14.13
CA THR C 31 -1.68 14.13 -14.38
C THR C 31 -1.00 15.41 -13.92
N ARG D 1 -5.20 20.44 -11.83
CA ARG D 1 -5.55 19.00 -11.70
C ARG D 1 -4.94 18.40 -10.44
N ASN D 2 -5.69 18.46 -9.34
CA ASN D 2 -5.23 17.93 -8.07
C ASN D 2 -5.90 16.58 -7.75
N ASP D 3 -6.42 15.92 -8.79
CA ASP D 3 -7.08 14.64 -8.62
C ASP D 3 -6.10 13.59 -8.11
N ALA D 4 -4.82 13.80 -8.40
CA ALA D 4 -3.77 12.87 -7.97
C ALA D 4 -3.80 12.68 -6.45
N GLU D 5 -4.01 13.77 -5.73
CA GLU D 5 -4.05 13.72 -4.27
C GLU D 5 -5.25 12.91 -3.79
N ARG D 6 -6.42 13.21 -4.33
CA ARG D 6 -7.64 12.52 -3.96
C ARG D 6 -7.45 11.00 -4.05
N LEU D 7 -6.59 10.58 -4.96
CA LEU D 7 -6.33 9.16 -5.17
C LEU D 7 -5.40 8.62 -4.07
N ALA D 8 -4.17 9.11 -4.06
CA ALA D 8 -3.18 8.69 -3.08
C ALA D 8 -3.78 8.63 -1.68
N ASP D 9 -4.78 9.46 -1.44
CA ASP D 9 -5.44 9.52 -0.14
C ASP D 9 -6.29 8.27 0.09
N GLU D 10 -7.23 8.02 -0.82
CA GLU D 10 -8.10 6.85 -0.72
C GLU D 10 -7.30 5.57 -0.84
N GLN D 11 -6.15 5.64 -1.49
CA GLN D 11 -5.29 4.49 -1.68
C GLN D 11 -4.54 4.16 -0.39
N SER D 12 -4.11 5.19 0.33
CA SER D 12 -3.39 5.01 1.58
C SER D 12 -4.31 4.46 2.65
N GLU D 13 -5.43 5.14 2.88
CA GLU D 13 -6.40 4.72 3.87
C GLU D 13 -6.79 3.27 3.66
N LEU D 14 -6.86 2.84 2.40
CA LEU D 14 -7.20 1.48 2.06
C LEU D 14 -6.15 0.51 2.58
N VAL D 15 -4.89 0.86 2.41
CA VAL D 15 -3.79 0.02 2.86
C VAL D 15 -3.81 -0.13 4.39
N LYS D 16 -4.07 0.97 5.08
CA LYS D 16 -4.12 0.96 6.53
C LYS D 16 -5.09 -0.10 7.04
N LYS D 17 -6.36 0.03 6.66
CA LYS D 17 -7.38 -0.91 7.09
C LYS D 17 -6.96 -2.35 6.80
N MET D 18 -6.20 -2.54 5.72
CA MET D 18 -5.74 -3.87 5.34
C MET D 18 -4.64 -4.34 6.28
N VAL D 19 -3.62 -3.52 6.46
CA VAL D 19 -2.51 -3.86 7.34
C VAL D 19 -2.89 -3.73 8.81
N PHE D 20 -4.00 -3.03 9.09
CA PHE D 20 -4.46 -2.85 10.45
C PHE D 20 -4.95 -4.17 11.03
N ASP D 21 -5.88 -4.80 10.33
CA ASP D 21 -6.44 -6.07 10.77
C ASP D 21 -5.35 -7.15 10.85
N THR D 22 -4.50 -7.18 9.84
CA THR D 22 -3.41 -8.16 9.79
C THR D 22 -2.57 -8.10 11.05
N LEU D 23 -2.19 -6.90 11.46
CA LEU D 23 -1.38 -6.70 12.65
C LEU D 23 -2.11 -7.25 13.89
N LYS D 24 -3.41 -7.02 13.94
CA LYS D 24 -4.23 -7.49 15.06
C LYS D 24 -3.97 -8.97 15.33
N ASP D 25 -3.97 -9.75 14.27
CA ASP D 25 -3.73 -11.19 14.37
C ASP D 25 -2.26 -11.47 14.66
N LEU D 26 -1.40 -10.53 14.26
CA LEU D 26 0.04 -10.67 14.48
C LEU D 26 0.39 -10.49 15.95
N TYR D 27 -0.09 -9.40 16.53
CA TYR D 27 0.18 -9.09 17.94
C TYR D 27 -0.52 -10.08 18.87
N LYS D 28 -1.84 -10.17 18.75
CA LYS D 28 -2.63 -11.07 19.59
C LYS D 28 -2.00 -12.46 19.65
N LYS D 29 -1.34 -12.85 18.57
CA LYS D 29 -0.68 -14.15 18.51
C LYS D 29 0.42 -14.26 19.55
N THR D 30 1.25 -13.22 19.62
CA THR D 30 2.35 -13.19 20.57
C THR D 30 1.86 -12.89 21.99
N THR D 31 0.98 -13.76 22.49
CA THR D 31 0.42 -13.58 23.83
C THR D 31 1.02 -14.59 24.80
N ARG A 1 1.71 -1.50 -28.37
CA ARG A 1 2.64 -1.12 -27.26
C ARG A 1 1.86 -0.67 -26.04
N ASN A 2 1.17 0.47 -26.17
CA ASN A 2 0.39 1.02 -25.07
C ASN A 2 1.29 1.32 -23.86
N ASP A 3 2.07 2.38 -23.97
CA ASP A 3 2.97 2.77 -22.88
C ASP A 3 2.19 3.03 -21.60
N ALA A 4 1.00 3.59 -21.74
CA ALA A 4 0.16 3.89 -20.58
C ALA A 4 -0.16 2.61 -19.81
N GLU A 5 -0.43 1.53 -20.54
CA GLU A 5 -0.75 0.26 -19.92
C GLU A 5 0.49 -0.31 -19.20
N ARG A 6 1.58 -0.40 -19.93
CA ARG A 6 2.83 -0.91 -19.37
C ARG A 6 3.28 -0.04 -18.20
N LEU A 7 3.25 1.27 -18.41
CA LEU A 7 3.64 2.21 -17.37
C LEU A 7 2.86 1.97 -16.09
N ALA A 8 1.53 1.87 -16.21
CA ALA A 8 0.68 1.62 -15.06
C ALA A 8 1.17 0.42 -14.27
N ASP A 9 1.57 -0.63 -14.97
CA ASP A 9 2.06 -1.84 -14.34
C ASP A 9 3.46 -1.62 -13.77
N GLU A 10 4.27 -0.85 -14.48
CA GLU A 10 5.63 -0.55 -14.05
C GLU A 10 5.62 0.30 -12.78
N GLN A 11 4.77 1.31 -12.77
CA GLN A 11 4.66 2.19 -11.62
C GLN A 11 4.05 1.46 -10.43
N SER A 12 3.09 0.58 -10.72
CA SER A 12 2.44 -0.19 -9.68
C SER A 12 3.40 -1.20 -9.06
N GLU A 13 4.29 -1.75 -9.89
CA GLU A 13 5.27 -2.72 -9.43
C GLU A 13 6.19 -2.10 -8.39
N LEU A 14 6.64 -0.89 -8.67
CA LEU A 14 7.53 -0.17 -7.76
C LEU A 14 6.88 -0.02 -6.38
N VAL A 15 5.60 0.31 -6.37
CA VAL A 15 4.87 0.47 -5.12
C VAL A 15 4.72 -0.85 -4.40
N LYS A 16 4.32 -1.88 -5.13
CA LYS A 16 4.15 -3.21 -4.55
C LYS A 16 5.43 -3.68 -3.90
N LYS A 17 6.49 -3.78 -4.71
CA LYS A 17 7.79 -4.20 -4.20
C LYS A 17 8.21 -3.33 -3.03
N MET A 18 7.81 -2.06 -3.08
CA MET A 18 8.13 -1.12 -2.01
C MET A 18 7.41 -1.51 -0.73
N VAL A 19 6.14 -1.86 -0.85
CA VAL A 19 5.33 -2.25 0.29
C VAL A 19 5.81 -3.61 0.83
N PHE A 20 6.23 -4.48 -0.08
CA PHE A 20 6.71 -5.80 0.31
C PHE A 20 7.83 -5.66 1.34
N ASP A 21 8.89 -4.96 0.95
CA ASP A 21 10.04 -4.76 1.84
C ASP A 21 9.57 -4.18 3.18
N THR A 22 8.77 -3.13 3.12
CA THR A 22 8.26 -2.49 4.33
C THR A 22 7.45 -3.48 5.14
N LEU A 23 6.29 -3.85 4.62
CA LEU A 23 5.41 -4.80 5.31
C LEU A 23 6.16 -6.05 5.73
N LYS A 24 7.11 -6.48 4.89
CA LYS A 24 7.90 -7.66 5.18
C LYS A 24 8.58 -7.50 6.54
N ASP A 25 9.55 -6.60 6.59
CA ASP A 25 10.29 -6.34 7.83
C ASP A 25 9.36 -5.84 8.93
N LEU A 26 8.25 -5.22 8.52
CA LEU A 26 7.29 -4.69 9.48
C LEU A 26 6.58 -5.84 10.21
N TYR A 27 5.91 -6.70 9.45
CA TYR A 27 5.20 -7.83 10.03
C TYR A 27 6.17 -8.72 10.80
N LYS A 28 7.44 -8.66 10.43
CA LYS A 28 8.46 -9.47 11.09
C LYS A 28 8.68 -9.00 12.52
N LYS A 29 8.54 -7.69 12.74
CA LYS A 29 8.72 -7.12 14.06
C LYS A 29 7.59 -7.53 15.00
N THR A 30 6.42 -7.77 14.42
CA THR A 30 5.25 -8.17 15.19
C THR A 30 5.47 -9.53 15.85
N THR A 31 5.80 -10.51 15.04
CA THR A 31 6.04 -11.87 15.53
C THR A 31 7.23 -11.90 16.48
N ARG B 1 7.40 -19.09 12.47
CA ARG B 1 6.31 -18.12 12.16
C ARG B 1 6.72 -17.20 11.01
N ASN B 2 6.67 -17.73 9.79
CA ASN B 2 7.02 -16.95 8.61
C ASN B 2 5.79 -16.31 7.99
N ASP B 3 4.73 -16.16 8.78
CA ASP B 3 3.49 -15.56 8.31
C ASP B 3 3.71 -14.11 7.91
N ALA B 4 4.69 -13.46 8.54
CA ALA B 4 5.01 -12.08 8.25
C ALA B 4 5.26 -11.88 6.76
N GLU B 5 5.93 -12.85 6.14
CA GLU B 5 6.23 -12.78 4.73
C GLU B 5 4.98 -13.02 3.89
N ARG B 6 4.21 -14.04 4.26
CA ARG B 6 2.98 -14.38 3.55
C ARG B 6 2.07 -13.16 3.43
N LEU B 7 2.06 -12.33 4.47
CA LEU B 7 1.23 -11.14 4.49
C LEU B 7 1.81 -10.06 3.59
N ALA B 8 3.04 -9.67 3.88
CA ALA B 8 3.73 -8.63 3.09
C ALA B 8 3.51 -8.83 1.60
N ASP B 9 3.34 -10.10 1.21
CA ASP B 9 3.11 -10.43 -0.19
C ASP B 9 1.63 -10.31 -0.54
N GLU B 10 0.77 -10.68 0.41
CA GLU B 10 -0.67 -10.61 0.20
C GLU B 10 -1.14 -9.16 0.19
N GLN B 11 -0.69 -8.39 1.19
CA GLN B 11 -1.06 -7.00 1.30
C GLN B 11 -0.43 -6.16 0.19
N SER B 12 0.80 -6.53 -0.20
CA SER B 12 1.50 -5.80 -1.26
C SER B 12 0.79 -5.96 -2.60
N GLU B 13 0.58 -7.20 -3.00
CA GLU B 13 -0.10 -7.49 -4.26
C GLU B 13 -1.43 -6.75 -4.33
N LEU B 14 -2.04 -6.52 -3.17
CA LEU B 14 -3.31 -5.81 -3.10
C LEU B 14 -3.14 -4.35 -3.51
N VAL B 15 -2.01 -3.76 -3.13
CA VAL B 15 -1.73 -2.37 -3.46
C VAL B 15 -1.54 -2.19 -4.95
N LYS B 16 -0.95 -3.20 -5.60
CA LYS B 16 -0.71 -3.15 -7.03
C LYS B 16 -2.02 -3.01 -7.80
N LYS B 17 -2.89 -4.01 -7.68
CA LYS B 17 -4.18 -3.99 -8.36
C LYS B 17 -4.94 -2.72 -8.01
N MET B 18 -4.66 -2.17 -6.84
CA MET B 18 -5.32 -0.94 -6.39
C MET B 18 -4.81 0.26 -7.16
N VAL B 19 -3.49 0.44 -7.17
CA VAL B 19 -2.87 1.55 -7.87
C VAL B 19 -2.83 1.31 -9.38
N PHE B 20 -2.94 0.05 -9.77
CA PHE B 20 -2.92 -0.32 -11.18
C PHE B 20 -4.15 0.25 -11.88
N ASP B 21 -5.31 0.10 -11.25
CA ASP B 21 -6.56 0.61 -11.80
C ASP B 21 -6.55 2.14 -11.80
N THR B 22 -6.06 2.72 -10.71
CA THR B 22 -6.00 4.17 -10.59
C THR B 22 -5.21 4.78 -11.75
N LEU B 23 -3.99 4.28 -11.94
CA LEU B 23 -3.14 4.76 -13.02
C LEU B 23 -3.83 4.63 -14.36
N LYS B 24 -4.53 3.51 -14.56
CA LYS B 24 -5.24 3.27 -15.80
C LYS B 24 -6.10 4.47 -16.19
N ASP B 25 -6.80 5.01 -15.20
CA ASP B 25 -7.65 6.17 -15.41
C ASP B 25 -6.80 7.43 -15.59
N LEU B 26 -5.71 7.51 -14.82
CA LEU B 26 -4.81 8.65 -14.90
C LEU B 26 -4.34 8.86 -16.33
N TYR B 27 -3.84 7.80 -16.94
CA TYR B 27 -3.35 7.86 -18.32
C TYR B 27 -4.51 7.95 -19.30
N LYS B 28 -5.59 7.23 -19.00
CA LYS B 28 -6.76 7.22 -19.86
C LYS B 28 -7.36 8.62 -19.97
N LYS B 29 -7.25 9.39 -18.89
CA LYS B 29 -7.77 10.75 -18.86
C LYS B 29 -7.16 11.59 -19.98
N THR B 30 -5.98 11.18 -20.45
CA THR B 30 -5.30 11.90 -21.52
C THR B 30 -4.21 11.02 -22.14
N THR B 31 -4.32 10.79 -23.44
CA THR B 31 -3.34 9.98 -24.15
C THR B 31 -2.71 10.76 -25.30
N ARG C 1 -6.11 -0.41 27.78
CA ARG C 1 -4.97 0.09 26.94
C ARG C 1 -4.89 -0.66 25.62
N ASN C 2 -4.58 -1.97 25.70
CA ASN C 2 -4.48 -2.79 24.50
C ASN C 2 -3.40 -2.26 23.56
N ASP C 3 -2.14 -2.45 23.93
CA ASP C 3 -1.02 -1.98 23.12
C ASP C 3 -1.09 -2.59 21.72
N ALA C 4 -1.51 -3.85 21.64
CA ALA C 4 -1.61 -4.54 20.37
C ALA C 4 -2.56 -3.80 19.43
N GLU C 5 -3.67 -3.31 19.99
CA GLU C 5 -4.65 -2.58 19.19
C GLU C 5 -4.07 -1.25 18.71
N ARG C 6 -3.55 -0.48 19.65
CA ARG C 6 -2.96 0.82 19.33
C ARG C 6 -1.79 0.64 18.37
N LEU C 7 -0.93 -0.32 18.69
CA LEU C 7 0.23 -0.61 17.86
C LEU C 7 -0.18 -0.87 16.41
N ALA C 8 -1.16 -1.74 16.24
CA ALA C 8 -1.66 -2.07 14.91
C ALA C 8 -2.01 -0.81 14.13
N ASP C 9 -2.64 0.13 14.81
CA ASP C 9 -3.03 1.40 14.19
C ASP C 9 -1.81 2.29 13.96
N GLU C 10 -0.88 2.26 14.91
CA GLU C 10 0.33 3.06 14.82
C GLU C 10 1.21 2.58 13.67
N GLN C 11 1.35 1.27 13.56
CA GLN C 11 2.17 0.67 12.50
C GLN C 11 1.50 0.87 11.14
N SER C 12 0.17 0.77 11.13
CA SER C 12 -0.59 0.95 9.90
C SER C 12 -0.53 2.40 9.42
N GLU C 13 -0.51 3.33 10.37
CA GLU C 13 -0.43 4.75 10.04
C GLU C 13 0.85 5.07 9.29
N LEU C 14 1.95 4.51 9.77
CA LEU C 14 3.25 4.73 9.15
C LEU C 14 3.23 4.30 7.69
N VAL C 15 2.61 3.15 7.43
CA VAL C 15 2.52 2.63 6.06
C VAL C 15 1.63 3.53 5.21
N LYS C 16 0.46 3.88 5.74
CA LYS C 16 -0.47 4.75 5.02
C LYS C 16 0.22 6.06 4.63
N LYS C 17 0.67 6.80 5.64
CA LYS C 17 1.35 8.06 5.39
C LYS C 17 2.50 7.86 4.42
N MET C 18 3.13 6.69 4.50
CA MET C 18 4.25 6.36 3.62
C MET C 18 3.77 6.24 2.18
N VAL C 19 2.64 5.56 1.99
CA VAL C 19 2.07 5.38 0.66
C VAL C 19 1.55 6.71 0.12
N PHE C 20 1.01 7.53 1.01
CA PHE C 20 0.49 8.83 0.62
C PHE C 20 1.55 9.63 -0.11
N ASP C 21 2.69 9.86 0.55
CA ASP C 21 3.79 10.61 -0.04
C ASP C 21 4.18 10.01 -1.38
N THR C 22 4.38 8.70 -1.40
CA THR C 22 4.75 8.00 -2.63
C THR C 22 3.68 8.19 -3.70
N LEU C 23 2.52 7.58 -3.48
CA LEU C 23 1.42 7.68 -4.42
C LEU C 23 1.13 9.13 -4.78
N LYS C 24 1.27 10.02 -3.80
CA LYS C 24 1.03 11.44 -4.02
C LYS C 24 1.88 11.94 -5.17
N ASP C 25 3.19 12.00 -4.93
CA ASP C 25 4.15 12.46 -5.94
C ASP C 25 4.11 11.55 -7.16
N LEU C 26 3.73 10.29 -6.96
CA LEU C 26 3.66 9.33 -8.05
C LEU C 26 2.53 9.70 -9.02
N TYR C 27 1.30 9.75 -8.51
CA TYR C 27 0.16 10.10 -9.34
C TYR C 27 0.33 11.48 -9.95
N LYS C 28 1.16 12.31 -9.31
CA LYS C 28 1.42 13.65 -9.80
C LYS C 28 2.21 13.62 -11.10
N LYS C 29 3.09 12.63 -11.22
CA LYS C 29 3.91 12.48 -12.41
C LYS C 29 3.06 12.05 -13.61
N THR C 30 1.98 11.33 -13.33
CA THR C 30 1.08 10.86 -14.38
C THR C 30 0.41 12.02 -15.09
N THR C 31 -0.25 12.88 -14.31
CA THR C 31 -0.94 14.03 -14.86
C THR C 31 0.04 14.99 -15.53
N ARG D 1 -5.85 19.77 -12.32
CA ARG D 1 -5.97 18.29 -12.14
C ARG D 1 -5.28 17.82 -10.87
N ASN D 2 -5.93 18.06 -9.73
CA ASN D 2 -5.38 17.66 -8.44
C ASN D 2 -5.90 16.28 -8.03
N ASP D 3 -6.34 15.50 -9.02
CA ASP D 3 -6.87 14.16 -8.75
C ASP D 3 -5.77 13.26 -8.19
N ALA D 4 -4.53 13.55 -8.56
CA ALA D 4 -3.39 12.77 -8.10
C ALA D 4 -3.38 12.67 -6.58
N GLU D 5 -3.74 13.77 -5.93
CA GLU D 5 -3.76 13.82 -4.47
C GLU D 5 -4.95 13.04 -3.92
N ARG D 6 -6.11 13.25 -4.53
CA ARG D 6 -7.33 12.57 -4.11
C ARG D 6 -7.12 11.05 -4.08
N LEU D 7 -6.34 10.55 -5.02
CA LEU D 7 -6.07 9.12 -5.12
C LEU D 7 -5.09 8.69 -4.03
N ALA D 8 -3.91 9.30 -4.03
CA ALA D 8 -2.87 8.99 -3.04
C ALA D 8 -3.48 8.85 -1.65
N ASP D 9 -4.56 9.59 -1.40
CA ASP D 9 -5.23 9.54 -0.12
C ASP D 9 -6.22 8.39 -0.06
N GLU D 10 -6.88 8.13 -1.18
CA GLU D 10 -7.84 7.04 -1.26
C GLU D 10 -7.14 5.69 -1.23
N GLN D 11 -6.11 5.55 -2.05
CA GLN D 11 -5.35 4.31 -2.12
C GLN D 11 -4.55 4.08 -0.84
N SER D 12 -4.06 5.15 -0.24
CA SER D 12 -3.27 5.05 0.99
C SER D 12 -4.14 4.55 2.14
N GLU D 13 -5.25 5.24 2.39
CA GLU D 13 -6.16 4.85 3.45
C GLU D 13 -6.56 3.39 3.31
N LEU D 14 -6.57 2.90 2.09
CA LEU D 14 -6.94 1.51 1.81
C LEU D 14 -5.87 0.57 2.37
N VAL D 15 -4.62 0.98 2.27
CA VAL D 15 -3.51 0.17 2.76
C VAL D 15 -3.54 0.04 4.28
N LYS D 16 -3.99 1.11 4.95
CA LYS D 16 -4.08 1.12 6.40
C LYS D 16 -5.03 0.05 6.89
N LYS D 17 -6.30 0.15 6.51
CA LYS D 17 -7.30 -0.83 6.92
C LYS D 17 -6.86 -2.23 6.54
N MET D 18 -6.04 -2.33 5.49
CA MET D 18 -5.55 -3.61 5.02
C MET D 18 -4.49 -4.18 5.98
N VAL D 19 -3.47 -3.36 6.26
CA VAL D 19 -2.41 -3.77 7.17
C VAL D 19 -2.86 -3.71 8.62
N PHE D 20 -3.90 -2.93 8.89
CA PHE D 20 -4.43 -2.79 10.24
C PHE D 20 -5.01 -4.11 10.72
N ASP D 21 -5.77 -4.77 9.84
CA ASP D 21 -6.37 -6.06 10.18
C ASP D 21 -5.30 -7.13 10.30
N THR D 22 -4.34 -7.10 9.39
CA THR D 22 -3.24 -8.06 9.40
C THR D 22 -2.51 -8.04 10.74
N LEU D 23 -2.07 -6.85 11.15
CA LEU D 23 -1.36 -6.67 12.40
C LEU D 23 -2.21 -7.19 13.57
N LYS D 24 -3.50 -6.90 13.52
CA LYS D 24 -4.41 -7.34 14.57
C LYS D 24 -4.23 -8.82 14.86
N ASP D 25 -4.12 -9.62 13.80
CA ASP D 25 -3.93 -11.05 13.94
C ASP D 25 -2.51 -11.35 14.39
N LEU D 26 -1.55 -10.58 13.87
CA LEU D 26 -0.15 -10.76 14.22
C LEU D 26 0.04 -10.70 15.73
N TYR D 27 -0.50 -9.65 16.35
CA TYR D 27 -0.40 -9.47 17.78
C TYR D 27 -1.32 -10.43 18.51
N LYS D 28 -2.50 -10.65 17.96
CA LYS D 28 -3.48 -11.56 18.56
C LYS D 28 -2.92 -12.97 18.65
N LYS D 29 -2.09 -13.34 17.68
CA LYS D 29 -1.48 -14.67 17.66
C LYS D 29 -0.71 -14.92 18.94
N THR D 30 -0.28 -13.85 19.60
CA THR D 30 0.48 -13.96 20.84
C THR D 30 0.48 -12.63 21.60
N THR D 31 -0.02 -12.66 22.83
CA THR D 31 -0.08 -11.45 23.65
C THR D 31 0.68 -11.66 24.97
N ARG A 1 -2.16 2.04 -29.95
CA ARG A 1 -1.20 1.74 -28.87
C ARG A 1 -1.75 2.15 -27.51
N ASN A 2 -1.42 1.39 -26.48
CA ASN A 2 -1.89 1.67 -25.13
C ASN A 2 -0.77 1.46 -24.11
N ASP A 3 0.29 2.26 -24.23
CA ASP A 3 1.42 2.16 -23.33
C ASP A 3 1.00 2.44 -21.88
N ALA A 4 -0.06 3.22 -21.72
CA ALA A 4 -0.55 3.55 -20.39
C ALA A 4 -0.85 2.30 -19.58
N GLU A 5 -1.33 1.26 -20.26
CA GLU A 5 -1.65 0.00 -19.60
C GLU A 5 -0.40 -0.65 -19.04
N ARG A 6 0.57 -0.89 -19.92
CA ARG A 6 1.83 -1.50 -19.53
C ARG A 6 2.61 -0.58 -18.61
N LEU A 7 2.74 0.67 -19.02
CA LEU A 7 3.45 1.68 -18.24
C LEU A 7 2.94 1.70 -16.81
N ALA A 8 1.61 1.64 -16.66
CA ALA A 8 0.99 1.65 -15.35
C ALA A 8 1.48 0.49 -14.49
N ASP A 9 1.63 -0.68 -15.12
CA ASP A 9 2.09 -1.87 -14.43
C ASP A 9 3.43 -1.60 -13.74
N GLU A 10 4.31 -0.87 -14.43
CA GLU A 10 5.62 -0.55 -13.89
C GLU A 10 5.50 0.26 -12.61
N GLN A 11 4.85 1.41 -12.72
CA GLN A 11 4.65 2.29 -11.57
C GLN A 11 4.07 1.52 -10.39
N SER A 12 2.97 0.82 -10.64
CA SER A 12 2.31 0.04 -9.59
C SER A 12 3.29 -0.95 -8.96
N GLU A 13 4.26 -1.40 -9.75
CA GLU A 13 5.26 -2.35 -9.26
C GLU A 13 6.17 -1.69 -8.23
N LEU A 14 6.71 -0.53 -8.58
CA LEU A 14 7.59 0.20 -7.68
C LEU A 14 6.93 0.42 -6.33
N VAL A 15 5.63 0.71 -6.34
CA VAL A 15 4.88 0.94 -5.12
C VAL A 15 4.72 -0.37 -4.33
N LYS A 16 4.40 -1.44 -5.05
CA LYS A 16 4.22 -2.74 -4.41
C LYS A 16 5.52 -3.19 -3.75
N LYS A 17 6.61 -3.15 -4.49
CA LYS A 17 7.92 -3.54 -3.97
C LYS A 17 8.25 -2.73 -2.72
N MET A 18 7.74 -1.50 -2.68
CA MET A 18 7.98 -0.61 -1.55
C MET A 18 7.25 -1.11 -0.32
N VAL A 19 6.00 -1.55 -0.50
CA VAL A 19 5.20 -2.06 0.59
C VAL A 19 5.73 -3.40 1.08
N PHE A 20 6.09 -4.27 0.15
CA PHE A 20 6.63 -5.58 0.50
C PHE A 20 7.75 -5.45 1.52
N ASP A 21 8.82 -4.76 1.14
CA ASP A 21 9.97 -4.56 2.02
C ASP A 21 9.50 -4.03 3.37
N THR A 22 8.61 -3.05 3.34
CA THR A 22 8.07 -2.46 4.56
C THR A 22 7.32 -3.51 5.37
N LEU A 23 6.14 -3.88 4.88
CA LEU A 23 5.32 -4.88 5.56
C LEU A 23 6.15 -6.12 5.91
N LYS A 24 7.09 -6.45 5.05
CA LYS A 24 7.96 -7.61 5.28
C LYS A 24 8.62 -7.52 6.65
N ASP A 25 9.50 -6.55 6.80
CA ASP A 25 10.20 -6.34 8.06
C ASP A 25 9.24 -5.94 9.16
N LEU A 26 8.16 -5.24 8.80
CA LEU A 26 7.17 -4.80 9.77
C LEU A 26 6.46 -6.00 10.40
N TYR A 27 5.84 -6.83 9.56
CA TYR A 27 5.14 -8.01 10.04
C TYR A 27 6.08 -8.95 10.76
N LYS A 28 7.37 -8.85 10.46
CA LYS A 28 8.38 -9.70 11.08
C LYS A 28 8.58 -9.30 12.55
N LYS A 29 8.43 -8.01 12.83
CA LYS A 29 8.59 -7.50 14.19
C LYS A 29 7.49 -8.03 15.09
N THR A 30 6.27 -8.08 14.57
CA THR A 30 5.12 -8.56 15.33
C THR A 30 5.38 -9.97 15.87
N THR A 31 5.18 -10.96 15.02
CA THR A 31 5.39 -12.35 15.40
C THR A 31 6.85 -12.76 15.21
N ARG B 1 8.54 -19.26 12.43
CA ARG B 1 7.38 -18.95 11.57
C ARG B 1 7.71 -17.87 10.55
N ASN B 2 7.18 -18.01 9.34
CA ASN B 2 7.43 -17.05 8.28
C ASN B 2 6.12 -16.49 7.74
N ASP B 3 5.06 -16.58 8.54
CA ASP B 3 3.76 -16.08 8.14
C ASP B 3 3.82 -14.59 7.84
N ALA B 4 4.74 -13.90 8.50
CA ALA B 4 4.92 -12.47 8.32
C ALA B 4 5.19 -12.15 6.85
N GLU B 5 6.08 -12.92 6.24
CA GLU B 5 6.43 -12.72 4.83
C GLU B 5 5.23 -12.98 3.93
N ARG B 6 4.66 -14.18 4.05
CA ARG B 6 3.49 -14.54 3.25
C ARG B 6 2.41 -13.49 3.38
N LEU B 7 2.38 -12.80 4.52
CA LEU B 7 1.40 -11.75 4.76
C LEU B 7 1.70 -10.52 3.90
N ALA B 8 2.87 -9.96 4.10
CA ALA B 8 3.30 -8.79 3.34
C ALA B 8 3.09 -8.99 1.85
N ASP B 9 3.34 -10.21 1.38
CA ASP B 9 3.16 -10.54 -0.02
C ASP B 9 1.72 -10.29 -0.45
N GLU B 10 0.78 -10.75 0.37
CA GLU B 10 -0.63 -10.56 0.08
C GLU B 10 -0.98 -9.09 0.01
N GLN B 11 -0.41 -8.32 0.94
CA GLN B 11 -0.66 -6.87 0.98
C GLN B 11 -0.07 -6.20 -0.25
N SER B 12 1.16 -6.56 -0.58
CA SER B 12 1.84 -5.98 -1.74
C SER B 12 1.02 -6.17 -3.00
N GLU B 13 0.84 -7.43 -3.40
CA GLU B 13 0.07 -7.76 -4.60
C GLU B 13 -1.28 -7.04 -4.58
N LEU B 14 -1.81 -6.80 -3.39
CA LEU B 14 -3.08 -6.11 -3.24
C LEU B 14 -2.94 -4.64 -3.57
N VAL B 15 -1.85 -4.04 -3.09
CA VAL B 15 -1.59 -2.62 -3.34
C VAL B 15 -1.38 -2.35 -4.82
N LYS B 16 -0.78 -3.32 -5.50
CA LYS B 16 -0.52 -3.19 -6.93
C LYS B 16 -1.83 -3.11 -7.72
N LYS B 17 -2.72 -4.07 -7.47
CA LYS B 17 -4.01 -4.10 -8.15
C LYS B 17 -4.79 -2.82 -7.88
N MET B 18 -4.60 -2.25 -6.70
CA MET B 18 -5.28 -1.01 -6.32
C MET B 18 -4.73 0.17 -7.10
N VAL B 19 -3.41 0.31 -7.09
CA VAL B 19 -2.75 1.40 -7.80
C VAL B 19 -2.73 1.16 -9.30
N PHE B 20 -2.83 -0.12 -9.69
CA PHE B 20 -2.84 -0.48 -11.09
C PHE B 20 -4.05 0.11 -11.81
N ASP B 21 -5.21 0.01 -11.17
CA ASP B 21 -6.44 0.53 -11.74
C ASP B 21 -6.42 2.06 -11.75
N THR B 22 -5.92 2.65 -10.66
CA THR B 22 -5.84 4.10 -10.55
C THR B 22 -5.09 4.70 -11.73
N LEU B 23 -3.84 4.28 -11.90
CA LEU B 23 -3.01 4.77 -13.00
C LEU B 23 -3.76 4.67 -14.32
N LYS B 24 -4.51 3.58 -14.49
CA LYS B 24 -5.26 3.37 -15.72
C LYS B 24 -6.15 4.57 -16.03
N ASP B 25 -6.93 4.98 -15.04
CA ASP B 25 -7.81 6.12 -15.18
C ASP B 25 -7.01 7.42 -15.31
N LEU B 26 -5.87 7.46 -14.64
CA LEU B 26 -5.00 8.63 -14.68
C LEU B 26 -4.52 8.90 -16.09
N TYR B 27 -4.10 7.84 -16.78
CA TYR B 27 -3.62 7.95 -18.15
C TYR B 27 -4.79 7.93 -19.14
N LYS B 28 -5.87 7.28 -18.73
CA LYS B 28 -7.06 7.18 -19.58
C LYS B 28 -7.52 8.56 -20.04
N LYS B 29 -7.20 9.58 -19.24
CA LYS B 29 -7.58 10.95 -19.55
C LYS B 29 -7.01 11.35 -20.91
N THR B 30 -5.69 11.28 -21.04
CA THR B 30 -5.01 11.65 -22.28
C THR B 30 -5.34 10.65 -23.39
N THR B 31 -6.62 10.58 -23.76
CA THR B 31 -7.06 9.67 -24.81
C THR B 31 -7.67 10.44 -25.98
N ARG C 1 -6.42 -5.62 28.86
CA ARG C 1 -5.75 -4.64 27.98
C ARG C 1 -5.53 -5.20 26.57
N ASN C 2 -5.64 -4.32 25.57
CA ASN C 2 -5.46 -4.74 24.19
C ASN C 2 -4.64 -3.71 23.42
N ASP C 3 -3.38 -3.54 23.82
CA ASP C 3 -2.50 -2.58 23.18
C ASP C 3 -2.28 -2.94 21.71
N ALA C 4 -2.41 -4.22 21.39
CA ALA C 4 -2.22 -4.69 20.03
C ALA C 4 -3.13 -3.94 19.06
N GLU C 5 -4.34 -3.61 19.52
CA GLU C 5 -5.30 -2.90 18.71
C GLU C 5 -4.80 -1.50 18.38
N ARG C 6 -4.50 -0.72 19.42
CA ARG C 6 -4.00 0.63 19.24
C ARG C 6 -2.62 0.62 18.60
N LEU C 7 -1.74 -0.22 19.14
CA LEU C 7 -0.39 -0.35 18.63
C LEU C 7 -0.41 -0.60 17.12
N ALA C 8 -1.31 -1.48 16.68
CA ALA C 8 -1.46 -1.81 15.28
C ALA C 8 -1.75 -0.56 14.45
N ASP C 9 -2.62 0.30 14.99
CA ASP C 9 -2.99 1.53 14.30
C ASP C 9 -1.76 2.35 13.95
N GLU C 10 -0.79 2.39 14.87
CA GLU C 10 0.44 3.14 14.64
C GLU C 10 1.20 2.60 13.45
N GLN C 11 1.55 1.32 13.52
CA GLN C 11 2.28 0.67 12.44
C GLN C 11 1.60 0.91 11.09
N SER C 12 0.30 0.61 11.04
CA SER C 12 -0.47 0.79 9.82
C SER C 12 -0.36 2.22 9.32
N GLU C 13 -0.20 3.16 10.26
CA GLU C 13 -0.09 4.57 9.92
C GLU C 13 1.21 4.84 9.16
N LEU C 14 2.33 4.37 9.72
CA LEU C 14 3.63 4.55 9.10
C LEU C 14 3.61 4.06 7.65
N VAL C 15 2.94 2.94 7.43
CA VAL C 15 2.85 2.36 6.09
C VAL C 15 1.99 3.24 5.18
N LYS C 16 0.86 3.70 5.71
CA LYS C 16 -0.04 4.55 4.95
C LYS C 16 0.67 5.84 4.53
N LYS C 17 1.28 6.52 5.50
CA LYS C 17 1.98 7.76 5.23
C LYS C 17 3.06 7.53 4.16
N MET C 18 3.59 6.32 4.12
CA MET C 18 4.61 5.96 3.14
C MET C 18 4.03 5.91 1.74
N VAL C 19 2.84 5.32 1.63
CA VAL C 19 2.17 5.21 0.33
C VAL C 19 1.69 6.58 -0.15
N PHE C 20 1.12 7.36 0.76
CA PHE C 20 0.64 8.68 0.42
C PHE C 20 1.71 9.48 -0.33
N ASP C 21 2.83 9.72 0.34
CA ASP C 21 3.93 10.46 -0.25
C ASP C 21 4.28 9.88 -1.63
N THR C 22 4.37 8.55 -1.70
CA THR C 22 4.68 7.87 -2.94
C THR C 22 3.60 8.15 -3.99
N LEU C 23 2.43 7.54 -3.80
CA LEU C 23 1.32 7.73 -4.72
C LEU C 23 1.08 9.21 -5.00
N LYS C 24 1.30 10.04 -3.99
CA LYS C 24 1.12 11.48 -4.13
C LYS C 24 1.91 12.00 -5.32
N ASP C 25 3.23 11.96 -5.18
CA ASP C 25 4.12 12.42 -6.24
C ASP C 25 3.99 11.56 -7.49
N LEU C 26 3.68 10.28 -7.30
CA LEU C 26 3.53 9.36 -8.41
C LEU C 26 2.34 9.75 -9.29
N TYR C 27 1.16 9.83 -8.68
CA TYR C 27 -0.05 10.20 -9.40
C TYR C 27 0.08 11.61 -9.99
N LYS C 28 0.95 12.41 -9.40
CA LYS C 28 1.17 13.77 -9.87
C LYS C 28 1.90 13.77 -11.21
N LYS C 29 2.76 12.78 -11.41
CA LYS C 29 3.52 12.67 -12.64
C LYS C 29 2.60 12.34 -13.82
N THR C 30 1.62 11.47 -13.57
CA THR C 30 0.68 11.07 -14.61
C THR C 30 -0.03 12.29 -15.19
N THR C 31 -1.05 12.77 -14.50
CA THR C 31 -1.81 13.93 -14.95
C THR C 31 -1.15 15.23 -14.48
N ARG D 1 -5.13 20.69 -11.97
CA ARG D 1 -5.89 19.57 -11.34
C ARG D 1 -5.11 18.95 -10.19
N ASN D 2 -5.83 18.58 -9.13
CA ASN D 2 -5.20 17.97 -7.96
C ASN D 2 -5.81 16.60 -7.67
N ASP D 3 -6.43 16.00 -8.67
CA ASP D 3 -7.04 14.69 -8.52
C ASP D 3 -6.01 13.66 -8.08
N ALA D 4 -4.75 13.88 -8.48
CA ALA D 4 -3.67 12.98 -8.13
C ALA D 4 -3.56 12.81 -6.62
N GLU D 5 -3.64 13.94 -5.90
CA GLU D 5 -3.56 13.91 -4.45
C GLU D 5 -4.74 13.17 -3.85
N ARG D 6 -5.95 13.61 -4.19
CA ARG D 6 -7.17 12.97 -3.69
C ARG D 6 -7.12 11.48 -3.94
N LEU D 7 -6.42 11.09 -5.00
CA LEU D 7 -6.29 9.67 -5.36
C LEU D 7 -5.41 8.94 -4.35
N ALA D 8 -4.17 9.40 -4.25
CA ALA D 8 -3.22 8.80 -3.32
C ALA D 8 -3.82 8.66 -1.92
N ASP D 9 -4.61 9.65 -1.52
CA ASP D 9 -5.25 9.63 -0.22
C ASP D 9 -6.15 8.41 -0.09
N GLU D 10 -6.93 8.13 -1.12
CA GLU D 10 -7.83 6.98 -1.13
C GLU D 10 -7.03 5.69 -1.00
N GLN D 11 -5.91 5.62 -1.71
CA GLN D 11 -5.06 4.45 -1.69
C GLN D 11 -4.43 4.27 -0.30
N SER D 12 -3.91 5.36 0.25
CA SER D 12 -3.30 5.33 1.57
C SER D 12 -4.26 4.77 2.61
N GLU D 13 -5.35 5.49 2.84
CA GLU D 13 -6.35 5.07 3.82
C GLU D 13 -6.75 3.62 3.58
N LEU D 14 -6.69 3.19 2.32
CA LEU D 14 -7.04 1.82 1.97
C LEU D 14 -5.96 0.86 2.45
N VAL D 15 -4.70 1.24 2.26
CA VAL D 15 -3.59 0.41 2.68
C VAL D 15 -3.56 0.23 4.20
N LYS D 16 -3.98 1.27 4.91
CA LYS D 16 -4.02 1.24 6.37
C LYS D 16 -5.01 0.18 6.86
N LYS D 17 -6.24 0.25 6.35
CA LYS D 17 -7.28 -0.69 6.74
C LYS D 17 -6.84 -2.13 6.42
N MET D 18 -6.06 -2.28 5.35
CA MET D 18 -5.59 -3.59 4.95
C MET D 18 -4.53 -4.11 5.92
N VAL D 19 -3.54 -3.28 6.20
CA VAL D 19 -2.47 -3.65 7.12
C VAL D 19 -2.95 -3.60 8.58
N PHE D 20 -4.00 -2.81 8.82
CA PHE D 20 -4.55 -2.68 10.16
C PHE D 20 -5.11 -4.02 10.65
N ASP D 21 -5.83 -4.70 9.77
CA ASP D 21 -6.41 -6.00 10.10
C ASP D 21 -5.32 -7.05 10.25
N THR D 22 -4.34 -7.02 9.35
CA THR D 22 -3.24 -7.97 9.38
C THR D 22 -2.56 -7.97 10.74
N LEU D 23 -2.04 -6.82 11.14
CA LEU D 23 -1.36 -6.69 12.43
C LEU D 23 -2.23 -7.26 13.55
N LYS D 24 -3.53 -7.03 13.47
CA LYS D 24 -4.46 -7.53 14.47
C LYS D 24 -4.27 -9.02 14.69
N ASP D 25 -4.29 -9.77 13.60
CA ASP D 25 -4.12 -11.21 13.65
C ASP D 25 -2.69 -11.57 14.05
N LEU D 26 -1.75 -10.73 13.66
CA LEU D 26 -0.34 -10.94 13.97
C LEU D 26 -0.13 -10.93 15.48
N TYR D 27 -0.73 -9.95 16.14
CA TYR D 27 -0.62 -9.81 17.60
C TYR D 27 -1.63 -10.70 18.30
N LYS D 28 -2.74 -10.98 17.62
CA LYS D 28 -3.79 -11.82 18.18
C LYS D 28 -3.23 -13.16 18.65
N LYS D 29 -2.13 -13.58 18.03
CA LYS D 29 -1.48 -14.84 18.37
C LYS D 29 -1.09 -14.85 19.85
N THR D 30 -0.27 -13.88 20.25
CA THR D 30 0.17 -13.77 21.63
C THR D 30 -0.98 -13.40 22.56
N THR D 31 -1.97 -14.29 22.64
CA THR D 31 -3.14 -14.05 23.49
C THR D 31 -3.26 -15.14 24.56
N ARG A 1 0.05 1.58 -30.19
CA ARG A 1 0.68 1.14 -28.91
C ARG A 1 0.04 1.82 -27.72
N ASN A 2 0.28 1.28 -26.53
CA ASN A 2 -0.28 1.85 -25.30
C ASN A 2 0.71 1.72 -24.15
N ASP A 3 1.69 2.61 -24.11
CA ASP A 3 2.70 2.61 -23.05
C ASP A 3 2.07 2.92 -21.70
N ALA A 4 0.96 3.66 -21.72
CA ALA A 4 0.27 4.02 -20.49
C ALA A 4 -0.18 2.78 -19.74
N GLU A 5 -0.57 1.75 -20.47
CA GLU A 5 -1.01 0.50 -19.87
C GLU A 5 0.16 -0.24 -19.24
N ARG A 6 1.19 -0.49 -20.06
CA ARG A 6 2.38 -1.17 -19.59
C ARG A 6 3.05 -0.38 -18.49
N LEU A 7 3.13 0.92 -18.68
CA LEU A 7 3.74 1.81 -17.69
C LEU A 7 3.04 1.69 -16.34
N ALA A 8 1.71 1.79 -16.36
CA ALA A 8 0.92 1.67 -15.14
C ALA A 8 1.32 0.44 -14.34
N ASP A 9 1.64 -0.64 -15.05
CA ASP A 9 2.05 -1.88 -14.41
C ASP A 9 3.43 -1.75 -13.79
N GLU A 10 4.27 -0.92 -14.42
CA GLU A 10 5.62 -0.70 -13.94
C GLU A 10 5.60 0.16 -12.67
N GLN A 11 4.76 1.18 -12.68
CA GLN A 11 4.64 2.09 -11.54
C GLN A 11 4.12 1.32 -10.32
N SER A 12 3.05 0.56 -10.52
CA SER A 12 2.47 -0.22 -9.44
C SER A 12 3.49 -1.20 -8.87
N GLU A 13 4.34 -1.72 -9.74
CA GLU A 13 5.37 -2.66 -9.33
C GLU A 13 6.30 -2.03 -8.31
N LEU A 14 6.75 -0.82 -8.60
CA LEU A 14 7.65 -0.10 -7.69
C LEU A 14 6.99 0.07 -6.33
N VAL A 15 5.69 0.35 -6.34
CA VAL A 15 4.94 0.54 -5.10
C VAL A 15 4.75 -0.80 -4.38
N LYS A 16 4.25 -1.79 -5.12
CA LYS A 16 4.03 -3.12 -4.55
C LYS A 16 5.33 -3.68 -3.99
N LYS A 17 6.40 -3.56 -4.76
CA LYS A 17 7.70 -4.04 -4.33
C LYS A 17 8.20 -3.25 -3.12
N MET A 18 7.95 -1.94 -3.15
CA MET A 18 8.35 -1.05 -2.07
C MET A 18 7.61 -1.43 -0.79
N VAL A 19 6.34 -1.80 -0.94
CA VAL A 19 5.52 -2.19 0.20
C VAL A 19 5.94 -3.55 0.74
N PHE A 20 6.30 -4.46 -0.16
CA PHE A 20 6.72 -5.80 0.24
C PHE A 20 7.87 -5.71 1.24
N ASP A 21 8.95 -5.04 0.85
CA ASP A 21 10.11 -4.89 1.71
C ASP A 21 9.70 -4.30 3.05
N THR A 22 8.86 -3.26 3.01
CA THR A 22 8.40 -2.62 4.23
C THR A 22 7.52 -3.58 5.04
N LEU A 23 6.36 -3.92 4.49
CA LEU A 23 5.44 -4.83 5.17
C LEU A 23 6.17 -6.10 5.60
N LYS A 24 7.10 -6.55 4.77
CA LYS A 24 7.88 -7.75 5.08
C LYS A 24 8.54 -7.61 6.44
N ASP A 25 9.51 -6.72 6.52
CA ASP A 25 10.24 -6.48 7.76
C ASP A 25 9.29 -5.96 8.84
N LEU A 26 8.27 -5.20 8.43
CA LEU A 26 7.31 -4.65 9.37
C LEU A 26 6.57 -5.77 10.10
N TYR A 27 6.01 -6.71 9.33
CA TYR A 27 5.29 -7.83 9.91
C TYR A 27 6.24 -8.72 10.70
N LYS A 28 7.54 -8.62 10.41
CA LYS A 28 8.54 -9.42 11.10
C LYS A 28 8.77 -8.89 12.51
N LYS A 29 8.53 -7.60 12.70
CA LYS A 29 8.72 -6.98 14.00
C LYS A 29 7.62 -7.42 14.98
N THR A 30 6.45 -7.76 14.43
CA THR A 30 5.33 -8.20 15.25
C THR A 30 5.63 -9.54 15.91
N THR A 31 5.48 -10.61 15.15
CA THR A 31 5.75 -11.95 15.65
C THR A 31 7.15 -12.06 16.23
N ARG B 1 9.35 -17.52 4.20
CA ARG B 1 10.03 -17.47 5.52
C ARG B 1 9.05 -17.73 6.66
N ASN B 2 8.15 -16.78 6.89
CA ASN B 2 7.17 -16.91 7.95
C ASN B 2 5.87 -16.19 7.58
N ASP B 3 4.89 -16.23 8.49
CA ASP B 3 3.61 -15.59 8.25
C ASP B 3 3.79 -14.15 7.80
N ALA B 4 4.76 -13.46 8.40
CA ALA B 4 5.04 -12.07 8.06
C ALA B 4 5.30 -11.92 6.57
N GLU B 5 5.81 -12.97 5.94
CA GLU B 5 6.09 -12.95 4.51
C GLU B 5 4.80 -13.03 3.70
N ARG B 6 4.01 -14.06 3.97
CA ARG B 6 2.75 -14.26 3.27
C ARG B 6 1.88 -13.00 3.32
N LEU B 7 1.83 -12.39 4.50
CA LEU B 7 1.05 -11.16 4.69
C LEU B 7 1.53 -10.06 3.76
N ALA B 8 2.81 -9.70 3.90
CA ALA B 8 3.40 -8.67 3.07
C ALA B 8 3.10 -8.90 1.59
N ASP B 9 2.98 -10.17 1.22
CA ASP B 9 2.68 -10.53 -0.17
C ASP B 9 1.24 -10.18 -0.51
N GLU B 10 0.29 -10.81 0.18
CA GLU B 10 -1.12 -10.55 -0.07
C GLU B 10 -1.44 -9.07 0.11
N GLN B 11 -0.78 -8.45 1.09
CA GLN B 11 -0.99 -7.03 1.38
C GLN B 11 -0.37 -6.17 0.28
N SER B 12 0.83 -6.55 -0.16
CA SER B 12 1.53 -5.83 -1.21
C SER B 12 0.81 -5.98 -2.54
N GLU B 13 0.62 -7.22 -2.97
CA GLU B 13 -0.05 -7.50 -4.23
C GLU B 13 -1.38 -6.73 -4.31
N LEU B 14 -1.99 -6.52 -3.15
CA LEU B 14 -3.25 -5.79 -3.09
C LEU B 14 -3.06 -4.34 -3.52
N VAL B 15 -1.99 -3.72 -3.03
CA VAL B 15 -1.69 -2.33 -3.37
C VAL B 15 -1.48 -2.18 -4.87
N LYS B 16 -0.92 -3.21 -5.49
CA LYS B 16 -0.67 -3.19 -6.92
C LYS B 16 -1.97 -3.04 -7.70
N LYS B 17 -2.85 -4.02 -7.57
CA LYS B 17 -4.13 -4.00 -8.25
C LYS B 17 -4.89 -2.71 -7.91
N MET B 18 -4.61 -2.16 -6.74
CA MET B 18 -5.26 -0.92 -6.30
C MET B 18 -4.69 0.28 -7.04
N VAL B 19 -3.37 0.40 -7.02
CA VAL B 19 -2.70 1.51 -7.69
C VAL B 19 -2.72 1.31 -9.21
N PHE B 20 -2.86 0.06 -9.63
CA PHE B 20 -2.91 -0.26 -11.06
C PHE B 20 -4.15 0.34 -11.70
N ASP B 21 -5.29 0.18 -11.03
CA ASP B 21 -6.56 0.71 -11.53
C ASP B 21 -6.51 2.23 -11.59
N THR B 22 -5.93 2.83 -10.55
CA THR B 22 -5.82 4.29 -10.48
C THR B 22 -5.00 4.82 -11.65
N LEU B 23 -3.77 4.34 -11.78
CA LEU B 23 -2.89 4.77 -12.86
C LEU B 23 -3.59 4.66 -14.21
N LYS B 24 -4.30 3.56 -14.41
CA LYS B 24 -5.03 3.34 -15.66
C LYS B 24 -5.89 4.54 -16.00
N ASP B 25 -6.55 5.09 -14.99
CA ASP B 25 -7.40 6.25 -15.18
C ASP B 25 -6.56 7.52 -15.27
N LEU B 26 -5.41 7.51 -14.60
CA LEU B 26 -4.52 8.66 -14.61
C LEU B 26 -3.98 8.89 -16.02
N TYR B 27 -3.54 7.81 -16.66
CA TYR B 27 -3.01 7.91 -18.02
C TYR B 27 -4.14 7.99 -19.03
N LYS B 28 -5.20 7.23 -18.79
CA LYS B 28 -6.35 7.21 -19.68
C LYS B 28 -6.99 8.59 -19.77
N LYS B 29 -6.86 9.36 -18.69
CA LYS B 29 -7.44 10.70 -18.64
C LYS B 29 -6.61 11.67 -19.48
N THR B 30 -5.41 11.99 -18.99
CA THR B 30 -4.52 12.90 -19.70
C THR B 30 -3.91 12.24 -20.92
N THR B 31 -4.75 11.97 -21.93
CA THR B 31 -4.30 11.33 -23.15
C THR B 31 -4.91 12.01 -24.38
N ARG C 1 -5.24 -3.76 29.51
CA ARG C 1 -4.87 -2.90 28.37
C ARG C 1 -4.57 -3.73 27.12
N ASN C 2 -4.53 -3.07 25.97
CA ASN C 2 -4.27 -3.74 24.71
C ASN C 2 -3.45 -2.86 23.77
N ASP C 3 -2.14 -2.81 24.02
CA ASP C 3 -1.24 -2.01 23.21
C ASP C 3 -1.16 -2.54 21.79
N ALA C 4 -1.40 -3.84 21.64
CA ALA C 4 -1.35 -4.47 20.33
C ALA C 4 -2.38 -3.84 19.39
N GLU C 5 -3.53 -3.46 19.94
CA GLU C 5 -4.58 -2.83 19.15
C GLU C 5 -4.17 -1.42 18.73
N ARG C 6 -3.82 -0.61 19.71
CA ARG C 6 -3.39 0.77 19.45
C ARG C 6 -2.14 0.78 18.58
N LEU C 7 -1.21 -0.12 18.90
CA LEU C 7 0.03 -0.23 18.15
C LEU C 7 -0.25 -0.51 16.67
N ALA C 8 -1.09 -1.51 16.42
CA ALA C 8 -1.45 -1.88 15.05
C ALA C 8 -1.88 -0.65 14.25
N ASP C 9 -2.57 0.27 14.93
CA ASP C 9 -3.03 1.49 14.28
C ASP C 9 -1.85 2.42 13.98
N GLU C 10 -0.84 2.37 14.83
CA GLU C 10 0.35 3.20 14.67
C GLU C 10 1.19 2.69 13.49
N GLN C 11 1.34 1.38 13.43
CA GLN C 11 2.12 0.75 12.36
C GLN C 11 1.49 1.05 11.00
N SER C 12 0.19 0.81 10.90
CA SER C 12 -0.54 1.05 9.66
C SER C 12 -0.41 2.51 9.24
N GLU C 13 -0.38 3.40 10.22
CA GLU C 13 -0.25 4.83 9.96
C GLU C 13 1.04 5.12 9.21
N LEU C 14 2.14 4.56 9.69
CA LEU C 14 3.44 4.76 9.06
C LEU C 14 3.39 4.30 7.61
N VAL C 15 2.71 3.19 7.37
CA VAL C 15 2.58 2.64 6.02
C VAL C 15 1.67 3.51 5.17
N LYS C 16 0.48 3.80 5.69
CA LYS C 16 -0.48 4.64 4.98
C LYS C 16 0.13 6.00 4.66
N LYS C 17 0.78 6.59 5.65
CA LYS C 17 1.42 7.89 5.46
C LYS C 17 2.56 7.77 4.45
N MET C 18 3.31 6.68 4.55
CA MET C 18 4.42 6.43 3.65
C MET C 18 3.92 6.28 2.22
N VAL C 19 2.77 5.65 2.06
CA VAL C 19 2.18 5.44 0.75
C VAL C 19 1.62 6.76 0.20
N PHE C 20 1.04 7.57 1.06
CA PHE C 20 0.48 8.84 0.65
C PHE C 20 1.52 9.68 -0.07
N ASP C 21 2.65 9.93 0.60
CA ASP C 21 3.73 10.71 0.01
C ASP C 21 4.14 10.13 -1.33
N THR C 22 4.29 8.80 -1.38
CA THR C 22 4.68 8.13 -2.61
C THR C 22 3.58 8.27 -3.66
N LEU C 23 2.44 7.65 -3.40
CA LEU C 23 1.31 7.71 -4.33
C LEU C 23 1.01 9.15 -4.71
N LYS C 24 1.15 10.05 -3.74
CA LYS C 24 0.89 11.47 -3.98
C LYS C 24 1.73 11.96 -5.15
N ASP C 25 3.04 12.02 -4.95
CA ASP C 25 3.96 12.47 -5.99
C ASP C 25 3.91 11.53 -7.20
N LEU C 26 3.66 10.25 -6.95
CA LEU C 26 3.58 9.27 -8.02
C LEU C 26 2.45 9.60 -8.98
N TYR C 27 1.25 9.80 -8.43
CA TYR C 27 0.09 10.14 -9.24
C TYR C 27 0.27 11.52 -9.88
N LYS C 28 1.17 12.32 -9.32
CA LYS C 28 1.44 13.65 -9.84
C LYS C 28 2.26 13.57 -11.13
N LYS C 29 3.04 12.50 -11.25
CA LYS C 29 3.88 12.30 -12.44
C LYS C 29 3.03 11.94 -13.64
N THR C 30 1.88 11.31 -13.40
CA THR C 30 0.98 10.91 -14.46
C THR C 30 0.38 12.13 -15.16
N THR C 31 -0.63 12.71 -14.54
CA THR C 31 -1.30 13.88 -15.09
C THR C 31 -0.29 15.00 -15.37
N ARG D 1 -5.12 19.29 -3.64
CA ARG D 1 -4.34 19.84 -4.77
C ARG D 1 -4.95 19.44 -6.11
N ASN D 2 -4.84 18.16 -6.44
CA ASN D 2 -5.37 17.64 -7.70
C ASN D 2 -5.83 16.19 -7.55
N ASP D 3 -6.33 15.61 -8.63
CA ASP D 3 -6.81 14.24 -8.61
C ASP D 3 -5.76 13.31 -8.02
N ALA D 4 -4.50 13.57 -8.33
CA ALA D 4 -3.40 12.75 -7.83
C ALA D 4 -3.43 12.68 -6.30
N GLU D 5 -3.95 13.74 -5.68
CA GLU D 5 -4.05 13.81 -4.23
C GLU D 5 -5.14 12.88 -3.71
N ARG D 6 -6.36 13.06 -4.24
CA ARG D 6 -7.50 12.26 -3.83
C ARG D 6 -7.18 10.77 -3.96
N LEU D 7 -6.53 10.40 -5.06
CA LEU D 7 -6.17 9.02 -5.31
C LEU D 7 -5.26 8.49 -4.20
N ALA D 8 -4.11 9.14 -4.04
CA ALA D 8 -3.15 8.75 -3.02
C ALA D 8 -3.84 8.58 -1.66
N ASP D 9 -4.89 9.35 -1.44
CA ASP D 9 -5.63 9.28 -0.18
C ASP D 9 -6.44 7.98 -0.10
N GLU D 10 -7.38 7.82 -1.03
CA GLU D 10 -8.21 6.62 -1.07
C GLU D 10 -7.35 5.38 -1.19
N GLN D 11 -6.27 5.48 -1.95
CA GLN D 11 -5.35 4.36 -2.14
C GLN D 11 -4.55 4.09 -0.87
N SER D 12 -4.10 5.17 -0.22
CA SER D 12 -3.32 5.05 1.00
C SER D 12 -4.19 4.54 2.14
N GLU D 13 -5.29 5.24 2.41
CA GLU D 13 -6.22 4.85 3.46
C GLU D 13 -6.59 3.38 3.34
N LEU D 14 -6.61 2.90 2.10
CA LEU D 14 -6.94 1.51 1.83
C LEU D 14 -5.89 0.57 2.42
N VAL D 15 -4.62 0.94 2.22
CA VAL D 15 -3.52 0.13 2.73
C VAL D 15 -3.57 0.04 4.24
N LYS D 16 -4.04 1.10 4.88
CA LYS D 16 -4.15 1.15 6.33
C LYS D 16 -5.09 0.06 6.83
N LYS D 17 -6.35 0.13 6.43
CA LYS D 17 -7.35 -0.84 6.83
C LYS D 17 -6.89 -2.25 6.46
N MET D 18 -6.07 -2.34 5.42
CA MET D 18 -5.55 -3.63 4.96
C MET D 18 -4.47 -4.13 5.90
N VAL D 19 -3.48 -3.29 6.18
CA VAL D 19 -2.39 -3.65 7.07
C VAL D 19 -2.85 -3.67 8.52
N PHE D 20 -3.93 -2.93 8.80
CA PHE D 20 -4.48 -2.86 10.15
C PHE D 20 -5.04 -4.22 10.57
N ASP D 21 -5.79 -4.85 9.66
CA ASP D 21 -6.38 -6.15 9.92
C ASP D 21 -5.29 -7.20 10.12
N THR D 22 -4.26 -7.13 9.29
CA THR D 22 -3.15 -8.07 9.38
C THR D 22 -2.45 -7.97 10.73
N LEU D 23 -1.98 -6.78 11.07
CA LEU D 23 -1.31 -6.56 12.34
C LEU D 23 -2.14 -7.09 13.50
N LYS D 24 -3.44 -6.83 13.45
CA LYS D 24 -4.36 -7.30 14.49
C LYS D 24 -4.17 -8.79 14.75
N ASP D 25 -4.02 -9.55 13.67
CA ASP D 25 -3.82 -10.98 13.77
C ASP D 25 -2.38 -11.30 14.15
N LEU D 26 -1.46 -10.43 13.74
CA LEU D 26 -0.05 -10.61 14.04
C LEU D 26 0.20 -10.53 15.54
N TYR D 27 -0.40 -9.52 16.17
CA TYR D 27 -0.25 -9.32 17.61
C TYR D 27 -1.17 -10.26 18.37
N LYS D 28 -2.39 -10.45 17.85
CA LYS D 28 -3.37 -11.32 18.47
C LYS D 28 -2.84 -12.76 18.54
N LYS D 29 -2.00 -13.11 17.58
CA LYS D 29 -1.43 -14.46 17.52
C LYS D 29 -0.36 -14.64 18.60
N THR D 30 0.78 -13.97 18.41
CA THR D 30 1.88 -14.06 19.36
C THR D 30 1.57 -13.27 20.63
N THR D 31 0.60 -13.75 21.40
CA THR D 31 0.21 -13.10 22.64
C THR D 31 0.01 -14.11 23.76
N ARG A 1 0.49 -3.03 -27.17
CA ARG A 1 -0.05 -1.65 -27.20
C ARG A 1 -0.40 -1.16 -25.79
N ASN A 2 -0.98 0.03 -25.71
CA ASN A 2 -1.37 0.61 -24.43
C ASN A 2 -0.15 0.85 -23.55
N ASP A 3 0.41 2.05 -23.64
CA ASP A 3 1.58 2.39 -22.84
C ASP A 3 1.23 2.55 -21.38
N ALA A 4 0.00 2.99 -21.12
CA ALA A 4 -0.47 3.18 -19.75
C ALA A 4 -0.52 1.84 -19.01
N GLU A 5 -0.83 0.78 -19.74
CA GLU A 5 -0.90 -0.56 -19.15
C GLU A 5 0.48 -1.02 -18.71
N ARG A 6 1.42 -0.99 -19.65
CA ARG A 6 2.78 -1.40 -19.37
C ARG A 6 3.46 -0.40 -18.43
N LEU A 7 3.22 0.88 -18.69
CA LEU A 7 3.78 1.95 -17.87
C LEU A 7 3.26 1.86 -16.44
N ALA A 8 1.94 1.72 -16.30
CA ALA A 8 1.31 1.62 -14.99
C ALA A 8 1.87 0.43 -14.23
N ASP A 9 2.15 -0.66 -14.93
CA ASP A 9 2.70 -1.86 -14.31
C ASP A 9 3.95 -1.53 -13.50
N GLU A 10 4.88 -0.83 -14.13
CA GLU A 10 6.12 -0.44 -13.47
C GLU A 10 5.84 0.46 -12.28
N GLN A 11 4.87 1.37 -12.45
CA GLN A 11 4.49 2.28 -11.39
C GLN A 11 4.03 1.53 -10.15
N SER A 12 2.98 0.74 -10.32
CA SER A 12 2.44 -0.05 -9.22
C SER A 12 3.49 -0.98 -8.65
N GLU A 13 4.42 -1.40 -9.51
CA GLU A 13 5.50 -2.30 -9.10
C GLU A 13 6.33 -1.65 -8.00
N LEU A 14 6.84 -0.46 -8.27
CA LEU A 14 7.65 0.27 -7.30
C LEU A 14 6.88 0.42 -5.98
N VAL A 15 5.59 0.69 -6.09
CA VAL A 15 4.75 0.85 -4.91
C VAL A 15 4.65 -0.46 -4.13
N LYS A 16 4.32 -1.53 -4.85
CA LYS A 16 4.21 -2.85 -4.23
C LYS A 16 5.52 -3.26 -3.58
N LYS A 17 6.61 -3.09 -4.31
CA LYS A 17 7.93 -3.43 -3.80
C LYS A 17 8.24 -2.65 -2.52
N MET A 18 7.81 -1.38 -2.50
CA MET A 18 8.02 -0.54 -1.34
C MET A 18 7.28 -1.09 -0.12
N VAL A 19 6.07 -1.60 -0.36
CA VAL A 19 5.25 -2.16 0.71
C VAL A 19 5.79 -3.51 1.15
N PHE A 20 6.21 -4.33 0.18
CA PHE A 20 6.73 -5.65 0.49
C PHE A 20 7.83 -5.56 1.54
N ASP A 21 8.93 -4.90 1.20
CA ASP A 21 10.04 -4.73 2.12
C ASP A 21 9.56 -4.20 3.46
N THR A 22 8.63 -3.25 3.42
CA THR A 22 8.06 -2.67 4.63
C THR A 22 7.28 -3.71 5.40
N LEU A 23 6.13 -4.10 4.87
CA LEU A 23 5.27 -5.09 5.52
C LEU A 23 6.07 -6.35 5.86
N LYS A 24 7.03 -6.69 5.02
CA LYS A 24 7.87 -7.87 5.24
C LYS A 24 8.53 -7.77 6.61
N ASP A 25 9.39 -6.78 6.77
CA ASP A 25 10.10 -6.57 8.02
C ASP A 25 9.12 -6.17 9.12
N LEU A 26 8.10 -5.40 8.77
CA LEU A 26 7.10 -4.95 9.73
C LEU A 26 6.38 -6.15 10.36
N TYR A 27 5.74 -6.95 9.51
CA TYR A 27 5.01 -8.13 9.98
C TYR A 27 5.95 -9.08 10.70
N LYS A 28 7.23 -9.07 10.30
CA LYS A 28 8.23 -9.93 10.91
C LYS A 28 8.49 -9.51 12.35
N LYS A 29 8.31 -8.23 12.64
CA LYS A 29 8.52 -7.69 13.98
C LYS A 29 7.52 -8.29 14.97
N THR A 30 6.26 -8.30 14.57
CA THR A 30 5.20 -8.84 15.42
C THR A 30 5.56 -10.23 15.93
N THR A 31 5.39 -11.23 15.07
CA THR A 31 5.70 -12.61 15.43
C THR A 31 7.20 -12.87 15.32
N ARG B 1 6.80 -18.62 13.40
CA ARG B 1 5.91 -18.67 12.20
C ARG B 1 6.44 -17.78 11.08
N ASN B 2 6.15 -18.18 9.85
CA ASN B 2 6.59 -17.42 8.69
C ASN B 2 5.40 -16.80 7.95
N ASP B 3 4.31 -16.59 8.67
CA ASP B 3 3.11 -16.01 8.09
C ASP B 3 3.34 -14.55 7.70
N ALA B 4 4.30 -13.92 8.37
CA ALA B 4 4.64 -12.53 8.09
C ALA B 4 4.99 -12.33 6.62
N GLU B 5 5.81 -13.22 6.09
CA GLU B 5 6.22 -13.14 4.69
C GLU B 5 5.03 -13.24 3.76
N ARG B 6 4.16 -14.22 4.02
CA ARG B 6 2.97 -14.43 3.21
C ARG B 6 2.09 -13.19 3.22
N LEU B 7 1.96 -12.58 4.40
CA LEU B 7 1.14 -11.39 4.56
C LEU B 7 1.66 -10.24 3.69
N ALA B 8 2.92 -9.89 3.89
CA ALA B 8 3.56 -8.82 3.14
C ALA B 8 3.29 -8.98 1.64
N ASP B 9 3.18 -10.22 1.20
CA ASP B 9 2.91 -10.51 -0.21
C ASP B 9 1.45 -10.24 -0.55
N GLU B 10 0.55 -10.85 0.21
CA GLU B 10 -0.88 -10.67 -0.02
C GLU B 10 -1.27 -9.20 0.14
N GLN B 11 -0.60 -8.51 1.04
CA GLN B 11 -0.88 -7.10 1.29
C GLN B 11 -0.27 -6.24 0.19
N SER B 12 0.99 -6.51 -0.16
CA SER B 12 1.68 -5.75 -1.19
C SER B 12 0.96 -5.91 -2.53
N GLU B 13 0.74 -7.16 -2.94
CA GLU B 13 0.07 -7.44 -4.19
C GLU B 13 -1.27 -6.72 -4.26
N LEU B 14 -1.96 -6.64 -3.12
CA LEU B 14 -3.25 -5.97 -3.06
C LEU B 14 -3.11 -4.49 -3.41
N VAL B 15 -2.04 -3.87 -2.91
CA VAL B 15 -1.79 -2.46 -3.18
C VAL B 15 -1.59 -2.21 -4.67
N LYS B 16 -0.90 -3.14 -5.32
CA LYS B 16 -0.63 -3.04 -6.75
C LYS B 16 -1.93 -2.90 -7.53
N LYS B 17 -2.80 -3.91 -7.43
CA LYS B 17 -4.07 -3.91 -8.13
C LYS B 17 -4.84 -2.62 -7.83
N MET B 18 -4.71 -2.12 -6.61
CA MET B 18 -5.38 -0.90 -6.20
C MET B 18 -4.84 0.30 -6.96
N VAL B 19 -3.52 0.43 -6.99
CA VAL B 19 -2.87 1.53 -7.68
C VAL B 19 -2.93 1.35 -9.20
N PHE B 20 -2.98 0.09 -9.63
CA PHE B 20 -3.05 -0.22 -11.05
C PHE B 20 -4.33 0.33 -11.67
N ASP B 21 -5.44 0.18 -10.95
CA ASP B 21 -6.73 0.67 -11.42
C ASP B 21 -6.72 2.19 -11.54
N THR B 22 -6.31 2.86 -10.46
CA THR B 22 -6.26 4.31 -10.44
C THR B 22 -5.39 4.84 -11.58
N LEU B 23 -4.19 4.28 -11.72
CA LEU B 23 -3.27 4.69 -12.77
C LEU B 23 -3.92 4.57 -14.14
N LYS B 24 -4.62 3.45 -14.36
CA LYS B 24 -5.28 3.22 -15.65
C LYS B 24 -6.13 4.42 -16.04
N ASP B 25 -6.87 4.95 -15.08
CA ASP B 25 -7.71 6.12 -15.34
C ASP B 25 -6.88 7.38 -15.46
N LEU B 26 -5.81 7.45 -14.66
CA LEU B 26 -4.92 8.60 -14.68
C LEU B 26 -4.39 8.85 -16.09
N TYR B 27 -3.92 7.78 -16.73
CA TYR B 27 -3.38 7.88 -18.08
C TYR B 27 -4.50 8.05 -19.10
N LYS B 28 -5.55 7.24 -18.98
CA LYS B 28 -6.69 7.31 -19.88
C LYS B 28 -7.20 8.74 -20.00
N LYS B 29 -7.06 9.51 -18.93
CA LYS B 29 -7.50 10.90 -18.91
C LYS B 29 -6.56 11.76 -19.73
N THR B 30 -5.27 11.50 -19.62
CA THR B 30 -4.26 12.26 -20.35
C THR B 30 -4.06 11.69 -21.76
N THR B 31 -5.16 11.52 -22.48
CA THR B 31 -5.10 10.98 -23.84
C THR B 31 -4.83 12.09 -24.85
N ARG C 1 -7.53 0.02 26.28
CA ARG C 1 -6.93 -1.34 26.31
C ARG C 1 -6.52 -1.80 24.92
N ASN C 2 -6.06 -3.04 24.82
CA ASN C 2 -5.64 -3.60 23.55
C ASN C 2 -4.46 -2.83 22.97
N ASP C 3 -3.25 -3.28 23.28
CA ASP C 3 -2.05 -2.63 22.78
C ASP C 3 -1.87 -2.86 21.29
N ALA C 4 -2.33 -4.01 20.82
CA ALA C 4 -2.23 -4.35 19.40
C ALA C 4 -3.05 -3.38 18.56
N GLU C 5 -4.17 -2.92 19.11
CA GLU C 5 -5.04 -1.97 18.41
C GLU C 5 -4.34 -0.64 18.23
N ARG C 6 -3.88 -0.07 19.34
CA ARG C 6 -3.19 1.20 19.31
C ARG C 6 -1.83 1.06 18.64
N LEU C 7 -1.14 -0.04 18.95
CA LEU C 7 0.17 -0.32 18.36
C LEU C 7 0.05 -0.49 16.85
N ALA C 8 -0.91 -1.31 16.44
CA ALA C 8 -1.14 -1.56 15.02
C ALA C 8 -1.43 -0.26 14.27
N ASP C 9 -2.16 0.63 14.94
CA ASP C 9 -2.51 1.92 14.34
C ASP C 9 -1.26 2.64 13.85
N GLU C 10 -0.27 2.75 14.73
CA GLU C 10 0.98 3.41 14.38
C GLU C 10 1.68 2.69 13.23
N GLN C 11 1.63 1.36 13.27
CA GLN C 11 2.26 0.54 12.24
C GLN C 11 1.65 0.85 10.88
N SER C 12 0.34 0.66 10.75
CA SER C 12 -0.35 0.93 9.49
C SER C 12 -0.15 2.38 9.08
N GLU C 13 -0.01 3.25 10.07
CA GLU C 13 0.17 4.68 9.83
C GLU C 13 1.42 4.91 8.98
N LEU C 14 2.55 4.41 9.45
CA LEU C 14 3.81 4.56 8.75
C LEU C 14 3.69 4.04 7.31
N VAL C 15 2.97 2.92 7.17
CA VAL C 15 2.76 2.32 5.86
C VAL C 15 1.94 3.24 4.97
N LYS C 16 0.81 3.71 5.50
CA LYS C 16 -0.07 4.60 4.77
C LYS C 16 0.67 5.87 4.37
N LYS C 17 1.37 6.46 5.33
CA LYS C 17 2.13 7.68 5.08
C LYS C 17 3.15 7.46 3.97
N MET C 18 3.75 6.28 3.96
CA MET C 18 4.75 5.94 2.95
C MET C 18 4.11 5.90 1.56
N VAL C 19 2.88 5.39 1.50
CA VAL C 19 2.17 5.30 0.24
C VAL C 19 1.65 6.67 -0.19
N PHE C 20 1.16 7.45 0.76
CA PHE C 20 0.65 8.79 0.46
C PHE C 20 1.68 9.59 -0.32
N ASP C 21 2.82 9.87 0.30
CA ASP C 21 3.88 10.63 -0.35
C ASP C 21 4.20 10.03 -1.71
N THR C 22 4.23 8.69 -1.78
CA THR C 22 4.52 8.00 -3.02
C THR C 22 3.42 8.25 -4.04
N LEU C 23 2.25 7.66 -3.80
CA LEU C 23 1.12 7.81 -4.69
C LEU C 23 0.84 9.29 -4.97
N LYS C 24 1.06 10.13 -3.97
CA LYS C 24 0.85 11.56 -4.12
C LYS C 24 1.65 12.10 -5.30
N ASP C 25 2.96 12.00 -5.18
CA ASP C 25 3.85 12.47 -6.24
C ASP C 25 3.71 11.62 -7.49
N LEU C 26 3.49 10.31 -7.29
CA LEU C 26 3.33 9.39 -8.40
C LEU C 26 2.13 9.76 -9.27
N TYR C 27 0.95 9.80 -8.65
CA TYR C 27 -0.27 10.16 -9.36
C TYR C 27 -0.16 11.57 -9.95
N LYS C 28 0.63 12.42 -9.29
CA LYS C 28 0.82 13.78 -9.74
C LYS C 28 1.60 13.81 -11.06
N LYS C 29 2.44 12.80 -11.25
CA LYS C 29 3.25 12.70 -12.46
C LYS C 29 2.37 12.50 -13.69
N THR C 30 1.41 11.58 -13.58
CA THR C 30 0.50 11.28 -14.68
C THR C 30 -0.14 12.57 -15.22
N THR C 31 -1.13 13.07 -14.51
CA THR C 31 -1.82 14.29 -14.90
C THR C 31 -1.03 15.52 -14.50
N ARG D 1 -5.72 19.06 -13.28
CA ARG D 1 -6.61 18.37 -12.31
C ARG D 1 -5.87 18.02 -11.03
N ASN D 2 -6.60 17.98 -9.92
CA ASN D 2 -6.01 17.65 -8.63
C ASN D 2 -6.53 16.32 -8.10
N ASP D 3 -6.99 15.47 -9.01
CA ASP D 3 -7.51 14.16 -8.65
C ASP D 3 -6.40 13.27 -8.10
N ALA D 4 -5.16 13.55 -8.49
CA ALA D 4 -4.02 12.78 -8.04
C ALA D 4 -3.93 12.75 -6.52
N GLU D 5 -4.12 13.92 -5.90
CA GLU D 5 -4.07 14.03 -4.45
C GLU D 5 -5.15 13.17 -3.80
N ARG D 6 -6.37 13.28 -4.31
CA ARG D 6 -7.49 12.52 -3.78
C ARG D 6 -7.22 11.02 -3.88
N LEU D 7 -6.64 10.61 -4.99
CA LEU D 7 -6.32 9.20 -5.21
C LEU D 7 -5.35 8.69 -4.17
N ALA D 8 -4.19 9.35 -4.08
CA ALA D 8 -3.16 8.97 -3.11
C ALA D 8 -3.77 8.76 -1.73
N ASP D 9 -4.81 9.52 -1.42
CA ASP D 9 -5.49 9.42 -0.13
C ASP D 9 -6.36 8.17 -0.08
N GLU D 10 -7.24 8.03 -1.06
CA GLU D 10 -8.14 6.88 -1.11
C GLU D 10 -7.34 5.58 -1.22
N GLN D 11 -6.21 5.63 -1.91
CA GLN D 11 -5.35 4.47 -2.08
C GLN D 11 -4.54 4.20 -0.82
N SER D 12 -3.96 5.24 -0.24
CA SER D 12 -3.18 5.10 0.98
C SER D 12 -4.05 4.60 2.13
N GLU D 13 -5.16 5.28 2.36
CA GLU D 13 -6.09 4.90 3.42
C GLU D 13 -6.50 3.44 3.27
N LEU D 14 -6.69 3.01 2.04
CA LEU D 14 -7.07 1.64 1.75
C LEU D 14 -6.01 0.66 2.26
N VAL D 15 -4.75 1.01 2.04
CA VAL D 15 -3.64 0.16 2.47
C VAL D 15 -3.63 0.00 4.00
N LYS D 16 -3.96 1.09 4.70
CA LYS D 16 -3.99 1.08 6.15
C LYS D 16 -4.94 0.00 6.66
N LYS D 17 -6.20 0.11 6.29
CA LYS D 17 -7.22 -0.85 6.71
C LYS D 17 -6.79 -2.28 6.37
N MET D 18 -6.08 -2.41 5.25
CA MET D 18 -5.60 -3.72 4.82
C MET D 18 -4.55 -4.26 5.77
N VAL D 19 -3.56 -3.42 6.08
CA VAL D 19 -2.48 -3.80 6.99
C VAL D 19 -2.98 -3.84 8.44
N PHE D 20 -3.99 -3.03 8.73
CA PHE D 20 -4.54 -2.98 10.08
C PHE D 20 -5.16 -4.33 10.46
N ASP D 21 -5.87 -4.94 9.52
CA ASP D 21 -6.49 -6.23 9.75
C ASP D 21 -5.45 -7.30 10.00
N THR D 22 -4.47 -7.40 9.09
CA THR D 22 -3.40 -8.38 9.20
C THR D 22 -2.69 -8.25 10.54
N LEU D 23 -2.29 -7.02 10.88
CA LEU D 23 -1.59 -6.76 12.14
C LEU D 23 -2.41 -7.25 13.32
N LYS D 24 -3.71 -6.97 13.30
CA LYS D 24 -4.60 -7.39 14.39
C LYS D 24 -4.41 -8.86 14.71
N ASP D 25 -4.34 -9.68 13.66
CA ASP D 25 -4.15 -11.11 13.83
C ASP D 25 -2.71 -11.42 14.23
N LEU D 26 -1.77 -10.66 13.68
CA LEU D 26 -0.36 -10.84 13.99
C LEU D 26 -0.12 -10.77 15.49
N TYR D 27 -0.68 -9.74 16.12
CA TYR D 27 -0.52 -9.55 17.56
C TYR D 27 -1.38 -10.55 18.34
N LYS D 28 -2.63 -10.70 17.92
CA LYS D 28 -3.54 -11.63 18.59
C LYS D 28 -2.91 -13.01 18.72
N LYS D 29 -2.05 -13.35 17.76
CA LYS D 29 -1.38 -14.65 17.76
C LYS D 29 -0.30 -14.68 18.84
N THR D 30 0.42 -13.57 18.98
CA THR D 30 1.48 -13.45 19.97
C THR D 30 0.93 -13.04 21.32
N THR D 31 -0.09 -13.75 21.80
CA THR D 31 -0.70 -13.45 23.08
C THR D 31 0.04 -14.14 24.22
N ARG A 1 -1.54 -1.96 -28.60
CA ARG A 1 -0.46 -1.39 -27.74
C ARG A 1 -0.99 -0.24 -26.90
N ASN A 2 -0.28 0.07 -25.82
CA ASN A 2 -0.68 1.15 -24.92
C ASN A 2 0.33 1.31 -23.78
N ASP A 3 1.36 2.12 -24.02
CA ASP A 3 2.38 2.36 -23.01
C ASP A 3 1.76 2.74 -21.68
N ALA A 4 0.60 3.39 -21.73
CA ALA A 4 -0.09 3.80 -20.51
C ALA A 4 -0.44 2.58 -19.66
N GLU A 5 -0.89 1.52 -20.32
CA GLU A 5 -1.26 0.29 -19.63
C GLU A 5 -0.01 -0.37 -19.04
N ARG A 6 0.99 -0.57 -19.87
CA ARG A 6 2.24 -1.18 -19.43
C ARG A 6 2.88 -0.35 -18.34
N LEU A 7 2.92 0.96 -18.56
CA LEU A 7 3.50 1.88 -17.59
C LEU A 7 2.83 1.72 -16.24
N ALA A 8 1.50 1.63 -16.24
CA ALA A 8 0.74 1.48 -15.01
C ALA A 8 1.26 0.29 -14.20
N ASP A 9 1.62 -0.79 -14.89
CA ASP A 9 2.14 -1.97 -14.23
C ASP A 9 3.53 -1.70 -13.64
N GLU A 10 4.31 -0.89 -14.33
CA GLU A 10 5.65 -0.54 -13.88
C GLU A 10 5.59 0.27 -12.59
N GLN A 11 4.80 1.34 -12.62
CA GLN A 11 4.65 2.19 -11.45
C GLN A 11 4.15 1.39 -10.25
N SER A 12 3.12 0.59 -10.50
CA SER A 12 2.54 -0.25 -9.45
C SER A 12 3.61 -1.15 -8.83
N GLU A 13 4.53 -1.62 -9.66
CA GLU A 13 5.61 -2.48 -9.19
C GLU A 13 6.49 -1.75 -8.20
N LEU A 14 6.73 -0.46 -8.45
CA LEU A 14 7.55 0.35 -7.57
C LEU A 14 6.88 0.54 -6.21
N VAL A 15 5.55 0.64 -6.23
CA VAL A 15 4.78 0.83 -5.01
C VAL A 15 4.57 -0.50 -4.30
N LYS A 16 4.44 -1.57 -5.06
CA LYS A 16 4.24 -2.89 -4.50
C LYS A 16 5.55 -3.45 -3.94
N LYS A 17 6.66 -3.04 -4.55
CA LYS A 17 7.97 -3.48 -4.12
C LYS A 17 8.37 -2.75 -2.84
N MET A 18 8.07 -1.46 -2.78
CA MET A 18 8.40 -0.64 -1.62
C MET A 18 7.60 -1.10 -0.41
N VAL A 19 6.39 -1.58 -0.65
CA VAL A 19 5.52 -2.05 0.43
C VAL A 19 6.02 -3.39 0.96
N PHE A 20 6.38 -4.30 0.06
CA PHE A 20 6.87 -5.61 0.46
C PHE A 20 7.97 -5.48 1.49
N ASP A 21 9.03 -4.78 1.14
CA ASP A 21 10.16 -4.58 2.05
C ASP A 21 9.66 -4.06 3.39
N THR A 22 8.75 -3.09 3.35
CA THR A 22 8.20 -2.50 4.55
C THR A 22 7.39 -3.55 5.32
N LEU A 23 6.24 -3.92 4.76
CA LEU A 23 5.37 -4.91 5.41
C LEU A 23 6.17 -6.15 5.80
N LYS A 24 7.13 -6.52 4.96
CA LYS A 24 7.97 -7.69 5.22
C LYS A 24 8.62 -7.57 6.59
N ASP A 25 9.54 -6.62 6.72
CA ASP A 25 10.24 -6.40 7.97
C ASP A 25 9.27 -5.97 9.06
N LEU A 26 8.19 -5.29 8.67
CA LEU A 26 7.19 -4.82 9.62
C LEU A 26 6.49 -6.00 10.28
N TYR A 27 5.74 -6.77 9.49
CA TYR A 27 5.03 -7.93 10.00
C TYR A 27 5.97 -8.88 10.73
N LYS A 28 7.26 -8.79 10.41
CA LYS A 28 8.26 -9.64 11.03
C LYS A 28 8.48 -9.24 12.49
N LYS A 29 8.38 -7.94 12.76
CA LYS A 29 8.57 -7.43 14.10
C LYS A 29 7.39 -7.80 15.00
N THR A 30 6.20 -7.86 14.39
CA THR A 30 4.99 -8.20 15.13
C THR A 30 5.15 -9.53 15.87
N THR A 31 5.04 -10.64 15.12
CA THR A 31 5.18 -11.96 15.70
C THR A 31 6.58 -12.53 15.43
N ARG B 1 6.38 -19.73 12.80
CA ARG B 1 5.37 -18.74 12.34
C ARG B 1 5.94 -17.82 11.26
N ASN B 2 5.83 -18.27 10.00
CA ASN B 2 6.34 -17.50 8.87
C ASN B 2 5.21 -16.77 8.15
N ASP B 3 4.18 -16.39 8.91
CA ASP B 3 3.04 -15.69 8.34
C ASP B 3 3.40 -14.25 8.00
N ALA B 4 4.37 -13.70 8.72
CA ALA B 4 4.80 -12.32 8.50
C ALA B 4 5.18 -12.10 7.04
N GLU B 5 5.68 -13.15 6.39
CA GLU B 5 6.09 -13.06 4.99
C GLU B 5 4.88 -13.20 4.07
N ARG B 6 3.98 -14.11 4.40
CA ARG B 6 2.78 -14.34 3.61
C ARG B 6 1.90 -13.09 3.57
N LEU B 7 1.93 -12.32 4.65
CA LEU B 7 1.13 -11.10 4.74
C LEU B 7 1.73 -9.99 3.88
N ALA B 8 3.02 -9.76 4.04
CA ALA B 8 3.71 -8.73 3.27
C ALA B 8 3.45 -8.88 1.78
N ASP B 9 3.46 -10.13 1.32
CA ASP B 9 3.23 -10.42 -0.09
C ASP B 9 1.77 -10.18 -0.47
N GLU B 10 0.85 -10.82 0.25
CA GLU B 10 -0.57 -10.67 -0.01
C GLU B 10 -0.99 -9.21 0.07
N GLN B 11 -0.47 -8.51 1.08
CA GLN B 11 -0.80 -7.10 1.28
C GLN B 11 -0.22 -6.24 0.16
N SER B 12 1.00 -6.56 -0.26
CA SER B 12 1.65 -5.80 -1.33
C SER B 12 0.90 -5.97 -2.65
N GLU B 13 0.75 -7.21 -3.10
CA GLU B 13 0.06 -7.50 -4.34
C GLU B 13 -1.28 -6.76 -4.40
N LEU B 14 -1.90 -6.58 -3.25
CA LEU B 14 -3.19 -5.90 -3.17
C LEU B 14 -3.03 -4.43 -3.55
N VAL B 15 -1.99 -3.79 -3.02
CA VAL B 15 -1.73 -2.38 -3.32
C VAL B 15 -1.56 -2.17 -4.81
N LYS B 16 -0.93 -3.12 -5.48
CA LYS B 16 -0.70 -3.05 -6.91
C LYS B 16 -2.03 -2.97 -7.66
N LYS B 17 -2.91 -3.94 -7.43
CA LYS B 17 -4.21 -3.97 -8.07
C LYS B 17 -4.98 -2.68 -7.80
N MET B 18 -4.76 -2.10 -6.63
CA MET B 18 -5.43 -0.86 -6.25
C MET B 18 -4.89 0.31 -7.05
N VAL B 19 -3.56 0.45 -7.07
CA VAL B 19 -2.92 1.54 -7.80
C VAL B 19 -2.94 1.28 -9.30
N PHE B 20 -3.07 0.01 -9.67
CA PHE B 20 -3.10 -0.36 -11.08
C PHE B 20 -4.32 0.25 -11.77
N ASP B 21 -5.47 0.14 -11.13
CA ASP B 21 -6.72 0.69 -11.68
C ASP B 21 -6.64 2.21 -11.72
N THR B 22 -6.19 2.81 -10.62
CA THR B 22 -6.07 4.27 -10.53
C THR B 22 -5.29 4.81 -11.72
N LEU B 23 -4.09 4.27 -11.94
CA LEU B 23 -3.25 4.71 -13.03
C LEU B 23 -3.98 4.64 -14.37
N LYS B 24 -4.73 3.56 -14.57
CA LYS B 24 -5.49 3.38 -15.81
C LYS B 24 -6.32 4.63 -16.12
N ASP B 25 -7.01 5.13 -15.12
CA ASP B 25 -7.84 6.32 -15.27
C ASP B 25 -6.97 7.56 -15.41
N LEU B 26 -5.80 7.54 -14.77
CA LEU B 26 -4.87 8.65 -14.82
C LEU B 26 -4.34 8.86 -16.23
N TYR B 27 -4.10 7.76 -16.93
CA TYR B 27 -3.58 7.81 -18.30
C TYR B 27 -4.71 8.01 -19.31
N LYS B 28 -5.62 7.04 -19.35
CA LYS B 28 -6.75 7.10 -20.28
C LYS B 28 -7.41 8.48 -20.28
N LYS B 29 -7.49 9.09 -19.11
CA LYS B 29 -8.09 10.41 -18.97
C LYS B 29 -7.25 11.46 -19.69
N THR B 30 -5.99 11.59 -19.29
CA THR B 30 -5.08 12.55 -19.89
C THR B 30 -4.54 12.03 -21.22
N THR B 31 -5.45 11.73 -22.15
CA THR B 31 -5.06 11.22 -23.46
C THR B 31 -4.63 12.36 -24.38
N ARG C 1 -8.54 -2.29 27.28
CA ARG C 1 -7.23 -1.86 26.72
C ARG C 1 -6.58 -2.96 25.91
N ASN C 2 -5.65 -2.57 25.03
CA ASN C 2 -4.95 -3.53 24.18
C ASN C 2 -3.92 -2.83 23.30
N ASP C 3 -2.71 -2.68 23.83
CA ASP C 3 -1.63 -2.02 23.09
C ASP C 3 -1.49 -2.61 21.69
N ALA C 4 -1.81 -3.89 21.56
CA ALA C 4 -1.73 -4.56 20.27
C ALA C 4 -2.64 -3.89 19.25
N GLU C 5 -3.84 -3.52 19.69
CA GLU C 5 -4.81 -2.86 18.83
C GLU C 5 -4.32 -1.47 18.45
N ARG C 6 -3.98 -0.68 19.47
CA ARG C 6 -3.48 0.67 19.25
C ARG C 6 -2.22 0.64 18.40
N LEU C 7 -1.31 -0.26 18.74
CA LEU C 7 -0.06 -0.41 18.01
C LEU C 7 -0.33 -0.64 16.53
N ALA C 8 -1.28 -1.53 16.24
CA ALA C 8 -1.65 -1.85 14.88
C ALA C 8 -1.95 -0.58 14.09
N ASP C 9 -2.62 0.36 14.73
CA ASP C 9 -2.98 1.62 14.10
C ASP C 9 -1.73 2.46 13.84
N GLU C 10 -0.79 2.40 14.76
CA GLU C 10 0.47 3.15 14.64
C GLU C 10 1.28 2.65 13.45
N GLN C 11 1.50 1.34 13.41
CA GLN C 11 2.27 0.74 12.32
C GLN C 11 1.61 1.06 10.98
N SER C 12 0.30 0.87 10.91
CA SER C 12 -0.45 1.12 9.69
C SER C 12 -0.25 2.57 9.24
N GLU C 13 -0.13 3.48 10.20
CA GLU C 13 0.06 4.89 9.89
C GLU C 13 1.39 5.10 9.18
N LEU C 14 2.41 4.35 9.59
CA LEU C 14 3.74 4.44 8.99
C LEU C 14 3.71 3.95 7.55
N VAL C 15 2.89 2.93 7.30
CA VAL C 15 2.77 2.37 5.96
C VAL C 15 1.83 3.21 5.10
N LYS C 16 0.82 3.80 5.72
CA LYS C 16 -0.13 4.63 5.01
C LYS C 16 0.48 5.99 4.69
N LYS C 17 1.37 6.45 5.57
CA LYS C 17 2.04 7.73 5.38
C LYS C 17 3.11 7.62 4.29
N MET C 18 3.82 6.51 4.29
CA MET C 18 4.87 6.28 3.30
C MET C 18 4.27 6.13 1.91
N VAL C 19 3.07 5.59 1.84
CA VAL C 19 2.39 5.40 0.56
C VAL C 19 1.88 6.73 0.02
N PHE C 20 1.29 7.54 0.90
CA PHE C 20 0.76 8.84 0.50
C PHE C 20 1.82 9.63 -0.26
N ASP C 21 2.96 9.86 0.37
CA ASP C 21 4.05 10.60 -0.25
C ASP C 21 4.37 10.01 -1.62
N THR C 22 4.45 8.68 -1.68
CA THR C 22 4.75 7.99 -2.92
C THR C 22 3.63 8.21 -3.93
N LEU C 23 2.47 7.60 -3.68
CA LEU C 23 1.32 7.74 -4.58
C LEU C 23 1.06 9.20 -4.91
N LYS C 24 1.26 10.07 -3.92
CA LYS C 24 1.06 11.50 -4.11
C LYS C 24 1.87 12.00 -5.30
N ASP C 25 3.18 12.01 -5.12
CA ASP C 25 4.09 12.45 -6.17
C ASP C 25 3.97 11.57 -7.40
N LEU C 26 3.65 10.29 -7.18
CA LEU C 26 3.52 9.34 -8.28
C LEU C 26 2.35 9.72 -9.18
N TYR C 27 1.14 9.66 -8.64
CA TYR C 27 -0.05 10.01 -9.39
C TYR C 27 0.06 11.41 -9.99
N LYS C 28 0.91 12.24 -9.39
CA LYS C 28 1.12 13.59 -9.87
C LYS C 28 1.86 13.60 -11.20
N LYS C 29 2.77 12.64 -11.36
CA LYS C 29 3.56 12.55 -12.58
C LYS C 29 2.70 12.04 -13.74
N THR C 30 1.72 11.20 -13.42
CA THR C 30 0.82 10.64 -14.42
C THR C 30 0.15 11.75 -15.22
N THR C 31 -0.86 12.36 -14.63
CA THR C 31 -1.59 13.44 -15.28
C THR C 31 -1.12 14.80 -14.78
N ARG D 1 -6.92 19.51 -12.84
CA ARG D 1 -7.00 18.06 -12.50
C ARG D 1 -6.20 17.74 -11.25
N ASN D 2 -6.86 17.85 -10.10
CA ASN D 2 -6.22 17.57 -8.82
C ASN D 2 -6.61 16.20 -8.29
N ASP D 3 -6.87 15.28 -9.21
CA ASP D 3 -7.26 13.91 -8.84
C ASP D 3 -6.08 13.14 -8.30
N ALA D 4 -4.88 13.50 -8.75
CA ALA D 4 -3.66 12.83 -8.31
C ALA D 4 -3.56 12.80 -6.79
N GLU D 5 -4.10 13.84 -6.16
CA GLU D 5 -4.08 13.93 -4.70
C GLU D 5 -5.18 13.08 -4.07
N ARG D 6 -6.36 13.11 -4.68
CA ARG D 6 -7.50 12.35 -4.18
C ARG D 6 -7.21 10.85 -4.21
N LEU D 7 -6.41 10.43 -5.19
CA LEU D 7 -6.07 9.02 -5.33
C LEU D 7 -5.06 8.59 -4.27
N ALA D 8 -4.00 9.35 -4.13
CA ALA D 8 -2.96 9.05 -3.15
C ALA D 8 -3.57 8.85 -1.76
N ASP D 9 -4.55 9.68 -1.42
CA ASP D 9 -5.21 9.59 -0.13
C ASP D 9 -6.09 8.35 -0.05
N GLU D 10 -7.01 8.22 -1.01
CA GLU D 10 -7.93 7.09 -1.04
C GLU D 10 -7.15 5.77 -1.09
N GLN D 11 -6.09 5.74 -1.89
CA GLN D 11 -5.27 4.55 -2.02
C GLN D 11 -4.51 4.24 -0.73
N SER D 12 -4.01 5.28 -0.09
CA SER D 12 -3.27 5.12 1.16
C SER D 12 -4.16 4.59 2.27
N GLU D 13 -5.24 5.31 2.55
CA GLU D 13 -6.18 4.90 3.59
C GLU D 13 -6.57 3.44 3.43
N LEU D 14 -6.62 2.98 2.18
CA LEU D 14 -6.97 1.59 1.89
C LEU D 14 -5.91 0.65 2.44
N VAL D 15 -4.65 0.98 2.20
CA VAL D 15 -3.54 0.16 2.66
C VAL D 15 -3.59 -0.01 4.17
N LYS D 16 -3.99 1.05 4.87
CA LYS D 16 -4.10 1.02 6.33
C LYS D 16 -5.08 -0.05 6.77
N LYS D 17 -6.31 0.04 6.26
CA LYS D 17 -7.35 -0.92 6.62
C LYS D 17 -6.89 -2.34 6.31
N MET D 18 -6.08 -2.49 5.27
CA MET D 18 -5.57 -3.79 4.86
C MET D 18 -4.55 -4.31 5.86
N VAL D 19 -3.56 -3.47 6.17
CA VAL D 19 -2.52 -3.84 7.12
C VAL D 19 -3.04 -3.81 8.55
N PHE D 20 -4.10 -3.05 8.77
CA PHE D 20 -4.69 -2.94 10.10
C PHE D 20 -5.23 -4.29 10.57
N ASP D 21 -5.94 -4.98 9.69
CA ASP D 21 -6.50 -6.29 10.00
C ASP D 21 -5.39 -7.31 10.19
N THR D 22 -4.43 -7.31 9.28
CA THR D 22 -3.30 -8.23 9.35
C THR D 22 -2.63 -8.17 10.72
N LEU D 23 -2.26 -6.97 11.14
CA LEU D 23 -1.61 -6.77 12.43
C LEU D 23 -2.44 -7.37 13.56
N LYS D 24 -3.75 -7.16 13.51
CA LYS D 24 -4.66 -7.69 14.53
C LYS D 24 -4.40 -9.17 14.77
N ASP D 25 -4.30 -9.92 13.69
CA ASP D 25 -4.04 -11.35 13.77
C ASP D 25 -2.60 -11.62 14.20
N LEU D 26 -1.71 -10.72 13.83
CA LEU D 26 -0.30 -10.84 14.17
C LEU D 26 -0.09 -10.75 15.68
N TYR D 27 -0.86 -9.86 16.32
CA TYR D 27 -0.76 -9.66 17.76
C TYR D 27 -1.61 -10.70 18.52
N LYS D 28 -2.91 -10.67 18.28
CA LYS D 28 -3.83 -11.60 18.94
C LYS D 28 -3.29 -13.02 18.92
N LYS D 29 -2.67 -13.39 17.82
CA LYS D 29 -2.10 -14.74 17.68
C LYS D 29 -0.94 -14.95 18.65
N THR D 30 0.08 -14.10 18.54
CA THR D 30 1.23 -14.19 19.41
C THR D 30 0.95 -13.57 20.77
N THR D 31 -0.07 -14.08 21.45
CA THR D 31 -0.45 -13.57 22.77
C THR D 31 0.45 -14.15 23.85
N ARG A 1 -1.18 -2.83 -28.05
CA ARG A 1 -0.11 -2.83 -27.02
C ARG A 1 -0.53 -2.01 -25.80
N ASN A 2 -0.89 -0.75 -26.04
CA ASN A 2 -1.31 0.15 -24.97
C ASN A 2 -0.20 0.32 -23.94
N ASP A 3 0.46 1.49 -23.97
CA ASP A 3 1.53 1.78 -23.04
C ASP A 3 0.97 2.19 -21.69
N ALA A 4 -0.18 2.83 -21.70
CA ALA A 4 -0.83 3.26 -20.46
C ALA A 4 -1.15 2.07 -19.57
N GLU A 5 -1.52 0.96 -20.19
CA GLU A 5 -1.85 -0.26 -19.46
C GLU A 5 -0.59 -0.90 -18.89
N ARG A 6 0.38 -1.12 -19.76
CA ARG A 6 1.65 -1.71 -19.35
C ARG A 6 2.36 -0.81 -18.36
N LEU A 7 2.30 0.49 -18.62
CA LEU A 7 2.93 1.47 -17.74
C LEU A 7 2.38 1.39 -16.33
N ALA A 8 1.04 1.42 -16.23
CA ALA A 8 0.38 1.33 -14.92
C ALA A 8 0.91 0.15 -14.12
N ASP A 9 1.22 -0.94 -14.81
CA ASP A 9 1.74 -2.14 -14.16
C ASP A 9 3.13 -1.88 -13.61
N GLU A 10 3.87 -0.98 -14.26
CA GLU A 10 5.22 -0.65 -13.84
C GLU A 10 5.19 0.24 -12.60
N GLN A 11 4.41 1.31 -12.67
CA GLN A 11 4.28 2.23 -11.55
C GLN A 11 3.90 1.49 -10.28
N SER A 12 2.82 0.73 -10.34
CA SER A 12 2.34 -0.03 -9.19
C SER A 12 3.43 -0.99 -8.70
N GLU A 13 4.15 -1.59 -9.64
CA GLU A 13 5.21 -2.52 -9.31
C GLU A 13 6.24 -1.86 -8.40
N LEU A 14 6.35 -0.54 -8.50
CA LEU A 14 7.28 0.22 -7.68
C LEU A 14 6.71 0.44 -6.28
N VAL A 15 5.39 0.56 -6.21
CA VAL A 15 4.71 0.77 -4.94
C VAL A 15 4.58 -0.53 -4.17
N LYS A 16 4.32 -1.62 -4.90
CA LYS A 16 4.16 -2.93 -4.28
C LYS A 16 5.47 -3.36 -3.60
N LYS A 17 6.59 -3.19 -4.30
CA LYS A 17 7.88 -3.55 -3.76
C LYS A 17 8.18 -2.74 -2.50
N MET A 18 7.86 -1.45 -2.55
CA MET A 18 8.08 -0.58 -1.41
C MET A 18 7.31 -1.08 -0.19
N VAL A 19 6.10 -1.59 -0.43
CA VAL A 19 5.27 -2.11 0.64
C VAL A 19 5.80 -3.45 1.14
N PHE A 20 6.20 -4.31 0.20
CA PHE A 20 6.74 -5.62 0.57
C PHE A 20 7.85 -5.47 1.60
N ASP A 21 8.90 -4.75 1.25
CA ASP A 21 10.02 -4.53 2.15
C ASP A 21 9.52 -3.98 3.49
N THR A 22 8.62 -3.00 3.41
CA THR A 22 8.06 -2.39 4.61
C THR A 22 7.28 -3.43 5.41
N LEU A 23 6.14 -3.84 4.88
CA LEU A 23 5.30 -4.83 5.54
C LEU A 23 6.13 -6.05 5.94
N LYS A 24 7.09 -6.41 5.12
CA LYS A 24 7.95 -7.55 5.40
C LYS A 24 8.60 -7.39 6.77
N ASP A 25 9.51 -6.43 6.86
CA ASP A 25 10.20 -6.15 8.10
C ASP A 25 9.23 -5.71 9.19
N LEU A 26 8.15 -5.05 8.78
CA LEU A 26 7.14 -4.58 9.72
C LEU A 26 6.47 -5.77 10.42
N TYR A 27 5.78 -6.60 9.63
CA TYR A 27 5.10 -7.76 10.18
C TYR A 27 6.08 -8.64 10.95
N LYS A 28 7.33 -8.65 10.50
CA LYS A 28 8.36 -9.45 11.16
C LYS A 28 8.63 -8.93 12.57
N LYS A 29 8.40 -7.63 12.77
CA LYS A 29 8.61 -7.00 14.06
C LYS A 29 7.69 -7.62 15.11
N THR A 30 6.46 -7.93 14.69
CA THR A 30 5.47 -8.52 15.59
C THR A 30 5.94 -9.89 16.06
N THR A 31 6.18 -10.78 15.12
CA THR A 31 6.62 -12.14 15.42
C THR A 31 8.03 -12.13 16.00
N ARG B 1 7.68 -18.08 13.40
CA ARG B 1 6.60 -17.94 12.40
C ARG B 1 7.01 -17.01 11.27
N ASN B 2 7.08 -17.55 10.05
CA ASN B 2 7.45 -16.77 8.89
C ASN B 2 6.21 -16.28 8.14
N ASP B 3 5.08 -16.24 8.83
CA ASP B 3 3.83 -15.79 8.23
C ASP B 3 3.92 -14.32 7.81
N ALA B 4 4.84 -13.59 8.44
CA ALA B 4 5.04 -12.18 8.14
C ALA B 4 5.34 -11.98 6.65
N GLU B 5 6.30 -12.74 6.14
CA GLU B 5 6.70 -12.63 4.74
C GLU B 5 5.50 -12.90 3.82
N ARG B 6 4.77 -13.96 4.12
CA ARG B 6 3.59 -14.33 3.33
C ARG B 6 2.56 -13.21 3.35
N LEU B 7 2.48 -12.51 4.48
CA LEU B 7 1.52 -11.42 4.64
C LEU B 7 1.93 -10.22 3.78
N ALA B 8 3.16 -9.76 3.97
CA ALA B 8 3.68 -8.63 3.22
C ALA B 8 3.46 -8.81 1.72
N ASP B 9 3.48 -10.06 1.28
CA ASP B 9 3.28 -10.37 -0.14
C ASP B 9 1.84 -10.13 -0.56
N GLU B 10 0.91 -10.88 0.05
CA GLU B 10 -0.51 -10.74 -0.27
C GLU B 10 -0.97 -9.30 -0.05
N GLN B 11 -0.41 -8.66 0.97
CA GLN B 11 -0.76 -7.29 1.29
C GLN B 11 -0.21 -6.33 0.24
N SER B 12 1.03 -6.56 -0.18
CA SER B 12 1.67 -5.72 -1.19
C SER B 12 0.96 -5.84 -2.52
N GLU B 13 0.85 -7.07 -3.02
CA GLU B 13 0.20 -7.32 -4.31
C GLU B 13 -1.17 -6.63 -4.35
N LEU B 14 -1.86 -6.62 -3.21
CA LEU B 14 -3.17 -5.99 -3.12
C LEU B 14 -3.08 -4.50 -3.41
N VAL B 15 -2.03 -3.86 -2.89
CA VAL B 15 -1.82 -2.44 -3.11
C VAL B 15 -1.61 -2.14 -4.58
N LYS B 16 -0.93 -3.04 -5.27
CA LYS B 16 -0.67 -2.88 -6.70
C LYS B 16 -1.96 -2.83 -7.49
N LYS B 17 -2.81 -3.83 -7.29
CA LYS B 17 -4.09 -3.89 -7.98
C LYS B 17 -4.89 -2.62 -7.74
N MET B 18 -4.78 -2.08 -6.53
CA MET B 18 -5.50 -0.87 -6.17
C MET B 18 -4.97 0.32 -6.97
N VAL B 19 -3.65 0.51 -6.94
CA VAL B 19 -3.02 1.60 -7.66
C VAL B 19 -3.09 1.37 -9.17
N PHE B 20 -3.15 0.09 -9.55
CA PHE B 20 -3.22 -0.27 -10.97
C PHE B 20 -4.42 0.39 -11.62
N ASP B 21 -5.56 0.35 -10.93
CA ASP B 21 -6.78 0.96 -11.45
C ASP B 21 -6.66 2.47 -11.52
N THR B 22 -6.22 3.07 -10.41
CA THR B 22 -6.04 4.52 -10.35
C THR B 22 -5.23 5.02 -11.54
N LEU B 23 -4.00 4.50 -11.67
CA LEU B 23 -3.12 4.89 -12.76
C LEU B 23 -3.83 4.79 -14.11
N LYS B 24 -4.64 3.76 -14.27
CA LYS B 24 -5.39 3.54 -15.51
C LYS B 24 -6.11 4.82 -15.93
N ASP B 25 -6.78 5.44 -14.97
CA ASP B 25 -7.51 6.66 -15.24
C ASP B 25 -6.57 7.85 -15.36
N LEU B 26 -5.41 7.74 -14.70
CA LEU B 26 -4.41 8.80 -14.74
C LEU B 26 -3.78 8.92 -16.13
N TYR B 27 -3.35 7.80 -16.68
CA TYR B 27 -2.74 7.77 -18.00
C TYR B 27 -3.78 7.97 -19.09
N LYS B 28 -5.02 7.57 -18.81
CA LYS B 28 -6.10 7.70 -19.78
C LYS B 28 -6.26 9.15 -20.21
N LYS B 29 -6.31 10.06 -19.23
CA LYS B 29 -6.46 11.47 -19.52
C LYS B 29 -5.38 11.95 -20.49
N THR B 30 -4.14 11.92 -20.04
CA THR B 30 -3.01 12.34 -20.87
C THR B 30 -2.70 11.30 -21.94
N THR B 31 -3.60 11.18 -22.92
CA THR B 31 -3.41 10.23 -24.00
C THR B 31 -2.97 10.93 -25.28
N ARG C 1 -8.70 -1.27 26.83
CA ARG C 1 -7.77 -0.42 26.04
C ARG C 1 -7.21 -1.18 24.85
N ASN C 2 -6.60 -2.33 25.12
CA ASN C 2 -6.01 -3.16 24.07
C ASN C 2 -4.92 -2.40 23.33
N ASP C 3 -3.67 -2.75 23.60
CA ASP C 3 -2.53 -2.11 22.95
C ASP C 3 -2.33 -2.66 21.55
N ALA C 4 -2.66 -3.94 21.38
CA ALA C 4 -2.50 -4.60 20.09
C ALA C 4 -3.39 -3.92 19.03
N GLU C 5 -4.56 -3.46 19.46
CA GLU C 5 -5.49 -2.79 18.56
C GLU C 5 -4.98 -1.39 18.22
N ARG C 6 -4.67 -0.63 19.25
CA ARG C 6 -4.16 0.73 19.06
C ARG C 6 -2.83 0.70 18.34
N LEU C 7 -1.99 -0.28 18.69
CA LEU C 7 -0.68 -0.43 18.07
C LEU C 7 -0.82 -0.64 16.56
N ALA C 8 -1.66 -1.60 16.19
CA ALA C 8 -1.89 -1.90 14.77
C ALA C 8 -2.21 -0.64 13.99
N ASP C 9 -2.93 0.28 14.63
CA ASP C 9 -3.30 1.54 13.99
C ASP C 9 -2.06 2.41 13.77
N GLU C 10 -1.07 2.25 14.66
CA GLU C 10 0.17 3.02 14.55
C GLU C 10 1.04 2.49 13.42
N GLN C 11 1.25 1.18 13.42
CA GLN C 11 2.07 0.54 12.40
C GLN C 11 1.57 0.89 11.00
N SER C 12 0.28 0.65 10.77
CA SER C 12 -0.33 0.94 9.48
C SER C 12 -0.18 2.42 9.14
N GLU C 13 -0.33 3.28 10.15
CA GLU C 13 -0.21 4.72 9.96
C GLU C 13 1.15 5.06 9.35
N LEU C 14 2.13 4.21 9.60
CA LEU C 14 3.47 4.43 9.07
C LEU C 14 3.54 3.99 7.62
N VAL C 15 2.78 2.96 7.27
CA VAL C 15 2.74 2.44 5.91
C VAL C 15 1.88 3.33 5.02
N LYS C 16 0.78 3.83 5.57
CA LYS C 16 -0.11 4.69 4.81
C LYS C 16 0.59 5.97 4.37
N LYS C 17 1.30 6.59 5.31
CA LYS C 17 2.03 7.82 5.04
C LYS C 17 3.07 7.58 3.95
N MET C 18 3.76 6.45 4.03
CA MET C 18 4.78 6.09 3.06
C MET C 18 4.17 5.99 1.67
N VAL C 19 2.95 5.47 1.61
CA VAL C 19 2.25 5.32 0.33
C VAL C 19 1.76 6.68 -0.17
N PHE C 20 1.22 7.49 0.74
CA PHE C 20 0.72 8.81 0.38
C PHE C 20 1.78 9.58 -0.38
N ASP C 21 2.92 9.81 0.26
CA ASP C 21 4.03 10.54 -0.36
C ASP C 21 4.38 9.91 -1.71
N THR C 22 4.45 8.59 -1.74
CA THR C 22 4.77 7.87 -2.96
C THR C 22 3.68 8.09 -4.01
N LEU C 23 2.51 7.52 -3.77
CA LEU C 23 1.38 7.67 -4.68
C LEU C 23 1.15 9.14 -5.03
N LYS C 24 1.36 10.01 -4.04
CA LYS C 24 1.19 11.45 -4.25
C LYS C 24 2.04 11.91 -5.42
N ASP C 25 3.35 11.90 -5.23
CA ASP C 25 4.27 12.31 -6.26
C ASP C 25 4.17 11.40 -7.49
N LEU C 26 3.82 10.14 -7.25
CA LEU C 26 3.67 9.17 -8.34
C LEU C 26 2.53 9.58 -9.26
N TYR C 27 1.31 9.60 -8.73
CA TYR C 27 0.15 9.98 -9.51
C TYR C 27 0.34 11.35 -10.14
N LYS C 28 1.07 12.22 -9.45
CA LYS C 28 1.34 13.56 -9.94
C LYS C 28 2.19 13.51 -11.21
N LYS C 29 3.00 12.46 -11.32
CA LYS C 29 3.87 12.29 -12.49
C LYS C 29 3.03 12.15 -13.76
N THR C 30 1.91 11.46 -13.63
CA THR C 30 1.01 11.25 -14.77
C THR C 30 0.44 12.57 -15.26
N THR C 31 -0.23 13.28 -14.38
CA THR C 31 -0.83 14.57 -14.71
C THR C 31 0.25 15.62 -14.97
N ARG D 1 -4.65 19.33 -12.98
CA ARG D 1 -5.51 18.37 -12.25
C ARG D 1 -4.83 17.90 -10.96
N ASN D 2 -5.43 18.21 -9.82
CA ASN D 2 -4.89 17.82 -8.52
C ASN D 2 -5.53 16.53 -8.03
N ASP D 3 -6.11 15.77 -8.95
CA ASP D 3 -6.76 14.51 -8.61
C ASP D 3 -5.75 13.51 -8.05
N ALA D 4 -4.47 13.72 -8.37
CA ALA D 4 -3.41 12.83 -7.90
C ALA D 4 -3.38 12.77 -6.37
N GLU D 5 -3.40 13.93 -5.74
CA GLU D 5 -3.38 14.01 -4.28
C GLU D 5 -4.57 13.26 -3.68
N ARG D 6 -5.75 13.50 -4.23
CA ARG D 6 -6.96 12.85 -3.76
C ARG D 6 -6.85 11.34 -3.91
N LEU D 7 -6.17 10.90 -4.95
CA LEU D 7 -5.99 9.48 -5.21
C LEU D 7 -5.06 8.84 -4.18
N ALA D 8 -3.87 9.43 -4.04
CA ALA D 8 -2.89 8.93 -3.09
C ALA D 8 -3.49 8.76 -1.71
N ASP D 9 -4.48 9.60 -1.40
CA ASP D 9 -5.14 9.55 -0.09
C ASP D 9 -6.02 8.31 0.02
N GLU D 10 -7.04 8.24 -0.84
CA GLU D 10 -7.95 7.11 -0.83
C GLU D 10 -7.19 5.80 -1.01
N GLN D 11 -6.14 5.84 -1.83
CA GLN D 11 -5.32 4.65 -2.08
C GLN D 11 -4.50 4.29 -0.84
N SER D 12 -3.94 5.30 -0.18
CA SER D 12 -3.14 5.06 1.01
C SER D 12 -3.99 4.52 2.14
N GLU D 13 -5.05 5.24 2.50
CA GLU D 13 -5.95 4.83 3.56
C GLU D 13 -6.38 3.38 3.36
N LEU D 14 -6.58 2.99 2.11
CA LEU D 14 -6.99 1.63 1.79
C LEU D 14 -5.93 0.63 2.23
N VAL D 15 -4.66 0.98 2.02
CA VAL D 15 -3.56 0.10 2.41
C VAL D 15 -3.53 -0.10 3.92
N LYS D 16 -3.87 0.96 4.65
CA LYS D 16 -3.90 0.90 6.11
C LYS D 16 -4.91 -0.13 6.59
N LYS D 17 -6.14 -0.02 6.12
CA LYS D 17 -7.20 -0.95 6.50
C LYS D 17 -6.77 -2.39 6.21
N MET D 18 -6.06 -2.57 5.10
CA MET D 18 -5.58 -3.89 4.72
C MET D 18 -4.56 -4.42 5.72
N VAL D 19 -3.54 -3.62 6.00
CA VAL D 19 -2.50 -4.00 6.94
C VAL D 19 -3.05 -4.01 8.37
N PHE D 20 -4.09 -3.21 8.61
CA PHE D 20 -4.70 -3.14 9.93
C PHE D 20 -5.18 -4.52 10.37
N ASP D 21 -5.82 -5.24 9.44
CA ASP D 21 -6.32 -6.57 9.73
C ASP D 21 -5.17 -7.54 9.97
N THR D 22 -4.20 -7.55 9.05
CA THR D 22 -3.05 -8.42 9.17
C THR D 22 -2.40 -8.30 10.54
N LEU D 23 -1.99 -7.09 10.89
CA LEU D 23 -1.36 -6.83 12.19
C LEU D 23 -2.21 -7.40 13.32
N LYS D 24 -3.52 -7.26 13.19
CA LYS D 24 -4.44 -7.76 14.22
C LYS D 24 -4.12 -9.20 14.59
N ASP D 25 -3.91 -10.03 13.57
CA ASP D 25 -3.59 -11.43 13.78
C ASP D 25 -2.14 -11.59 14.23
N LEU D 26 -1.31 -10.64 13.84
CA LEU D 26 0.11 -10.67 14.19
C LEU D 26 0.30 -10.44 15.69
N TYR D 27 -0.34 -9.39 16.21
CA TYR D 27 -0.23 -9.06 17.62
C TYR D 27 -1.03 -10.05 18.48
N LYS D 28 -2.08 -10.62 17.89
CA LYS D 28 -2.92 -11.57 18.60
C LYS D 28 -2.10 -12.75 19.12
N LYS D 29 -1.26 -13.31 18.25
CA LYS D 29 -0.41 -14.44 18.63
C LYS D 29 0.42 -14.09 19.86
N THR D 30 1.33 -13.14 19.70
CA THR D 30 2.20 -12.72 20.79
C THR D 30 1.43 -11.88 21.81
N THR D 31 0.53 -12.52 22.54
CA THR D 31 -0.27 -11.82 23.54
C THR D 31 0.24 -12.13 24.95
N ARG A 1 -3.07 -3.04 -28.13
CA ARG A 1 -1.79 -2.67 -27.47
C ARG A 1 -1.89 -1.31 -26.79
N ASN A 2 -1.70 -1.29 -25.48
CA ASN A 2 -1.76 -0.05 -24.71
C ASN A 2 -0.54 0.12 -23.83
N ASP A 3 0.18 1.22 -24.02
CA ASP A 3 1.38 1.50 -23.23
C ASP A 3 1.01 1.87 -21.79
N ALA A 4 -0.16 2.47 -21.63
CA ALA A 4 -0.62 2.87 -20.30
C ALA A 4 -0.78 1.65 -19.40
N GLU A 5 -1.28 0.56 -19.97
CA GLU A 5 -1.48 -0.67 -19.20
C GLU A 5 -0.14 -1.23 -18.74
N ARG A 6 0.75 -1.47 -19.70
CA ARG A 6 2.08 -2.00 -19.38
C ARG A 6 2.85 -1.00 -18.52
N LEU A 7 2.75 0.27 -18.91
CA LEU A 7 3.43 1.35 -18.17
C LEU A 7 2.92 1.40 -16.74
N ALA A 8 1.61 1.49 -16.58
CA ALA A 8 1.00 1.55 -15.25
C ALA A 8 1.39 0.33 -14.42
N ASP A 9 1.33 -0.84 -15.04
CA ASP A 9 1.68 -2.08 -14.36
C ASP A 9 3.09 -1.98 -13.76
N GLU A 10 3.97 -1.27 -14.45
CA GLU A 10 5.34 -1.10 -13.98
C GLU A 10 5.38 -0.19 -12.75
N GLN A 11 4.57 0.86 -12.78
CA GLN A 11 4.51 1.80 -11.67
C GLN A 11 3.97 1.11 -10.42
N SER A 12 2.93 0.30 -10.59
CA SER A 12 2.34 -0.42 -9.48
C SER A 12 3.37 -1.32 -8.80
N GLU A 13 4.27 -1.88 -9.61
CA GLU A 13 5.31 -2.76 -9.08
C GLU A 13 6.21 -1.99 -8.12
N LEU A 14 6.67 -0.83 -8.54
CA LEU A 14 7.53 0.00 -7.71
C LEU A 14 6.86 0.26 -6.36
N VAL A 15 5.54 0.34 -6.38
CA VAL A 15 4.76 0.58 -5.16
C VAL A 15 4.68 -0.68 -4.31
N LYS A 16 4.29 -1.79 -4.94
CA LYS A 16 4.17 -3.07 -4.24
C LYS A 16 5.50 -3.44 -3.60
N LYS A 17 6.58 -3.27 -4.36
CA LYS A 17 7.92 -3.60 -3.87
C LYS A 17 8.23 -2.79 -2.61
N MET A 18 7.82 -1.53 -2.61
CA MET A 18 8.05 -0.66 -1.47
C MET A 18 7.32 -1.18 -0.24
N VAL A 19 6.05 -1.53 -0.42
CA VAL A 19 5.23 -2.05 0.67
C VAL A 19 5.78 -3.40 1.16
N PHE A 20 6.33 -4.18 0.23
CA PHE A 20 6.89 -5.48 0.57
C PHE A 20 8.01 -5.32 1.60
N ASP A 21 9.05 -4.58 1.22
CA ASP A 21 10.18 -4.35 2.11
C ASP A 21 9.69 -3.81 3.45
N THR A 22 8.72 -2.90 3.40
CA THR A 22 8.16 -2.31 4.60
C THR A 22 7.41 -3.36 5.41
N LEU A 23 6.26 -3.79 4.89
CA LEU A 23 5.45 -4.79 5.57
C LEU A 23 6.28 -6.00 5.96
N LYS A 24 7.22 -6.37 5.09
CA LYS A 24 8.09 -7.51 5.36
C LYS A 24 8.78 -7.34 6.70
N ASP A 25 9.69 -6.37 6.77
CA ASP A 25 10.42 -6.10 8.00
C ASP A 25 9.47 -5.68 9.12
N LEU A 26 8.35 -5.06 8.73
CA LEU A 26 7.36 -4.61 9.71
C LEU A 26 6.69 -5.81 10.39
N TYR A 27 5.93 -6.57 9.63
CA TYR A 27 5.24 -7.74 10.17
C TYR A 27 6.21 -8.63 10.94
N LYS A 28 7.49 -8.56 10.57
CA LYS A 28 8.51 -9.36 11.23
C LYS A 28 8.68 -8.95 12.69
N LYS A 29 8.59 -7.64 12.93
CA LYS A 29 8.73 -7.11 14.28
C LYS A 29 7.56 -7.55 15.16
N THR A 30 6.39 -7.68 14.56
CA THR A 30 5.20 -8.10 15.29
C THR A 30 5.40 -9.46 15.95
N THR A 31 5.97 -10.40 15.19
CA THR A 31 6.21 -11.73 15.71
C THR A 31 7.47 -11.77 16.58
N ARG B 1 8.77 -18.08 12.92
CA ARG B 1 7.58 -17.84 12.08
C ARG B 1 7.88 -16.85 10.96
N ASN B 2 7.91 -17.35 9.74
CA ASN B 2 8.18 -16.51 8.57
C ASN B 2 6.89 -16.10 7.87
N ASP B 3 5.77 -16.19 8.58
CA ASP B 3 4.47 -15.82 8.02
C ASP B 3 4.45 -14.35 7.63
N ALA B 4 5.29 -13.56 8.30
CA ALA B 4 5.37 -12.13 8.03
C ALA B 4 5.63 -11.87 6.55
N GLU B 5 6.57 -12.61 5.98
CA GLU B 5 6.91 -12.46 4.57
C GLU B 5 5.72 -12.79 3.69
N ARG B 6 5.18 -13.99 3.85
CA ARG B 6 4.03 -14.42 3.07
C ARG B 6 2.90 -13.40 3.18
N LEU B 7 2.83 -12.73 4.32
CA LEU B 7 1.81 -11.72 4.56
C LEU B 7 2.04 -10.49 3.68
N ALA B 8 3.20 -9.88 3.84
CA ALA B 8 3.56 -8.70 3.06
C ALA B 8 3.28 -8.91 1.58
N ASP B 9 3.47 -10.15 1.12
CA ASP B 9 3.23 -10.48 -0.27
C ASP B 9 1.77 -10.27 -0.64
N GLU B 10 0.88 -10.77 0.22
CA GLU B 10 -0.56 -10.64 -0.01
C GLU B 10 -0.97 -9.16 -0.02
N GLN B 11 -0.29 -8.36 0.81
CA GLN B 11 -0.59 -6.93 0.90
C GLN B 11 -0.07 -6.20 -0.34
N SER B 12 1.17 -6.49 -0.70
CA SER B 12 1.79 -5.86 -1.86
C SER B 12 0.92 -6.03 -3.10
N GLU B 13 0.65 -7.29 -3.46
CA GLU B 13 -0.17 -7.59 -4.62
C GLU B 13 -1.49 -6.83 -4.53
N LEU B 14 -2.02 -6.70 -3.31
CA LEU B 14 -3.27 -5.99 -3.10
C LEU B 14 -3.12 -4.52 -3.45
N VAL B 15 -2.08 -3.89 -2.90
CA VAL B 15 -1.82 -2.48 -3.17
C VAL B 15 -1.62 -2.25 -4.66
N LYS B 16 -1.07 -3.25 -5.34
CA LYS B 16 -0.83 -3.16 -6.77
C LYS B 16 -2.13 -2.96 -7.55
N LYS B 17 -3.06 -3.89 -7.40
CA LYS B 17 -4.35 -3.79 -8.08
C LYS B 17 -5.04 -2.48 -7.74
N MET B 18 -4.78 -1.97 -6.54
CA MET B 18 -5.38 -0.72 -6.10
C MET B 18 -4.76 0.46 -6.83
N VAL B 19 -3.43 0.52 -6.84
CA VAL B 19 -2.72 1.60 -7.51
C VAL B 19 -2.71 1.39 -9.03
N PHE B 20 -2.93 0.15 -9.45
CA PHE B 20 -2.95 -0.18 -10.88
C PHE B 20 -4.18 0.44 -11.55
N ASP B 21 -5.32 0.34 -10.88
CA ASP B 21 -6.56 0.88 -11.42
C ASP B 21 -6.52 2.41 -11.43
N THR B 22 -5.98 2.99 -10.36
CA THR B 22 -5.88 4.43 -10.24
C THR B 22 -5.18 5.02 -11.47
N LEU B 23 -3.95 4.59 -11.72
CA LEU B 23 -3.19 5.06 -12.86
C LEU B 23 -4.00 4.92 -14.15
N LYS B 24 -4.78 3.85 -14.22
CA LYS B 24 -5.60 3.60 -15.40
C LYS B 24 -6.44 4.82 -15.74
N ASP B 25 -7.03 5.43 -14.71
CA ASP B 25 -7.85 6.62 -14.88
C ASP B 25 -6.98 7.85 -15.12
N LEU B 26 -5.78 7.82 -14.55
CA LEU B 26 -4.84 8.92 -14.70
C LEU B 26 -4.37 9.06 -16.14
N TYR B 27 -4.18 7.91 -16.81
CA TYR B 27 -3.73 7.91 -18.19
C TYR B 27 -4.89 8.12 -19.15
N LYS B 28 -5.87 7.22 -19.10
CA LYS B 28 -7.04 7.31 -19.97
C LYS B 28 -7.65 8.71 -19.90
N LYS B 29 -7.45 9.39 -18.78
CA LYS B 29 -7.98 10.73 -18.59
C LYS B 29 -7.55 11.66 -19.72
N THR B 30 -6.45 11.31 -20.39
CA THR B 30 -5.93 12.11 -21.48
C THR B 30 -4.85 11.36 -22.24
N THR B 31 -5.10 10.09 -22.52
CA THR B 31 -4.15 9.26 -23.24
C THR B 31 -3.80 9.89 -24.59
N ARG C 1 -10.11 -2.40 26.54
CA ARG C 1 -8.85 -1.71 26.20
C ARG C 1 -7.82 -2.69 25.64
N ASN C 2 -7.40 -2.45 24.40
CA ASN C 2 -6.41 -3.31 23.75
C ASN C 2 -5.28 -2.49 23.15
N ASP C 3 -4.06 -2.78 23.57
CA ASP C 3 -2.89 -2.07 23.08
C ASP C 3 -2.58 -2.46 21.63
N ALA C 4 -2.91 -3.70 21.28
CA ALA C 4 -2.68 -4.20 19.93
C ALA C 4 -3.46 -3.37 18.91
N GLU C 5 -4.69 -3.00 19.26
CA GLU C 5 -5.53 -2.20 18.38
C GLU C 5 -4.91 -0.83 18.16
N ARG C 6 -4.68 -0.11 19.25
CA ARG C 6 -4.07 1.21 19.16
C ARG C 6 -2.67 1.12 18.57
N LEU C 7 -1.92 0.13 19.04
CA LEU C 7 -0.56 -0.09 18.56
C LEU C 7 -0.56 -0.37 17.06
N ALA C 8 -1.36 -1.34 16.64
CA ALA C 8 -1.47 -1.70 15.23
C ALA C 8 -1.88 -0.49 14.40
N ASP C 9 -2.88 0.24 14.88
CA ASP C 9 -3.36 1.43 14.18
C ASP C 9 -2.22 2.39 13.89
N GLU C 10 -1.25 2.45 14.81
CA GLU C 10 -0.11 3.33 14.64
C GLU C 10 0.81 2.82 13.54
N GLN C 11 0.99 1.50 13.48
CA GLN C 11 1.84 0.89 12.46
C GLN C 11 1.25 1.11 11.08
N SER C 12 -0.06 0.94 10.97
CA SER C 12 -0.75 1.13 9.70
C SER C 12 -0.54 2.54 9.18
N GLU C 13 -0.49 3.51 10.10
CA GLU C 13 -0.28 4.90 9.72
C GLU C 13 1.07 5.08 9.03
N LEU C 14 2.11 4.53 9.65
CA LEU C 14 3.45 4.62 9.08
C LEU C 14 3.46 4.09 7.65
N VAL C 15 2.61 3.10 7.40
CA VAL C 15 2.49 2.50 6.08
C VAL C 15 1.72 3.40 5.12
N LYS C 16 0.55 3.85 5.56
CA LYS C 16 -0.28 4.73 4.74
C LYS C 16 0.49 5.99 4.35
N LYS C 17 1.19 6.56 5.33
CA LYS C 17 1.98 7.77 5.10
C LYS C 17 3.02 7.53 4.01
N MET C 18 3.62 6.35 4.04
CA MET C 18 4.62 5.98 3.05
C MET C 18 4.02 5.94 1.66
N VAL C 19 2.86 5.29 1.54
CA VAL C 19 2.17 5.18 0.25
C VAL C 19 1.70 6.56 -0.22
N PHE C 20 1.33 7.41 0.73
CA PHE C 20 0.87 8.75 0.40
C PHE C 20 1.95 9.51 -0.35
N ASP C 21 3.10 9.69 0.29
CA ASP C 21 4.22 10.40 -0.33
C ASP C 21 4.55 9.79 -1.69
N THR C 22 4.51 8.47 -1.75
CA THR C 22 4.80 7.75 -2.99
C THR C 22 3.71 8.03 -4.03
N LEU C 23 2.52 7.48 -3.79
CA LEU C 23 1.40 7.68 -4.71
C LEU C 23 1.20 9.16 -5.03
N LYS C 24 1.40 10.01 -4.02
CA LYS C 24 1.25 11.44 -4.20
C LYS C 24 2.12 11.92 -5.35
N ASP C 25 3.42 11.88 -5.15
CA ASP C 25 4.38 12.30 -6.17
C ASP C 25 4.24 11.43 -7.42
N LEU C 26 3.84 10.18 -7.23
CA LEU C 26 3.67 9.24 -8.33
C LEU C 26 2.52 9.68 -9.24
N TYR C 27 1.30 9.62 -8.73
CA TYR C 27 0.13 10.01 -9.49
C TYR C 27 0.33 11.39 -10.12
N LYS C 28 1.17 12.21 -9.50
CA LYS C 28 1.45 13.55 -10.00
C LYS C 28 2.16 13.49 -11.34
N LYS C 29 3.06 12.53 -11.50
CA LYS C 29 3.81 12.36 -12.73
C LYS C 29 2.88 11.93 -13.87
N THR C 30 1.86 11.15 -13.53
CA THR C 30 0.91 10.67 -14.52
C THR C 30 0.23 11.82 -15.24
N THR C 31 -0.20 12.82 -14.48
CA THR C 31 -0.87 13.99 -15.04
C THR C 31 0.14 14.96 -15.64
N ARG D 1 -4.00 20.07 -12.29
CA ARG D 1 -4.82 18.97 -11.72
C ARG D 1 -4.18 18.40 -10.47
N ASN D 2 -4.79 18.65 -9.32
CA ASN D 2 -4.27 18.15 -8.05
C ASN D 2 -5.00 16.88 -7.61
N ASP D 3 -5.64 16.21 -8.57
CA ASP D 3 -6.36 14.98 -8.27
C ASP D 3 -5.42 13.91 -7.76
N ALA D 4 -4.15 14.01 -8.14
CA ALA D 4 -3.15 13.05 -7.71
C ALA D 4 -3.12 12.91 -6.19
N GLU D 5 -3.16 14.05 -5.50
CA GLU D 5 -3.14 14.06 -4.04
C GLU D 5 -4.37 13.35 -3.50
N ARG D 6 -5.55 13.82 -3.89
CA ARG D 6 -6.80 13.22 -3.44
C ARG D 6 -6.80 11.72 -3.69
N LEU D 7 -6.11 11.31 -4.75
CA LEU D 7 -6.02 9.91 -5.11
C LEU D 7 -5.20 9.14 -4.08
N ALA D 8 -3.94 9.56 -3.91
CA ALA D 8 -3.04 8.92 -2.96
C ALA D 8 -3.72 8.72 -1.60
N ASP D 9 -4.57 9.68 -1.24
CA ASP D 9 -5.29 9.61 0.03
C ASP D 9 -6.20 8.39 0.07
N GLU D 10 -6.94 8.18 -1.01
CA GLU D 10 -7.86 7.05 -1.10
C GLU D 10 -7.10 5.73 -1.04
N GLN D 11 -5.90 5.72 -1.60
CA GLN D 11 -5.06 4.52 -1.61
C GLN D 11 -4.47 4.27 -0.22
N SER D 12 -3.92 5.32 0.38
CA SER D 12 -3.32 5.22 1.70
C SER D 12 -4.31 4.60 2.69
N GLU D 13 -5.46 5.25 2.85
CA GLU D 13 -6.49 4.76 3.75
C GLU D 13 -6.81 3.31 3.46
N LEU D 14 -6.79 2.95 2.17
CA LEU D 14 -7.08 1.58 1.75
C LEU D 14 -6.00 0.64 2.28
N VAL D 15 -4.74 0.99 2.04
CA VAL D 15 -3.62 0.17 2.50
C VAL D 15 -3.66 0.01 4.01
N LYS D 16 -4.17 1.04 4.69
CA LYS D 16 -4.27 1.03 6.15
C LYS D 16 -5.15 -0.13 6.62
N LYS D 17 -6.41 -0.12 6.17
CA LYS D 17 -7.35 -1.16 6.56
C LYS D 17 -6.80 -2.55 6.20
N MET D 18 -6.00 -2.60 5.15
CA MET D 18 -5.40 -3.86 4.70
C MET D 18 -4.31 -4.31 5.67
N VAL D 19 -3.40 -3.42 5.99
CA VAL D 19 -2.31 -3.72 6.91
C VAL D 19 -2.79 -3.70 8.35
N PHE D 20 -3.92 -3.04 8.60
CA PHE D 20 -4.49 -2.95 9.94
C PHE D 20 -5.02 -4.30 10.38
N ASP D 21 -5.70 -5.00 9.47
CA ASP D 21 -6.25 -6.31 9.77
C ASP D 21 -5.15 -7.34 9.94
N THR D 22 -4.13 -7.26 9.07
CA THR D 22 -3.01 -8.18 9.13
C THR D 22 -2.41 -8.21 10.53
N LEU D 23 -1.96 -7.06 11.01
CA LEU D 23 -1.36 -6.95 12.33
C LEU D 23 -2.29 -7.54 13.38
N LYS D 24 -3.60 -7.36 13.18
CA LYS D 24 -4.60 -7.89 14.10
C LYS D 24 -4.36 -9.37 14.37
N ASP D 25 -4.08 -10.11 13.30
CA ASP D 25 -3.82 -11.54 13.40
C ASP D 25 -2.43 -11.79 13.95
N LEU D 26 -1.52 -10.87 13.68
CA LEU D 26 -0.13 -10.99 14.14
C LEU D 26 -0.06 -10.87 15.65
N TYR D 27 -0.90 -10.01 16.22
CA TYR D 27 -0.92 -9.81 17.67
C TYR D 27 -1.76 -10.87 18.36
N LYS D 28 -3.04 -10.94 18.01
CA LYS D 28 -3.95 -11.93 18.59
C LYS D 28 -3.35 -13.33 18.52
N LYS D 29 -2.48 -13.54 17.55
CA LYS D 29 -1.83 -14.85 17.38
C LYS D 29 -1.14 -15.29 18.66
N THR D 30 -0.81 -14.32 19.52
CA THR D 30 -0.14 -14.61 20.78
C THR D 30 -0.13 -13.39 21.68
N THR D 31 -1.27 -12.71 21.77
CA THR D 31 -1.40 -11.52 22.61
C THR D 31 -1.02 -11.83 24.05
N ARG A 1 -2.26 0.19 -29.85
CA ARG A 1 -1.06 0.35 -29.00
C ARG A 1 -1.36 1.19 -27.77
N ASN A 2 -1.19 0.60 -26.59
CA ASN A 2 -1.45 1.31 -25.34
C ASN A 2 -0.30 1.11 -24.36
N ASP A 3 0.62 2.07 -24.33
CA ASP A 3 1.76 2.00 -23.43
C ASP A 3 1.37 2.35 -22.01
N ALA A 4 0.31 3.13 -21.87
CA ALA A 4 -0.18 3.54 -20.56
C ALA A 4 -0.60 2.33 -19.74
N GLU A 5 -1.25 1.37 -20.38
CA GLU A 5 -1.69 0.16 -19.71
C GLU A 5 -0.52 -0.61 -19.13
N ARG A 6 0.42 -0.95 -20.01
CA ARG A 6 1.62 -1.68 -19.58
C ARG A 6 2.47 -0.82 -18.66
N LEU A 7 2.69 0.42 -19.09
CA LEU A 7 3.49 1.36 -18.30
C LEU A 7 2.93 1.50 -16.88
N ALA A 8 1.60 1.54 -16.78
CA ALA A 8 0.94 1.67 -15.48
C ALA A 8 1.31 0.50 -14.57
N ASP A 9 1.36 -0.70 -15.15
CA ASP A 9 1.70 -1.89 -14.38
C ASP A 9 3.07 -1.76 -13.73
N GLU A 10 3.98 -1.07 -14.43
CA GLU A 10 5.33 -0.86 -13.91
C GLU A 10 5.30 -0.08 -12.61
N GLN A 11 4.69 1.10 -12.66
CA GLN A 11 4.59 1.96 -11.48
C GLN A 11 4.01 1.18 -10.30
N SER A 12 3.04 0.32 -10.58
CA SER A 12 2.40 -0.48 -9.55
C SER A 12 3.42 -1.46 -8.93
N GLU A 13 4.21 -2.10 -9.80
CA GLU A 13 5.21 -3.05 -9.34
C GLU A 13 6.23 -2.37 -8.43
N LEU A 14 6.32 -1.05 -8.53
CA LEU A 14 7.26 -0.29 -7.72
C LEU A 14 6.70 -0.10 -6.31
N VAL A 15 5.38 0.09 -6.23
CA VAL A 15 4.71 0.27 -4.96
C VAL A 15 4.61 -1.05 -4.21
N LYS A 16 4.32 -2.12 -4.94
CA LYS A 16 4.21 -3.45 -4.35
C LYS A 16 5.55 -3.91 -3.78
N LYS A 17 6.60 -3.79 -4.60
CA LYS A 17 7.94 -4.19 -4.17
C LYS A 17 8.39 -3.32 -3.00
N MET A 18 7.98 -2.06 -3.02
CA MET A 18 8.33 -1.11 -1.97
C MET A 18 7.61 -1.48 -0.67
N VAL A 19 6.32 -1.77 -0.79
CA VAL A 19 5.51 -2.15 0.36
C VAL A 19 5.98 -3.49 0.93
N PHE A 20 6.40 -4.38 0.04
CA PHE A 20 6.88 -5.69 0.47
C PHE A 20 7.96 -5.55 1.54
N ASP A 21 9.05 -4.87 1.19
CA ASP A 21 10.15 -4.66 2.13
C ASP A 21 9.64 -4.08 3.44
N THR A 22 8.84 -3.02 3.34
CA THR A 22 8.28 -2.38 4.53
C THR A 22 7.48 -3.39 5.34
N LEU A 23 6.32 -3.78 4.82
CA LEU A 23 5.46 -4.75 5.49
C LEU A 23 6.25 -5.98 5.92
N LYS A 24 7.22 -6.36 5.09
CA LYS A 24 8.06 -7.51 5.38
C LYS A 24 8.71 -7.35 6.75
N ASP A 25 9.61 -6.38 6.85
CA ASP A 25 10.31 -6.11 8.09
C ASP A 25 9.34 -5.66 9.18
N LEU A 26 8.27 -4.97 8.77
CA LEU A 26 7.27 -4.49 9.71
C LEU A 26 6.56 -5.64 10.39
N TYR A 27 5.90 -6.49 9.60
CA TYR A 27 5.19 -7.64 10.14
C TYR A 27 6.13 -8.54 10.93
N LYS A 28 7.43 -8.45 10.63
CA LYS A 28 8.43 -9.25 11.32
C LYS A 28 8.59 -8.78 12.76
N LYS A 29 8.36 -7.50 13.00
CA LYS A 29 8.48 -6.93 14.34
C LYS A 29 7.50 -7.60 15.29
N THR A 30 6.40 -8.11 14.76
CA THR A 30 5.40 -8.79 15.57
C THR A 30 5.76 -10.24 15.81
N THR A 31 5.89 -11.00 14.73
CA THR A 31 6.25 -12.41 14.82
C THR A 31 7.64 -12.66 14.25
N ARG B 1 9.85 -18.77 5.43
CA ARG B 1 10.07 -17.83 6.55
C ARG B 1 8.78 -17.63 7.35
N ASN B 2 8.85 -16.78 8.37
CA ASN B 2 7.69 -16.49 9.20
C ASN B 2 6.48 -16.11 8.36
N ASP B 3 5.31 -16.09 8.98
CA ASP B 3 4.07 -15.74 8.28
C ASP B 3 4.12 -14.30 7.78
N ALA B 4 4.93 -13.47 8.43
CA ALA B 4 5.05 -12.07 8.05
C ALA B 4 5.36 -11.93 6.56
N GLU B 5 6.16 -12.85 6.04
CA GLU B 5 6.53 -12.82 4.62
C GLU B 5 5.31 -13.08 3.74
N ARG B 6 4.69 -14.25 3.92
CA ARG B 6 3.52 -14.61 3.14
C ARG B 6 2.47 -13.50 3.18
N LEU B 7 2.45 -12.77 4.28
CA LEU B 7 1.50 -11.67 4.45
C LEU B 7 1.89 -10.48 3.56
N ALA B 8 3.05 -9.92 3.83
CA ALA B 8 3.55 -8.78 3.06
C ALA B 8 3.36 -8.99 1.57
N ASP B 9 3.38 -10.26 1.15
CA ASP B 9 3.20 -10.61 -0.25
C ASP B 9 1.75 -10.38 -0.65
N GLU B 10 0.83 -10.77 0.22
CA GLU B 10 -0.59 -10.60 -0.03
C GLU B 10 -0.96 -9.12 -0.06
N GLN B 11 -0.24 -8.33 0.73
CA GLN B 11 -0.48 -6.90 0.79
C GLN B 11 0.02 -6.21 -0.47
N SER B 12 1.23 -6.54 -0.89
CA SER B 12 1.83 -5.96 -2.09
C SER B 12 0.88 -6.13 -3.28
N GLU B 13 0.58 -7.39 -3.61
CA GLU B 13 -0.31 -7.68 -4.72
C GLU B 13 -1.62 -6.92 -4.56
N LEU B 14 -2.02 -6.71 -3.32
CA LEU B 14 -3.26 -6.00 -3.02
C LEU B 14 -3.09 -4.51 -3.34
N VAL B 15 -2.02 -3.92 -2.82
CA VAL B 15 -1.75 -2.51 -3.06
C VAL B 15 -1.50 -2.25 -4.54
N LYS B 16 -0.92 -3.23 -5.22
CA LYS B 16 -0.63 -3.12 -6.65
C LYS B 16 -1.91 -2.97 -7.45
N LYS B 17 -2.83 -3.92 -7.26
CA LYS B 17 -4.10 -3.90 -7.98
C LYS B 17 -4.84 -2.59 -7.72
N MET B 18 -4.68 -2.05 -6.53
CA MET B 18 -5.33 -0.80 -6.16
C MET B 18 -4.73 0.37 -6.92
N VAL B 19 -3.41 0.47 -6.91
CA VAL B 19 -2.71 1.54 -7.60
C VAL B 19 -2.70 1.31 -9.11
N PHE B 20 -2.87 0.05 -9.52
CA PHE B 20 -2.89 -0.30 -10.93
C PHE B 20 -4.07 0.36 -11.63
N ASP B 21 -5.24 0.30 -10.99
CA ASP B 21 -6.45 0.88 -11.55
C ASP B 21 -6.35 2.41 -11.56
N THR B 22 -5.89 2.98 -10.45
CA THR B 22 -5.73 4.42 -10.33
C THR B 22 -4.99 4.99 -11.54
N LEU B 23 -3.80 4.45 -11.80
CA LEU B 23 -2.98 4.90 -12.92
C LEU B 23 -3.77 4.85 -14.23
N LYS B 24 -4.56 3.78 -14.39
CA LYS B 24 -5.37 3.62 -15.59
C LYS B 24 -6.20 4.87 -15.87
N ASP B 25 -6.84 5.38 -14.82
CA ASP B 25 -7.67 6.57 -14.95
C ASP B 25 -6.79 7.81 -15.11
N LEU B 26 -5.60 7.76 -14.51
CA LEU B 26 -4.66 8.87 -14.59
C LEU B 26 -4.22 9.12 -16.03
N TYR B 27 -3.83 8.04 -16.71
CA TYR B 27 -3.39 8.13 -18.09
C TYR B 27 -4.59 8.20 -19.04
N LYS B 28 -5.70 7.61 -18.62
CA LYS B 28 -6.92 7.61 -19.41
C LYS B 28 -7.55 8.99 -19.46
N LYS B 29 -7.20 9.84 -18.51
CA LYS B 29 -7.74 11.20 -18.46
C LYS B 29 -7.22 12.05 -19.60
N THR B 30 -6.04 11.71 -20.12
CA THR B 30 -5.44 12.44 -21.22
C THR B 30 -4.67 11.51 -22.14
N THR B 31 -5.36 10.97 -23.14
CA THR B 31 -4.74 10.05 -24.10
C THR B 31 -4.88 10.58 -25.52
N ARG C 1 -7.69 -4.35 28.62
CA ARG C 1 -6.58 -3.54 28.05
C ARG C 1 -5.94 -4.25 26.87
N ASN C 2 -6.00 -3.61 25.70
CA ASN C 2 -5.42 -4.17 24.49
C ASN C 2 -4.57 -3.14 23.76
N ASP C 3 -3.27 -3.17 24.00
CA ASP C 3 -2.35 -2.23 23.37
C ASP C 3 -2.07 -2.64 21.92
N ALA C 4 -2.22 -3.93 21.64
CA ALA C 4 -1.99 -4.43 20.29
C ALA C 4 -2.96 -3.80 19.29
N GLU C 5 -4.20 -3.64 19.71
CA GLU C 5 -5.22 -3.04 18.86
C GLU C 5 -4.83 -1.61 18.48
N ARG C 6 -4.61 -0.78 19.49
CA ARG C 6 -4.23 0.61 19.27
C ARG C 6 -2.86 0.68 18.62
N LEU C 7 -1.92 -0.08 19.19
CA LEU C 7 -0.56 -0.12 18.67
C LEU C 7 -0.55 -0.48 17.19
N ALA C 8 -1.39 -1.44 16.81
CA ALA C 8 -1.48 -1.87 15.42
C ALA C 8 -1.86 -0.70 14.51
N ASP C 9 -2.79 0.13 14.98
CA ASP C 9 -3.24 1.28 14.21
C ASP C 9 -2.07 2.20 13.88
N GLU C 10 -1.12 2.30 14.80
CA GLU C 10 0.05 3.14 14.60
C GLU C 10 0.86 2.68 13.39
N GLN C 11 1.26 1.42 13.42
CA GLN C 11 2.04 0.85 12.32
C GLN C 11 1.35 1.10 10.98
N SER C 12 0.02 1.00 10.97
CA SER C 12 -0.76 1.22 9.76
C SER C 12 -0.63 2.66 9.30
N GLU C 13 -0.72 3.59 10.25
CA GLU C 13 -0.61 5.01 9.93
C GLU C 13 0.75 5.33 9.31
N LEU C 14 1.72 4.45 9.56
CA LEU C 14 3.06 4.65 9.01
C LEU C 14 3.11 4.24 7.54
N VAL C 15 2.36 3.19 7.21
CA VAL C 15 2.30 2.71 5.84
C VAL C 15 1.45 3.64 4.98
N LYS C 16 0.35 4.14 5.54
CA LYS C 16 -0.54 5.04 4.83
C LYS C 16 0.17 6.34 4.52
N LYS C 17 0.80 6.93 5.54
CA LYS C 17 1.52 8.18 5.37
C LYS C 17 2.69 7.99 4.40
N MET C 18 3.29 6.82 4.45
CA MET C 18 4.41 6.49 3.57
C MET C 18 3.93 6.36 2.13
N VAL C 19 2.83 5.65 1.95
CA VAL C 19 2.26 5.44 0.62
C VAL C 19 1.75 6.77 0.05
N PHE C 20 1.22 7.63 0.93
CA PHE C 20 0.72 8.92 0.50
C PHE C 20 1.77 9.66 -0.30
N ASP C 21 2.92 9.93 0.32
CA ASP C 21 4.01 10.64 -0.35
C ASP C 21 4.34 9.98 -1.68
N THR C 22 4.52 8.67 -1.66
CA THR C 22 4.84 7.93 -2.88
C THR C 22 3.75 8.15 -3.92
N LEU C 23 2.59 7.56 -3.69
CA LEU C 23 1.46 7.70 -4.61
C LEU C 23 1.22 9.16 -4.96
N LYS C 24 1.44 10.03 -3.99
CA LYS C 24 1.26 11.47 -4.20
C LYS C 24 2.10 11.94 -5.37
N ASP C 25 3.41 11.89 -5.20
CA ASP C 25 4.34 12.31 -6.25
C ASP C 25 4.22 11.40 -7.46
N LEU C 26 3.90 10.13 -7.23
CA LEU C 26 3.75 9.16 -8.31
C LEU C 26 2.60 9.55 -9.23
N TYR C 27 1.40 9.61 -8.67
CA TYR C 27 0.21 9.97 -9.44
C TYR C 27 0.38 11.34 -10.09
N LYS C 28 1.27 12.16 -9.52
CA LYS C 28 1.52 13.49 -10.05
C LYS C 28 2.26 13.40 -11.38
N LYS C 29 3.06 12.35 -11.55
CA LYS C 29 3.81 12.16 -12.78
C LYS C 29 2.88 12.03 -13.98
N THR C 30 1.66 11.58 -13.73
CA THR C 30 0.67 11.41 -14.78
C THR C 30 -0.05 12.73 -15.07
N THR C 31 -0.71 13.25 -14.05
CA THR C 31 -1.45 14.50 -14.18
C THR C 31 -0.78 15.61 -13.36
N ARG D 1 -5.38 20.59 -4.88
CA ARG D 1 -4.34 20.19 -5.87
C ARG D 1 -4.90 19.20 -6.89
N ASN D 2 -4.03 18.75 -7.79
CA ASN D 2 -4.45 17.80 -8.82
C ASN D 2 -5.18 16.61 -8.22
N ASP D 3 -5.83 15.83 -9.07
CA ASP D 3 -6.56 14.65 -8.61
C ASP D 3 -5.63 13.61 -7.99
N ALA D 4 -4.36 13.67 -8.37
CA ALA D 4 -3.36 12.74 -7.86
C ALA D 4 -3.36 12.72 -6.34
N GLU D 5 -3.59 13.88 -5.73
CA GLU D 5 -3.62 14.00 -4.28
C GLU D 5 -4.81 13.26 -3.70
N ARG D 6 -6.02 13.65 -4.11
CA ARG D 6 -7.23 13.02 -3.63
C ARG D 6 -7.15 11.50 -3.78
N LEU D 7 -6.41 11.05 -4.80
CA LEU D 7 -6.26 9.63 -5.06
C LEU D 7 -5.35 8.99 -4.03
N ALA D 8 -4.11 9.46 -3.98
CA ALA D 8 -3.12 8.93 -3.03
C ALA D 8 -3.72 8.81 -1.63
N ASP D 9 -4.68 9.69 -1.33
CA ASP D 9 -5.35 9.67 -0.04
C ASP D 9 -6.26 8.46 0.07
N GLU D 10 -6.97 8.16 -1.01
CA GLU D 10 -7.87 7.02 -1.04
C GLU D 10 -7.08 5.72 -0.96
N GLN D 11 -5.87 5.73 -1.50
CA GLN D 11 -5.01 4.56 -1.49
C GLN D 11 -4.46 4.32 -0.09
N SER D 12 -3.95 5.36 0.54
CA SER D 12 -3.40 5.27 1.88
C SER D 12 -4.40 4.62 2.82
N GLU D 13 -5.56 5.26 2.97
CA GLU D 13 -6.60 4.75 3.84
C GLU D 13 -6.93 3.30 3.48
N LEU D 14 -6.79 2.98 2.20
CA LEU D 14 -7.06 1.63 1.72
C LEU D 14 -5.98 0.68 2.19
N VAL D 15 -4.71 1.06 1.97
CA VAL D 15 -3.58 0.23 2.38
C VAL D 15 -3.54 0.09 3.90
N LYS D 16 -4.00 1.13 4.60
CA LYS D 16 -4.00 1.13 6.05
C LYS D 16 -4.96 0.06 6.58
N LYS D 17 -6.20 0.09 6.12
CA LYS D 17 -7.20 -0.87 6.54
C LYS D 17 -6.73 -2.30 6.25
N MET D 18 -5.98 -2.45 5.18
CA MET D 18 -5.46 -3.77 4.80
C MET D 18 -4.39 -4.23 5.77
N VAL D 19 -3.43 -3.37 6.04
CA VAL D 19 -2.35 -3.68 6.96
C VAL D 19 -2.83 -3.65 8.40
N PHE D 20 -3.91 -2.92 8.66
CA PHE D 20 -4.47 -2.82 9.99
C PHE D 20 -4.95 -4.19 10.48
N ASP D 21 -5.65 -4.90 9.62
CA ASP D 21 -6.17 -6.22 9.96
C ASP D 21 -5.03 -7.22 10.12
N THR D 22 -4.08 -7.19 9.19
CA THR D 22 -2.94 -8.09 9.24
C THR D 22 -2.29 -8.08 10.62
N LEU D 23 -1.92 -6.88 11.08
CA LEU D 23 -1.29 -6.73 12.37
C LEU D 23 -2.14 -7.36 13.48
N LYS D 24 -3.45 -7.17 13.38
CA LYS D 24 -4.37 -7.73 14.36
C LYS D 24 -4.11 -9.21 14.57
N ASP D 25 -3.97 -9.95 13.46
CA ASP D 25 -3.71 -11.37 13.51
C ASP D 25 -2.29 -11.64 13.97
N LEU D 26 -1.38 -10.72 13.62
CA LEU D 26 0.02 -10.85 14.00
C LEU D 26 0.18 -10.83 15.52
N TYR D 27 -0.45 -9.86 16.17
CA TYR D 27 -0.38 -9.74 17.62
C TYR D 27 -1.34 -10.72 18.29
N LYS D 28 -2.42 -11.05 17.59
CA LYS D 28 -3.42 -11.96 18.12
C LYS D 28 -2.88 -13.39 18.16
N LYS D 29 -1.84 -13.67 17.37
CA LYS D 29 -1.24 -15.00 17.32
C LYS D 29 -0.54 -15.33 18.63
N THR D 30 -0.09 -14.30 19.35
CA THR D 30 0.61 -14.49 20.61
C THR D 30 0.28 -13.37 21.59
N THR D 31 -0.78 -13.57 22.36
CA THR D 31 -1.20 -12.57 23.35
C THR D 31 -1.22 -13.17 24.75
N ARG A 1 -1.60 -0.16 -29.20
CA ARG A 1 -0.43 0.47 -28.54
C ARG A 1 -0.82 1.11 -27.22
N ASN A 2 -1.44 0.32 -26.35
CA ASN A 2 -1.87 0.81 -25.04
C ASN A 2 -0.71 0.79 -24.04
N ASP A 3 0.36 1.50 -24.38
CA ASP A 3 1.53 1.56 -23.50
C ASP A 3 1.15 2.03 -22.11
N ALA A 4 0.05 2.78 -22.02
CA ALA A 4 -0.43 3.28 -20.74
C ALA A 4 -0.78 2.14 -19.81
N GLU A 5 -1.43 1.11 -20.36
CA GLU A 5 -1.82 -0.06 -19.59
C GLU A 5 -0.59 -0.76 -19.04
N ARG A 6 0.29 -1.17 -19.93
CA ARG A 6 1.51 -1.85 -19.54
C ARG A 6 2.37 -0.95 -18.65
N LEU A 7 2.48 0.31 -19.07
CA LEU A 7 3.26 1.30 -18.33
C LEU A 7 2.70 1.45 -16.91
N ALA A 8 1.37 1.53 -16.81
CA ALA A 8 0.71 1.68 -15.52
C ALA A 8 1.11 0.54 -14.58
N ASP A 9 1.26 -0.65 -15.14
CA ASP A 9 1.65 -1.81 -14.36
C ASP A 9 3.02 -1.62 -13.73
N GLU A 10 3.92 -1.00 -14.48
CA GLU A 10 5.27 -0.73 -13.99
C GLU A 10 5.23 0.03 -12.68
N GLN A 11 4.71 1.25 -12.73
CA GLN A 11 4.60 2.09 -11.55
C GLN A 11 3.95 1.34 -10.40
N SER A 12 2.95 0.53 -10.73
CA SER A 12 2.23 -0.25 -9.73
C SER A 12 3.20 -1.19 -9.01
N GLU A 13 4.23 -1.64 -9.72
CA GLU A 13 5.22 -2.54 -9.15
C GLU A 13 6.13 -1.80 -8.17
N LEU A 14 6.48 -0.56 -8.51
CA LEU A 14 7.33 0.26 -7.66
C LEU A 14 6.73 0.40 -6.27
N VAL A 15 5.41 0.60 -6.22
CA VAL A 15 4.71 0.75 -4.95
C VAL A 15 4.72 -0.55 -4.17
N LYS A 16 4.34 -1.64 -4.84
CA LYS A 16 4.31 -2.95 -4.20
C LYS A 16 5.67 -3.28 -3.58
N LYS A 17 6.72 -3.15 -4.38
CA LYS A 17 8.08 -3.43 -3.91
C LYS A 17 8.37 -2.63 -2.65
N MET A 18 7.92 -1.38 -2.63
CA MET A 18 8.14 -0.51 -1.49
C MET A 18 7.40 -1.04 -0.25
N VAL A 19 6.19 -1.52 -0.47
CA VAL A 19 5.38 -2.06 0.61
C VAL A 19 5.94 -3.40 1.10
N PHE A 20 6.36 -4.24 0.15
CA PHE A 20 6.93 -5.54 0.48
C PHE A 20 8.03 -5.39 1.53
N ASP A 21 9.08 -4.66 1.16
CA ASP A 21 10.20 -4.44 2.06
C ASP A 21 9.72 -3.92 3.41
N THR A 22 8.82 -2.94 3.39
CA THR A 22 8.28 -2.37 4.61
C THR A 22 7.49 -3.43 5.38
N LEU A 23 6.35 -3.82 4.84
CA LEU A 23 5.51 -4.83 5.47
C LEU A 23 6.31 -6.05 5.86
N LYS A 24 7.28 -6.40 5.02
CA LYS A 24 8.13 -7.56 5.28
C LYS A 24 8.80 -7.42 6.64
N ASP A 25 9.68 -6.44 6.76
CA ASP A 25 10.39 -6.19 8.00
C ASP A 25 9.42 -5.80 9.11
N LEU A 26 8.33 -5.13 8.73
CA LEU A 26 7.33 -4.71 9.69
C LEU A 26 6.63 -5.92 10.32
N TYR A 27 5.91 -6.67 9.49
CA TYR A 27 5.21 -7.86 9.96
C TYR A 27 6.17 -8.82 10.65
N LYS A 28 7.44 -8.73 10.29
CA LYS A 28 8.46 -9.60 10.88
C LYS A 28 8.71 -9.21 12.33
N LYS A 29 8.47 -7.95 12.65
CA LYS A 29 8.67 -7.45 14.01
C LYS A 29 7.69 -8.13 14.97
N THR A 30 6.45 -8.28 14.52
CA THR A 30 5.42 -8.92 15.34
C THR A 30 5.81 -10.35 15.69
N THR A 31 5.66 -11.25 14.73
CA THR A 31 5.99 -12.66 14.93
C THR A 31 7.46 -12.91 14.59
N ARG B 1 8.74 -18.49 3.89
CA ARG B 1 9.52 -18.15 5.10
C ARG B 1 8.66 -18.23 6.36
N ASN B 2 7.69 -17.33 6.47
CA ASN B 2 6.81 -17.32 7.63
C ASN B 2 5.54 -16.50 7.33
N ASP B 3 4.62 -16.47 8.29
CA ASP B 3 3.38 -15.73 8.13
C ASP B 3 3.65 -14.27 7.77
N ALA B 4 4.64 -13.68 8.43
CA ALA B 4 5.00 -12.29 8.18
C ALA B 4 5.24 -12.05 6.70
N GLU B 5 5.83 -13.03 6.02
CA GLU B 5 6.10 -12.92 4.59
C GLU B 5 4.81 -12.99 3.79
N ARG B 6 4.02 -14.03 4.04
CA ARG B 6 2.76 -14.21 3.34
C ARG B 6 1.85 -12.99 3.54
N LEU B 7 2.04 -12.29 4.65
CA LEU B 7 1.25 -11.12 4.97
C LEU B 7 1.70 -9.92 4.13
N ALA B 8 3.00 -9.65 4.17
CA ALA B 8 3.56 -8.53 3.42
C ALA B 8 3.24 -8.66 1.93
N ASP B 9 3.51 -9.82 1.37
CA ASP B 9 3.26 -10.08 -0.05
C ASP B 9 1.78 -9.90 -0.36
N GLU B 10 0.93 -10.56 0.41
CA GLU B 10 -0.52 -10.47 0.21
C GLU B 10 -0.99 -9.03 0.32
N GLN B 11 -0.36 -8.27 1.22
CA GLN B 11 -0.72 -6.88 1.43
C GLN B 11 -0.20 -6.01 0.28
N SER B 12 1.08 -6.17 -0.05
CA SER B 12 1.69 -5.41 -1.13
C SER B 12 0.95 -5.65 -2.44
N GLU B 13 0.83 -6.93 -2.81
CA GLU B 13 0.14 -7.31 -4.04
C GLU B 13 -1.22 -6.62 -4.12
N LEU B 14 -1.87 -6.50 -2.97
CA LEU B 14 -3.18 -5.85 -2.91
C LEU B 14 -3.08 -4.39 -3.32
N VAL B 15 -2.02 -3.73 -2.88
CA VAL B 15 -1.79 -2.32 -3.20
C VAL B 15 -1.60 -2.14 -4.69
N LYS B 16 -0.88 -3.07 -5.31
CA LYS B 16 -0.61 -3.02 -6.74
C LYS B 16 -1.91 -2.90 -7.54
N LYS B 17 -2.75 -3.93 -7.44
CA LYS B 17 -4.02 -3.94 -8.15
C LYS B 17 -4.80 -2.65 -7.87
N MET B 18 -4.62 -2.11 -6.67
CA MET B 18 -5.29 -0.88 -6.28
C MET B 18 -4.75 0.31 -7.08
N VAL B 19 -3.44 0.47 -7.06
CA VAL B 19 -2.80 1.56 -7.78
C VAL B 19 -2.88 1.33 -9.29
N PHE B 20 -3.01 0.07 -9.69
CA PHE B 20 -3.10 -0.28 -11.10
C PHE B 20 -4.32 0.38 -11.74
N ASP B 21 -5.45 0.31 -11.05
CA ASP B 21 -6.68 0.90 -11.55
C ASP B 21 -6.56 2.42 -11.60
N THR B 22 -6.04 3.01 -10.53
CA THR B 22 -5.86 4.46 -10.46
C THR B 22 -5.10 4.97 -11.67
N LEU B 23 -3.88 4.50 -11.85
CA LEU B 23 -3.05 4.91 -12.97
C LEU B 23 -3.81 4.79 -14.28
N LYS B 24 -4.47 3.65 -14.49
CA LYS B 24 -5.23 3.42 -15.70
C LYS B 24 -6.17 4.58 -15.99
N ASP B 25 -6.80 5.09 -14.94
CA ASP B 25 -7.72 6.21 -15.06
C ASP B 25 -6.95 7.53 -15.18
N LEU B 26 -5.75 7.55 -14.61
CA LEU B 26 -4.91 8.75 -14.65
C LEU B 26 -4.45 9.05 -16.07
N TYR B 27 -3.98 8.03 -16.77
CA TYR B 27 -3.50 8.19 -18.13
C TYR B 27 -4.67 8.44 -19.09
N LYS B 28 -5.60 7.49 -19.16
CA LYS B 28 -6.74 7.62 -20.05
C LYS B 28 -7.47 8.94 -19.83
N LYS B 29 -7.34 9.48 -18.62
CA LYS B 29 -7.99 10.75 -18.29
C LYS B 29 -7.59 11.84 -19.27
N THR B 30 -6.29 12.02 -19.45
CA THR B 30 -5.77 13.03 -20.37
C THR B 30 -6.08 12.66 -21.82
N THR B 31 -7.37 12.62 -22.15
CA THR B 31 -7.80 12.28 -23.50
C THR B 31 -8.56 13.43 -24.14
N ARG C 1 -7.30 -3.68 28.06
CA ARG C 1 -5.93 -3.24 27.73
C ARG C 1 -5.46 -3.85 26.40
N ASN C 2 -6.26 -3.66 25.36
CA ASN C 2 -5.93 -4.19 24.04
C ASN C 2 -4.96 -3.27 23.30
N ASP C 3 -3.80 -3.03 23.92
CA ASP C 3 -2.78 -2.17 23.33
C ASP C 3 -2.42 -2.65 21.92
N ALA C 4 -2.60 -3.94 21.67
CA ALA C 4 -2.30 -4.51 20.37
C ALA C 4 -3.17 -3.87 19.29
N GLU C 5 -4.44 -3.66 19.60
CA GLU C 5 -5.38 -3.05 18.67
C GLU C 5 -4.93 -1.64 18.33
N ARG C 6 -4.80 -0.80 19.34
CA ARG C 6 -4.38 0.57 19.16
C ARG C 6 -2.97 0.62 18.56
N LEU C 7 -2.09 -0.22 19.10
CA LEU C 7 -0.72 -0.30 18.62
C LEU C 7 -0.69 -0.68 17.14
N ALA C 8 -1.51 -1.66 16.78
CA ALA C 8 -1.59 -2.11 15.38
C ALA C 8 -1.93 -0.95 14.46
N ASP C 9 -2.79 -0.05 14.93
CA ASP C 9 -3.18 1.11 14.15
C ASP C 9 -1.98 1.99 13.84
N GLU C 10 -1.09 2.12 14.81
CA GLU C 10 0.11 2.94 14.66
C GLU C 10 0.90 2.49 13.43
N GLN C 11 1.39 1.26 13.48
CA GLN C 11 2.17 0.71 12.38
C GLN C 11 1.43 0.88 11.06
N SER C 12 0.11 0.70 11.10
CA SER C 12 -0.71 0.85 9.90
C SER C 12 -0.57 2.25 9.32
N GLU C 13 -0.34 3.23 10.19
CA GLU C 13 -0.18 4.62 9.77
C GLU C 13 1.15 4.81 9.07
N LEU C 14 2.19 4.16 9.58
CA LEU C 14 3.52 4.28 9.01
C LEU C 14 3.50 3.87 7.54
N VAL C 15 2.77 2.80 7.23
CA VAL C 15 2.67 2.32 5.86
C VAL C 15 1.92 3.30 4.99
N LYS C 16 0.76 3.75 5.46
CA LYS C 16 -0.06 4.70 4.72
C LYS C 16 0.75 5.95 4.38
N LYS C 17 1.39 6.52 5.38
CA LYS C 17 2.20 7.72 5.19
C LYS C 17 3.24 7.49 4.10
N MET C 18 3.81 6.29 4.09
CA MET C 18 4.82 5.94 3.08
C MET C 18 4.21 5.91 1.70
N VAL C 19 2.99 5.37 1.60
CA VAL C 19 2.29 5.27 0.33
C VAL C 19 1.82 6.65 -0.13
N PHE C 20 1.33 7.46 0.81
CA PHE C 20 0.86 8.79 0.48
C PHE C 20 1.93 9.57 -0.28
N ASP C 21 3.08 9.76 0.35
CA ASP C 21 4.19 10.48 -0.26
C ASP C 21 4.49 9.90 -1.64
N THR C 22 4.57 8.57 -1.72
CA THR C 22 4.87 7.90 -2.97
C THR C 22 3.76 8.15 -3.98
N LEU C 23 2.59 7.57 -3.73
CA LEU C 23 1.44 7.74 -4.61
C LEU C 23 1.21 9.21 -4.92
N LYS C 24 1.43 10.06 -3.93
CA LYS C 24 1.25 11.50 -4.11
C LYS C 24 2.07 11.99 -5.28
N ASP C 25 3.38 11.94 -5.11
CA ASP C 25 4.30 12.38 -6.17
C ASP C 25 4.15 11.52 -7.41
N LEU C 26 3.81 10.25 -7.21
CA LEU C 26 3.63 9.32 -8.32
C LEU C 26 2.44 9.74 -9.18
N TYR C 27 1.25 9.68 -8.60
CA TYR C 27 0.03 10.06 -9.31
C TYR C 27 0.14 11.47 -9.85
N LYS C 28 1.00 12.29 -9.23
CA LYS C 28 1.20 13.66 -9.66
C LYS C 28 1.93 13.70 -11.00
N LYS C 29 2.74 12.67 -11.24
CA LYS C 29 3.50 12.58 -12.48
C LYS C 29 2.56 12.46 -13.68
N THR C 30 1.52 11.65 -13.53
CA THR C 30 0.55 11.44 -14.60
C THR C 30 -0.13 12.76 -14.98
N THR C 31 -1.07 13.19 -14.14
CA THR C 31 -1.79 14.43 -14.39
C THR C 31 -1.05 15.62 -13.78
N ARG D 1 -6.54 19.53 -3.50
CA ARG D 1 -5.51 19.97 -4.48
C ARG D 1 -5.87 19.54 -5.89
N ASN D 2 -5.84 18.23 -6.14
CA ASN D 2 -6.15 17.69 -7.46
C ASN D 2 -6.48 16.20 -7.37
N ASP D 3 -6.85 15.62 -8.51
CA ASP D 3 -7.18 14.20 -8.56
C ASP D 3 -6.04 13.35 -8.01
N ALA D 4 -4.81 13.72 -8.38
CA ALA D 4 -3.63 12.99 -7.92
C ALA D 4 -3.64 12.83 -6.40
N GLU D 5 -4.10 13.88 -5.71
CA GLU D 5 -4.15 13.86 -4.25
C GLU D 5 -5.24 12.91 -3.76
N ARG D 6 -6.45 13.08 -4.29
CA ARG D 6 -7.58 12.23 -3.90
C ARG D 6 -7.26 10.77 -4.19
N LEU D 7 -6.39 10.53 -5.15
CA LEU D 7 -6.00 9.17 -5.53
C LEU D 7 -5.04 8.59 -4.50
N ALA D 8 -3.97 9.32 -4.22
CA ALA D 8 -2.97 8.88 -3.26
C ALA D 8 -3.60 8.60 -1.91
N ASP D 9 -4.37 9.56 -1.41
CA ASP D 9 -5.04 9.41 -0.12
C ASP D 9 -5.97 8.20 -0.13
N GLU D 10 -6.83 8.12 -1.13
CA GLU D 10 -7.78 7.01 -1.25
C GLU D 10 -7.03 5.68 -1.32
N GLN D 11 -5.88 5.69 -1.99
CA GLN D 11 -5.07 4.48 -2.12
C GLN D 11 -4.36 4.14 -0.82
N SER D 12 -3.70 5.14 -0.23
CA SER D 12 -2.99 4.94 1.03
C SER D 12 -3.95 4.46 2.10
N GLU D 13 -5.01 5.23 2.32
CA GLU D 13 -6.01 4.88 3.33
C GLU D 13 -6.44 3.42 3.17
N LEU D 14 -6.54 2.98 1.92
CA LEU D 14 -6.93 1.61 1.62
C LEU D 14 -5.92 0.62 2.18
N VAL D 15 -4.63 0.98 2.05
CA VAL D 15 -3.56 0.12 2.55
C VAL D 15 -3.63 -0.01 4.07
N LYS D 16 -3.96 1.10 4.73
CA LYS D 16 -4.06 1.10 6.18
C LYS D 16 -5.01 0.02 6.67
N LYS D 17 -6.28 0.15 6.30
CA LYS D 17 -7.29 -0.84 6.70
C LYS D 17 -6.81 -2.25 6.39
N MET D 18 -6.04 -2.38 5.31
CA MET D 18 -5.53 -3.67 4.90
C MET D 18 -4.50 -4.19 5.90
N VAL D 19 -3.51 -3.36 6.20
CA VAL D 19 -2.46 -3.73 7.16
C VAL D 19 -3.03 -3.77 8.57
N PHE D 20 -4.09 -3.03 8.80
CA PHE D 20 -4.73 -2.98 10.12
C PHE D 20 -5.19 -4.37 10.53
N ASP D 21 -5.85 -5.07 9.60
CA ASP D 21 -6.36 -6.41 9.87
C ASP D 21 -5.20 -7.38 10.09
N THR D 22 -4.20 -7.32 9.22
CA THR D 22 -3.03 -8.18 9.33
C THR D 22 -2.42 -8.12 10.73
N LEU D 23 -2.00 -6.93 11.12
CA LEU D 23 -1.40 -6.73 12.44
C LEU D 23 -2.29 -7.31 13.54
N LYS D 24 -3.57 -7.01 13.47
CA LYS D 24 -4.53 -7.51 14.46
C LYS D 24 -4.37 -9.02 14.64
N ASP D 25 -4.19 -9.73 13.53
CA ASP D 25 -4.03 -11.18 13.55
C ASP D 25 -2.60 -11.55 13.96
N LEU D 26 -1.66 -10.65 13.68
CA LEU D 26 -0.26 -10.88 14.02
C LEU D 26 -0.05 -10.91 15.53
N TYR D 27 -0.64 -9.92 16.21
CA TYR D 27 -0.51 -9.82 17.66
C TYR D 27 -1.31 -10.93 18.35
N LYS D 28 -2.62 -10.93 18.13
CA LYS D 28 -3.49 -11.93 18.74
C LYS D 28 -2.98 -13.34 18.49
N LYS D 29 -2.23 -13.51 17.40
CA LYS D 29 -1.69 -14.82 17.05
C LYS D 29 -0.87 -15.38 18.20
N THR D 30 0.09 -14.59 18.69
CA THR D 30 0.94 -15.02 19.79
C THR D 30 0.15 -15.12 21.08
N THR D 31 -0.80 -16.05 21.12
CA THR D 31 -1.63 -16.24 22.30
C THR D 31 -1.45 -17.65 22.86
N ARG A 1 2.47 -0.86 -27.98
CA ARG A 1 2.32 0.60 -28.24
C ARG A 1 1.78 1.32 -27.00
N ASN A 2 0.76 0.73 -26.37
CA ASN A 2 0.16 1.32 -25.18
C ASN A 2 1.17 1.39 -24.04
N ASP A 3 1.91 2.50 -23.98
CA ASP A 3 2.90 2.70 -22.94
C ASP A 3 2.24 2.98 -21.60
N ALA A 4 1.10 3.68 -21.65
CA ALA A 4 0.36 4.00 -20.44
C ALA A 4 -0.05 2.73 -19.70
N GLU A 5 -0.46 1.72 -20.47
CA GLU A 5 -0.87 0.45 -19.89
C GLU A 5 0.31 -0.26 -19.26
N ARG A 6 1.35 -0.47 -20.07
CA ARG A 6 2.56 -1.14 -19.60
C ARG A 6 3.18 -0.36 -18.45
N LEU A 7 3.20 0.97 -18.59
CA LEU A 7 3.77 1.83 -17.57
C LEU A 7 3.05 1.64 -16.24
N ALA A 8 1.72 1.62 -16.29
CA ALA A 8 0.92 1.43 -15.08
C ALA A 8 1.38 0.19 -14.32
N ASP A 9 1.71 -0.85 -15.06
CA ASP A 9 2.17 -2.10 -14.45
C ASP A 9 3.56 -1.92 -13.83
N GLU A 10 4.34 -1.01 -14.40
CA GLU A 10 5.68 -0.74 -13.91
C GLU A 10 5.63 0.14 -12.66
N GLN A 11 4.75 1.12 -12.68
CA GLN A 11 4.59 2.03 -11.55
C GLN A 11 4.04 1.29 -10.34
N SER A 12 3.09 0.39 -10.59
CA SER A 12 2.49 -0.39 -9.52
C SER A 12 3.54 -1.28 -8.84
N GLU A 13 4.44 -1.82 -9.65
CA GLU A 13 5.50 -2.67 -9.13
C GLU A 13 6.37 -1.93 -8.13
N LEU A 14 6.62 -0.65 -8.41
CA LEU A 14 7.43 0.18 -7.54
C LEU A 14 6.75 0.36 -6.18
N VAL A 15 5.43 0.42 -6.19
CA VAL A 15 4.67 0.59 -4.96
C VAL A 15 4.49 -0.73 -4.22
N LYS A 16 4.36 -1.82 -4.97
CA LYS A 16 4.19 -3.13 -4.37
C LYS A 16 5.50 -3.62 -3.75
N LYS A 17 6.62 -3.19 -4.35
CA LYS A 17 7.93 -3.56 -3.87
C LYS A 17 8.27 -2.80 -2.59
N MET A 18 7.98 -1.50 -2.59
CA MET A 18 8.25 -0.67 -1.42
C MET A 18 7.41 -1.13 -0.24
N VAL A 19 6.18 -1.55 -0.53
CA VAL A 19 5.27 -2.03 0.51
C VAL A 19 5.74 -3.38 1.03
N PHE A 20 6.21 -4.24 0.11
CA PHE A 20 6.69 -5.55 0.48
C PHE A 20 7.77 -5.44 1.56
N ASP A 21 8.85 -4.73 1.23
CA ASP A 21 9.95 -4.54 2.17
C ASP A 21 9.42 -3.98 3.49
N THR A 22 8.57 -2.97 3.41
CA THR A 22 7.99 -2.36 4.60
C THR A 22 7.19 -3.39 5.38
N LEU A 23 6.06 -3.80 4.82
CA LEU A 23 5.20 -4.78 5.48
C LEU A 23 6.01 -6.02 5.89
N LYS A 24 6.98 -6.38 5.07
CA LYS A 24 7.83 -7.54 5.34
C LYS A 24 8.48 -7.38 6.71
N ASP A 25 9.39 -6.42 6.81
CA ASP A 25 10.09 -6.17 8.06
C ASP A 25 9.11 -5.72 9.16
N LEU A 26 8.04 -5.05 8.74
CA LEU A 26 7.04 -4.57 9.68
C LEU A 26 6.32 -5.75 10.34
N TYR A 27 5.93 -6.73 9.54
CA TYR A 27 5.26 -7.91 10.06
C TYR A 27 6.23 -8.79 10.83
N LYS A 28 7.52 -8.65 10.53
CA LYS A 28 8.55 -9.43 11.20
C LYS A 28 8.77 -8.90 12.62
N LYS A 29 8.54 -7.61 12.80
CA LYS A 29 8.71 -6.98 14.11
C LYS A 29 7.66 -7.49 15.09
N THR A 30 6.45 -7.73 14.60
CA THR A 30 5.36 -8.22 15.43
C THR A 30 5.69 -9.58 16.02
N THR A 31 5.88 -10.56 15.14
CA THR A 31 6.22 -11.91 15.56
C THR A 31 7.47 -11.93 16.42
N ARG B 1 10.60 -17.94 5.26
CA ARG B 1 10.95 -17.66 6.68
C ARG B 1 9.75 -17.84 7.59
N ASN B 2 8.76 -16.97 7.44
CA ASN B 2 7.54 -17.03 8.25
C ASN B 2 6.35 -16.42 7.51
N ASP B 3 5.20 -16.43 8.16
CA ASP B 3 3.99 -15.89 7.57
C ASP B 3 4.11 -14.38 7.34
N ALA B 4 5.01 -13.74 8.09
CA ALA B 4 5.23 -12.31 7.95
C ALA B 4 5.51 -11.94 6.50
N GLU B 5 6.33 -12.75 5.84
CA GLU B 5 6.67 -12.51 4.44
C GLU B 5 5.48 -12.83 3.54
N ARG B 6 4.88 -13.99 3.74
CA ARG B 6 3.73 -14.40 2.95
C ARG B 6 2.63 -13.35 3.03
N LEU B 7 2.51 -12.71 4.19
CA LEU B 7 1.49 -11.69 4.41
C LEU B 7 1.77 -10.48 3.51
N ALA B 8 2.93 -9.86 3.72
CA ALA B 8 3.33 -8.69 2.94
C ALA B 8 3.07 -8.90 1.46
N ASP B 9 3.20 -10.14 1.02
CA ASP B 9 2.98 -10.48 -0.38
C ASP B 9 1.52 -10.26 -0.76
N GLU B 10 0.62 -10.69 0.12
CA GLU B 10 -0.81 -10.52 -0.12
C GLU B 10 -1.18 -9.05 -0.10
N GLN B 11 -0.51 -8.28 0.75
CA GLN B 11 -0.76 -6.85 0.87
C GLN B 11 -0.27 -6.12 -0.37
N SER B 12 0.95 -6.46 -0.81
CA SER B 12 1.54 -5.83 -1.99
C SER B 12 0.65 -6.04 -3.21
N GLU B 13 0.42 -7.30 -3.57
CA GLU B 13 -0.42 -7.63 -4.71
C GLU B 13 -1.76 -6.90 -4.61
N LEU B 14 -2.23 -6.71 -3.38
CA LEU B 14 -3.48 -6.02 -3.15
C LEU B 14 -3.37 -4.54 -3.51
N VAL B 15 -2.31 -3.90 -3.02
CA VAL B 15 -2.08 -2.49 -3.30
C VAL B 15 -1.82 -2.27 -4.78
N LYS B 16 -1.20 -3.25 -5.42
CA LYS B 16 -0.89 -3.16 -6.84
C LYS B 16 -2.15 -2.99 -7.67
N LYS B 17 -3.05 -3.97 -7.58
CA LYS B 17 -4.31 -3.92 -8.31
C LYS B 17 -5.05 -2.62 -8.02
N MET B 18 -4.92 -2.13 -6.80
CA MET B 18 -5.57 -0.89 -6.39
C MET B 18 -5.00 0.29 -7.16
N VAL B 19 -3.67 0.38 -7.19
CA VAL B 19 -2.99 1.46 -7.89
C VAL B 19 -3.04 1.24 -9.41
N PHE B 20 -3.19 -0.02 -9.81
CA PHE B 20 -3.26 -0.36 -11.23
C PHE B 20 -4.45 0.32 -11.88
N ASP B 21 -5.59 0.28 -11.20
CA ASP B 21 -6.82 0.89 -11.72
C ASP B 21 -6.68 2.42 -11.73
N THR B 22 -6.14 2.96 -10.64
CA THR B 22 -5.96 4.41 -10.53
C THR B 22 -5.11 4.94 -11.68
N LEU B 23 -3.91 4.37 -11.83
CA LEU B 23 -3.00 4.78 -12.89
C LEU B 23 -3.69 4.71 -14.25
N LYS B 24 -4.45 3.65 -14.47
CA LYS B 24 -5.16 3.47 -15.73
C LYS B 24 -5.97 4.71 -16.07
N ASP B 25 -6.62 5.28 -15.07
CA ASP B 25 -7.42 6.47 -15.26
C ASP B 25 -6.55 7.72 -15.30
N LEU B 26 -5.37 7.63 -14.69
CA LEU B 26 -4.43 8.75 -14.65
C LEU B 26 -3.85 9.02 -16.04
N TYR B 27 -3.64 7.97 -16.80
CA TYR B 27 -3.08 8.09 -18.15
C TYR B 27 -4.16 8.49 -19.15
N LYS B 28 -5.18 7.65 -19.26
CA LYS B 28 -6.28 7.90 -20.19
C LYS B 28 -6.78 9.34 -20.07
N LYS B 29 -6.63 9.92 -18.88
CA LYS B 29 -7.06 11.28 -18.64
C LYS B 29 -6.50 12.23 -19.69
N THR B 30 -5.19 12.20 -19.86
CA THR B 30 -4.52 13.05 -20.83
C THR B 30 -3.99 12.23 -22.00
N THR B 31 -4.87 11.91 -22.94
CA THR B 31 -4.50 11.13 -24.12
C THR B 31 -4.09 12.04 -25.26
N ARG C 1 -5.03 -0.14 27.64
CA ARG C 1 -4.14 -1.26 28.00
C ARG C 1 -3.70 -2.03 26.76
N ASN C 2 -4.65 -2.32 25.88
CA ASN C 2 -4.36 -3.04 24.65
C ASN C 2 -3.39 -2.26 23.76
N ASP C 3 -2.09 -2.48 23.98
CA ASP C 3 -1.07 -1.80 23.20
C ASP C 3 -1.01 -2.36 21.79
N ALA C 4 -1.27 -3.65 21.66
CA ALA C 4 -1.25 -4.31 20.35
C ALA C 4 -2.26 -3.67 19.42
N GLU C 5 -3.43 -3.35 19.97
CA GLU C 5 -4.49 -2.72 19.20
C GLU C 5 -4.09 -1.32 18.77
N ARG C 6 -3.74 -0.49 19.75
CA ARG C 6 -3.32 0.88 19.50
C ARG C 6 -2.10 0.89 18.59
N LEU C 7 -1.16 0.00 18.87
CA LEU C 7 0.06 -0.11 18.08
C LEU C 7 -0.26 -0.37 16.62
N ALA C 8 -1.15 -1.32 16.37
CA ALA C 8 -1.56 -1.67 15.02
C ALA C 8 -1.98 -0.43 14.24
N ASP C 9 -2.68 0.48 14.93
CA ASP C 9 -3.14 1.72 14.31
C ASP C 9 -1.97 2.65 14.03
N GLU C 10 -0.92 2.54 14.85
CA GLU C 10 0.26 3.37 14.67
C GLU C 10 1.15 2.85 13.55
N GLN C 11 1.27 1.52 13.48
CA GLN C 11 2.06 0.89 12.43
C GLN C 11 1.44 1.11 11.07
N SER C 12 0.11 1.02 11.01
CA SER C 12 -0.61 1.21 9.76
C SER C 12 -0.42 2.64 9.25
N GLU C 13 -0.39 3.60 10.17
CA GLU C 13 -0.20 5.00 9.81
C GLU C 13 1.13 5.20 9.11
N LEU C 14 2.16 4.47 9.56
CA LEU C 14 3.48 4.58 8.97
C LEU C 14 3.47 4.09 7.52
N VAL C 15 2.64 3.09 7.26
CA VAL C 15 2.53 2.52 5.92
C VAL C 15 1.63 3.36 5.02
N LYS C 16 0.60 3.96 5.62
CA LYS C 16 -0.34 4.78 4.85
C LYS C 16 0.31 6.12 4.50
N LYS C 17 1.22 6.58 5.35
CA LYS C 17 1.92 7.83 5.13
C LYS C 17 2.97 7.66 4.05
N MET C 18 3.72 6.57 4.11
CA MET C 18 4.75 6.29 3.12
C MET C 18 4.14 6.11 1.74
N VAL C 19 2.96 5.48 1.71
CA VAL C 19 2.25 5.25 0.46
C VAL C 19 1.69 6.57 -0.08
N PHE C 20 1.18 7.40 0.83
CA PHE C 20 0.63 8.69 0.44
C PHE C 20 1.66 9.48 -0.36
N ASP C 21 2.81 9.74 0.26
CA ASP C 21 3.87 10.49 -0.40
C ASP C 21 4.22 9.85 -1.74
N THR C 22 4.37 8.53 -1.73
CA THR C 22 4.70 7.80 -2.95
C THR C 22 3.61 8.00 -4.00
N LEU C 23 2.44 7.41 -3.74
CA LEU C 23 1.32 7.53 -4.66
C LEU C 23 1.04 9.00 -5.01
N LYS C 24 1.24 9.87 -4.03
CA LYS C 24 1.03 11.29 -4.23
C LYS C 24 1.87 11.79 -5.40
N ASP C 25 3.17 11.80 -5.22
CA ASP C 25 4.10 12.23 -6.26
C ASP C 25 4.01 11.33 -7.47
N LEU C 26 3.71 10.05 -7.24
CA LEU C 26 3.59 9.08 -8.32
C LEU C 26 2.43 9.44 -9.24
N TYR C 27 1.29 9.76 -8.64
CA TYR C 27 0.10 10.12 -9.40
C TYR C 27 0.27 11.50 -10.03
N LYS C 28 1.16 12.31 -9.45
CA LYS C 28 1.42 13.64 -9.97
C LYS C 28 2.26 13.58 -11.24
N LYS C 29 3.08 12.52 -11.34
CA LYS C 29 3.94 12.33 -12.50
C LYS C 29 3.10 12.01 -13.75
N THR C 30 2.02 11.26 -13.55
CA THR C 30 1.14 10.88 -14.64
C THR C 30 0.50 12.11 -15.27
N THR C 31 -0.27 12.84 -14.47
CA THR C 31 -0.94 14.04 -14.95
C THR C 31 0.06 15.04 -15.52
N ARG D 1 -4.05 20.48 -4.57
CA ARG D 1 -3.31 20.64 -5.85
C ARG D 1 -4.09 20.01 -7.00
N ASN D 2 -4.21 18.68 -6.97
CA ASN D 2 -4.93 17.96 -8.02
C ASN D 2 -5.47 16.64 -7.49
N ASP D 3 -6.15 15.89 -8.36
CA ASP D 3 -6.72 14.61 -7.97
C ASP D 3 -5.63 13.61 -7.59
N ALA D 4 -4.42 13.83 -8.10
CA ALA D 4 -3.30 12.96 -7.80
C ALA D 4 -3.14 12.76 -6.29
N GLU D 5 -3.27 13.85 -5.55
CA GLU D 5 -3.15 13.81 -4.10
C GLU D 5 -4.37 13.13 -3.49
N ARG D 6 -5.56 13.56 -3.90
CA ARG D 6 -6.80 12.99 -3.40
C ARG D 6 -6.81 11.48 -3.60
N LEU D 7 -6.22 11.04 -4.71
CA LEU D 7 -6.16 9.63 -5.02
C LEU D 7 -5.31 8.88 -4.02
N ALA D 8 -4.04 9.26 -3.92
CA ALA D 8 -3.10 8.64 -2.99
C ALA D 8 -3.73 8.49 -1.61
N ASP D 9 -4.60 9.43 -1.26
CA ASP D 9 -5.27 9.40 0.04
C ASP D 9 -6.20 8.20 0.14
N GLU D 10 -6.95 7.95 -0.93
CA GLU D 10 -7.87 6.83 -0.98
C GLU D 10 -7.09 5.50 -0.95
N GLN D 11 -5.93 5.50 -1.58
CA GLN D 11 -5.08 4.31 -1.63
C GLN D 11 -4.49 4.04 -0.25
N SER D 12 -3.96 5.08 0.38
CA SER D 12 -3.36 4.95 1.70
C SER D 12 -4.36 4.38 2.70
N GLU D 13 -5.46 5.09 2.89
CA GLU D 13 -6.50 4.65 3.81
C GLU D 13 -6.90 3.21 3.51
N LEU D 14 -6.85 2.84 2.24
CA LEU D 14 -7.19 1.49 1.81
C LEU D 14 -6.16 0.49 2.32
N VAL D 15 -4.88 0.81 2.09
CA VAL D 15 -3.80 -0.06 2.53
C VAL D 15 -3.76 -0.17 4.06
N LYS D 16 -4.14 0.93 4.72
CA LYS D 16 -4.15 0.96 6.18
C LYS D 16 -5.08 -0.12 6.75
N LYS D 17 -6.35 -0.03 6.39
CA LYS D 17 -7.34 -1.00 6.86
C LYS D 17 -6.89 -2.42 6.54
N MET D 18 -6.21 -2.58 5.40
CA MET D 18 -5.72 -3.88 4.98
C MET D 18 -4.66 -4.39 5.95
N VAL D 19 -3.69 -3.54 6.26
CA VAL D 19 -2.61 -3.89 7.17
C VAL D 19 -3.11 -3.89 8.62
N PHE D 20 -4.17 -3.13 8.88
CA PHE D 20 -4.73 -3.06 10.22
C PHE D 20 -5.22 -4.42 10.67
N ASP D 21 -5.89 -5.13 9.77
CA ASP D 21 -6.41 -6.46 10.08
C ASP D 21 -5.27 -7.46 10.24
N THR D 22 -4.29 -7.38 9.34
CA THR D 22 -3.15 -8.28 9.39
C THR D 22 -2.42 -8.15 10.73
N LEU D 23 -2.02 -6.93 11.07
CA LEU D 23 -1.32 -6.69 12.32
C LEU D 23 -2.11 -7.22 13.50
N LYS D 24 -3.43 -7.01 13.48
CA LYS D 24 -4.30 -7.48 14.54
C LYS D 24 -4.06 -8.95 14.83
N ASP D 25 -3.90 -9.73 13.76
CA ASP D 25 -3.67 -11.16 13.88
C ASP D 25 -2.20 -11.45 14.21
N LEU D 26 -1.34 -10.51 13.84
CA LEU D 26 0.09 -10.66 14.08
C LEU D 26 0.41 -10.56 15.57
N TYR D 27 -0.33 -9.72 16.28
CA TYR D 27 -0.13 -9.54 17.71
C TYR D 27 -0.81 -10.64 18.51
N LYS D 28 -2.12 -10.78 18.33
CA LYS D 28 -2.89 -11.79 19.05
C LYS D 28 -2.21 -13.16 18.94
N LYS D 29 -1.46 -13.36 17.86
CA LYS D 29 -0.77 -14.63 17.65
C LYS D 29 0.07 -15.00 18.87
N THR D 30 0.92 -14.07 19.30
CA THR D 30 1.78 -14.29 20.45
C THR D 30 1.33 -13.44 21.63
N THR D 31 0.31 -13.91 22.34
CA THR D 31 -0.21 -13.18 23.50
C THR D 31 0.48 -13.64 24.78
N ARG A 1 -0.30 -1.18 -29.27
CA ARG A 1 0.52 -0.09 -28.70
C ARG A 1 -0.21 0.61 -27.55
N ASN A 2 0.23 0.34 -26.33
CA ASN A 2 -0.39 0.95 -25.15
C ASN A 2 0.63 1.09 -24.02
N ASP A 3 1.63 1.92 -24.24
CA ASP A 3 2.67 2.16 -23.24
C ASP A 3 2.05 2.55 -21.91
N ALA A 4 0.89 3.20 -21.97
CA ALA A 4 0.21 3.63 -20.76
C ALA A 4 -0.20 2.42 -19.91
N GLU A 5 -0.76 1.40 -20.57
CA GLU A 5 -1.18 0.20 -19.88
C GLU A 5 0.02 -0.50 -19.23
N ARG A 6 1.06 -0.72 -20.02
CA ARG A 6 2.27 -1.35 -19.52
C ARG A 6 2.94 -0.49 -18.46
N LEU A 7 3.06 0.80 -18.76
CA LEU A 7 3.66 1.74 -17.83
C LEU A 7 2.98 1.67 -16.47
N ALA A 8 1.64 1.67 -16.49
CA ALA A 8 0.86 1.60 -15.26
C ALA A 8 1.33 0.44 -14.40
N ASP A 9 1.58 -0.70 -15.05
CA ASP A 9 2.04 -1.88 -14.34
C ASP A 9 3.43 -1.67 -13.75
N GLU A 10 4.23 -0.85 -14.43
CA GLU A 10 5.58 -0.55 -13.97
C GLU A 10 5.54 0.31 -12.71
N GLN A 11 4.69 1.33 -12.72
CA GLN A 11 4.55 2.22 -11.58
C GLN A 11 4.00 1.45 -10.38
N SER A 12 3.09 0.53 -10.64
CA SER A 12 2.49 -0.28 -9.58
C SER A 12 3.56 -1.13 -8.89
N GLU A 13 4.47 -1.68 -9.69
CA GLU A 13 5.55 -2.50 -9.17
C GLU A 13 6.38 -1.72 -8.17
N LEU A 14 6.58 -0.44 -8.45
CA LEU A 14 7.37 0.43 -7.58
C LEU A 14 6.70 0.57 -6.22
N VAL A 15 5.38 0.71 -6.22
CA VAL A 15 4.64 0.84 -4.98
C VAL A 15 4.53 -0.50 -4.26
N LYS A 16 4.21 -1.53 -5.02
CA LYS A 16 4.08 -2.88 -4.47
C LYS A 16 5.39 -3.30 -3.80
N LYS A 17 6.47 -3.28 -4.57
CA LYS A 17 7.78 -3.66 -4.05
C LYS A 17 8.12 -2.84 -2.82
N MET A 18 7.64 -1.61 -2.79
CA MET A 18 7.89 -0.71 -1.66
C MET A 18 7.14 -1.19 -0.41
N VAL A 19 5.92 -1.68 -0.61
CA VAL A 19 5.11 -2.18 0.48
C VAL A 19 5.61 -3.53 0.96
N PHE A 20 6.08 -4.35 0.03
CA PHE A 20 6.59 -5.67 0.38
C PHE A 20 7.70 -5.56 1.43
N ASP A 21 8.80 -4.91 1.05
CA ASP A 21 9.93 -4.73 1.96
C ASP A 21 9.46 -4.17 3.29
N THR A 22 8.53 -3.21 3.23
CA THR A 22 7.99 -2.58 4.42
C THR A 22 7.19 -3.60 5.24
N LEU A 23 6.02 -3.95 4.75
CA LEU A 23 5.15 -4.90 5.44
C LEU A 23 5.93 -6.16 5.81
N LYS A 24 6.83 -6.57 4.94
CA LYS A 24 7.65 -7.75 5.18
C LYS A 24 8.40 -7.60 6.48
N ASP A 25 9.34 -6.66 6.49
CA ASP A 25 10.15 -6.39 7.68
C ASP A 25 9.28 -5.90 8.83
N LEU A 26 8.15 -5.28 8.50
CA LEU A 26 7.23 -4.76 9.50
C LEU A 26 6.57 -5.91 10.26
N TYR A 27 5.87 -6.77 9.54
CA TYR A 27 5.21 -7.91 10.15
C TYR A 27 6.23 -8.81 10.83
N LYS A 28 7.47 -8.75 10.35
CA LYS A 28 8.55 -9.55 10.92
C LYS A 28 8.84 -9.12 12.35
N LYS A 29 8.72 -7.82 12.61
CA LYS A 29 8.97 -7.28 13.93
C LYS A 29 7.90 -7.74 14.92
N THR A 30 6.69 -7.96 14.41
CA THR A 30 5.58 -8.41 15.24
C THR A 30 5.84 -9.82 15.78
N THR A 31 5.62 -10.81 14.92
CA THR A 31 5.82 -12.21 15.30
C THR A 31 7.29 -12.48 15.58
N ARG B 1 9.61 -19.47 7.20
CA ARG B 1 9.87 -18.84 8.53
C ARG B 1 8.58 -18.61 9.30
N ASN B 2 7.85 -17.56 8.91
CA ASN B 2 6.58 -17.23 9.56
C ASN B 2 5.62 -16.61 8.56
N ASP B 3 4.38 -16.37 9.01
CA ASP B 3 3.36 -15.77 8.15
C ASP B 3 3.64 -14.28 7.91
N ALA B 4 4.49 -13.69 8.73
CA ALA B 4 4.83 -12.28 8.60
C ALA B 4 5.20 -11.94 7.16
N GLU B 5 5.92 -12.85 6.52
CA GLU B 5 6.34 -12.64 5.14
C GLU B 5 5.18 -12.90 4.17
N ARG B 6 4.49 -14.02 4.36
CA ARG B 6 3.37 -14.38 3.52
C ARG B 6 2.35 -13.24 3.49
N LEU B 7 2.20 -12.57 4.62
CA LEU B 7 1.27 -11.46 4.74
C LEU B 7 1.70 -10.29 3.85
N ALA B 8 2.85 -9.72 4.17
CA ALA B 8 3.39 -8.61 3.41
C ALA B 8 3.31 -8.86 1.91
N ASP B 9 3.33 -10.13 1.53
CA ASP B 9 3.26 -10.51 0.12
C ASP B 9 1.88 -10.20 -0.45
N GLU B 10 0.86 -10.84 0.11
CA GLU B 10 -0.51 -10.63 -0.34
C GLU B 10 -0.91 -9.16 -0.19
N GLN B 11 -0.24 -8.46 0.72
CA GLN B 11 -0.52 -7.05 0.97
C GLN B 11 0.00 -6.19 -0.18
N SER B 12 1.22 -6.49 -0.63
CA SER B 12 1.83 -5.72 -1.72
C SER B 12 1.04 -5.91 -3.01
N GLU B 13 0.92 -7.15 -3.46
CA GLU B 13 0.20 -7.47 -4.68
C GLU B 13 -1.18 -6.80 -4.68
N LEU B 14 -1.77 -6.67 -3.50
CA LEU B 14 -3.07 -6.05 -3.37
C LEU B 14 -3.01 -4.56 -3.72
N VAL B 15 -1.98 -3.89 -3.22
CA VAL B 15 -1.79 -2.47 -3.49
C VAL B 15 -1.59 -2.20 -4.97
N LYS B 16 -0.91 -3.12 -5.65
CA LYS B 16 -0.65 -2.97 -7.08
C LYS B 16 -1.96 -2.90 -7.87
N LYS B 17 -2.82 -3.89 -7.68
CA LYS B 17 -4.10 -3.95 -8.38
C LYS B 17 -4.89 -2.66 -8.15
N MET B 18 -4.78 -2.10 -6.96
CA MET B 18 -5.48 -0.87 -6.63
C MET B 18 -4.91 0.31 -7.40
N VAL B 19 -3.59 0.47 -7.34
CA VAL B 19 -2.92 1.57 -8.05
C VAL B 19 -2.86 1.30 -9.55
N PHE B 20 -2.99 0.04 -9.94
CA PHE B 20 -2.95 -0.33 -11.35
C PHE B 20 -4.15 0.25 -12.09
N ASP B 21 -5.33 0.14 -11.48
CA ASP B 21 -6.55 0.66 -12.09
C ASP B 21 -6.53 2.18 -12.13
N THR B 22 -6.09 2.78 -11.03
CA THR B 22 -6.02 4.24 -10.94
C THR B 22 -5.18 4.82 -12.06
N LEU B 23 -3.94 4.36 -12.17
CA LEU B 23 -3.03 4.83 -13.21
C LEU B 23 -3.69 4.77 -14.59
N LYS B 24 -4.43 3.71 -14.84
CA LYS B 24 -5.12 3.54 -16.11
C LYS B 24 -5.95 4.78 -16.44
N ASP B 25 -6.70 5.25 -15.45
CA ASP B 25 -7.53 6.42 -15.62
C ASP B 25 -6.68 7.69 -15.68
N LEU B 26 -5.56 7.66 -14.97
CA LEU B 26 -4.64 8.79 -14.94
C LEU B 26 -4.10 9.08 -16.34
N TYR B 27 -3.54 8.05 -16.97
CA TYR B 27 -2.98 8.19 -18.31
C TYR B 27 -4.10 8.30 -19.34
N LYS B 28 -5.18 7.56 -19.11
CA LYS B 28 -6.31 7.57 -20.04
C LYS B 28 -6.97 8.95 -20.08
N LYS B 29 -6.78 9.72 -19.01
CA LYS B 29 -7.35 11.07 -18.93
C LYS B 29 -6.66 12.01 -19.91
N THR B 30 -5.45 11.67 -20.30
CA THR B 30 -4.68 12.49 -21.24
C THR B 30 -3.61 11.66 -21.94
N THR B 31 -4.05 10.75 -22.80
CA THR B 31 -3.14 9.89 -23.53
C THR B 31 -2.15 10.71 -24.35
N ARG C 1 -7.14 -1.82 28.40
CA ARG C 1 -5.69 -1.96 28.11
C ARG C 1 -5.45 -2.87 26.91
N ASN C 2 -5.09 -2.28 25.79
CA ASN C 2 -4.83 -3.03 24.56
C ASN C 2 -3.81 -2.32 23.69
N ASP C 3 -2.58 -2.21 24.18
CA ASP C 3 -1.51 -1.55 23.45
C ASP C 3 -1.36 -2.15 22.05
N ALA C 4 -1.70 -3.43 21.93
CA ALA C 4 -1.61 -4.12 20.64
C ALA C 4 -2.57 -3.49 19.63
N GLU C 5 -3.78 -3.21 20.06
CA GLU C 5 -4.79 -2.61 19.20
C GLU C 5 -4.34 -1.22 18.75
N ARG C 6 -3.94 -0.40 19.71
CA ARG C 6 -3.48 0.95 19.43
C ARG C 6 -2.19 0.89 18.60
N LEU C 7 -1.26 0.05 19.04
CA LEU C 7 0.01 -0.10 18.34
C LEU C 7 -0.23 -0.42 16.87
N ALA C 8 -1.12 -1.36 16.61
CA ALA C 8 -1.44 -1.76 15.24
C ALA C 8 -1.77 -0.55 14.40
N ASP C 9 -2.54 0.37 14.97
CA ASP C 9 -2.92 1.59 14.27
C ASP C 9 -1.70 2.46 14.01
N GLU C 10 -0.73 2.40 14.92
CA GLU C 10 0.49 3.19 14.78
C GLU C 10 1.34 2.67 13.61
N GLN C 11 1.48 1.35 13.54
CA GLN C 11 2.25 0.71 12.48
C GLN C 11 1.60 0.97 11.12
N SER C 12 0.27 0.95 11.11
CA SER C 12 -0.48 1.19 9.88
C SER C 12 -0.21 2.59 9.36
N GLU C 13 -0.15 3.56 10.27
CA GLU C 13 0.10 4.95 9.91
C GLU C 13 1.44 5.07 9.18
N LEU C 14 2.42 4.28 9.62
CA LEU C 14 3.75 4.30 9.01
C LEU C 14 3.68 3.86 7.55
N VAL C 15 2.89 2.82 7.30
CA VAL C 15 2.72 2.30 5.94
C VAL C 15 1.86 3.24 5.10
N LYS C 16 0.75 3.67 5.68
CA LYS C 16 -0.17 4.57 4.99
C LYS C 16 0.55 5.85 4.58
N LYS C 17 1.15 6.54 5.55
CA LYS C 17 1.88 7.77 5.28
C LYS C 17 2.94 7.54 4.23
N MET C 18 3.49 6.33 4.20
CA MET C 18 4.52 5.98 3.24
C MET C 18 3.94 5.90 1.83
N VAL C 19 2.73 5.36 1.73
CA VAL C 19 2.06 5.22 0.44
C VAL C 19 1.55 6.58 -0.04
N PHE C 20 1.09 7.40 0.89
CA PHE C 20 0.58 8.72 0.54
C PHE C 20 1.62 9.51 -0.24
N ASP C 21 2.75 9.80 0.41
CA ASP C 21 3.83 10.55 -0.23
C ASP C 21 4.19 9.93 -1.57
N THR C 22 4.21 8.60 -1.61
CA THR C 22 4.55 7.88 -2.84
C THR C 22 3.47 8.11 -3.88
N LEU C 23 2.32 7.46 -3.68
CA LEU C 23 1.20 7.59 -4.62
C LEU C 23 0.91 9.05 -4.93
N LYS C 24 1.06 9.90 -3.93
CA LYS C 24 0.84 11.33 -4.11
C LYS C 24 1.72 11.87 -5.21
N ASP C 25 3.02 11.88 -4.93
CA ASP C 25 4.01 12.35 -5.90
C ASP C 25 4.01 11.49 -7.15
N LEU C 26 3.61 10.23 -7.00
CA LEU C 26 3.57 9.31 -8.13
C LEU C 26 2.47 9.71 -9.10
N TYR C 27 1.23 9.76 -8.63
CA TYR C 27 0.11 10.14 -9.47
C TYR C 27 0.30 11.56 -10.00
N LYS C 28 1.10 12.35 -9.27
CA LYS C 28 1.37 13.72 -9.67
C LYS C 28 2.18 13.74 -10.97
N LYS C 29 3.07 12.77 -11.12
CA LYS C 29 3.89 12.68 -12.31
C LYS C 29 3.06 12.33 -13.53
N THR C 30 1.97 11.60 -13.32
CA THR C 30 1.08 11.20 -14.40
C THR C 30 0.37 12.41 -14.99
N THR C 31 -0.66 12.88 -14.29
CA THR C 31 -1.42 14.03 -14.74
C THR C 31 -0.57 15.29 -14.73
N ARG D 1 -5.86 21.06 -6.71
CA ARG D 1 -4.96 20.94 -7.89
C ARG D 1 -5.49 19.92 -8.89
N ASN D 2 -5.33 18.64 -8.58
CA ASN D 2 -5.80 17.56 -9.45
C ASN D 2 -6.21 16.35 -8.64
N ASP D 3 -6.78 15.35 -9.31
CA ASP D 3 -7.22 14.13 -8.65
C ASP D 3 -6.03 13.27 -8.21
N ALA D 4 -4.87 13.54 -8.78
CA ALA D 4 -3.66 12.77 -8.44
C ALA D 4 -3.48 12.67 -6.94
N GLU D 5 -3.79 13.76 -6.23
CA GLU D 5 -3.66 13.78 -4.78
C GLU D 5 -4.82 13.06 -4.12
N ARG D 6 -6.04 13.37 -4.55
CA ARG D 6 -7.23 12.74 -4.01
C ARG D 6 -7.11 11.22 -4.10
N LEU D 7 -6.49 10.75 -5.18
CA LEU D 7 -6.31 9.32 -5.39
C LEU D 7 -5.38 8.73 -4.33
N ALA D 8 -4.14 9.18 -4.33
CA ALA D 8 -3.14 8.72 -3.37
C ALA D 8 -3.70 8.69 -1.95
N ASP D 9 -4.66 9.56 -1.69
CA ASP D 9 -5.28 9.64 -0.37
C ASP D 9 -6.12 8.40 -0.09
N GLU D 10 -7.12 8.17 -0.92
CA GLU D 10 -7.99 7.00 -0.75
C GLU D 10 -7.19 5.71 -0.86
N GLN D 11 -6.04 5.78 -1.54
CA GLN D 11 -5.17 4.63 -1.70
C GLN D 11 -4.46 4.28 -0.41
N SER D 12 -3.95 5.32 0.28
CA SER D 12 -3.25 5.12 1.54
C SER D 12 -4.18 4.57 2.61
N GLU D 13 -5.25 5.31 2.90
CA GLU D 13 -6.22 4.91 3.90
C GLU D 13 -6.66 3.46 3.66
N LEU D 14 -6.71 3.06 2.40
CA LEU D 14 -7.11 1.71 2.05
C LEU D 14 -6.09 0.69 2.54
N VAL D 15 -4.81 1.00 2.34
CA VAL D 15 -3.74 0.11 2.76
C VAL D 15 -3.73 -0.08 4.28
N LYS D 16 -4.08 0.98 5.00
CA LYS D 16 -4.11 0.93 6.46
C LYS D 16 -5.11 -0.11 6.95
N LYS D 17 -6.35 -0.01 6.49
CA LYS D 17 -7.39 -0.95 6.89
C LYS D 17 -6.95 -2.39 6.62
N MET D 18 -6.22 -2.59 5.53
CA MET D 18 -5.75 -3.91 5.16
C MET D 18 -4.70 -4.41 6.15
N VAL D 19 -3.70 -3.58 6.40
CA VAL D 19 -2.62 -3.94 7.33
C VAL D 19 -3.09 -3.85 8.78
N PHE D 20 -4.17 -3.09 9.01
CA PHE D 20 -4.69 -2.93 10.35
C PHE D 20 -5.25 -4.26 10.87
N ASP D 21 -5.99 -4.96 10.02
CA ASP D 21 -6.56 -6.25 10.39
C ASP D 21 -5.48 -7.30 10.57
N THR D 22 -4.52 -7.32 9.65
CA THR D 22 -3.42 -8.27 9.71
C THR D 22 -2.69 -8.18 11.04
N LEU D 23 -2.21 -6.98 11.36
CA LEU D 23 -1.49 -6.76 12.61
C LEU D 23 -2.26 -7.32 13.80
N LYS D 24 -3.58 -7.12 13.80
CA LYS D 24 -4.43 -7.63 14.87
C LYS D 24 -4.17 -9.10 15.12
N ASP D 25 -4.13 -9.87 14.04
CA ASP D 25 -3.88 -11.31 14.12
C ASP D 25 -2.43 -11.58 14.48
N LEU D 26 -1.54 -10.70 14.04
CA LEU D 26 -0.12 -10.84 14.31
C LEU D 26 0.15 -10.78 15.81
N TYR D 27 -0.34 -9.73 16.46
CA TYR D 27 -0.16 -9.55 17.89
C TYR D 27 -1.06 -10.51 18.66
N LYS D 28 -2.26 -10.75 18.15
CA LYS D 28 -3.21 -11.65 18.78
C LYS D 28 -2.68 -13.08 18.81
N LYS D 29 -1.77 -13.38 17.89
CA LYS D 29 -1.19 -14.72 17.81
C LYS D 29 -0.26 -14.99 19.00
N THR D 30 0.23 -13.91 19.61
CA THR D 30 1.12 -14.04 20.76
C THR D 30 1.09 -12.76 21.60
N THR D 31 -0.03 -12.51 22.25
CA THR D 31 -0.19 -11.33 23.08
C THR D 31 0.88 -11.28 24.17
N ARG A 1 0.02 -0.92 -29.60
CA ARG A 1 0.84 -0.23 -28.56
C ARG A 1 -0.04 0.37 -27.48
N ASN A 2 0.39 0.26 -26.23
CA ASN A 2 -0.35 0.80 -25.10
C ASN A 2 0.54 0.97 -23.88
N ASP A 3 1.59 1.77 -24.04
CA ASP A 3 2.53 2.03 -22.95
C ASP A 3 1.81 2.36 -21.65
N ALA A 4 0.64 2.99 -21.77
CA ALA A 4 -0.14 3.37 -20.61
C ALA A 4 -0.54 2.13 -19.80
N GLU A 5 -0.92 1.07 -20.50
CA GLU A 5 -1.32 -0.17 -19.83
C GLU A 5 -0.12 -0.80 -19.11
N ARG A 6 0.96 -1.00 -19.84
CA ARG A 6 2.17 -1.58 -19.27
C ARG A 6 2.72 -0.69 -18.17
N LEU A 7 2.78 0.61 -18.46
CA LEU A 7 3.29 1.57 -17.50
C LEU A 7 2.55 1.46 -16.17
N ALA A 8 1.22 1.43 -16.23
CA ALA A 8 0.39 1.31 -15.04
C ALA A 8 0.84 0.12 -14.20
N ASP A 9 1.15 -0.99 -14.87
CA ASP A 9 1.59 -2.18 -14.18
C ASP A 9 2.99 -2.00 -13.62
N GLU A 10 3.77 -1.13 -14.26
CA GLU A 10 5.13 -0.86 -13.83
C GLU A 10 5.14 0.05 -12.59
N GLN A 11 4.41 1.15 -12.70
CA GLN A 11 4.31 2.10 -11.59
C GLN A 11 3.85 1.40 -10.32
N SER A 12 2.80 0.59 -10.45
CA SER A 12 2.25 -0.14 -9.31
C SER A 12 3.30 -1.09 -8.73
N GLU A 13 4.02 -1.77 -9.63
CA GLU A 13 5.05 -2.70 -9.21
C GLU A 13 6.03 -2.02 -8.25
N LEU A 14 6.29 -0.75 -8.50
CA LEU A 14 7.20 0.03 -7.65
C LEU A 14 6.58 0.24 -6.27
N VAL A 15 5.28 0.53 -6.25
CA VAL A 15 4.58 0.74 -5.00
C VAL A 15 4.50 -0.56 -4.20
N LYS A 16 4.23 -1.65 -4.89
CA LYS A 16 4.13 -2.96 -4.25
C LYS A 16 5.47 -3.36 -3.64
N LYS A 17 6.54 -3.18 -4.40
CA LYS A 17 7.87 -3.52 -3.93
C LYS A 17 8.21 -2.73 -2.67
N MET A 18 7.73 -1.49 -2.61
CA MET A 18 7.98 -0.63 -1.47
C MET A 18 7.25 -1.16 -0.24
N VAL A 19 6.03 -1.66 -0.44
CA VAL A 19 5.23 -2.20 0.65
C VAL A 19 5.80 -3.53 1.13
N PHE A 20 6.20 -4.39 0.19
CA PHE A 20 6.76 -5.68 0.53
C PHE A 20 7.88 -5.52 1.54
N ASP A 21 8.95 -4.83 1.15
CA ASP A 21 10.09 -4.61 2.03
C ASP A 21 9.63 -4.06 3.37
N THR A 22 8.70 -3.10 3.32
CA THR A 22 8.17 -2.49 4.54
C THR A 22 7.38 -3.51 5.34
N LEU A 23 6.21 -3.88 4.83
CA LEU A 23 5.34 -4.86 5.49
C LEU A 23 6.13 -6.08 5.91
N LYS A 24 7.10 -6.47 5.07
CA LYS A 24 7.93 -7.64 5.37
C LYS A 24 8.62 -7.46 6.72
N ASP A 25 9.52 -6.48 6.79
CA ASP A 25 10.24 -6.20 8.02
C ASP A 25 9.29 -5.73 9.12
N LEU A 26 8.19 -5.09 8.71
CA LEU A 26 7.21 -4.60 9.66
C LEU A 26 6.52 -5.75 10.39
N TYR A 27 5.91 -6.64 9.61
CA TYR A 27 5.21 -7.79 10.19
C TYR A 27 6.19 -8.68 10.94
N LYS A 28 7.46 -8.63 10.56
CA LYS A 28 8.49 -9.42 11.21
C LYS A 28 8.78 -8.90 12.61
N LYS A 29 8.59 -7.60 12.80
CA LYS A 29 8.82 -6.97 14.09
C LYS A 29 7.75 -7.37 15.10
N THR A 30 6.52 -7.52 14.62
CA THR A 30 5.40 -7.90 15.48
C THR A 30 5.68 -9.22 16.17
N THR A 31 5.52 -10.31 15.44
CA THR A 31 5.76 -11.64 16.00
C THR A 31 7.18 -11.75 16.53
N ARG B 1 7.91 -19.25 12.69
CA ARG B 1 6.82 -18.77 11.82
C ARG B 1 7.34 -17.88 10.70
N ASN B 2 6.63 -17.86 9.58
CA ASN B 2 7.03 -17.04 8.43
C ASN B 2 5.81 -16.40 7.78
N ASP B 3 4.74 -16.24 8.56
CA ASP B 3 3.52 -15.63 8.06
C ASP B 3 3.75 -14.16 7.68
N ALA B 4 4.72 -13.54 8.36
CA ALA B 4 5.04 -12.15 8.10
C ALA B 4 5.38 -11.93 6.62
N GLU B 5 6.12 -12.88 6.05
CA GLU B 5 6.51 -12.79 4.64
C GLU B 5 5.29 -12.95 3.73
N ARG B 6 4.43 -13.89 4.07
CA ARG B 6 3.23 -14.14 3.28
C ARG B 6 2.32 -12.92 3.29
N LEU B 7 2.30 -12.21 4.41
CA LEU B 7 1.47 -11.02 4.55
C LEU B 7 2.02 -9.88 3.70
N ALA B 8 3.31 -9.60 3.87
CA ALA B 8 3.96 -8.54 3.12
C ALA B 8 3.69 -8.67 1.62
N ASP B 9 3.54 -9.90 1.16
CA ASP B 9 3.28 -10.16 -0.25
C ASP B 9 1.80 -9.98 -0.57
N GLU B 10 0.94 -10.62 0.20
CA GLU B 10 -0.50 -10.53 -0.01
C GLU B 10 -0.97 -9.08 0.11
N GLN B 11 -0.43 -8.37 1.10
CA GLN B 11 -0.79 -6.97 1.31
C GLN B 11 -0.18 -6.07 0.24
N SER B 12 1.07 -6.33 -0.11
CA SER B 12 1.76 -5.54 -1.12
C SER B 12 1.11 -5.72 -2.49
N GLU B 13 1.03 -6.97 -2.93
CA GLU B 13 0.43 -7.29 -4.22
C GLU B 13 -0.93 -6.61 -4.36
N LEU B 14 -1.67 -6.54 -3.26
CA LEU B 14 -2.99 -5.93 -3.25
C LEU B 14 -2.89 -4.45 -3.65
N VAL B 15 -1.90 -3.76 -3.09
CA VAL B 15 -1.70 -2.35 -3.40
C VAL B 15 -1.52 -2.14 -4.90
N LYS B 16 -0.92 -3.13 -5.56
CA LYS B 16 -0.70 -3.07 -6.99
C LYS B 16 -2.02 -2.97 -7.75
N LYS B 17 -2.92 -3.91 -7.49
CA LYS B 17 -4.22 -3.92 -8.15
C LYS B 17 -4.97 -2.63 -7.87
N MET B 18 -4.77 -2.08 -6.68
CA MET B 18 -5.42 -0.84 -6.29
C MET B 18 -4.84 0.35 -7.06
N VAL B 19 -3.52 0.45 -7.06
CA VAL B 19 -2.84 1.53 -7.76
C VAL B 19 -2.87 1.30 -9.27
N PHE B 20 -3.04 0.04 -9.68
CA PHE B 20 -3.09 -0.29 -11.10
C PHE B 20 -4.31 0.34 -11.76
N ASP B 21 -5.44 0.32 -11.06
CA ASP B 21 -6.67 0.90 -11.58
C ASP B 21 -6.57 2.43 -11.61
N THR B 22 -6.02 2.99 -10.54
CA THR B 22 -5.87 4.45 -10.44
C THR B 22 -5.10 4.99 -11.64
N LEU B 23 -3.91 4.46 -11.86
CA LEU B 23 -3.06 4.89 -12.97
C LEU B 23 -3.83 4.78 -14.29
N LYS B 24 -4.58 3.69 -14.44
CA LYS B 24 -5.35 3.46 -15.66
C LYS B 24 -6.20 4.68 -15.99
N ASP B 25 -6.78 5.29 -14.97
CA ASP B 25 -7.61 6.47 -15.15
C ASP B 25 -6.75 7.71 -15.28
N LEU B 26 -5.55 7.66 -14.72
CA LEU B 26 -4.62 8.79 -14.77
C LEU B 26 -4.12 9.00 -16.19
N TYR B 27 -3.91 7.91 -16.92
CA TYR B 27 -3.43 7.97 -18.29
C TYR B 27 -4.57 8.27 -19.26
N LYS B 28 -5.55 7.37 -19.31
CA LYS B 28 -6.70 7.53 -20.19
C LYS B 28 -7.31 8.92 -20.06
N LYS B 29 -7.18 9.50 -18.86
CA LYS B 29 -7.72 10.83 -18.61
C LYS B 29 -7.30 11.82 -19.70
N THR B 30 -6.02 12.18 -19.69
CA THR B 30 -5.50 13.12 -20.67
C THR B 30 -5.23 12.42 -22.01
N THR B 31 -6.30 11.94 -22.63
CA THR B 31 -6.18 11.26 -23.91
C THR B 31 -6.16 12.25 -25.07
N ARG C 1 -6.86 -2.08 28.73
CA ARG C 1 -5.61 -1.89 27.96
C ARG C 1 -5.55 -2.84 26.77
N ASN C 2 -5.08 -2.34 25.64
CA ASN C 2 -4.96 -3.14 24.43
C ASN C 2 -3.98 -2.51 23.45
N ASP C 3 -2.73 -2.36 23.89
CA ASP C 3 -1.69 -1.77 23.06
C ASP C 3 -1.68 -2.41 21.67
N ALA C 4 -2.05 -3.67 21.59
CA ALA C 4 -2.07 -4.38 20.32
C ALA C 4 -3.04 -3.72 19.33
N GLU C 5 -4.19 -3.30 19.84
CA GLU C 5 -5.20 -2.64 19.02
C GLU C 5 -4.68 -1.29 18.51
N ARG C 6 -4.23 -0.46 19.44
CA ARG C 6 -3.71 0.85 19.10
C ARG C 6 -2.48 0.72 18.22
N LEU C 7 -1.58 -0.18 18.62
CA LEU C 7 -0.35 -0.42 17.87
C LEU C 7 -0.66 -0.74 16.41
N ALA C 8 -1.59 -1.65 16.19
CA ALA C 8 -1.98 -2.04 14.84
C ALA C 8 -2.34 -0.81 14.01
N ASP C 9 -3.05 0.13 14.64
CA ASP C 9 -3.45 1.36 13.96
C ASP C 9 -2.25 2.26 13.73
N GLU C 10 -1.25 2.13 14.59
CA GLU C 10 -0.04 2.94 14.49
C GLU C 10 0.85 2.42 13.37
N GLN C 11 1.13 1.12 13.40
CA GLN C 11 1.96 0.49 12.39
C GLN C 11 1.41 0.76 10.99
N SER C 12 0.10 0.59 10.82
CA SER C 12 -0.54 0.83 9.54
C SER C 12 -0.39 2.29 9.13
N GLU C 13 -0.56 3.20 10.08
CA GLU C 13 -0.42 4.62 9.82
C GLU C 13 0.91 4.91 9.16
N LEU C 14 1.94 4.18 9.56
CA LEU C 14 3.27 4.34 9.00
C LEU C 14 3.30 3.90 7.53
N VAL C 15 2.63 2.78 7.26
CA VAL C 15 2.57 2.25 5.91
C VAL C 15 1.76 3.17 5.01
N LYS C 16 0.66 3.69 5.53
CA LYS C 16 -0.19 4.60 4.78
C LYS C 16 0.56 5.89 4.43
N LYS C 17 1.25 6.44 5.42
CA LYS C 17 2.02 7.66 5.22
C LYS C 17 3.07 7.47 4.13
N MET C 18 3.63 6.26 4.08
CA MET C 18 4.64 5.93 3.08
C MET C 18 4.03 5.91 1.69
N VAL C 19 2.82 5.39 1.58
CA VAL C 19 2.12 5.31 0.31
C VAL C 19 1.67 6.69 -0.15
N PHE C 20 1.14 7.48 0.78
CA PHE C 20 0.68 8.82 0.46
C PHE C 20 1.77 9.60 -0.28
N ASP C 21 2.89 9.82 0.39
CA ASP C 21 4.00 10.55 -0.20
C ASP C 21 4.37 9.96 -1.56
N THR C 22 4.40 8.64 -1.63
CA THR C 22 4.72 7.95 -2.88
C THR C 22 3.63 8.18 -3.92
N LEU C 23 2.48 7.56 -3.70
CA LEU C 23 1.35 7.71 -4.61
C LEU C 23 1.10 9.17 -4.95
N LYS C 24 1.31 10.04 -3.98
CA LYS C 24 1.12 11.47 -4.18
C LYS C 24 1.98 11.96 -5.32
N ASP C 25 3.29 11.91 -5.12
CA ASP C 25 4.24 12.33 -6.14
C ASP C 25 4.17 11.43 -7.37
N LEU C 26 3.79 10.18 -7.16
CA LEU C 26 3.67 9.22 -8.25
C LEU C 26 2.54 9.62 -9.20
N TYR C 27 1.33 9.74 -8.65
CA TYR C 27 0.17 10.12 -9.45
C TYR C 27 0.36 11.51 -10.06
N LYS C 28 1.19 12.32 -9.41
CA LYS C 28 1.46 13.68 -9.88
C LYS C 28 2.31 13.63 -11.15
N LYS C 29 3.15 12.60 -11.26
CA LYS C 29 4.02 12.44 -12.42
C LYS C 29 3.21 12.07 -13.66
N THR C 30 2.18 11.25 -13.46
CA THR C 30 1.34 10.81 -14.56
C THR C 30 0.74 12.01 -15.30
N THR C 31 -0.29 12.61 -14.72
CA THR C 31 -0.94 13.75 -15.31
C THR C 31 0.04 14.89 -15.55
N ARG D 1 -5.66 20.25 -12.42
CA ARG D 1 -6.25 19.06 -11.76
C ARG D 1 -5.49 18.71 -10.48
N ASN D 2 -6.19 18.10 -9.53
CA ASN D 2 -5.59 17.70 -8.27
C ASN D 2 -6.08 16.32 -7.84
N ASP D 3 -6.52 15.53 -8.81
CA ASP D 3 -7.02 14.19 -8.52
C ASP D 3 -5.91 13.30 -7.98
N ALA D 4 -4.67 13.61 -8.38
CA ALA D 4 -3.52 12.84 -7.93
C ALA D 4 -3.44 12.80 -6.40
N GLU D 5 -3.75 13.93 -5.77
CA GLU D 5 -3.71 14.02 -4.32
C GLU D 5 -4.84 13.19 -3.70
N ARG D 6 -6.02 13.27 -4.29
CA ARG D 6 -7.17 12.52 -3.80
C ARG D 6 -6.92 11.02 -3.89
N LEU D 7 -6.19 10.61 -4.92
CA LEU D 7 -5.87 9.20 -5.12
C LEU D 7 -4.87 8.71 -4.09
N ALA D 8 -3.77 9.45 -3.95
CA ALA D 8 -2.73 9.10 -3.00
C ALA D 8 -3.32 8.87 -1.61
N ASP D 9 -4.39 9.59 -1.30
CA ASP D 9 -5.05 9.45 0.00
C ASP D 9 -5.98 8.24 0.02
N GLU D 10 -6.86 8.16 -0.97
CA GLU D 10 -7.81 7.05 -1.07
C GLU D 10 -7.07 5.72 -1.15
N GLN D 11 -5.99 5.69 -1.93
CA GLN D 11 -5.20 4.47 -2.09
C GLN D 11 -4.37 4.18 -0.85
N SER D 12 -3.78 5.22 -0.26
CA SER D 12 -2.98 5.06 0.94
C SER D 12 -3.82 4.61 2.11
N GLU D 13 -4.87 5.37 2.41
CA GLU D 13 -5.76 5.05 3.52
C GLU D 13 -6.23 3.60 3.43
N LEU D 14 -6.45 3.14 2.20
CA LEU D 14 -6.90 1.77 1.98
C LEU D 14 -5.87 0.78 2.52
N VAL D 15 -4.60 1.05 2.25
CA VAL D 15 -3.53 0.18 2.71
C VAL D 15 -3.57 0.03 4.22
N LYS D 16 -4.02 1.07 4.91
CA LYS D 16 -4.11 1.06 6.36
C LYS D 16 -5.09 -0.01 6.83
N LYS D 17 -6.30 0.03 6.30
CA LYS D 17 -7.33 -0.94 6.66
C LYS D 17 -6.86 -2.36 6.35
N MET D 18 -6.08 -2.49 5.28
CA MET D 18 -5.56 -3.78 4.87
C MET D 18 -4.49 -4.27 5.85
N VAL D 19 -3.53 -3.40 6.15
CA VAL D 19 -2.45 -3.73 7.06
C VAL D 19 -2.95 -3.74 8.50
N PHE D 20 -4.04 -3.02 8.75
CA PHE D 20 -4.62 -2.95 10.09
C PHE D 20 -5.12 -4.32 10.53
N ASP D 21 -5.76 -5.04 9.62
CA ASP D 21 -6.29 -6.36 9.91
C ASP D 21 -5.14 -7.36 10.09
N THR D 22 -4.15 -7.28 9.21
CA THR D 22 -3.00 -8.17 9.28
C THR D 22 -2.35 -8.12 10.67
N LEU D 23 -1.96 -6.92 11.08
CA LEU D 23 -1.32 -6.73 12.38
C LEU D 23 -2.20 -7.30 13.49
N LYS D 24 -3.50 -7.08 13.39
CA LYS D 24 -4.44 -7.59 14.39
C LYS D 24 -4.21 -9.07 14.64
N ASP D 25 -3.95 -9.82 13.57
CA ASP D 25 -3.71 -11.25 13.67
C ASP D 25 -2.27 -11.52 14.09
N LEU D 26 -1.38 -10.59 13.80
CA LEU D 26 0.03 -10.71 14.15
C LEU D 26 0.22 -10.64 15.66
N TYR D 27 -0.58 -9.79 16.31
CA TYR D 27 -0.49 -9.62 17.75
C TYR D 27 -1.25 -10.72 18.48
N LYS D 28 -2.56 -10.79 18.25
CA LYS D 28 -3.40 -11.79 18.88
C LYS D 28 -2.80 -13.18 18.74
N LYS D 29 -2.05 -13.39 17.66
CA LYS D 29 -1.42 -14.69 17.41
C LYS D 29 -0.67 -15.17 18.64
N THR D 30 0.46 -14.54 18.94
CA THR D 30 1.27 -14.90 20.09
C THR D 30 0.67 -14.35 21.38
N THR D 31 -0.53 -14.82 21.73
CA THR D 31 -1.19 -14.37 22.93
C THR D 31 -0.72 -15.16 24.15
N ARG A 1 0.12 -0.55 -29.71
CA ARG A 1 0.65 -0.86 -28.35
C ARG A 1 -0.09 -0.07 -27.28
N ASN A 2 -0.20 -0.66 -26.09
CA ASN A 2 -0.87 -0.01 -24.97
C ASN A 2 0.11 0.26 -23.84
N ASP A 3 0.81 1.38 -23.93
CA ASP A 3 1.78 1.77 -22.91
C ASP A 3 1.08 2.14 -21.60
N ALA A 4 -0.04 2.86 -21.72
CA ALA A 4 -0.80 3.28 -20.55
C ALA A 4 -1.13 2.08 -19.67
N GLU A 5 -1.31 0.92 -20.29
CA GLU A 5 -1.63 -0.30 -19.57
C GLU A 5 -0.38 -0.89 -18.92
N ARG A 6 0.66 -1.04 -19.72
CA ARG A 6 1.93 -1.58 -19.23
C ARG A 6 2.49 -0.69 -18.12
N LEU A 7 2.45 0.61 -18.35
CA LEU A 7 2.95 1.57 -17.37
C LEU A 7 2.26 1.39 -16.03
N ALA A 8 0.94 1.39 -16.04
CA ALA A 8 0.16 1.22 -14.83
C ALA A 8 0.64 0.00 -14.03
N ASP A 9 1.06 -1.03 -14.75
CA ASP A 9 1.55 -2.24 -14.12
C ASP A 9 2.96 -2.04 -13.58
N GLU A 10 3.71 -1.15 -14.22
CA GLU A 10 5.07 -0.86 -13.80
C GLU A 10 5.08 -0.02 -12.54
N GLN A 11 4.48 1.15 -12.62
CA GLN A 11 4.40 2.06 -11.48
C GLN A 11 3.88 1.33 -10.25
N SER A 12 2.81 0.56 -10.43
CA SER A 12 2.22 -0.18 -9.32
C SER A 12 3.23 -1.17 -8.73
N GLU A 13 3.96 -1.86 -9.60
CA GLU A 13 4.95 -2.83 -9.17
C GLU A 13 5.98 -2.18 -8.25
N LEU A 14 6.32 -0.92 -8.56
CA LEU A 14 7.29 -0.18 -7.77
C LEU A 14 6.75 0.07 -6.37
N VAL A 15 5.44 0.31 -6.28
CA VAL A 15 4.79 0.56 -5.00
C VAL A 15 4.73 -0.72 -4.17
N LYS A 16 4.40 -1.83 -4.82
CA LYS A 16 4.29 -3.11 -4.13
C LYS A 16 5.66 -3.54 -3.59
N LYS A 17 6.72 -3.10 -4.26
CA LYS A 17 8.07 -3.43 -3.84
C LYS A 17 8.45 -2.64 -2.60
N MET A 18 8.09 -1.35 -2.60
CA MET A 18 8.38 -0.48 -1.47
C MET A 18 7.61 -0.95 -0.24
N VAL A 19 6.32 -1.24 -0.43
CA VAL A 19 5.48 -1.71 0.66
C VAL A 19 5.93 -3.09 1.12
N PHE A 20 6.24 -3.95 0.17
CA PHE A 20 6.68 -5.30 0.47
C PHE A 20 7.76 -5.28 1.54
N ASP A 21 8.91 -4.69 1.22
CA ASP A 21 10.02 -4.60 2.17
C ASP A 21 9.54 -4.03 3.50
N THR A 22 8.70 -3.00 3.43
CA THR A 22 8.16 -2.38 4.63
C THR A 22 7.35 -3.40 5.43
N LEU A 23 6.24 -3.85 4.86
CA LEU A 23 5.38 -4.82 5.51
C LEU A 23 6.19 -6.06 5.90
N LYS A 24 7.18 -6.39 5.08
CA LYS A 24 8.03 -7.54 5.34
C LYS A 24 8.70 -7.41 6.70
N ASP A 25 9.49 -6.37 6.85
CA ASP A 25 10.19 -6.12 8.10
C ASP A 25 9.21 -5.69 9.20
N LEU A 26 8.16 -5.00 8.78
CA LEU A 26 7.14 -4.52 9.71
C LEU A 26 6.40 -5.71 10.35
N TYR A 27 6.01 -6.66 9.52
CA TYR A 27 5.31 -7.84 10.01
C TYR A 27 6.26 -8.76 10.77
N LYS A 28 7.55 -8.65 10.46
CA LYS A 28 8.56 -9.47 11.12
C LYS A 28 8.82 -8.95 12.54
N LYS A 29 8.61 -7.66 12.74
CA LYS A 29 8.81 -7.05 14.04
C LYS A 29 7.78 -7.54 15.05
N THR A 30 6.56 -7.77 14.56
CA THR A 30 5.48 -8.24 15.42
C THR A 30 5.77 -9.64 15.93
N THR A 31 6.30 -10.49 15.05
CA THR A 31 6.62 -11.86 15.41
C THR A 31 7.69 -11.90 16.50
N ARG B 1 8.32 -18.57 12.85
CA ARG B 1 7.29 -18.44 11.79
C ARG B 1 7.70 -17.40 10.75
N ASN B 2 7.51 -17.73 9.48
CA ASN B 2 7.87 -16.83 8.39
C ASN B 2 6.62 -16.33 7.67
N ASP B 3 5.48 -16.37 8.35
CA ASP B 3 4.22 -15.91 7.77
C ASP B 3 4.29 -14.43 7.44
N ALA B 4 5.15 -13.70 8.15
CA ALA B 4 5.31 -12.27 7.94
C ALA B 4 5.63 -11.97 6.48
N GLU B 5 6.47 -12.81 5.88
CA GLU B 5 6.87 -12.63 4.49
C GLU B 5 5.68 -12.90 3.56
N ARG B 6 4.94 -13.97 3.85
CA ARG B 6 3.78 -14.33 3.05
C ARG B 6 2.74 -13.22 3.06
N LEU B 7 2.59 -12.57 4.22
CA LEU B 7 1.64 -11.48 4.36
C LEU B 7 2.02 -10.31 3.48
N ALA B 8 3.20 -9.74 3.73
CA ALA B 8 3.70 -8.61 2.95
C ALA B 8 3.49 -8.84 1.47
N ASP B 9 3.51 -10.10 1.06
CA ASP B 9 3.32 -10.46 -0.34
C ASP B 9 1.86 -10.28 -0.74
N GLU B 10 0.96 -10.64 0.17
CA GLU B 10 -0.47 -10.51 -0.08
C GLU B 10 -0.89 -9.05 -0.10
N GLN B 11 -0.25 -8.26 0.76
CA GLN B 11 -0.55 -6.83 0.85
C GLN B 11 -0.07 -6.11 -0.40
N SER B 12 1.09 -6.52 -0.91
CA SER B 12 1.66 -5.91 -2.10
C SER B 12 0.72 -6.10 -3.30
N GLU B 13 0.49 -7.36 -3.67
CA GLU B 13 -0.39 -7.69 -4.78
C GLU B 13 -1.71 -6.94 -4.67
N LEU B 14 -2.17 -6.77 -3.44
CA LEU B 14 -3.43 -6.08 -3.17
C LEU B 14 -3.30 -4.59 -3.51
N VAL B 15 -2.23 -3.98 -3.02
CA VAL B 15 -1.98 -2.56 -3.26
C VAL B 15 -1.75 -2.30 -4.74
N LYS B 16 -1.15 -3.27 -5.42
CA LYS B 16 -0.87 -3.15 -6.84
C LYS B 16 -2.14 -2.93 -7.64
N LYS B 17 -3.07 -3.89 -7.54
CA LYS B 17 -4.33 -3.79 -8.25
C LYS B 17 -5.04 -2.48 -7.92
N MET B 18 -4.81 -1.99 -6.71
CA MET B 18 -5.42 -0.73 -6.28
C MET B 18 -4.83 0.45 -7.04
N VAL B 19 -3.51 0.54 -7.05
CA VAL B 19 -2.82 1.62 -7.74
C VAL B 19 -2.83 1.38 -9.26
N PHE B 20 -2.99 0.13 -9.66
CA PHE B 20 -3.02 -0.23 -11.08
C PHE B 20 -4.22 0.43 -11.76
N ASP B 21 -5.37 0.36 -11.11
CA ASP B 21 -6.58 0.96 -11.65
C ASP B 21 -6.48 2.48 -11.67
N THR B 22 -6.03 3.05 -10.55
CA THR B 22 -5.88 4.50 -10.44
C THR B 22 -5.02 5.04 -11.58
N LEU B 23 -3.89 4.38 -11.82
CA LEU B 23 -2.98 4.80 -12.89
C LEU B 23 -3.66 4.69 -14.25
N LYS B 24 -4.47 3.64 -14.41
CA LYS B 24 -5.17 3.42 -15.66
C LYS B 24 -5.92 4.67 -16.09
N ASP B 25 -6.56 5.33 -15.13
CA ASP B 25 -7.31 6.55 -15.40
C ASP B 25 -6.36 7.74 -15.53
N LEU B 26 -5.22 7.66 -14.83
CA LEU B 26 -4.22 8.72 -14.87
C LEU B 26 -3.61 8.84 -16.26
N TYR B 27 -3.25 7.71 -16.84
CA TYR B 27 -2.65 7.70 -18.17
C TYR B 27 -3.71 7.84 -19.25
N LYS B 28 -4.94 7.44 -18.91
CA LYS B 28 -6.06 7.53 -19.85
C LYS B 28 -6.13 8.92 -20.48
N LYS B 29 -6.13 9.94 -19.62
CA LYS B 29 -6.20 11.33 -20.07
C LYS B 29 -4.93 11.71 -20.84
N THR B 30 -3.79 11.67 -20.15
CA THR B 30 -2.52 12.00 -20.76
C THR B 30 -1.94 10.81 -21.51
N THR B 31 -2.60 10.43 -22.60
CA THR B 31 -2.15 9.29 -23.41
C THR B 31 -0.66 9.41 -23.73
N ARG C 1 -6.63 -2.45 28.81
CA ARG C 1 -6.21 -1.73 27.58
C ARG C 1 -5.89 -2.69 26.45
N ASN C 2 -6.12 -2.25 25.22
CA ASN C 2 -5.86 -3.07 24.04
C ASN C 2 -4.77 -2.45 23.18
N ASP C 3 -3.53 -2.73 23.52
CA ASP C 3 -2.39 -2.20 22.77
C ASP C 3 -2.29 -2.83 21.40
N ALA C 4 -2.54 -4.13 21.33
CA ALA C 4 -2.49 -4.85 20.06
C ALA C 4 -3.37 -4.19 19.02
N GLU C 5 -4.46 -3.58 19.48
CA GLU C 5 -5.40 -2.90 18.59
C GLU C 5 -4.85 -1.54 18.19
N ARG C 6 -4.45 -0.76 19.18
CA ARG C 6 -3.91 0.57 18.93
C ARG C 6 -2.66 0.48 18.06
N LEU C 7 -1.79 -0.47 18.39
CA LEU C 7 -0.56 -0.67 17.64
C LEU C 7 -0.85 -0.91 16.17
N ALA C 8 -1.72 -1.87 15.89
CA ALA C 8 -2.09 -2.19 14.52
C ALA C 8 -2.49 -0.95 13.75
N ASP C 9 -3.11 0.00 14.44
CA ASP C 9 -3.53 1.25 13.83
C ASP C 9 -2.34 2.18 13.62
N GLU C 10 -1.35 2.04 14.50
CA GLU C 10 -0.14 2.87 14.41
C GLU C 10 0.74 2.42 13.26
N GLN C 11 1.17 1.17 13.32
CA GLN C 11 2.03 0.60 12.28
C GLN C 11 1.43 0.85 10.89
N SER C 12 0.13 0.60 10.77
CA SER C 12 -0.56 0.79 9.50
C SER C 12 -0.49 2.25 9.05
N GLU C 13 -0.70 3.16 10.00
CA GLU C 13 -0.64 4.59 9.70
C GLU C 13 0.71 4.96 9.10
N LEU C 14 1.77 4.32 9.59
CA LEU C 14 3.11 4.59 9.10
C LEU C 14 3.24 4.16 7.64
N VAL C 15 2.57 3.07 7.29
CA VAL C 15 2.59 2.55 5.93
C VAL C 15 1.82 3.46 4.99
N LYS C 16 0.66 3.92 5.45
CA LYS C 16 -0.19 4.80 4.64
C LYS C 16 0.52 6.13 4.37
N LYS C 17 1.39 6.53 5.29
CA LYS C 17 2.14 7.77 5.15
C LYS C 17 3.23 7.61 4.09
N MET C 18 3.92 6.47 4.14
CA MET C 18 4.98 6.19 3.19
C MET C 18 4.40 6.08 1.79
N VAL C 19 3.30 5.33 1.67
CA VAL C 19 2.64 5.15 0.38
C VAL C 19 2.04 6.47 -0.11
N PHE C 20 1.42 7.19 0.81
CA PHE C 20 0.80 8.47 0.49
C PHE C 20 1.77 9.34 -0.32
N ASP C 21 2.88 9.72 0.31
CA ASP C 21 3.87 10.55 -0.36
C ASP C 21 4.25 9.94 -1.71
N THR C 22 4.43 8.62 -1.73
CA THR C 22 4.78 7.92 -2.96
C THR C 22 3.69 8.13 -4.00
N LEU C 23 2.52 7.56 -3.74
CA LEU C 23 1.38 7.69 -4.65
C LEU C 23 1.10 9.16 -4.96
N LYS C 24 1.34 10.02 -3.98
CA LYS C 24 1.13 11.45 -4.14
C LYS C 24 1.96 11.98 -5.31
N ASP C 25 3.28 11.85 -5.20
CA ASP C 25 4.18 12.30 -6.24
C ASP C 25 4.08 11.40 -7.47
N LEU C 26 3.79 10.12 -7.24
CA LEU C 26 3.67 9.16 -8.32
C LEU C 26 2.47 9.49 -9.20
N TYR C 27 1.34 9.80 -8.58
CA TYR C 27 0.13 10.15 -9.30
C TYR C 27 0.26 11.53 -9.93
N LYS C 28 1.11 12.36 -9.33
CA LYS C 28 1.34 13.72 -9.83
C LYS C 28 2.19 13.68 -11.10
N LYS C 29 3.02 12.66 -11.22
CA LYS C 29 3.89 12.51 -12.39
C LYS C 29 3.07 12.21 -13.64
N THR C 30 2.00 11.43 -13.46
CA THR C 30 1.13 11.07 -14.57
C THR C 30 0.42 12.29 -15.13
N THR C 31 -0.03 13.17 -14.24
CA THR C 31 -0.73 14.38 -14.64
C THR C 31 0.18 15.28 -15.47
N ARG D 1 -4.70 20.02 -12.49
CA ARG D 1 -5.52 19.12 -11.64
C ARG D 1 -4.72 18.58 -10.46
N ASN D 2 -5.35 18.58 -9.28
CA ASN D 2 -4.68 18.11 -8.08
C ASN D 2 -5.33 16.82 -7.57
N ASP D 3 -6.01 16.11 -8.48
CA ASP D 3 -6.67 14.86 -8.12
C ASP D 3 -5.65 13.82 -7.66
N ALA D 4 -4.41 13.96 -8.12
CA ALA D 4 -3.35 13.04 -7.77
C ALA D 4 -3.21 12.93 -6.25
N GLU D 5 -3.33 14.06 -5.57
CA GLU D 5 -3.23 14.09 -4.11
C GLU D 5 -4.42 13.39 -3.47
N ARG D 6 -5.61 13.64 -3.99
CA ARG D 6 -6.82 13.02 -3.47
C ARG D 6 -6.76 11.51 -3.60
N LEU D 7 -6.17 11.04 -4.70
CA LEU D 7 -6.03 9.61 -4.95
C LEU D 7 -5.13 8.97 -3.90
N ALA D 8 -3.88 9.42 -3.86
CA ALA D 8 -2.91 8.90 -2.91
C ALA D 8 -3.50 8.79 -1.52
N ASP D 9 -4.46 9.67 -1.22
CA ASP D 9 -5.13 9.67 0.07
C ASP D 9 -6.08 8.49 0.18
N GLU D 10 -6.77 8.20 -0.92
CA GLU D 10 -7.72 7.08 -0.94
C GLU D 10 -6.97 5.75 -0.89
N GLN D 11 -5.81 5.70 -1.54
CA GLN D 11 -5.00 4.50 -1.56
C GLN D 11 -4.41 4.21 -0.19
N SER D 12 -4.02 5.27 0.51
CA SER D 12 -3.44 5.13 1.85
C SER D 12 -4.46 4.52 2.80
N GLU D 13 -5.57 5.22 3.01
CA GLU D 13 -6.62 4.74 3.90
C GLU D 13 -6.99 3.30 3.58
N LEU D 14 -6.94 2.96 2.29
CA LEU D 14 -7.26 1.61 1.85
C LEU D 14 -6.20 0.62 2.33
N VAL D 15 -4.93 0.97 2.10
CA VAL D 15 -3.83 0.12 2.51
C VAL D 15 -3.78 -0.02 4.03
N LYS D 16 -4.19 1.03 4.73
CA LYS D 16 -4.20 1.02 6.19
C LYS D 16 -5.09 -0.10 6.72
N LYS D 17 -6.37 -0.05 6.37
CA LYS D 17 -7.32 -1.07 6.81
C LYS D 17 -6.82 -2.46 6.46
N MET D 18 -6.07 -2.56 5.37
CA MET D 18 -5.52 -3.83 4.91
C MET D 18 -4.45 -4.33 5.89
N VAL D 19 -3.49 -3.47 6.17
CA VAL D 19 -2.40 -3.81 7.09
C VAL D 19 -2.88 -3.78 8.54
N PHE D 20 -3.95 -3.02 8.78
CA PHE D 20 -4.49 -2.92 10.13
C PHE D 20 -5.00 -4.27 10.61
N ASP D 21 -5.70 -4.99 9.74
CA ASP D 21 -6.23 -6.30 10.07
C ASP D 21 -5.10 -7.30 10.25
N THR D 22 -4.17 -7.31 9.29
CA THR D 22 -3.02 -8.21 9.34
C THR D 22 -2.29 -8.10 10.67
N LEU D 23 -2.02 -6.86 11.08
CA LEU D 23 -1.33 -6.61 12.33
C LEU D 23 -2.15 -7.11 13.51
N LYS D 24 -3.46 -6.95 13.42
CA LYS D 24 -4.36 -7.38 14.48
C LYS D 24 -4.08 -8.84 14.86
N ASP D 25 -3.86 -9.66 13.84
CA ASP D 25 -3.58 -11.08 14.06
C ASP D 25 -2.12 -11.27 14.47
N LEU D 26 -1.26 -10.36 14.02
CA LEU D 26 0.15 -10.42 14.35
C LEU D 26 0.38 -10.20 15.84
N TYR D 27 -0.27 -9.19 16.38
CA TYR D 27 -0.14 -8.87 17.80
C TYR D 27 -0.99 -9.81 18.65
N LYS D 28 -2.04 -10.35 18.04
CA LYS D 28 -2.93 -11.27 18.75
C LYS D 28 -2.14 -12.36 19.45
N LYS D 29 -1.25 -13.02 18.69
CA LYS D 29 -0.42 -14.09 19.25
C LYS D 29 0.55 -13.53 20.28
N THR D 30 1.45 -12.66 19.84
CA THR D 30 2.44 -12.05 20.71
C THR D 30 1.85 -10.87 21.46
N THR D 31 0.91 -11.15 22.36
CA THR D 31 0.26 -10.10 23.15
C THR D 31 1.30 -9.16 23.77
N ARG A 1 -2.62 -1.83 -29.00
CA ARG A 1 -1.45 -1.15 -28.40
C ARG A 1 -1.88 -0.24 -27.24
N ASN A 2 -1.42 -0.58 -26.04
CA ASN A 2 -1.75 0.21 -24.85
C ASN A 2 -0.53 0.36 -23.94
N ASP A 3 0.35 1.29 -24.30
CA ASP A 3 1.55 1.55 -23.51
C ASP A 3 1.20 1.97 -22.09
N ALA A 4 0.05 2.64 -21.95
CA ALA A 4 -0.40 3.09 -20.64
C ALA A 4 -0.65 1.90 -19.72
N GLU A 5 -1.19 0.83 -20.29
CA GLU A 5 -1.47 -0.38 -19.53
C GLU A 5 -0.18 -0.98 -18.97
N ARG A 6 0.75 -1.26 -19.86
CA ARG A 6 2.03 -1.83 -19.47
C ARG A 6 2.81 -0.83 -18.62
N LEU A 7 2.88 0.41 -19.11
CA LEU A 7 3.59 1.47 -18.40
C LEU A 7 3.08 1.59 -16.96
N ALA A 8 1.75 1.63 -16.82
CA ALA A 8 1.14 1.75 -15.51
C ALA A 8 1.60 0.62 -14.59
N ASP A 9 1.83 -0.55 -15.17
CA ASP A 9 2.27 -1.71 -14.42
C ASP A 9 3.60 -1.43 -13.73
N GLU A 10 4.54 -0.83 -14.48
CA GLU A 10 5.85 -0.51 -13.95
C GLU A 10 5.73 0.31 -12.68
N GLN A 11 4.99 1.41 -12.76
CA GLN A 11 4.79 2.28 -11.61
C GLN A 11 4.28 1.50 -10.41
N SER A 12 3.29 0.64 -10.66
CA SER A 12 2.70 -0.17 -9.59
C SER A 12 3.76 -1.06 -8.94
N GLU A 13 4.67 -1.57 -9.75
CA GLU A 13 5.74 -2.43 -9.25
C GLU A 13 6.60 -1.69 -8.23
N LEU A 14 6.79 -0.39 -8.46
CA LEU A 14 7.59 0.43 -7.56
C LEU A 14 6.90 0.58 -6.21
N VAL A 15 5.58 0.75 -6.25
CA VAL A 15 4.79 0.92 -5.04
C VAL A 15 4.66 -0.40 -4.28
N LYS A 16 4.38 -1.48 -5.01
CA LYS A 16 4.24 -2.79 -4.39
C LYS A 16 5.53 -3.21 -3.70
N LYS A 17 6.64 -3.11 -4.42
CA LYS A 17 7.95 -3.48 -3.88
C LYS A 17 8.21 -2.68 -2.60
N MET A 18 7.70 -1.46 -2.55
CA MET A 18 7.88 -0.60 -1.40
C MET A 18 7.13 -1.16 -0.19
N VAL A 19 5.92 -1.63 -0.43
CA VAL A 19 5.09 -2.19 0.64
C VAL A 19 5.64 -3.55 1.10
N PHE A 20 6.02 -4.39 0.15
CA PHE A 20 6.56 -5.70 0.48
C PHE A 20 7.67 -5.58 1.49
N ASP A 21 8.75 -4.89 1.12
CA ASP A 21 9.88 -4.71 2.02
C ASP A 21 9.42 -4.16 3.36
N THR A 22 8.51 -3.18 3.31
CA THR A 22 7.99 -2.58 4.53
C THR A 22 7.23 -3.62 5.35
N LEU A 23 6.07 -4.02 4.85
CA LEU A 23 5.24 -5.01 5.53
C LEU A 23 6.06 -6.24 5.89
N LYS A 24 6.97 -6.61 5.01
CA LYS A 24 7.84 -7.77 5.23
C LYS A 24 8.53 -7.66 6.57
N ASP A 25 9.42 -6.69 6.69
CA ASP A 25 10.16 -6.46 7.92
C ASP A 25 9.24 -6.01 9.04
N LEU A 26 8.15 -5.34 8.68
CA LEU A 26 7.18 -4.86 9.65
C LEU A 26 6.48 -6.02 10.35
N TYR A 27 5.68 -6.77 9.58
CA TYR A 27 4.96 -7.91 10.14
C TYR A 27 5.89 -8.83 10.92
N LYS A 28 7.15 -8.89 10.50
CA LYS A 28 8.14 -9.72 11.17
C LYS A 28 8.42 -9.21 12.57
N LYS A 29 8.18 -7.92 12.78
CA LYS A 29 8.41 -7.30 14.08
C LYS A 29 7.47 -7.88 15.14
N THR A 30 6.20 -7.97 14.80
CA THR A 30 5.20 -8.51 15.72
C THR A 30 5.59 -9.90 16.19
N THR A 31 5.71 -10.82 15.26
CA THR A 31 6.08 -12.19 15.58
C THR A 31 7.44 -12.25 16.27
N ARG B 1 8.02 -18.07 13.17
CA ARG B 1 6.91 -17.97 12.17
C ARG B 1 7.28 -17.00 11.05
N ASN B 2 7.36 -17.53 9.83
CA ASN B 2 7.69 -16.70 8.67
C ASN B 2 6.43 -16.29 7.92
N ASP B 3 5.29 -16.33 8.59
CA ASP B 3 4.03 -15.96 7.98
C ASP B 3 4.04 -14.48 7.59
N ALA B 4 4.85 -13.70 8.28
CA ALA B 4 4.97 -12.27 8.00
C ALA B 4 5.29 -12.02 6.54
N GLU B 5 6.16 -12.85 5.98
CA GLU B 5 6.56 -12.73 4.58
C GLU B 5 5.37 -12.95 3.66
N ARG B 6 4.80 -14.16 3.70
CA ARG B 6 3.65 -14.49 2.87
C ARG B 6 2.56 -13.45 3.02
N LEU B 7 2.37 -12.97 4.24
CA LEU B 7 1.35 -11.96 4.52
C LEU B 7 1.62 -10.69 3.72
N ALA B 8 2.79 -10.10 3.96
CA ALA B 8 3.20 -8.88 3.26
C ALA B 8 2.95 -9.00 1.76
N ASP B 9 3.15 -10.21 1.23
CA ASP B 9 2.95 -10.46 -0.18
C ASP B 9 1.50 -10.17 -0.58
N GLU B 10 0.57 -10.75 0.15
CA GLU B 10 -0.86 -10.56 -0.12
C GLU B 10 -1.21 -9.07 -0.09
N GLN B 11 -0.55 -8.34 0.80
CA GLN B 11 -0.78 -6.91 0.93
C GLN B 11 -0.23 -6.16 -0.28
N SER B 12 1.04 -6.41 -0.61
CA SER B 12 1.68 -5.76 -1.74
C SER B 12 0.84 -5.95 -3.00
N GLU B 13 0.60 -7.21 -3.36
CA GLU B 13 -0.20 -7.52 -4.53
C GLU B 13 -1.53 -6.77 -4.51
N LEU B 14 -2.06 -6.57 -3.31
CA LEU B 14 -3.32 -5.85 -3.15
C LEU B 14 -3.15 -4.38 -3.52
N VAL B 15 -2.05 -3.79 -3.08
CA VAL B 15 -1.76 -2.40 -3.37
C VAL B 15 -1.54 -2.17 -4.85
N LYS B 16 -0.81 -3.09 -5.48
CA LYS B 16 -0.52 -3.01 -6.91
C LYS B 16 -1.81 -2.92 -7.72
N LYS B 17 -2.68 -3.90 -7.52
CA LYS B 17 -3.96 -3.94 -8.23
C LYS B 17 -4.75 -2.65 -7.98
N MET B 18 -4.62 -2.12 -6.77
CA MET B 18 -5.32 -0.89 -6.40
C MET B 18 -4.71 0.31 -7.12
N VAL B 19 -3.40 0.43 -7.05
CA VAL B 19 -2.70 1.54 -7.69
C VAL B 19 -2.64 1.35 -9.22
N PHE B 20 -2.81 0.11 -9.66
CA PHE B 20 -2.78 -0.21 -11.08
C PHE B 20 -4.02 0.37 -11.78
N ASP B 21 -5.18 0.18 -11.17
CA ASP B 21 -6.42 0.69 -11.73
C ASP B 21 -6.43 2.21 -11.76
N THR B 22 -5.92 2.82 -10.69
CA THR B 22 -5.86 4.27 -10.60
C THR B 22 -5.03 4.85 -11.73
N LEU B 23 -3.87 4.26 -11.98
CA LEU B 23 -2.99 4.72 -13.04
C LEU B 23 -3.69 4.65 -14.40
N LYS B 24 -4.38 3.54 -14.64
CA LYS B 24 -5.10 3.36 -15.89
C LYS B 24 -5.99 4.57 -16.18
N ASP B 25 -6.67 5.04 -15.14
CA ASP B 25 -7.56 6.19 -15.27
C ASP B 25 -6.74 7.47 -15.38
N LEU B 26 -5.59 7.49 -14.72
CA LEU B 26 -4.71 8.65 -14.73
C LEU B 26 -4.23 8.95 -16.15
N TYR B 27 -3.83 7.90 -16.87
CA TYR B 27 -3.37 8.04 -18.23
C TYR B 27 -4.54 8.15 -19.20
N LYS B 28 -5.58 7.36 -18.97
CA LYS B 28 -6.76 7.39 -19.81
C LYS B 28 -7.31 8.80 -19.95
N LYS B 29 -7.08 9.62 -18.92
CA LYS B 29 -7.54 11.00 -18.93
C LYS B 29 -6.79 11.81 -19.97
N THR B 30 -5.46 11.85 -19.85
CA THR B 30 -4.63 12.60 -20.78
C THR B 30 -4.65 11.96 -22.17
N THR B 31 -5.81 11.93 -22.79
CA THR B 31 -5.97 11.35 -24.12
C THR B 31 -5.45 12.31 -25.19
N ARG C 1 -9.10 -3.15 27.51
CA ARG C 1 -7.69 -2.75 27.22
C ARG C 1 -7.11 -3.58 26.08
N ASN C 2 -6.78 -2.91 24.98
CA ASN C 2 -6.21 -3.58 23.83
C ASN C 2 -5.09 -2.76 23.21
N ASP C 3 -3.91 -2.83 23.81
CA ASP C 3 -2.75 -2.09 23.33
C ASP C 3 -2.40 -2.51 21.90
N ALA C 4 -2.67 -3.77 21.58
CA ALA C 4 -2.39 -4.29 20.25
C ALA C 4 -3.21 -3.55 19.19
N GLU C 5 -4.45 -3.21 19.55
CA GLU C 5 -5.33 -2.50 18.65
C GLU C 5 -4.76 -1.12 18.32
N ARG C 6 -4.52 -0.34 19.37
CA ARG C 6 -3.96 1.00 19.20
C ARG C 6 -2.55 0.91 18.63
N LEU C 7 -1.74 0.05 19.22
CA LEU C 7 -0.36 -0.14 18.77
C LEU C 7 -0.33 -0.45 17.28
N ALA C 8 -1.16 -1.40 16.86
CA ALA C 8 -1.23 -1.79 15.46
C ALA C 8 -1.52 -0.59 14.57
N ASP C 9 -2.31 0.34 15.08
CA ASP C 9 -2.67 1.54 14.34
C ASP C 9 -1.43 2.35 13.98
N GLU C 10 -0.53 2.51 14.97
CA GLU C 10 0.70 3.25 14.76
C GLU C 10 1.47 2.72 13.55
N GLN C 11 1.72 1.41 13.56
CA GLN C 11 2.43 0.76 12.48
C GLN C 11 1.78 1.05 11.13
N SER C 12 0.46 0.94 11.09
CA SER C 12 -0.30 1.20 9.87
C SER C 12 -0.05 2.62 9.37
N GLU C 13 0.03 3.56 10.31
CA GLU C 13 0.25 4.96 9.98
C GLU C 13 1.57 5.13 9.23
N LEU C 14 2.57 4.33 9.60
CA LEU C 14 3.87 4.40 8.97
C LEU C 14 3.80 3.92 7.52
N VAL C 15 3.01 2.88 7.29
CA VAL C 15 2.84 2.32 5.96
C VAL C 15 1.98 3.23 5.08
N LYS C 16 0.89 3.72 5.65
CA LYS C 16 -0.01 4.60 4.91
C LYS C 16 0.70 5.87 4.48
N LYS C 17 1.38 6.52 5.42
CA LYS C 17 2.12 7.74 5.13
C LYS C 17 3.13 7.49 4.01
N MET C 18 3.66 6.27 3.96
CA MET C 18 4.63 5.89 2.94
C MET C 18 3.98 5.87 1.55
N VAL C 19 2.76 5.32 1.50
CA VAL C 19 2.03 5.24 0.24
C VAL C 19 1.55 6.61 -0.21
N PHE C 20 1.01 7.40 0.72
CA PHE C 20 0.52 8.73 0.41
C PHE C 20 1.58 9.52 -0.34
N ASP C 21 2.71 9.75 0.31
CA ASP C 21 3.80 10.51 -0.31
C ASP C 21 4.16 9.91 -1.67
N THR C 22 4.21 8.58 -1.73
CA THR C 22 4.53 7.90 -2.98
C THR C 22 3.45 8.18 -4.02
N LEU C 23 2.28 7.59 -3.81
CA LEU C 23 1.16 7.77 -4.74
C LEU C 23 0.92 9.25 -5.02
N LYS C 24 1.10 10.08 -3.99
CA LYS C 24 0.92 11.52 -4.12
C LYS C 24 1.75 12.05 -5.28
N ASP C 25 3.06 12.00 -5.12
CA ASP C 25 3.98 12.48 -6.14
C ASP C 25 3.90 11.61 -7.40
N LEU C 26 3.56 10.34 -7.21
CA LEU C 26 3.44 9.41 -8.33
C LEU C 26 2.29 9.79 -9.25
N TYR C 27 1.07 9.70 -8.73
CA TYR C 27 -0.11 10.03 -9.52
C TYR C 27 0.04 11.41 -10.17
N LYS C 28 0.76 12.30 -9.50
CA LYS C 28 0.98 13.65 -10.01
C LYS C 28 1.82 13.61 -11.28
N LYS C 29 2.61 12.56 -11.42
CA LYS C 29 3.48 12.41 -12.59
C LYS C 29 2.65 12.25 -13.87
N THR C 30 1.65 11.38 -13.81
CA THR C 30 0.79 11.14 -14.96
C THR C 30 0.18 12.45 -15.46
N THR C 31 -0.60 13.09 -14.60
CA THR C 31 -1.24 14.35 -14.96
C THR C 31 -0.21 15.41 -15.34
N ARG D 1 -4.58 19.53 -12.66
CA ARG D 1 -5.46 18.59 -11.93
C ARG D 1 -4.78 18.07 -10.67
N ASN D 2 -5.37 18.38 -9.51
CA ASN D 2 -4.82 17.93 -8.24
C ASN D 2 -5.53 16.67 -7.74
N ASP D 3 -6.18 15.95 -8.65
CA ASP D 3 -6.89 14.73 -8.30
C ASP D 3 -5.92 13.68 -7.77
N ALA D 4 -4.66 13.78 -8.20
CA ALA D 4 -3.64 12.85 -7.77
C ALA D 4 -3.56 12.76 -6.25
N GLU D 5 -3.70 13.91 -5.59
CA GLU D 5 -3.65 13.96 -4.14
C GLU D 5 -4.81 13.19 -3.53
N ARG D 6 -6.04 13.64 -3.82
CA ARG D 6 -7.22 12.97 -3.29
C ARG D 6 -7.18 11.48 -3.57
N LEU D 7 -6.70 11.12 -4.76
CA LEU D 7 -6.59 9.73 -5.16
C LEU D 7 -5.69 8.97 -4.20
N ALA D 8 -4.45 9.41 -4.11
CA ALA D 8 -3.46 8.79 -3.23
C ALA D 8 -4.04 8.55 -1.84
N ASP D 9 -4.88 9.48 -1.40
CA ASP D 9 -5.50 9.38 -0.09
C ASP D 9 -6.35 8.12 0.01
N GLU D 10 -7.23 7.92 -0.97
CA GLU D 10 -8.09 6.75 -1.01
C GLU D 10 -7.26 5.47 -0.97
N GLN D 11 -6.11 5.51 -1.63
CA GLN D 11 -5.21 4.36 -1.66
C GLN D 11 -4.59 4.12 -0.29
N SER D 12 -3.98 5.16 0.27
CA SER D 12 -3.35 5.06 1.58
C SER D 12 -4.32 4.47 2.60
N GLU D 13 -5.46 5.14 2.77
CA GLU D 13 -6.48 4.68 3.71
C GLU D 13 -6.82 3.23 3.47
N LEU D 14 -6.76 2.81 2.20
CA LEU D 14 -7.06 1.44 1.83
C LEU D 14 -5.98 0.49 2.37
N VAL D 15 -4.74 0.91 2.24
CA VAL D 15 -3.61 0.11 2.72
C VAL D 15 -3.64 -0.03 4.23
N LYS D 16 -3.94 1.07 4.91
CA LYS D 16 -4.00 1.08 6.37
C LYS D 16 -4.99 0.04 6.87
N LYS D 17 -6.22 0.11 6.40
CA LYS D 17 -7.25 -0.84 6.81
C LYS D 17 -6.82 -2.27 6.52
N MET D 18 -6.09 -2.44 5.42
CA MET D 18 -5.60 -3.76 5.02
C MET D 18 -4.50 -4.24 5.97
N VAL D 19 -3.52 -3.36 6.21
CA VAL D 19 -2.41 -3.70 7.09
C VAL D 19 -2.84 -3.68 8.55
N PHE D 20 -3.94 -2.97 8.83
CA PHE D 20 -4.45 -2.87 10.19
C PHE D 20 -5.02 -4.20 10.65
N ASP D 21 -5.79 -4.85 9.78
CA ASP D 21 -6.38 -6.14 10.10
C ASP D 21 -5.31 -7.20 10.27
N THR D 22 -4.31 -7.16 9.40
CA THR D 22 -3.21 -8.13 9.46
C THR D 22 -2.50 -8.05 10.81
N LEU D 23 -2.20 -6.84 11.24
CA LEU D 23 -1.51 -6.62 12.51
C LEU D 23 -2.33 -7.21 13.67
N LYS D 24 -3.64 -6.94 13.65
CA LYS D 24 -4.52 -7.44 14.69
C LYS D 24 -4.33 -8.95 14.89
N ASP D 25 -4.21 -9.67 13.78
CA ASP D 25 -4.02 -11.11 13.81
C ASP D 25 -2.58 -11.43 14.22
N LEU D 26 -1.66 -10.57 13.83
CA LEU D 26 -0.24 -10.75 14.15
C LEU D 26 -0.03 -10.75 15.66
N TYR D 27 -0.67 -9.80 16.34
CA TYR D 27 -0.55 -9.69 17.79
C TYR D 27 -1.46 -10.70 18.48
N LYS D 28 -2.67 -10.87 17.95
CA LYS D 28 -3.63 -11.80 18.51
C LYS D 28 -3.02 -13.19 18.65
N LYS D 29 -2.06 -13.50 17.78
CA LYS D 29 -1.39 -14.79 17.82
C LYS D 29 -0.54 -14.92 19.08
N THR D 30 0.40 -13.99 19.25
CA THR D 30 1.27 -14.01 20.41
C THR D 30 0.50 -13.70 21.69
N THR D 31 -0.43 -14.58 22.03
CA THR D 31 -1.24 -14.40 23.24
C THR D 31 -0.45 -14.80 24.48
N ARG A 1 -1.75 -0.16 -29.71
CA ARG A 1 -0.69 0.02 -28.69
C ARG A 1 -1.21 0.78 -27.47
N ASN A 2 -0.66 0.46 -26.30
CA ASN A 2 -1.08 1.12 -25.07
C ASN A 2 0.07 1.18 -24.07
N ASP A 3 0.78 2.31 -24.04
CA ASP A 3 1.90 2.49 -23.14
C ASP A 3 1.41 2.70 -21.70
N ALA A 4 0.20 3.21 -21.57
CA ALA A 4 -0.39 3.45 -20.26
C ALA A 4 -0.59 2.13 -19.50
N GLU A 5 -1.01 1.10 -20.22
CA GLU A 5 -1.24 -0.21 -19.63
C GLU A 5 0.06 -0.76 -19.06
N ARG A 6 1.08 -0.82 -19.90
CA ARG A 6 2.39 -1.31 -19.49
C ARG A 6 3.03 -0.36 -18.49
N LEU A 7 2.96 0.93 -18.79
CA LEU A 7 3.52 1.96 -17.94
C LEU A 7 2.89 1.90 -16.54
N ALA A 8 1.58 1.71 -16.49
CA ALA A 8 0.87 1.65 -15.22
C ALA A 8 1.33 0.45 -14.39
N ASP A 9 1.65 -0.65 -15.08
CA ASP A 9 2.10 -1.86 -14.40
C ASP A 9 3.40 -1.60 -13.64
N GLU A 10 4.29 -0.81 -14.23
CA GLU A 10 5.57 -0.50 -13.62
C GLU A 10 5.37 0.34 -12.36
N GLN A 11 4.65 1.45 -12.51
CA GLN A 11 4.38 2.34 -11.38
C GLN A 11 3.81 1.57 -10.19
N SER A 12 2.89 0.66 -10.48
CA SER A 12 2.27 -0.15 -9.43
C SER A 12 3.26 -1.15 -8.85
N GLU A 13 4.16 -1.63 -9.70
CA GLU A 13 5.18 -2.59 -9.26
C GLU A 13 6.10 -1.98 -8.22
N LEU A 14 6.64 -0.80 -8.54
CA LEU A 14 7.54 -0.11 -7.62
C LEU A 14 6.88 0.07 -6.26
N VAL A 15 5.62 0.51 -6.27
CA VAL A 15 4.88 0.72 -5.04
C VAL A 15 4.77 -0.58 -4.26
N LYS A 16 4.37 -1.64 -4.96
CA LYS A 16 4.22 -2.95 -4.34
C LYS A 16 5.52 -3.39 -3.68
N LYS A 17 6.64 -3.12 -4.37
CA LYS A 17 7.96 -3.49 -3.85
C LYS A 17 8.25 -2.72 -2.55
N MET A 18 7.91 -1.44 -2.56
CA MET A 18 8.12 -0.59 -1.39
C MET A 18 7.35 -1.11 -0.19
N VAL A 19 6.12 -1.57 -0.45
CA VAL A 19 5.27 -2.11 0.60
C VAL A 19 5.81 -3.44 1.09
N PHE A 20 6.18 -4.32 0.17
CA PHE A 20 6.70 -5.63 0.53
C PHE A 20 7.83 -5.49 1.55
N ASP A 21 8.89 -4.80 1.15
CA ASP A 21 10.03 -4.59 2.03
C ASP A 21 9.57 -4.01 3.37
N THR A 22 8.62 -3.08 3.30
CA THR A 22 8.09 -2.46 4.51
C THR A 22 7.34 -3.50 5.35
N LEU A 23 6.17 -3.89 4.88
CA LEU A 23 5.36 -4.88 5.57
C LEU A 23 6.19 -6.11 5.94
N LYS A 24 7.13 -6.47 5.07
CA LYS A 24 7.99 -7.61 5.31
C LYS A 24 8.67 -7.48 6.67
N ASP A 25 9.56 -6.49 6.78
CA ASP A 25 10.28 -6.24 8.01
C ASP A 25 9.32 -5.84 9.13
N LEU A 26 8.24 -5.15 8.78
CA LEU A 26 7.25 -4.71 9.75
C LEU A 26 6.58 -5.91 10.40
N TYR A 27 5.87 -6.69 9.61
CA TYR A 27 5.18 -7.87 10.11
C TYR A 27 6.16 -8.78 10.86
N LYS A 28 7.43 -8.70 10.49
CA LYS A 28 8.46 -9.50 11.13
C LYS A 28 8.60 -9.13 12.60
N LYS A 29 8.42 -7.84 12.89
CA LYS A 29 8.52 -7.34 14.25
C LYS A 29 7.36 -7.88 15.10
N THR A 30 6.25 -8.19 14.44
CA THR A 30 5.07 -8.71 15.14
C THR A 30 5.26 -10.18 15.49
N THR A 31 5.82 -10.94 14.56
CA THR A 31 6.07 -12.36 14.77
C THR A 31 7.46 -12.74 14.29
N ARG B 1 9.44 -16.96 3.87
CA ARG B 1 9.96 -16.66 5.23
C ARG B 1 8.83 -16.43 6.23
N ASN B 2 8.60 -17.41 7.09
CA ASN B 2 7.55 -17.33 8.11
C ASN B 2 6.25 -16.80 7.52
N ASP B 3 5.28 -16.52 8.39
CA ASP B 3 3.98 -16.02 7.95
C ASP B 3 4.05 -14.50 7.71
N ALA B 4 4.97 -13.84 8.39
CA ALA B 4 5.13 -12.39 8.25
C ALA B 4 5.46 -12.03 6.81
N GLU B 5 6.49 -12.67 6.26
CA GLU B 5 6.90 -12.42 4.89
C GLU B 5 5.77 -12.76 3.91
N ARG B 6 5.18 -13.94 4.10
CA ARG B 6 4.08 -14.37 3.25
C ARG B 6 2.92 -13.39 3.34
N LEU B 7 2.66 -12.91 4.55
CA LEU B 7 1.60 -11.95 4.77
C LEU B 7 1.80 -10.70 3.92
N ALA B 8 2.92 -10.02 4.17
CA ALA B 8 3.26 -8.80 3.44
C ALA B 8 3.06 -8.99 1.94
N ASP B 9 3.21 -10.24 1.48
CA ASP B 9 3.05 -10.55 0.07
C ASP B 9 1.63 -10.25 -0.38
N GLU B 10 0.66 -10.81 0.32
CA GLU B 10 -0.74 -10.60 -0.01
C GLU B 10 -1.10 -9.12 0.07
N GLN B 11 -0.39 -8.39 0.92
CA GLN B 11 -0.63 -6.96 1.09
C GLN B 11 -0.12 -6.19 -0.12
N SER B 12 1.12 -6.48 -0.53
CA SER B 12 1.71 -5.81 -1.68
C SER B 12 0.86 -5.99 -2.92
N GLU B 13 0.59 -7.24 -3.27
CA GLU B 13 -0.23 -7.55 -4.44
C GLU B 13 -1.54 -6.76 -4.42
N LEU B 14 -2.08 -6.56 -3.21
CA LEU B 14 -3.32 -5.82 -3.04
C LEU B 14 -3.13 -4.36 -3.42
N VAL B 15 -1.98 -3.80 -3.07
CA VAL B 15 -1.68 -2.40 -3.37
C VAL B 15 -1.49 -2.19 -4.86
N LYS B 16 -0.88 -3.16 -5.53
CA LYS B 16 -0.64 -3.08 -6.97
C LYS B 16 -1.96 -2.94 -7.73
N LYS B 17 -2.84 -3.91 -7.57
CA LYS B 17 -4.13 -3.88 -8.25
C LYS B 17 -4.88 -2.59 -7.94
N MET B 18 -4.64 -2.04 -6.75
CA MET B 18 -5.27 -0.80 -6.35
C MET B 18 -4.74 0.38 -7.15
N VAL B 19 -3.42 0.50 -7.20
CA VAL B 19 -2.79 1.57 -7.95
C VAL B 19 -2.80 1.29 -9.45
N PHE B 20 -2.96 0.02 -9.80
CA PHE B 20 -2.99 -0.39 -11.20
C PHE B 20 -4.20 0.22 -11.91
N ASP B 21 -5.38 0.01 -11.34
CA ASP B 21 -6.61 0.54 -11.92
C ASP B 21 -6.60 2.07 -11.88
N THR B 22 -6.11 2.63 -10.78
CA THR B 22 -6.04 4.08 -10.62
C THR B 22 -5.31 4.71 -11.81
N LEU B 23 -4.06 4.32 -11.99
CA LEU B 23 -3.26 4.86 -13.09
C LEU B 23 -4.00 4.75 -14.42
N LYS B 24 -4.71 3.65 -14.60
CA LYS B 24 -5.47 3.43 -15.83
C LYS B 24 -6.34 4.64 -16.15
N ASP B 25 -7.05 5.13 -15.14
CA ASP B 25 -7.92 6.28 -15.30
C ASP B 25 -7.10 7.55 -15.43
N LEU B 26 -5.90 7.54 -14.84
CA LEU B 26 -5.02 8.69 -14.89
C LEU B 26 -4.53 8.95 -16.32
N TYR B 27 -4.19 7.87 -17.02
CA TYR B 27 -3.70 7.98 -18.39
C TYR B 27 -4.88 8.08 -19.36
N LYS B 28 -5.96 7.36 -19.06
CA LYS B 28 -7.14 7.37 -19.92
C LYS B 28 -7.70 8.78 -20.05
N LYS B 29 -7.86 9.47 -18.92
CA LYS B 29 -8.39 10.82 -18.91
C LYS B 29 -7.56 11.73 -19.82
N THR B 30 -6.31 11.98 -19.43
CA THR B 30 -5.42 12.83 -20.20
C THR B 30 -4.74 12.04 -21.32
N THR B 31 -5.51 11.71 -22.36
CA THR B 31 -4.98 10.96 -23.49
C THR B 31 -4.17 11.86 -24.41
N ARG C 1 -7.55 -3.65 28.59
CA ARG C 1 -6.49 -2.94 27.83
C ARG C 1 -6.05 -3.74 26.62
N ASN C 2 -5.66 -3.03 25.56
CA ASN C 2 -5.21 -3.68 24.33
C ASN C 2 -4.18 -2.82 23.60
N ASP C 3 -2.90 -3.12 23.83
CA ASP C 3 -1.82 -2.37 23.18
C ASP C 3 -1.71 -2.75 21.71
N ALA C 4 -2.16 -3.95 21.37
CA ALA C 4 -2.10 -4.42 19.99
C ALA C 4 -3.00 -3.57 19.10
N GLU C 5 -4.16 -3.19 19.62
CA GLU C 5 -5.11 -2.37 18.88
C GLU C 5 -4.50 -1.02 18.55
N ARG C 6 -4.02 -0.33 19.58
CA ARG C 6 -3.40 0.98 19.40
C ARG C 6 -2.08 0.83 18.65
N LEU C 7 -1.29 -0.16 19.05
CA LEU C 7 0.00 -0.41 18.42
C LEU C 7 -0.18 -0.68 16.92
N ALA C 8 -1.18 -1.48 16.58
CA ALA C 8 -1.46 -1.82 15.19
C ALA C 8 -1.81 -0.57 14.38
N ASP C 9 -2.51 0.37 15.01
CA ASP C 9 -2.91 1.60 14.35
C ASP C 9 -1.68 2.39 13.90
N GLU C 10 -0.65 2.41 14.73
CA GLU C 10 0.58 3.14 14.42
C GLU C 10 1.29 2.51 13.23
N GLN C 11 1.55 1.21 13.32
CA GLN C 11 2.22 0.49 12.25
C GLN C 11 1.55 0.74 10.91
N SER C 12 0.22 0.71 10.91
CA SER C 12 -0.56 0.94 9.69
C SER C 12 -0.46 2.40 9.25
N GLU C 13 -0.35 3.30 10.22
CA GLU C 13 -0.25 4.72 9.92
C GLU C 13 1.03 5.03 9.16
N LEU C 14 2.16 4.57 9.68
CA LEU C 14 3.45 4.78 9.04
C LEU C 14 3.41 4.30 7.59
N VAL C 15 2.87 3.11 7.38
CA VAL C 15 2.76 2.54 6.04
C VAL C 15 1.94 3.44 5.14
N LYS C 16 0.77 3.86 5.64
CA LYS C 16 -0.12 4.74 4.89
C LYS C 16 0.60 6.02 4.48
N LYS C 17 1.39 6.56 5.40
CA LYS C 17 2.14 7.78 5.15
C LYS C 17 3.15 7.55 4.02
N MET C 18 3.83 6.41 4.07
CA MET C 18 4.82 6.07 3.05
C MET C 18 4.17 5.99 1.67
N VAL C 19 2.96 5.44 1.63
CA VAL C 19 2.23 5.31 0.38
C VAL C 19 1.75 6.67 -0.12
N PHE C 20 1.20 7.47 0.79
CA PHE C 20 0.72 8.79 0.44
C PHE C 20 1.79 9.58 -0.30
N ASP C 21 2.92 9.80 0.37
CA ASP C 21 4.03 10.54 -0.24
C ASP C 21 4.40 9.92 -1.58
N THR C 22 4.39 8.59 -1.64
CA THR C 22 4.72 7.88 -2.87
C THR C 22 3.67 8.16 -3.93
N LEU C 23 2.48 7.57 -3.75
CA LEU C 23 1.38 7.76 -4.70
C LEU C 23 1.17 9.24 -4.99
N LYS C 24 1.37 10.08 -3.97
CA LYS C 24 1.20 11.52 -4.13
C LYS C 24 2.04 12.01 -5.29
N ASP C 25 3.36 11.96 -5.13
CA ASP C 25 4.28 12.39 -6.15
C ASP C 25 4.15 11.54 -7.42
N LEU C 26 3.83 10.26 -7.22
CA LEU C 26 3.67 9.34 -8.35
C LEU C 26 2.50 9.77 -9.23
N TYR C 27 1.30 9.75 -8.67
CA TYR C 27 0.11 10.16 -9.41
C TYR C 27 0.30 11.54 -10.01
N LYS C 28 1.14 12.34 -9.38
CA LYS C 28 1.41 13.69 -9.86
C LYS C 28 2.07 13.65 -11.23
N LYS C 29 2.92 12.64 -11.43
CA LYS C 29 3.62 12.48 -12.70
C LYS C 29 2.64 12.12 -13.82
N THR C 30 1.53 11.49 -13.43
CA THR C 30 0.52 11.09 -14.40
C THR C 30 -0.31 12.30 -14.84
N THR C 31 -0.67 13.14 -13.88
CA THR C 31 -1.45 14.34 -14.16
C THR C 31 -0.89 15.55 -13.43
N ARG D 1 -4.89 18.88 -3.32
CA ARG D 1 -4.03 19.17 -4.49
C ARG D 1 -4.40 18.30 -5.68
N ASN D 2 -5.06 18.90 -6.66
CA ASN D 2 -5.48 18.19 -7.87
C ASN D 2 -6.09 16.83 -7.54
N ASP D 3 -6.36 16.03 -8.55
CA ASP D 3 -6.96 14.71 -8.36
C ASP D 3 -5.89 13.68 -7.97
N ALA D 4 -4.65 13.94 -8.38
CA ALA D 4 -3.54 13.04 -8.07
C ALA D 4 -3.37 12.89 -6.56
N GLU D 5 -3.28 14.02 -5.87
CA GLU D 5 -3.12 14.01 -4.42
C GLU D 5 -4.33 13.35 -3.76
N ARG D 6 -5.53 13.77 -4.18
CA ARG D 6 -6.76 13.21 -3.62
C ARG D 6 -6.81 11.71 -3.87
N LEU D 7 -6.37 11.30 -5.06
CA LEU D 7 -6.35 9.89 -5.42
C LEU D 7 -5.51 9.10 -4.43
N ALA D 8 -4.22 9.44 -4.36
CA ALA D 8 -3.29 8.78 -3.46
C ALA D 8 -3.89 8.63 -2.06
N ASP D 9 -4.77 9.56 -1.70
CA ASP D 9 -5.41 9.53 -0.40
C ASP D 9 -6.26 8.27 -0.24
N GLU D 10 -7.14 8.03 -1.19
CA GLU D 10 -8.01 6.85 -1.15
C GLU D 10 -7.17 5.57 -1.17
N GLN D 11 -5.99 5.64 -1.77
CA GLN D 11 -5.09 4.49 -1.85
C GLN D 11 -4.47 4.21 -0.48
N SER D 12 -3.95 5.26 0.15
CA SER D 12 -3.32 5.11 1.46
C SER D 12 -4.29 4.52 2.47
N GLU D 13 -5.44 5.16 2.63
CA GLU D 13 -6.45 4.69 3.56
C GLU D 13 -6.76 3.21 3.31
N LEU D 14 -6.71 2.80 2.05
CA LEU D 14 -6.98 1.41 1.69
C LEU D 14 -5.90 0.49 2.23
N VAL D 15 -4.65 0.95 2.20
CA VAL D 15 -3.53 0.17 2.69
C VAL D 15 -3.58 0.01 4.20
N LYS D 16 -4.01 1.07 4.89
CA LYS D 16 -4.11 1.05 6.35
C LYS D 16 -5.05 -0.05 6.81
N LYS D 17 -6.29 0.01 6.37
CA LYS D 17 -7.29 -0.99 6.75
C LYS D 17 -6.79 -2.39 6.41
N MET D 18 -5.98 -2.50 5.37
CA MET D 18 -5.44 -3.78 4.94
C MET D 18 -4.43 -4.30 5.96
N VAL D 19 -3.46 -3.45 6.31
CA VAL D 19 -2.44 -3.81 7.28
C VAL D 19 -2.98 -3.75 8.70
N PHE D 20 -4.07 -3.02 8.89
CA PHE D 20 -4.68 -2.88 10.20
C PHE D 20 -5.21 -4.23 10.69
N ASP D 21 -6.02 -4.88 9.86
CA ASP D 21 -6.59 -6.17 10.20
C ASP D 21 -5.49 -7.23 10.31
N THR D 22 -4.52 -7.16 9.40
CA THR D 22 -3.41 -8.11 9.40
C THR D 22 -2.73 -8.15 10.77
N LEU D 23 -2.21 -7.00 11.18
CA LEU D 23 -1.53 -6.89 12.48
C LEU D 23 -2.40 -7.48 13.59
N LYS D 24 -3.70 -7.23 13.52
CA LYS D 24 -4.63 -7.73 14.52
C LYS D 24 -4.43 -9.23 14.75
N ASP D 25 -4.33 -9.97 13.66
CA ASP D 25 -4.13 -11.41 13.74
C ASP D 25 -2.70 -11.72 14.16
N LEU D 26 -1.78 -10.81 13.85
CA LEU D 26 -0.38 -10.98 14.20
C LEU D 26 -0.19 -10.95 15.71
N TYR D 27 -0.87 -10.02 16.37
CA TYR D 27 -0.78 -9.88 17.81
C TYR D 27 -1.71 -10.86 18.52
N LYS D 28 -2.87 -11.11 17.93
CA LYS D 28 -3.83 -12.04 18.50
C LYS D 28 -3.23 -13.43 18.64
N LYS D 29 -2.60 -13.91 17.57
CA LYS D 29 -1.98 -15.23 17.58
C LYS D 29 -0.99 -15.36 18.73
N THR D 30 0.10 -14.60 18.64
CA THR D 30 1.13 -14.64 19.67
C THR D 30 0.78 -13.71 20.83
N THR D 31 -0.19 -14.11 21.64
CA THR D 31 -0.62 -13.31 22.78
C THR D 31 0.37 -13.45 23.94
N ARG A 1 1.88 2.38 -29.91
CA ARG A 1 2.20 1.49 -28.75
C ARG A 1 1.44 1.93 -27.50
N ASN A 2 0.99 0.95 -26.72
CA ASN A 2 0.25 1.23 -25.50
C ASN A 2 1.18 1.22 -24.29
N ASP A 3 1.96 2.29 -24.14
CA ASP A 3 2.90 2.40 -23.03
C ASP A 3 2.16 2.70 -21.73
N ALA A 4 1.01 3.36 -21.83
CA ALA A 4 0.22 3.70 -20.66
C ALA A 4 -0.15 2.45 -19.87
N GLU A 5 -0.48 1.38 -20.59
CA GLU A 5 -0.85 0.13 -19.95
C GLU A 5 0.36 -0.49 -19.25
N ARG A 6 1.41 -0.72 -20.00
CA ARG A 6 2.64 -1.30 -19.46
C ARG A 6 3.18 -0.42 -18.34
N LEU A 7 3.21 0.88 -18.59
CA LEU A 7 3.70 1.85 -17.61
C LEU A 7 2.97 1.67 -16.28
N ALA A 8 1.64 1.70 -16.34
CA ALA A 8 0.81 1.55 -15.16
C ALA A 8 1.22 0.30 -14.37
N ASP A 9 1.59 -0.74 -15.10
CA ASP A 9 2.02 -2.00 -14.48
C ASP A 9 3.40 -1.84 -13.87
N GLU A 10 4.22 -0.99 -14.48
CA GLU A 10 5.57 -0.75 -14.00
C GLU A 10 5.55 0.11 -12.73
N GLN A 11 4.74 1.16 -12.76
CA GLN A 11 4.62 2.06 -11.61
C GLN A 11 4.18 1.29 -10.37
N SER A 12 3.15 0.46 -10.54
CA SER A 12 2.64 -0.33 -9.43
C SER A 12 3.73 -1.25 -8.87
N GLU A 13 4.53 -1.82 -9.76
CA GLU A 13 5.61 -2.70 -9.35
C GLU A 13 6.57 -1.97 -8.42
N LEU A 14 6.66 -0.66 -8.56
CA LEU A 14 7.52 0.15 -7.73
C LEU A 14 6.89 0.36 -6.36
N VAL A 15 5.56 0.47 -6.35
CA VAL A 15 4.81 0.66 -5.12
C VAL A 15 4.70 -0.65 -4.34
N LYS A 16 4.41 -1.72 -5.07
CA LYS A 16 4.28 -3.04 -4.46
C LYS A 16 5.58 -3.44 -3.77
N LYS A 17 6.70 -3.18 -4.43
CA LYS A 17 8.01 -3.49 -3.88
C LYS A 17 8.26 -2.70 -2.62
N MET A 18 7.82 -1.44 -2.62
CA MET A 18 7.98 -0.57 -1.47
C MET A 18 7.18 -1.09 -0.28
N VAL A 19 5.96 -1.53 -0.55
CA VAL A 19 5.09 -2.07 0.49
C VAL A 19 5.60 -3.42 0.97
N PHE A 20 6.04 -4.25 0.04
CA PHE A 20 6.55 -5.57 0.38
C PHE A 20 7.64 -5.45 1.44
N ASP A 21 8.74 -4.80 1.09
CA ASP A 21 9.85 -4.62 2.02
C ASP A 21 9.36 -4.05 3.34
N THR A 22 8.45 -3.07 3.26
CA THR A 22 7.90 -2.45 4.46
C THR A 22 7.10 -3.47 5.27
N LEU A 23 5.95 -3.86 4.73
CA LEU A 23 5.09 -4.83 5.39
C LEU A 23 5.88 -6.08 5.79
N LYS A 24 6.86 -6.43 4.96
CA LYS A 24 7.70 -7.60 5.22
C LYS A 24 8.36 -7.46 6.58
N ASP A 25 9.24 -6.46 6.71
CA ASP A 25 9.95 -6.22 7.95
C ASP A 25 8.99 -5.76 9.04
N LEU A 26 7.92 -5.07 8.64
CA LEU A 26 6.93 -4.58 9.60
C LEU A 26 6.26 -5.74 10.34
N TYR A 27 5.72 -6.69 9.58
CA TYR A 27 5.06 -7.85 10.16
C TYR A 27 6.06 -8.71 10.92
N LYS A 28 7.35 -8.59 10.57
CA LYS A 28 8.39 -9.35 11.22
C LYS A 28 8.67 -8.81 12.62
N LYS A 29 8.51 -7.50 12.78
CA LYS A 29 8.74 -6.84 14.06
C LYS A 29 7.69 -7.27 15.08
N THR A 30 6.49 -7.59 14.59
CA THR A 30 5.40 -7.99 15.46
C THR A 30 5.69 -9.35 16.10
N THR A 31 5.59 -10.41 15.30
CA THR A 31 5.85 -11.76 15.79
C THR A 31 7.35 -12.02 15.91
N ARG B 1 8.26 -18.83 12.51
CA ARG B 1 7.05 -18.22 11.89
C ARG B 1 7.44 -17.27 10.76
N ASN B 2 7.16 -17.68 9.53
CA ASN B 2 7.47 -16.87 8.35
C ASN B 2 6.19 -16.42 7.66
N ASP B 3 5.12 -16.28 8.44
CA ASP B 3 3.84 -15.85 7.91
C ASP B 3 3.87 -14.37 7.51
N ALA B 4 4.78 -13.61 8.14
CA ALA B 4 4.92 -12.19 7.85
C ALA B 4 5.21 -11.96 6.37
N GLU B 5 6.13 -12.74 5.83
CA GLU B 5 6.50 -12.61 4.42
C GLU B 5 5.30 -12.89 3.52
N ARG B 6 4.55 -13.93 3.85
CA ARG B 6 3.38 -14.30 3.08
C ARG B 6 2.33 -13.20 3.12
N LEU B 7 2.27 -12.50 4.25
CA LEU B 7 1.32 -11.40 4.42
C LEU B 7 1.71 -10.21 3.57
N ALA B 8 2.90 -9.67 3.85
CA ALA B 8 3.41 -8.52 3.12
C ALA B 8 3.26 -8.70 1.61
N ASP B 9 3.32 -9.95 1.17
CA ASP B 9 3.19 -10.28 -0.25
C ASP B 9 1.76 -10.01 -0.72
N GLU B 10 0.79 -10.67 -0.10
CA GLU B 10 -0.61 -10.50 -0.48
C GLU B 10 -1.02 -9.04 -0.34
N GLN B 11 -0.39 -8.34 0.60
CA GLN B 11 -0.69 -6.93 0.83
C GLN B 11 -0.16 -6.06 -0.31
N SER B 12 1.01 -6.41 -0.81
CA SER B 12 1.63 -5.67 -1.91
C SER B 12 0.85 -5.88 -3.20
N GLU B 13 0.72 -7.13 -3.61
CA GLU B 13 0.00 -7.46 -4.84
C GLU B 13 -1.38 -6.79 -4.84
N LEU B 14 -1.94 -6.60 -3.65
CA LEU B 14 -3.23 -5.96 -3.52
C LEU B 14 -3.15 -4.49 -3.90
N VAL B 15 -2.18 -3.79 -3.34
CA VAL B 15 -1.98 -2.37 -3.64
C VAL B 15 -1.78 -2.15 -5.13
N LYS B 16 -1.18 -3.13 -5.79
CA LYS B 16 -0.91 -3.05 -7.22
C LYS B 16 -2.21 -2.92 -8.01
N LYS B 17 -3.14 -3.85 -7.78
CA LYS B 17 -4.42 -3.84 -8.47
C LYS B 17 -5.16 -2.53 -8.22
N MET B 18 -5.01 -1.98 -7.02
CA MET B 18 -5.67 -0.73 -6.66
C MET B 18 -5.01 0.46 -7.35
N VAL B 19 -3.69 0.49 -7.34
CA VAL B 19 -2.95 1.58 -7.97
C VAL B 19 -2.85 1.39 -9.48
N PHE B 20 -3.03 0.15 -9.92
CA PHE B 20 -2.97 -0.17 -11.35
C PHE B 20 -4.17 0.43 -12.08
N ASP B 21 -5.33 0.36 -11.44
CA ASP B 21 -6.55 0.90 -12.03
C ASP B 21 -6.51 2.41 -12.05
N THR B 22 -6.19 3.01 -10.90
CA THR B 22 -6.11 4.46 -10.78
C THR B 22 -5.20 5.04 -11.86
N LEU B 23 -4.07 4.39 -12.07
CA LEU B 23 -3.10 4.84 -13.07
C LEU B 23 -3.70 4.75 -14.47
N LYS B 24 -4.51 3.73 -14.71
CA LYS B 24 -5.15 3.54 -16.00
C LYS B 24 -5.88 4.81 -16.43
N ASP B 25 -6.60 5.42 -15.49
CA ASP B 25 -7.33 6.64 -15.76
C ASP B 25 -6.39 7.83 -15.84
N LEU B 26 -5.37 7.81 -14.98
CA LEU B 26 -4.38 8.88 -14.95
C LEU B 26 -3.72 9.06 -16.31
N TYR B 27 -3.39 7.93 -16.95
CA TYR B 27 -2.76 7.96 -18.26
C TYR B 27 -3.79 8.14 -19.36
N LYS B 28 -4.98 7.60 -19.15
CA LYS B 28 -6.06 7.70 -20.12
C LYS B 28 -6.31 9.16 -20.51
N LYS B 29 -6.21 10.06 -19.52
CA LYS B 29 -6.43 11.47 -19.75
C LYS B 29 -5.27 12.07 -20.55
N THR B 30 -4.12 11.42 -20.50
CA THR B 30 -2.93 11.88 -21.21
C THR B 30 -2.19 10.71 -21.85
N THR B 31 -2.81 10.10 -22.86
CA THR B 31 -2.21 8.97 -23.55
C THR B 31 -0.85 9.35 -24.13
N ARG C 1 -3.47 -3.23 29.61
CA ARG C 1 -3.65 -2.28 28.48
C ARG C 1 -3.56 -3.01 27.14
N ASN C 2 -4.40 -2.60 26.19
CA ASN C 2 -4.40 -3.20 24.86
C ASN C 2 -3.53 -2.40 23.89
N ASP C 3 -2.22 -2.56 24.03
CA ASP C 3 -1.28 -1.84 23.16
C ASP C 3 -1.25 -2.46 21.77
N ALA C 4 -1.56 -3.75 21.68
CA ALA C 4 -1.58 -4.43 20.40
C ALA C 4 -2.55 -3.76 19.43
N GLU C 5 -3.70 -3.35 19.95
CA GLU C 5 -4.71 -2.69 19.13
C GLU C 5 -4.21 -1.34 18.65
N ARG C 6 -3.85 -0.48 19.61
CA ARG C 6 -3.35 0.85 19.29
C ARG C 6 -2.11 0.75 18.41
N LEU C 7 -1.20 -0.15 18.78
CA LEU C 7 0.03 -0.35 18.03
C LEU C 7 -0.28 -0.64 16.57
N ALA C 8 -1.14 -1.63 16.33
CA ALA C 8 -1.54 -2.00 14.98
C ALA C 8 -1.99 -0.77 14.20
N ASP C 9 -2.68 0.14 14.88
CA ASP C 9 -3.17 1.36 14.26
C ASP C 9 -2.01 2.32 13.98
N GLU C 10 -1.00 2.27 14.84
CA GLU C 10 0.18 3.13 14.69
C GLU C 10 1.05 2.65 13.54
N GLN C 11 1.28 1.35 13.48
CA GLN C 11 2.10 0.76 12.44
C GLN C 11 1.53 1.09 11.06
N SER C 12 0.22 0.90 10.91
CA SER C 12 -0.45 1.17 9.65
C SER C 12 -0.28 2.64 9.26
N GLU C 13 -0.35 3.52 10.25
CA GLU C 13 -0.20 4.94 10.01
C GLU C 13 1.17 5.24 9.38
N LEU C 14 2.13 4.38 9.67
CA LEU C 14 3.47 4.54 9.12
C LEU C 14 3.51 4.07 7.67
N VAL C 15 2.72 3.04 7.38
CA VAL C 15 2.64 2.48 6.04
C VAL C 15 1.80 3.37 5.15
N LYS C 16 0.67 3.82 5.67
CA LYS C 16 -0.24 4.69 4.92
C LYS C 16 0.48 5.97 4.50
N LYS C 17 1.25 6.54 5.42
CA LYS C 17 2.00 7.76 5.14
C LYS C 17 3.02 7.52 4.04
N MET C 18 3.64 6.33 4.08
CA MET C 18 4.63 5.97 3.08
C MET C 18 3.99 5.87 1.69
N VAL C 19 2.82 5.25 1.65
CA VAL C 19 2.09 5.09 0.39
C VAL C 19 1.56 6.44 -0.09
N PHE C 20 1.02 7.23 0.83
CA PHE C 20 0.48 8.54 0.49
C PHE C 20 1.52 9.35 -0.29
N ASP C 21 2.63 9.66 0.36
CA ASP C 21 3.69 10.43 -0.27
C ASP C 21 4.08 9.81 -1.62
N THR C 22 4.17 8.48 -1.65
CA THR C 22 4.52 7.77 -2.88
C THR C 22 3.43 7.97 -3.93
N LEU C 23 2.27 7.36 -3.70
CA LEU C 23 1.16 7.47 -4.63
C LEU C 23 0.86 8.93 -4.95
N LYS C 24 1.07 9.80 -3.96
CA LYS C 24 0.84 11.23 -4.14
C LYS C 24 1.67 11.75 -5.31
N ASP C 25 2.98 11.71 -5.14
CA ASP C 25 3.91 12.17 -6.17
C ASP C 25 3.85 11.27 -7.40
N LEU C 26 3.57 9.99 -7.19
CA LEU C 26 3.48 9.04 -8.28
C LEU C 26 2.36 9.42 -9.25
N TYR C 27 1.15 9.60 -8.72
CA TYR C 27 0.02 9.98 -9.55
C TYR C 27 0.21 11.37 -10.15
N LYS C 28 1.06 12.17 -9.52
CA LYS C 28 1.34 13.51 -9.99
C LYS C 28 2.22 13.48 -11.23
N LYS C 29 3.09 12.48 -11.29
CA LYS C 29 4.00 12.33 -12.43
C LYS C 29 3.23 11.95 -13.69
N THR C 30 2.12 11.26 -13.51
CA THR C 30 1.28 10.84 -14.64
C THR C 30 0.64 12.03 -15.31
N THR C 31 -0.36 12.61 -14.66
CA THR C 31 -1.07 13.76 -15.20
C THR C 31 -0.25 15.04 -15.01
N ARG D 1 -4.92 20.14 -12.15
CA ARG D 1 -5.44 18.81 -11.74
C ARG D 1 -4.76 18.32 -10.48
N ASN D 2 -5.48 18.32 -9.38
CA ASN D 2 -4.94 17.86 -8.09
C ASN D 2 -5.65 16.58 -7.64
N ASP D 3 -6.12 15.80 -8.60
CA ASP D 3 -6.81 14.55 -8.31
C ASP D 3 -5.83 13.49 -7.79
N ALA D 4 -4.57 13.64 -8.15
CA ALA D 4 -3.53 12.71 -7.73
C ALA D 4 -3.47 12.62 -6.21
N GLU D 5 -3.49 13.78 -5.55
CA GLU D 5 -3.43 13.83 -4.10
C GLU D 5 -4.63 13.11 -3.48
N ARG D 6 -5.82 13.36 -4.04
CA ARG D 6 -7.04 12.74 -3.55
C ARG D 6 -6.97 11.22 -3.71
N LEU D 7 -6.29 10.77 -4.76
CA LEU D 7 -6.15 9.34 -5.02
C LEU D 7 -5.21 8.70 -4.01
N ALA D 8 -3.97 9.17 -4.00
CA ALA D 8 -2.96 8.65 -3.09
C ALA D 8 -3.50 8.55 -1.67
N ASP D 9 -4.43 9.44 -1.34
CA ASP D 9 -5.03 9.46 -0.01
C ASP D 9 -5.92 8.24 0.21
N GLU D 10 -6.92 8.08 -0.65
CA GLU D 10 -7.83 6.95 -0.56
C GLU D 10 -7.08 5.63 -0.67
N GLN D 11 -5.96 5.66 -1.38
CA GLN D 11 -5.13 4.47 -1.56
C GLN D 11 -4.40 4.12 -0.27
N SER D 12 -3.94 5.15 0.44
CA SER D 12 -3.22 4.97 1.69
C SER D 12 -4.16 4.47 2.79
N GLU D 13 -5.22 5.23 3.05
CA GLU D 13 -6.19 4.86 4.06
C GLU D 13 -6.65 3.42 3.86
N LEU D 14 -6.67 2.99 2.60
CA LEU D 14 -7.09 1.64 2.26
C LEU D 14 -6.09 0.62 2.77
N VAL D 15 -4.82 0.85 2.48
CA VAL D 15 -3.75 -0.05 2.93
C VAL D 15 -3.76 -0.19 4.45
N LYS D 16 -4.16 0.88 5.13
CA LYS D 16 -4.22 0.89 6.59
C LYS D 16 -5.18 -0.17 7.11
N LYS D 17 -6.41 -0.14 6.61
CA LYS D 17 -7.42 -1.10 7.04
C LYS D 17 -6.98 -2.53 6.75
N MET D 18 -6.24 -2.71 5.66
CA MET D 18 -5.75 -4.04 5.27
C MET D 18 -4.62 -4.49 6.18
N VAL D 19 -3.68 -3.58 6.43
CA VAL D 19 -2.54 -3.89 7.29
C VAL D 19 -2.91 -3.82 8.77
N PHE D 20 -3.99 -3.08 9.07
CA PHE D 20 -4.45 -2.94 10.44
C PHE D 20 -5.01 -4.26 10.96
N ASP D 21 -5.73 -4.97 10.10
CA ASP D 21 -6.31 -6.26 10.48
C ASP D 21 -5.23 -7.31 10.63
N THR D 22 -4.36 -7.40 9.62
CA THR D 22 -3.27 -8.37 9.64
C THR D 22 -2.46 -8.24 10.93
N LEU D 23 -2.18 -7.00 11.31
CA LEU D 23 -1.41 -6.74 12.52
C LEU D 23 -2.16 -7.21 13.75
N LYS D 24 -3.48 -7.06 13.73
CA LYS D 24 -4.32 -7.49 14.86
C LYS D 24 -4.02 -8.93 15.23
N ASP D 25 -3.90 -9.79 14.23
CA ASP D 25 -3.60 -11.19 14.45
C ASP D 25 -2.14 -11.39 14.81
N LEU D 26 -1.28 -10.59 14.18
CA LEU D 26 0.15 -10.66 14.43
C LEU D 26 0.46 -10.43 15.92
N TYR D 27 -0.23 -9.46 16.50
CA TYR D 27 -0.04 -9.14 17.92
C TYR D 27 -0.85 -10.08 18.80
N LYS D 28 -2.01 -10.52 18.31
CA LYS D 28 -2.87 -11.43 19.04
C LYS D 28 -2.10 -12.66 19.50
N LYS D 29 -1.21 -13.15 18.63
CA LYS D 29 -0.42 -14.33 18.93
C LYS D 29 0.64 -14.01 19.99
N THR D 30 0.98 -12.74 20.13
CA THR D 30 1.97 -12.30 21.10
C THR D 30 1.54 -11.01 21.77
N THR D 31 0.48 -11.09 22.57
CA THR D 31 -0.03 -9.91 23.28
C THR D 31 1.04 -9.29 24.15
N ARG A 1 2.00 -2.47 -26.92
CA ARG A 1 2.19 -1.16 -27.61
C ARG A 1 1.75 0.00 -26.71
N ASN A 2 0.58 -0.16 -26.10
CA ASN A 2 0.04 0.88 -25.23
C ASN A 2 0.94 1.10 -24.02
N ASP A 3 1.91 2.01 -24.18
CA ASP A 3 2.85 2.31 -23.10
C ASP A 3 2.11 2.63 -21.80
N ALA A 4 0.90 3.18 -21.94
CA ALA A 4 0.10 3.54 -20.78
C ALA A 4 -0.23 2.29 -19.95
N GLU A 5 -0.59 1.22 -20.64
CA GLU A 5 -0.91 -0.03 -19.96
C GLU A 5 0.31 -0.62 -19.28
N ARG A 6 1.41 -0.72 -20.03
CA ARG A 6 2.65 -1.24 -19.49
C ARG A 6 3.17 -0.34 -18.38
N LEU A 7 3.12 0.96 -18.62
CA LEU A 7 3.57 1.94 -17.63
C LEU A 7 2.83 1.76 -16.31
N ALA A 8 1.51 1.69 -16.39
CA ALA A 8 0.68 1.52 -15.21
C ALA A 8 1.17 0.34 -14.37
N ASP A 9 1.60 -0.72 -15.04
CA ASP A 9 2.10 -1.91 -14.37
C ASP A 9 3.47 -1.66 -13.77
N GLU A 10 4.28 -0.85 -14.45
CA GLU A 10 5.61 -0.52 -13.98
C GLU A 10 5.55 0.36 -12.75
N GLN A 11 4.73 1.40 -12.81
CA GLN A 11 4.57 2.34 -11.69
C GLN A 11 4.07 1.60 -10.45
N SER A 12 3.13 0.68 -10.65
CA SER A 12 2.57 -0.10 -9.54
C SER A 12 3.62 -1.02 -8.95
N GLU A 13 4.54 -1.49 -9.79
CA GLU A 13 5.60 -2.39 -9.34
C GLU A 13 6.45 -1.71 -8.27
N LEU A 14 6.89 -0.50 -8.56
CA LEU A 14 7.72 0.26 -7.63
C LEU A 14 7.02 0.41 -6.29
N VAL A 15 5.73 0.74 -6.33
CA VAL A 15 4.95 0.91 -5.11
C VAL A 15 4.75 -0.42 -4.40
N LYS A 16 4.38 -1.45 -5.17
CA LYS A 16 4.17 -2.78 -4.61
C LYS A 16 5.48 -3.34 -4.08
N LYS A 17 6.59 -2.86 -4.62
CA LYS A 17 7.91 -3.31 -4.21
C LYS A 17 8.33 -2.63 -2.90
N MET A 18 8.07 -1.33 -2.82
CA MET A 18 8.42 -0.56 -1.62
C MET A 18 7.58 -1.02 -0.43
N VAL A 19 6.39 -1.54 -0.72
CA VAL A 19 5.50 -2.01 0.34
C VAL A 19 5.95 -3.39 0.83
N PHE A 20 6.30 -4.27 -0.10
CA PHE A 20 6.73 -5.61 0.25
C PHE A 20 7.83 -5.56 1.31
N ASP A 21 8.92 -4.86 1.01
CA ASP A 21 10.02 -4.71 1.94
C ASP A 21 9.52 -4.15 3.27
N THR A 22 8.69 -3.12 3.19
CA THR A 22 8.13 -2.49 4.37
C THR A 22 7.30 -3.49 5.17
N LEU A 23 6.17 -3.88 4.60
CA LEU A 23 5.29 -4.84 5.26
C LEU A 23 6.04 -6.10 5.67
N LYS A 24 6.97 -6.53 4.82
CA LYS A 24 7.76 -7.71 5.12
C LYS A 24 8.46 -7.56 6.45
N ASP A 25 9.41 -6.64 6.51
CA ASP A 25 10.16 -6.38 7.73
C ASP A 25 9.23 -5.88 8.84
N LEU A 26 8.16 -5.20 8.45
CA LEU A 26 7.19 -4.68 9.41
C LEU A 26 6.50 -5.81 10.15
N TYR A 27 5.79 -6.66 9.41
CA TYR A 27 5.09 -7.78 10.01
C TYR A 27 6.06 -8.66 10.79
N LYS A 28 7.32 -8.64 10.39
CA LYS A 28 8.35 -9.42 11.06
C LYS A 28 8.58 -8.91 12.48
N LYS A 29 8.33 -7.63 12.70
CA LYS A 29 8.51 -7.02 14.01
C LYS A 29 7.59 -7.67 15.04
N THR A 30 6.34 -7.90 14.63
CA THR A 30 5.37 -8.52 15.51
C THR A 30 5.79 -9.94 15.89
N THR A 31 5.60 -10.87 14.97
CA THR A 31 5.96 -12.26 15.20
C THR A 31 7.48 -12.43 15.26
N ARG B 1 9.29 -17.85 5.21
CA ARG B 1 9.88 -17.64 6.56
C ARG B 1 8.81 -17.70 7.64
N ASN B 2 7.71 -17.00 7.42
CA ASN B 2 6.61 -16.97 8.39
C ASN B 2 5.43 -16.19 7.83
N ASP B 3 4.38 -16.04 8.64
CA ASP B 3 3.19 -15.31 8.24
C ASP B 3 3.54 -13.90 7.77
N ALA B 4 4.53 -13.30 8.43
CA ALA B 4 4.96 -11.95 8.09
C ALA B 4 5.26 -11.84 6.61
N GLU B 5 5.91 -12.86 6.06
CA GLU B 5 6.27 -12.88 4.64
C GLU B 5 5.02 -13.04 3.78
N ARG B 6 4.21 -14.05 4.11
CA ARG B 6 2.98 -14.31 3.36
C ARG B 6 2.07 -13.10 3.40
N LEU B 7 2.02 -12.44 4.54
CA LEU B 7 1.18 -11.24 4.71
C LEU B 7 1.65 -10.13 3.79
N ALA B 8 2.89 -9.70 3.98
CA ALA B 8 3.48 -8.64 3.17
C ALA B 8 3.23 -8.89 1.68
N ASP B 9 3.10 -10.16 1.30
CA ASP B 9 2.86 -10.53 -0.09
C ASP B 9 1.43 -10.20 -0.50
N GLU B 10 0.47 -10.85 0.16
CA GLU B 10 -0.93 -10.61 -0.13
C GLU B 10 -1.28 -9.13 0.03
N GLN B 11 -0.75 -8.52 1.08
CA GLN B 11 -1.00 -7.11 1.35
C GLN B 11 -0.35 -6.23 0.30
N SER B 12 0.86 -6.60 -0.13
CA SER B 12 1.58 -5.83 -1.14
C SER B 12 0.92 -5.99 -2.51
N GLU B 13 0.80 -7.25 -2.95
CA GLU B 13 0.19 -7.53 -4.23
C GLU B 13 -1.17 -6.83 -4.36
N LEU B 14 -1.88 -6.75 -3.25
CA LEU B 14 -3.20 -6.10 -3.22
C LEU B 14 -3.07 -4.63 -3.61
N VAL B 15 -2.06 -3.96 -3.06
CA VAL B 15 -1.82 -2.55 -3.35
C VAL B 15 -1.65 -2.32 -4.84
N LYS B 16 -0.90 -3.20 -5.49
CA LYS B 16 -0.64 -3.11 -6.92
C LYS B 16 -1.96 -3.03 -7.70
N LYS B 17 -2.80 -4.05 -7.53
CA LYS B 17 -4.08 -4.10 -8.21
C LYS B 17 -4.87 -2.82 -7.97
N MET B 18 -4.78 -2.29 -6.76
CA MET B 18 -5.49 -1.06 -6.40
C MET B 18 -4.92 0.13 -7.17
N VAL B 19 -3.60 0.28 -7.14
CA VAL B 19 -2.93 1.37 -7.82
C VAL B 19 -2.95 1.17 -9.34
N PHE B 20 -3.05 -0.08 -9.77
CA PHE B 20 -3.08 -0.39 -11.20
C PHE B 20 -4.25 0.29 -11.87
N ASP B 21 -5.44 0.14 -11.29
CA ASP B 21 -6.65 0.75 -11.83
C ASP B 21 -6.55 2.27 -11.79
N THR B 22 -6.10 2.79 -10.65
CA THR B 22 -5.95 4.23 -10.48
C THR B 22 -5.13 4.83 -11.63
N LEU B 23 -3.98 4.23 -11.89
CA LEU B 23 -3.10 4.71 -12.95
C LEU B 23 -3.80 4.61 -14.31
N LYS B 24 -4.51 3.50 -14.53
CA LYS B 24 -5.22 3.29 -15.79
C LYS B 24 -6.07 4.52 -16.14
N ASP B 25 -6.68 5.11 -15.12
CA ASP B 25 -7.52 6.29 -15.32
C ASP B 25 -6.65 7.54 -15.41
N LEU B 26 -5.56 7.56 -14.66
CA LEU B 26 -4.64 8.69 -14.66
C LEU B 26 -4.09 8.95 -16.06
N TYR B 27 -3.75 7.87 -16.75
CA TYR B 27 -3.21 7.97 -18.10
C TYR B 27 -4.32 8.19 -19.12
N LYS B 28 -5.38 7.38 -19.00
CA LYS B 28 -6.52 7.48 -19.90
C LYS B 28 -7.06 8.91 -19.95
N LYS B 29 -6.86 9.65 -18.86
CA LYS B 29 -7.34 11.03 -18.79
C LYS B 29 -6.43 11.98 -19.56
N THR B 30 -5.22 11.51 -19.87
CA THR B 30 -4.26 12.33 -20.61
C THR B 30 -3.30 11.46 -21.41
N THR B 31 -3.65 11.20 -22.66
CA THR B 31 -2.83 10.38 -23.53
C THR B 31 -1.44 10.99 -23.71
N ARG C 1 -6.13 0.70 26.37
CA ARG C 1 -5.22 -0.14 27.20
C ARG C 1 -4.52 -1.19 26.34
N ASN C 2 -5.29 -1.85 25.48
CA ASN C 2 -4.74 -2.88 24.60
C ASN C 2 -3.72 -2.29 23.65
N ASP C 3 -2.45 -2.26 24.08
CA ASP C 3 -1.38 -1.72 23.26
C ASP C 3 -1.38 -2.35 21.88
N ALA C 4 -1.83 -3.60 21.80
CA ALA C 4 -1.89 -4.31 20.52
C ALA C 4 -2.80 -3.59 19.55
N GLU C 5 -3.96 -3.14 20.04
CA GLU C 5 -4.92 -2.43 19.20
C GLU C 5 -4.34 -1.10 18.74
N ARG C 6 -3.84 -0.32 19.70
CA ARG C 6 -3.25 0.97 19.40
C ARG C 6 -2.03 0.80 18.50
N LEU C 7 -1.19 -0.17 18.84
CA LEU C 7 0.01 -0.45 18.07
C LEU C 7 -0.33 -0.73 16.60
N ALA C 8 -1.30 -1.62 16.39
CA ALA C 8 -1.73 -1.97 15.04
C ALA C 8 -2.05 -0.72 14.23
N ASP C 9 -2.65 0.27 14.89
CA ASP C 9 -3.01 1.51 14.23
C ASP C 9 -1.76 2.36 13.96
N GLU C 10 -0.80 2.29 14.87
CA GLU C 10 0.44 3.05 14.72
C GLU C 10 1.28 2.49 13.59
N GLN C 11 1.45 1.17 13.57
CA GLN C 11 2.22 0.51 12.54
C GLN C 11 1.64 0.79 11.15
N SER C 12 0.31 0.75 11.06
CA SER C 12 -0.37 1.01 9.80
C SER C 12 -0.19 2.45 9.36
N GLU C 13 -0.09 3.35 10.33
CA GLU C 13 0.10 4.77 10.04
C GLU C 13 1.38 4.99 9.24
N LEU C 14 2.48 4.42 9.74
CA LEU C 14 3.77 4.55 9.07
C LEU C 14 3.68 4.08 7.62
N VAL C 15 3.03 2.94 7.42
CA VAL C 15 2.88 2.37 6.09
C VAL C 15 1.95 3.24 5.23
N LYS C 16 0.82 3.63 5.81
CA LYS C 16 -0.14 4.47 5.10
C LYS C 16 0.47 5.83 4.82
N LYS C 17 1.44 6.23 5.63
CA LYS C 17 2.11 7.51 5.46
C LYS C 17 3.14 7.45 4.35
N MET C 18 3.90 6.36 4.31
CA MET C 18 4.93 6.17 3.30
C MET C 18 4.30 6.01 1.92
N VAL C 19 3.06 5.51 1.89
CA VAL C 19 2.34 5.31 0.64
C VAL C 19 1.78 6.64 0.13
N PHE C 20 1.21 7.42 1.04
CA PHE C 20 0.64 8.71 0.67
C PHE C 20 1.64 9.53 -0.13
N ASP C 21 2.80 9.79 0.47
CA ASP C 21 3.85 10.55 -0.19
C ASP C 21 4.19 9.92 -1.55
N THR C 22 4.34 8.60 -1.55
CA THR C 22 4.65 7.87 -2.76
C THR C 22 3.55 8.07 -3.80
N LEU C 23 2.38 7.49 -3.54
CA LEU C 23 1.26 7.60 -4.44
C LEU C 23 0.97 9.05 -4.80
N LYS C 24 1.11 9.93 -3.80
CA LYS C 24 0.88 11.35 -4.03
C LYS C 24 1.74 11.86 -5.17
N ASP C 25 3.05 11.88 -4.94
CA ASP C 25 3.99 12.34 -5.95
C ASP C 25 3.95 11.43 -7.18
N LEU C 26 3.62 10.16 -6.96
CA LEU C 26 3.54 9.20 -8.06
C LEU C 26 2.44 9.58 -9.04
N TYR C 27 1.20 9.61 -8.53
CA TYR C 27 0.05 9.96 -9.36
C TYR C 27 0.26 11.33 -10.00
N LYS C 28 1.05 12.17 -9.34
CA LYS C 28 1.33 13.51 -9.85
C LYS C 28 2.14 13.44 -11.13
N LYS C 29 2.94 12.38 -11.28
CA LYS C 29 3.77 12.19 -12.46
C LYS C 29 2.90 12.10 -13.72
N THR C 30 1.81 11.35 -13.61
CA THR C 30 0.89 11.18 -14.74
C THR C 30 0.26 12.50 -15.15
N THR C 31 -0.71 12.95 -14.36
CA THR C 31 -1.40 14.21 -14.62
C THR C 31 -0.48 15.39 -14.38
N ARG D 1 -5.25 19.55 -4.73
CA ARG D 1 -4.42 19.93 -5.91
C ARG D 1 -4.97 19.31 -7.19
N ASN D 2 -5.25 18.02 -7.15
CA ASN D 2 -5.79 17.31 -8.30
C ASN D 2 -6.15 15.87 -7.94
N ASP D 3 -6.59 15.11 -8.93
CA ASP D 3 -6.96 13.72 -8.71
C ASP D 3 -5.82 12.93 -8.07
N ALA D 4 -4.60 13.26 -8.46
CA ALA D 4 -3.43 12.59 -7.92
C ALA D 4 -3.45 12.60 -6.40
N GLU D 5 -3.84 13.73 -5.83
CA GLU D 5 -3.91 13.87 -4.38
C GLU D 5 -5.05 13.04 -3.81
N ARG D 6 -6.24 13.19 -4.38
CA ARG D 6 -7.41 12.45 -3.93
C ARG D 6 -7.17 10.96 -4.04
N LEU D 7 -6.49 10.54 -5.11
CA LEU D 7 -6.19 9.14 -5.34
C LEU D 7 -5.27 8.60 -4.25
N ALA D 8 -4.10 9.20 -4.14
CA ALA D 8 -3.12 8.79 -3.14
C ALA D 8 -3.76 8.66 -1.76
N ASP D 9 -4.82 9.44 -1.54
CA ASP D 9 -5.52 9.40 -0.26
C ASP D 9 -6.36 8.13 -0.13
N GLU D 10 -7.32 7.96 -1.02
CA GLU D 10 -8.17 6.78 -1.00
C GLU D 10 -7.33 5.52 -1.09
N GLN D 11 -6.32 5.55 -1.97
CA GLN D 11 -5.44 4.41 -2.16
C GLN D 11 -4.60 4.15 -0.91
N SER D 12 -4.13 5.23 -0.29
CA SER D 12 -3.31 5.11 0.91
C SER D 12 -4.15 4.65 2.10
N GLU D 13 -5.21 5.39 2.40
CA GLU D 13 -6.10 5.05 3.50
C GLU D 13 -6.55 3.60 3.40
N LEU D 14 -6.74 3.12 2.17
CA LEU D 14 -7.17 1.75 1.94
C LEU D 14 -6.13 0.77 2.47
N VAL D 15 -4.86 1.06 2.20
CA VAL D 15 -3.76 0.21 2.65
C VAL D 15 -3.79 0.04 4.17
N LYS D 16 -4.04 1.14 4.88
CA LYS D 16 -4.09 1.13 6.33
C LYS D 16 -5.10 0.08 6.82
N LYS D 17 -6.34 0.22 6.39
CA LYS D 17 -7.40 -0.71 6.78
C LYS D 17 -6.97 -2.15 6.51
N MET D 18 -6.28 -2.35 5.39
CA MET D 18 -5.82 -3.68 5.01
C MET D 18 -4.76 -4.19 5.98
N VAL D 19 -3.76 -3.36 6.23
CA VAL D 19 -2.68 -3.72 7.13
C VAL D 19 -3.14 -3.72 8.59
N PHE D 20 -4.18 -2.94 8.87
CA PHE D 20 -4.72 -2.87 10.23
C PHE D 20 -5.18 -4.24 10.71
N ASP D 21 -5.96 -4.92 9.87
CA ASP D 21 -6.47 -6.24 10.22
C ASP D 21 -5.32 -7.25 10.33
N THR D 22 -4.40 -7.20 9.35
CA THR D 22 -3.26 -8.09 9.34
C THR D 22 -2.52 -8.04 10.68
N LEU D 23 -2.21 -6.82 11.13
CA LEU D 23 -1.51 -6.63 12.39
C LEU D 23 -2.33 -7.16 13.55
N LYS D 24 -3.63 -6.91 13.52
CA LYS D 24 -4.53 -7.37 14.58
C LYS D 24 -4.31 -8.86 14.86
N ASP D 25 -4.09 -9.62 13.79
CA ASP D 25 -3.87 -11.05 13.91
C ASP D 25 -2.42 -11.34 14.30
N LEU D 26 -1.51 -10.51 13.79
CA LEU D 26 -0.09 -10.66 14.08
C LEU D 26 0.17 -10.58 15.59
N TYR D 27 -0.49 -9.63 16.23
CA TYR D 27 -0.33 -9.44 17.68
C TYR D 27 -1.15 -10.47 18.45
N LYS D 28 -2.41 -10.64 18.05
CA LYS D 28 -3.30 -11.59 18.70
C LYS D 28 -2.67 -12.98 18.76
N LYS D 29 -1.79 -13.26 17.81
CA LYS D 29 -1.12 -14.56 17.76
C LYS D 29 0.01 -14.66 18.78
N THR D 30 0.43 -13.51 19.29
CA THR D 30 1.50 -13.47 20.28
C THR D 30 1.38 -12.24 21.18
N THR D 31 0.70 -12.41 22.30
CA THR D 31 0.49 -11.32 23.25
C THR D 31 1.84 -10.79 23.75
N ARG A 1 -0.03 -2.13 -29.04
CA ARG A 1 0.93 -1.44 -28.14
C ARG A 1 0.19 -0.52 -27.17
N ASN A 2 0.43 -0.73 -25.87
CA ASN A 2 -0.21 0.07 -24.84
C ASN A 2 0.79 0.48 -23.76
N ASP A 3 1.55 1.53 -24.02
CA ASP A 3 2.54 2.02 -23.08
C ASP A 3 1.87 2.44 -21.77
N ALA A 4 0.68 3.00 -21.88
CA ALA A 4 -0.07 3.44 -20.71
C ALA A 4 -0.41 2.26 -19.81
N GLU A 5 -0.86 1.18 -20.43
CA GLU A 5 -1.21 -0.03 -19.68
C GLU A 5 0.02 -0.63 -19.04
N ARG A 6 1.07 -0.80 -19.83
CA ARG A 6 2.33 -1.35 -19.34
C ARG A 6 2.91 -0.44 -18.27
N LEU A 7 2.91 0.86 -18.54
CA LEU A 7 3.42 1.85 -17.61
C LEU A 7 2.71 1.74 -16.28
N ALA A 8 1.38 1.68 -16.33
CA ALA A 8 0.57 1.57 -15.12
C ALA A 8 1.04 0.41 -14.24
N ASP A 9 1.52 -0.65 -14.89
CA ASP A 9 2.01 -1.83 -14.17
C ASP A 9 3.42 -1.58 -13.65
N GLU A 10 4.16 -0.72 -14.33
CA GLU A 10 5.53 -0.39 -13.94
C GLU A 10 5.54 0.42 -12.65
N GLN A 11 4.79 1.51 -12.65
CA GLN A 11 4.70 2.38 -11.48
C GLN A 11 4.12 1.61 -10.29
N SER A 12 3.14 0.78 -10.56
CA SER A 12 2.50 -0.02 -9.53
C SER A 12 3.50 -0.98 -8.89
N GLU A 13 4.45 -1.44 -9.70
CA GLU A 13 5.47 -2.36 -9.22
C GLU A 13 6.35 -1.69 -8.17
N LEU A 14 6.73 -0.44 -8.44
CA LEU A 14 7.56 0.32 -7.51
C LEU A 14 6.86 0.46 -6.16
N VAL A 15 5.54 0.55 -6.19
CA VAL A 15 4.75 0.69 -4.98
C VAL A 15 4.68 -0.64 -4.22
N LYS A 16 4.40 -1.72 -4.95
CA LYS A 16 4.31 -3.04 -4.35
C LYS A 16 5.64 -3.44 -3.73
N LYS A 17 6.72 -3.21 -4.46
CA LYS A 17 8.06 -3.53 -3.98
C LYS A 17 8.40 -2.74 -2.73
N MET A 18 7.90 -1.51 -2.67
CA MET A 18 8.13 -0.64 -1.53
C MET A 18 7.36 -1.13 -0.30
N VAL A 19 6.15 -1.60 -0.53
CA VAL A 19 5.31 -2.11 0.55
C VAL A 19 5.83 -3.44 1.06
N PHE A 20 6.26 -4.31 0.15
CA PHE A 20 6.79 -5.61 0.52
C PHE A 20 7.90 -5.45 1.55
N ASP A 21 8.96 -4.76 1.17
CA ASP A 21 10.10 -4.54 2.06
C ASP A 21 9.62 -3.99 3.39
N THR A 22 8.70 -3.04 3.34
CA THR A 22 8.15 -2.43 4.55
C THR A 22 7.38 -3.46 5.36
N LEU A 23 6.21 -3.84 4.86
CA LEU A 23 5.37 -4.82 5.53
C LEU A 23 6.17 -6.06 5.91
N LYS A 24 7.12 -6.43 5.07
CA LYS A 24 7.97 -7.59 5.31
C LYS A 24 8.63 -7.47 6.68
N ASP A 25 9.58 -6.55 6.79
CA ASP A 25 10.29 -6.32 8.04
C ASP A 25 9.32 -5.90 9.14
N LEU A 26 8.24 -5.22 8.75
CA LEU A 26 7.24 -4.76 9.70
C LEU A 26 6.54 -5.95 10.37
N TYR A 27 5.79 -6.70 9.58
CA TYR A 27 5.07 -7.87 10.09
C TYR A 27 6.02 -8.82 10.81
N LYS A 28 7.30 -8.74 10.46
CA LYS A 28 8.31 -9.59 11.08
C LYS A 28 8.62 -9.12 12.49
N LYS A 29 8.47 -7.81 12.72
CA LYS A 29 8.73 -7.23 14.02
C LYS A 29 7.66 -7.63 15.03
N THR A 30 6.43 -7.78 14.54
CA THR A 30 5.32 -8.17 15.41
C THR A 30 5.61 -9.48 16.12
N THR A 31 6.02 -10.48 15.35
CA THR A 31 6.35 -11.80 15.91
C THR A 31 7.55 -11.71 16.84
N ARG B 1 7.98 -19.76 11.74
CA ARG B 1 6.82 -19.14 11.05
C ARG B 1 7.25 -18.03 10.10
N ASN B 2 6.81 -18.11 8.86
CA ASN B 2 7.16 -17.10 7.86
C ASN B 2 5.90 -16.39 7.34
N ASP B 3 4.85 -16.40 8.14
CA ASP B 3 3.60 -15.76 7.76
C ASP B 3 3.78 -14.26 7.59
N ALA B 4 4.78 -13.71 8.27
CA ALA B 4 5.07 -12.28 8.20
C ALA B 4 5.44 -11.89 6.76
N GLU B 5 6.44 -12.55 6.22
CA GLU B 5 6.88 -12.27 4.86
C GLU B 5 5.79 -12.65 3.86
N ARG B 6 5.12 -13.77 4.13
CA ARG B 6 4.05 -14.24 3.27
C ARG B 6 2.88 -13.25 3.30
N LEU B 7 2.68 -12.63 4.45
CA LEU B 7 1.60 -11.67 4.63
C LEU B 7 1.85 -10.43 3.77
N ALA B 8 2.98 -9.78 4.00
CA ALA B 8 3.35 -8.59 3.26
C ALA B 8 3.14 -8.78 1.76
N ASP B 9 3.43 -9.99 1.30
CA ASP B 9 3.26 -10.32 -0.11
C ASP B 9 1.81 -10.11 -0.53
N GLU B 10 0.89 -10.64 0.26
CA GLU B 10 -0.52 -10.51 -0.03
C GLU B 10 -0.96 -9.05 0.10
N GLN B 11 -0.32 -8.33 1.01
CA GLN B 11 -0.62 -6.92 1.22
C GLN B 11 -0.13 -6.09 0.04
N SER B 12 1.09 -6.36 -0.40
CA SER B 12 1.67 -5.63 -1.53
C SER B 12 0.84 -5.84 -2.79
N GLU B 13 0.66 -7.11 -3.16
CA GLU B 13 -0.12 -7.44 -4.35
C GLU B 13 -1.47 -6.74 -4.32
N LEU B 14 -2.01 -6.54 -3.13
CA LEU B 14 -3.30 -5.87 -2.97
C LEU B 14 -3.20 -4.42 -3.40
N VAL B 15 -2.11 -3.76 -3.01
CA VAL B 15 -1.90 -2.37 -3.37
C VAL B 15 -1.76 -2.20 -4.89
N LYS B 16 -1.10 -3.16 -5.51
CA LYS B 16 -0.89 -3.13 -6.96
C LYS B 16 -2.22 -2.99 -7.69
N LYS B 17 -3.09 -3.97 -7.52
CA LYS B 17 -4.39 -3.97 -8.17
C LYS B 17 -5.11 -2.65 -7.91
N MET B 18 -4.93 -2.10 -6.71
CA MET B 18 -5.56 -0.85 -6.33
C MET B 18 -4.97 0.32 -7.14
N VAL B 19 -3.65 0.39 -7.18
CA VAL B 19 -2.97 1.46 -7.91
C VAL B 19 -3.04 1.22 -9.42
N PHE B 20 -3.21 -0.04 -9.80
CA PHE B 20 -3.29 -0.39 -11.22
C PHE B 20 -4.53 0.21 -11.86
N ASP B 21 -5.61 0.27 -11.08
CA ASP B 21 -6.87 0.84 -11.57
C ASP B 21 -6.79 2.35 -11.64
N THR B 22 -6.25 2.97 -10.59
CA THR B 22 -6.11 4.41 -10.54
C THR B 22 -5.29 4.93 -11.72
N LEU B 23 -4.09 4.37 -11.89
CA LEU B 23 -3.21 4.77 -12.97
C LEU B 23 -3.91 4.63 -14.32
N LYS B 24 -4.65 3.54 -14.48
CA LYS B 24 -5.38 3.29 -15.72
C LYS B 24 -6.17 4.52 -16.15
N ASP B 25 -6.89 5.10 -15.19
CA ASP B 25 -7.69 6.29 -15.46
C ASP B 25 -6.80 7.51 -15.65
N LEU B 26 -5.67 7.53 -14.93
CA LEU B 26 -4.72 8.63 -15.02
C LEU B 26 -4.15 8.74 -16.43
N TYR B 27 -3.69 7.62 -16.96
CA TYR B 27 -3.11 7.59 -18.30
C TYR B 27 -4.20 7.65 -19.36
N LYS B 28 -5.38 7.12 -19.03
CA LYS B 28 -6.51 7.12 -19.95
C LYS B 28 -6.89 8.54 -20.36
N LYS B 29 -6.60 9.49 -19.49
CA LYS B 29 -6.90 10.89 -19.77
C LYS B 29 -6.27 11.34 -21.08
N THR B 30 -5.01 11.72 -21.03
CA THR B 30 -4.28 12.16 -22.22
C THR B 30 -3.97 10.99 -23.14
N THR B 31 -4.98 10.52 -23.86
CA THR B 31 -4.81 9.40 -24.78
C THR B 31 -3.61 9.63 -25.69
N ARG C 1 -7.65 -1.15 28.07
CA ARG C 1 -6.32 -0.89 27.45
C ARG C 1 -5.98 -1.96 26.42
N ASN C 2 -5.68 -1.52 25.19
CA ASN C 2 -5.33 -2.45 24.12
C ASN C 2 -4.15 -1.94 23.33
N ASP C 3 -2.94 -2.16 23.83
CA ASP C 3 -1.73 -1.73 23.16
C ASP C 3 -1.61 -2.38 21.79
N ALA C 4 -2.05 -3.64 21.69
CA ALA C 4 -2.00 -4.35 20.43
C ALA C 4 -2.87 -3.68 19.38
N GLU C 5 -4.07 -3.29 19.79
CA GLU C 5 -5.01 -2.62 18.89
C GLU C 5 -4.46 -1.26 18.47
N ARG C 6 -4.02 -0.49 19.46
CA ARG C 6 -3.46 0.83 19.19
C ARG C 6 -2.20 0.70 18.35
N LEU C 7 -1.35 -0.25 18.72
CA LEU C 7 -0.10 -0.50 18.01
C LEU C 7 -0.38 -0.80 16.55
N ALA C 8 -1.34 -1.70 16.31
CA ALA C 8 -1.71 -2.08 14.96
C ALA C 8 -2.01 -0.85 14.11
N ASP C 9 -2.58 0.17 14.74
CA ASP C 9 -2.93 1.40 14.05
C ASP C 9 -1.69 2.28 13.85
N GLU C 10 -0.72 2.12 14.76
CA GLU C 10 0.52 2.89 14.69
C GLU C 10 1.37 2.44 13.51
N GLN C 11 1.62 1.15 13.45
CA GLN C 11 2.43 0.58 12.36
C GLN C 11 1.75 0.81 11.02
N SER C 12 0.43 0.69 11.01
CA SER C 12 -0.34 0.90 9.79
C SER C 12 -0.20 2.33 9.30
N GLU C 13 -0.07 3.26 10.24
CA GLU C 13 0.09 4.67 9.92
C GLU C 13 1.38 4.90 9.13
N LEU C 14 2.46 4.26 9.58
CA LEU C 14 3.75 4.40 8.92
C LEU C 14 3.66 3.93 7.47
N VAL C 15 2.81 2.93 7.24
CA VAL C 15 2.63 2.39 5.90
C VAL C 15 1.81 3.34 5.03
N LYS C 16 0.70 3.84 5.58
CA LYS C 16 -0.16 4.76 4.86
C LYS C 16 0.59 6.04 4.50
N LYS C 17 1.34 6.57 5.47
CA LYS C 17 2.11 7.78 5.26
C LYS C 17 3.17 7.58 4.18
N MET C 18 3.70 6.35 4.12
CA MET C 18 4.72 6.01 3.13
C MET C 18 4.11 5.93 1.74
N VAL C 19 2.89 5.39 1.66
CA VAL C 19 2.20 5.25 0.39
C VAL C 19 1.72 6.61 -0.11
N PHE C 20 1.22 7.44 0.79
CA PHE C 20 0.74 8.76 0.41
C PHE C 20 1.81 9.52 -0.33
N ASP C 21 2.95 9.75 0.33
CA ASP C 21 4.05 10.48 -0.28
C ASP C 21 4.41 9.87 -1.63
N THR C 22 4.43 8.54 -1.71
CA THR C 22 4.75 7.85 -2.93
C THR C 22 3.66 8.10 -3.98
N LEU C 23 2.50 7.50 -3.76
CA LEU C 23 1.37 7.66 -4.68
C LEU C 23 1.12 9.13 -4.99
N LYS C 24 1.34 9.98 -3.99
CA LYS C 24 1.14 11.41 -4.17
C LYS C 24 1.97 11.91 -5.35
N ASP C 25 3.28 11.95 -5.17
CA ASP C 25 4.19 12.39 -6.21
C ASP C 25 4.06 11.52 -7.45
N LEU C 26 3.72 10.24 -7.25
CA LEU C 26 3.57 9.30 -8.35
C LEU C 26 2.40 9.71 -9.24
N TYR C 27 1.19 9.63 -8.70
CA TYR C 27 -0.01 10.00 -9.45
C TYR C 27 0.12 11.40 -10.03
N LYS C 28 0.97 12.22 -9.41
CA LYS C 28 1.19 13.58 -9.88
C LYS C 28 2.03 13.59 -11.15
N LYS C 29 2.89 12.59 -11.28
CA LYS C 29 3.76 12.48 -12.45
C LYS C 29 2.96 12.10 -13.69
N THR C 30 1.91 11.30 -13.50
CA THR C 30 1.06 10.86 -14.60
C THR C 30 0.49 12.06 -15.34
N THR C 31 -0.09 12.99 -14.61
CA THR C 31 -0.68 14.19 -15.19
C THR C 31 0.39 15.06 -15.84
N ARG D 1 -6.21 20.56 -11.50
CA ARG D 1 -6.70 19.24 -11.02
C ARG D 1 -5.81 18.69 -9.91
N ASN D 2 -6.44 18.31 -8.80
CA ASN D 2 -5.70 17.76 -7.66
C ASN D 2 -6.15 16.34 -7.36
N ASP D 3 -6.69 15.67 -8.37
CA ASP D 3 -7.16 14.29 -8.21
C ASP D 3 -6.00 13.36 -7.86
N ALA D 4 -4.80 13.75 -8.27
CA ALA D 4 -3.61 12.95 -8.00
C ALA D 4 -3.39 12.80 -6.50
N GLU D 5 -3.30 13.94 -5.81
CA GLU D 5 -3.09 13.93 -4.37
C GLU D 5 -4.30 13.34 -3.67
N ARG D 6 -5.49 13.66 -4.17
CA ARG D 6 -6.73 13.15 -3.59
C ARG D 6 -6.81 11.64 -3.79
N LEU D 7 -6.26 11.17 -4.90
CA LEU D 7 -6.26 9.74 -5.21
C LEU D 7 -5.40 8.97 -4.21
N ALA D 8 -4.13 9.35 -4.14
CA ALA D 8 -3.19 8.70 -3.23
C ALA D 8 -3.79 8.55 -1.84
N ASP D 9 -4.54 9.57 -1.42
CA ASP D 9 -5.19 9.55 -0.12
C ASP D 9 -6.11 8.34 0.00
N GLU D 10 -6.93 8.13 -1.02
CA GLU D 10 -7.85 7.00 -1.03
C GLU D 10 -7.08 5.69 -1.11
N GLN D 11 -5.94 5.72 -1.79
CA GLN D 11 -5.10 4.54 -1.94
C GLN D 11 -4.43 4.20 -0.61
N SER D 12 -3.91 5.21 0.06
CA SER D 12 -3.24 5.02 1.34
C SER D 12 -4.21 4.47 2.38
N GLU D 13 -5.32 5.18 2.58
CA GLU D 13 -6.32 4.77 3.54
C GLU D 13 -6.73 3.31 3.30
N LEU D 14 -6.71 2.90 2.04
CA LEU D 14 -7.06 1.54 1.66
C LEU D 14 -6.06 0.54 2.25
N VAL D 15 -4.77 0.90 2.16
CA VAL D 15 -3.71 0.04 2.68
C VAL D 15 -3.82 -0.11 4.19
N LYS D 16 -4.19 0.97 4.86
CA LYS D 16 -4.34 0.96 6.31
C LYS D 16 -5.29 -0.14 6.75
N LYS D 17 -6.54 -0.05 6.32
CA LYS D 17 -7.54 -1.04 6.66
C LYS D 17 -7.04 -2.46 6.38
N MET D 18 -6.26 -2.59 5.31
CA MET D 18 -5.72 -3.88 4.92
C MET D 18 -4.68 -4.36 5.93
N VAL D 19 -3.74 -3.47 6.26
CA VAL D 19 -2.68 -3.81 7.21
C VAL D 19 -3.22 -3.82 8.64
N PHE D 20 -4.31 -3.09 8.87
CA PHE D 20 -4.91 -3.03 10.19
C PHE D 20 -5.46 -4.39 10.61
N ASP D 21 -5.97 -5.14 9.64
CA ASP D 21 -6.53 -6.47 9.89
C ASP D 21 -5.41 -7.47 10.12
N THR D 22 -4.39 -7.43 9.26
CA THR D 22 -3.26 -8.33 9.37
C THR D 22 -2.58 -8.21 10.74
N LEU D 23 -2.22 -7.00 11.10
CA LEU D 23 -1.56 -6.74 12.38
C LEU D 23 -2.42 -7.25 13.54
N LYS D 24 -3.73 -7.05 13.44
CA LYS D 24 -4.66 -7.50 14.47
C LYS D 24 -4.40 -8.96 14.82
N ASP D 25 -4.28 -9.78 13.80
CA ASP D 25 -4.03 -11.21 13.99
C ASP D 25 -2.60 -11.44 14.47
N LEU D 26 -1.69 -10.60 14.01
CA LEU D 26 -0.28 -10.71 14.40
C LEU D 26 -0.12 -10.50 15.91
N TYR D 27 -0.71 -9.43 16.42
CA TYR D 27 -0.64 -9.13 17.85
C TYR D 27 -1.55 -10.04 18.65
N LYS D 28 -2.64 -10.47 18.03
CA LYS D 28 -3.60 -11.36 18.68
C LYS D 28 -2.93 -12.64 19.13
N LYS D 29 -1.88 -13.04 18.43
CA LYS D 29 -1.15 -14.26 18.77
C LYS D 29 -0.68 -14.24 20.22
N THR D 30 0.45 -13.60 20.47
CA THR D 30 0.99 -13.51 21.81
C THR D 30 0.18 -12.54 22.67
N THR D 31 -0.99 -12.99 23.12
CA THR D 31 -1.86 -12.17 23.94
C THR D 31 -1.09 -11.56 25.12
N ARG A 1 -1.49 -3.53 -27.80
CA ARG A 1 -0.56 -2.38 -27.85
C ARG A 1 -1.08 -1.22 -27.00
N ASN A 2 -0.62 -1.15 -25.76
CA ASN A 2 -1.04 -0.09 -24.84
C ASN A 2 0.01 0.16 -23.77
N ASP A 3 0.97 1.02 -24.07
CA ASP A 3 2.03 1.35 -23.13
C ASP A 3 1.45 1.86 -21.82
N ALA A 4 0.32 2.55 -21.90
CA ALA A 4 -0.34 3.09 -20.71
C ALA A 4 -0.71 1.97 -19.76
N GLU A 5 -1.30 0.90 -20.30
CA GLU A 5 -1.70 -0.25 -19.50
C GLU A 5 -0.48 -0.91 -18.87
N ARG A 6 0.49 -1.23 -19.71
CA ARG A 6 1.73 -1.86 -19.25
C ARG A 6 2.44 -0.97 -18.25
N LEU A 7 2.53 0.32 -18.59
CA LEU A 7 3.18 1.31 -17.74
C LEU A 7 2.59 1.26 -16.34
N ALA A 8 1.27 1.34 -16.26
CA ALA A 8 0.57 1.31 -14.97
C ALA A 8 1.03 0.11 -14.15
N ASP A 9 1.32 -0.99 -14.83
CA ASP A 9 1.76 -2.21 -14.17
C ASP A 9 3.18 -2.03 -13.61
N GLU A 10 3.96 -1.18 -14.27
CA GLU A 10 5.31 -0.90 -13.83
C GLU A 10 5.32 0.00 -12.61
N GLN A 11 4.54 1.07 -12.67
CA GLN A 11 4.45 2.01 -11.57
C GLN A 11 4.06 1.30 -10.28
N SER A 12 3.01 0.49 -10.35
CA SER A 12 2.54 -0.27 -9.20
C SER A 12 3.64 -1.17 -8.67
N GLU A 13 4.42 -1.74 -9.59
CA GLU A 13 5.51 -2.63 -9.21
C GLU A 13 6.50 -1.91 -8.28
N LEU A 14 6.59 -0.60 -8.44
CA LEU A 14 7.49 0.21 -7.61
C LEU A 14 6.87 0.41 -6.23
N VAL A 15 5.55 0.49 -6.19
CA VAL A 15 4.84 0.67 -4.93
C VAL A 15 4.74 -0.63 -4.16
N LYS A 16 4.48 -1.72 -4.88
CA LYS A 16 4.37 -3.03 -4.26
C LYS A 16 5.68 -3.43 -3.59
N LYS A 17 6.79 -3.20 -4.31
CA LYS A 17 8.11 -3.52 -3.78
C LYS A 17 8.40 -2.70 -2.52
N MET A 18 8.02 -1.43 -2.55
CA MET A 18 8.23 -0.54 -1.42
C MET A 18 7.44 -1.03 -0.21
N VAL A 19 6.23 -1.51 -0.47
CA VAL A 19 5.37 -2.02 0.59
C VAL A 19 5.89 -3.35 1.11
N PHE A 20 6.33 -4.21 0.20
CA PHE A 20 6.85 -5.51 0.57
C PHE A 20 7.97 -5.35 1.61
N ASP A 21 9.03 -4.64 1.23
CA ASP A 21 10.14 -4.41 2.13
C ASP A 21 9.65 -3.87 3.47
N THR A 22 8.74 -2.90 3.41
CA THR A 22 8.18 -2.30 4.61
C THR A 22 7.39 -3.34 5.40
N LEU A 23 6.24 -3.72 4.86
CA LEU A 23 5.38 -4.71 5.51
C LEU A 23 6.18 -5.94 5.92
N LYS A 24 7.17 -6.29 5.11
CA LYS A 24 8.01 -7.45 5.40
C LYS A 24 8.63 -7.31 6.79
N ASP A 25 9.55 -6.37 6.92
CA ASP A 25 10.23 -6.14 8.20
C ASP A 25 9.22 -5.70 9.27
N LEU A 26 8.11 -5.12 8.84
CA LEU A 26 7.08 -4.65 9.76
C LEU A 26 6.33 -5.83 10.38
N TYR A 27 5.97 -6.81 9.54
CA TYR A 27 5.26 -7.99 10.02
C TYR A 27 6.17 -8.90 10.82
N LYS A 28 7.47 -8.79 10.56
CA LYS A 28 8.46 -9.60 11.26
C LYS A 28 8.66 -9.08 12.67
N LYS A 29 8.50 -7.77 12.84
CA LYS A 29 8.65 -7.14 14.14
C LYS A 29 7.49 -7.50 15.06
N THR A 30 6.31 -7.69 14.48
CA THR A 30 5.13 -8.04 15.26
C THR A 30 5.37 -9.31 16.06
N THR A 31 5.33 -10.45 15.38
CA THR A 31 5.54 -11.74 16.04
C THR A 31 7.02 -12.11 16.05
N ARG B 1 10.45 -18.75 6.08
CA ARG B 1 10.81 -17.80 7.16
C ARG B 1 9.70 -17.72 8.20
N ASN B 2 8.52 -17.30 7.77
CA ASN B 2 7.37 -17.18 8.67
C ASN B 2 6.17 -16.59 7.94
N ASP B 3 5.05 -16.44 8.67
CA ASP B 3 3.84 -15.89 8.10
C ASP B 3 3.99 -14.40 7.82
N ALA B 4 4.93 -13.76 8.52
CA ALA B 4 5.17 -12.32 8.34
C ALA B 4 5.52 -12.00 6.89
N GLU B 5 6.42 -12.78 6.31
CA GLU B 5 6.84 -12.57 4.93
C GLU B 5 5.68 -12.83 3.96
N ARG B 6 5.10 -14.03 4.04
CA ARG B 6 4.00 -14.41 3.17
C ARG B 6 2.91 -13.33 3.17
N LEU B 7 2.76 -12.65 4.31
CA LEU B 7 1.76 -11.60 4.44
C LEU B 7 2.13 -10.38 3.60
N ALA B 8 3.28 -9.79 3.91
CA ALA B 8 3.76 -8.61 3.20
C ALA B 8 3.59 -8.76 1.69
N ASP B 9 3.63 -10.00 1.22
CA ASP B 9 3.48 -10.29 -0.19
C ASP B 9 2.01 -10.12 -0.63
N GLU B 10 1.11 -10.67 0.17
CA GLU B 10 -0.32 -10.57 -0.12
C GLU B 10 -0.77 -9.11 -0.13
N GLN B 11 -0.16 -8.30 0.72
CA GLN B 11 -0.50 -6.88 0.81
C GLN B 11 -0.02 -6.13 -0.43
N SER B 12 1.25 -6.33 -0.78
CA SER B 12 1.83 -5.67 -1.95
C SER B 12 0.95 -5.89 -3.17
N GLU B 13 0.73 -7.16 -3.51
CA GLU B 13 -0.10 -7.51 -4.66
C GLU B 13 -1.45 -6.80 -4.58
N LEU B 14 -1.94 -6.63 -3.35
CA LEU B 14 -3.22 -5.97 -3.13
C LEU B 14 -3.12 -4.48 -3.47
N VAL B 15 -2.06 -3.85 -3.00
CA VAL B 15 -1.85 -2.42 -3.24
C VAL B 15 -1.66 -2.16 -4.74
N LYS B 16 -1.05 -3.11 -5.43
CA LYS B 16 -0.81 -2.97 -6.87
C LYS B 16 -2.13 -2.86 -7.62
N LYS B 17 -2.99 -3.85 -7.44
CA LYS B 17 -4.29 -3.87 -8.09
C LYS B 17 -5.05 -2.57 -7.83
N MET B 18 -4.88 -2.03 -6.62
CA MET B 18 -5.55 -0.80 -6.24
C MET B 18 -5.02 0.38 -7.04
N VAL B 19 -3.69 0.52 -7.07
CA VAL B 19 -3.06 1.60 -7.80
C VAL B 19 -3.11 1.36 -9.31
N PHE B 20 -3.22 0.10 -9.69
CA PHE B 20 -3.29 -0.26 -11.11
C PHE B 20 -4.50 0.38 -11.77
N ASP B 21 -5.65 0.29 -11.11
CA ASP B 21 -6.88 0.87 -11.64
C ASP B 21 -6.81 2.39 -11.62
N THR B 22 -6.26 2.94 -10.55
CA THR B 22 -6.12 4.39 -10.41
C THR B 22 -5.34 4.96 -11.58
N LEU B 23 -4.22 4.32 -11.91
CA LEU B 23 -3.38 4.78 -13.01
C LEU B 23 -4.12 4.67 -14.34
N LYS B 24 -4.92 3.61 -14.48
CA LYS B 24 -5.69 3.40 -15.70
C LYS B 24 -6.49 4.65 -16.06
N ASP B 25 -7.08 5.27 -15.03
CA ASP B 25 -7.87 6.48 -15.23
C ASP B 25 -6.95 7.68 -15.42
N LEU B 26 -5.82 7.67 -14.73
CA LEU B 26 -4.85 8.75 -14.82
C LEU B 26 -4.37 8.92 -16.26
N TYR B 27 -3.96 7.82 -16.87
CA TYR B 27 -3.48 7.83 -18.25
C TYR B 27 -4.64 7.96 -19.23
N LYS B 28 -5.71 7.22 -18.97
CA LYS B 28 -6.89 7.24 -19.83
C LYS B 28 -7.43 8.66 -19.96
N LYS B 29 -7.41 9.41 -18.87
CA LYS B 29 -7.90 10.78 -18.87
C LYS B 29 -7.23 11.60 -19.97
N THR B 30 -5.94 11.85 -19.81
CA THR B 30 -5.17 12.62 -20.78
C THR B 30 -4.88 11.78 -22.02
N THR B 31 -5.90 11.60 -22.87
CA THR B 31 -5.74 10.82 -24.09
C THR B 31 -6.20 11.62 -25.30
N ARG C 1 -9.45 -1.08 26.41
CA ARG C 1 -8.01 -1.23 26.76
C ARG C 1 -7.35 -2.32 25.94
N ASN C 2 -6.72 -1.94 24.83
CA ASN C 2 -6.06 -2.90 23.96
C ASN C 2 -4.94 -2.22 23.17
N ASP C 3 -3.75 -2.16 23.74
CA ASP C 3 -2.60 -1.55 23.09
C ASP C 3 -2.34 -2.20 21.73
N ALA C 4 -2.63 -3.49 21.64
CA ALA C 4 -2.42 -4.23 20.39
C ALA C 4 -3.27 -3.63 19.28
N GLU C 5 -4.54 -3.36 19.58
CA GLU C 5 -5.45 -2.78 18.60
C GLU C 5 -4.98 -1.39 18.20
N ARG C 6 -4.74 -0.54 19.19
CA ARG C 6 -4.27 0.81 18.94
C ARG C 6 -2.94 0.79 18.21
N LEU C 7 -2.04 -0.07 18.68
CA LEU C 7 -0.72 -0.20 18.08
C LEU C 7 -0.84 -0.48 16.59
N ALA C 8 -1.64 -1.47 16.23
CA ALA C 8 -1.84 -1.83 14.84
C ALA C 8 -2.22 -0.60 14.01
N ASP C 9 -2.97 0.31 14.64
CA ASP C 9 -3.39 1.53 13.98
C ASP C 9 -2.21 2.46 13.74
N GLU C 10 -1.21 2.37 14.64
CA GLU C 10 -0.03 3.21 14.54
C GLU C 10 0.89 2.68 13.43
N GLN C 11 1.12 1.37 13.43
CA GLN C 11 1.97 0.75 12.43
C GLN C 11 1.48 1.08 11.02
N SER C 12 0.19 0.89 10.79
CA SER C 12 -0.41 1.18 9.50
C SER C 12 -0.21 2.65 9.12
N GLU C 13 -0.30 3.52 10.13
CA GLU C 13 -0.13 4.95 9.91
C GLU C 13 1.24 5.24 9.29
N LEU C 14 2.21 4.37 9.59
CA LEU C 14 3.55 4.53 9.05
C LEU C 14 3.60 4.07 7.60
N VAL C 15 2.78 3.07 7.28
CA VAL C 15 2.71 2.55 5.92
C VAL C 15 1.87 3.45 5.03
N LYS C 16 0.77 3.96 5.58
CA LYS C 16 -0.11 4.85 4.83
C LYS C 16 0.63 6.12 4.41
N LYS C 17 1.38 6.69 5.36
CA LYS C 17 2.14 7.90 5.09
C LYS C 17 3.19 7.65 4.02
N MET C 18 3.84 6.49 4.09
CA MET C 18 4.86 6.12 3.12
C MET C 18 4.24 6.01 1.72
N VAL C 19 3.04 5.45 1.68
CA VAL C 19 2.33 5.29 0.42
C VAL C 19 1.84 6.63 -0.11
N PHE C 20 1.31 7.46 0.79
CA PHE C 20 0.82 8.78 0.41
C PHE C 20 1.89 9.55 -0.35
N ASP C 21 3.03 9.77 0.33
CA ASP C 21 4.14 10.49 -0.29
C ASP C 21 4.48 9.89 -1.65
N THR C 22 4.55 8.56 -1.69
CA THR C 22 4.88 7.85 -2.92
C THR C 22 3.77 8.07 -3.96
N LEU C 23 2.61 7.47 -3.71
CA LEU C 23 1.48 7.60 -4.62
C LEU C 23 1.22 9.05 -4.98
N LYS C 24 1.45 9.93 -4.01
CA LYS C 24 1.26 11.36 -4.21
C LYS C 24 2.05 11.83 -5.43
N ASP C 25 3.37 11.86 -5.27
CA ASP C 25 4.25 12.29 -6.35
C ASP C 25 4.14 11.38 -7.56
N LEU C 26 3.72 10.13 -7.32
CA LEU C 26 3.57 9.15 -8.39
C LEU C 26 2.35 9.49 -9.26
N TYR C 27 1.25 9.83 -8.62
CA TYR C 27 0.02 10.18 -9.34
C TYR C 27 0.17 11.55 -10.01
N LYS C 28 1.04 12.37 -9.48
CA LYS C 28 1.28 13.70 -10.02
C LYS C 28 2.09 13.61 -11.31
N LYS C 29 2.95 12.59 -11.38
CA LYS C 29 3.79 12.39 -12.56
C LYS C 29 2.95 11.90 -13.73
N THR C 30 1.91 11.12 -13.44
CA THR C 30 1.04 10.59 -14.48
C THR C 30 0.46 11.72 -15.33
N THR C 31 -0.53 12.42 -14.78
CA THR C 31 -1.16 13.52 -15.50
C THR C 31 -0.44 14.83 -15.23
N ARG D 1 -4.75 21.11 -5.37
CA ARG D 1 -3.62 20.78 -6.28
C ARG D 1 -4.11 20.03 -7.52
N ASN D 2 -4.70 18.86 -7.31
CA ASN D 2 -5.21 18.06 -8.41
C ASN D 2 -5.77 16.72 -7.91
N ASP D 3 -6.27 15.91 -8.83
CA ASP D 3 -6.82 14.62 -8.48
C ASP D 3 -5.73 13.63 -8.06
N ALA D 4 -4.50 13.91 -8.48
CA ALA D 4 -3.37 13.05 -8.14
C ALA D 4 -3.20 12.93 -6.63
N GLU D 5 -3.26 14.07 -5.93
CA GLU D 5 -3.12 14.08 -4.48
C GLU D 5 -4.29 13.38 -3.81
N ARG D 6 -5.50 13.83 -4.11
CA ARG D 6 -6.70 13.24 -3.54
C ARG D 6 -6.68 11.71 -3.66
N LEU D 7 -6.08 11.23 -4.75
CA LEU D 7 -6.00 9.79 -4.99
C LEU D 7 -5.06 9.11 -3.99
N ALA D 8 -3.80 9.53 -4.01
CA ALA D 8 -2.78 8.98 -3.12
C ALA D 8 -3.32 8.83 -1.69
N ASP D 9 -4.26 9.69 -1.33
CA ASP D 9 -4.86 9.66 0.00
C ASP D 9 -5.83 8.48 0.12
N GLU D 10 -6.67 8.30 -0.89
CA GLU D 10 -7.63 7.21 -0.89
C GLU D 10 -6.92 5.86 -0.85
N GLN D 11 -5.76 5.79 -1.48
CA GLN D 11 -4.98 4.56 -1.52
C GLN D 11 -4.39 4.25 -0.15
N SER D 12 -3.72 5.25 0.44
CA SER D 12 -3.11 5.09 1.75
C SER D 12 -4.12 4.52 2.75
N GLU D 13 -5.23 5.23 2.92
CA GLU D 13 -6.28 4.80 3.84
C GLU D 13 -6.69 3.36 3.53
N LEU D 14 -6.64 2.99 2.25
CA LEU D 14 -7.00 1.65 1.83
C LEU D 14 -5.97 0.64 2.31
N VAL D 15 -4.69 0.98 2.12
CA VAL D 15 -3.60 0.10 2.53
C VAL D 15 -3.59 -0.09 4.05
N LYS D 16 -3.98 0.95 4.77
CA LYS D 16 -4.03 0.89 6.23
C LYS D 16 -5.01 -0.18 6.70
N LYS D 17 -6.25 -0.07 6.25
CA LYS D 17 -7.28 -1.03 6.62
C LYS D 17 -6.84 -2.45 6.31
N MET D 18 -6.09 -2.61 5.22
CA MET D 18 -5.61 -3.92 4.81
C MET D 18 -4.58 -4.44 5.80
N VAL D 19 -3.59 -3.62 6.12
CA VAL D 19 -2.54 -4.00 7.06
C VAL D 19 -3.06 -4.00 8.49
N PHE D 20 -4.10 -3.22 8.74
CA PHE D 20 -4.69 -3.13 10.07
C PHE D 20 -5.21 -4.49 10.52
N ASP D 21 -5.91 -5.18 9.62
CA ASP D 21 -6.46 -6.50 9.93
C ASP D 21 -5.34 -7.53 10.07
N THR D 22 -4.35 -7.43 9.18
CA THR D 22 -3.22 -8.35 9.20
C THR D 22 -2.52 -8.31 10.56
N LEU D 23 -2.28 -7.10 11.05
CA LEU D 23 -1.62 -6.93 12.34
C LEU D 23 -2.48 -7.50 13.47
N LYS D 24 -3.79 -7.31 13.36
CA LYS D 24 -4.71 -7.82 14.36
C LYS D 24 -4.45 -9.29 14.64
N ASP D 25 -4.21 -10.05 13.58
CA ASP D 25 -3.93 -11.48 13.71
C ASP D 25 -2.51 -11.70 14.19
N LEU D 26 -1.59 -10.84 13.75
CA LEU D 26 -0.19 -10.94 14.14
C LEU D 26 -0.05 -10.84 15.65
N TYR D 27 -0.67 -9.83 16.24
CA TYR D 27 -0.61 -9.62 17.68
C TYR D 27 -1.52 -10.61 18.41
N LYS D 28 -2.72 -10.82 17.85
CA LYS D 28 -3.68 -11.73 18.45
C LYS D 28 -3.09 -13.13 18.60
N LYS D 29 -2.31 -13.55 17.60
CA LYS D 29 -1.69 -14.87 17.62
C LYS D 29 -0.89 -15.07 18.90
N THR D 30 0.20 -14.32 19.03
CA THR D 30 1.06 -14.42 20.20
C THR D 30 0.41 -13.72 21.40
N THR D 31 -0.58 -14.39 21.99
CA THR D 31 -1.28 -13.84 23.16
C THR D 31 -1.28 -14.83 24.32
N ARG A 1 0.79 -2.54 -28.09
CA ARG A 1 1.69 -2.30 -26.93
C ARG A 1 0.96 -1.60 -25.79
N ASN A 2 0.59 -0.35 -26.01
CA ASN A 2 -0.12 0.42 -24.99
C ASN A 2 0.78 0.73 -23.80
N ASP A 3 1.69 1.69 -23.99
CA ASP A 3 2.61 2.08 -22.93
C ASP A 3 1.85 2.46 -21.67
N ALA A 4 0.65 3.02 -21.85
CA ALA A 4 -0.18 3.44 -20.73
C ALA A 4 -0.56 2.23 -19.88
N GLU A 5 -0.87 1.12 -20.53
CA GLU A 5 -1.26 -0.09 -19.84
C GLU A 5 -0.06 -0.67 -19.08
N ARG A 6 1.06 -0.83 -19.79
CA ARG A 6 2.27 -1.35 -19.19
C ARG A 6 2.77 -0.42 -18.09
N LEU A 7 2.76 0.88 -18.39
CA LEU A 7 3.20 1.88 -17.43
C LEU A 7 2.45 1.72 -16.12
N ALA A 8 1.14 1.66 -16.20
CA ALA A 8 0.29 1.51 -15.02
C ALA A 8 0.77 0.34 -14.17
N ASP A 9 1.20 -0.73 -14.83
CA ASP A 9 1.68 -1.93 -14.14
C ASP A 9 3.13 -1.73 -13.69
N GLU A 10 3.85 -0.87 -14.40
CA GLU A 10 5.25 -0.60 -14.07
C GLU A 10 5.35 0.27 -12.82
N GLN A 11 4.61 1.36 -12.81
CA GLN A 11 4.61 2.27 -11.67
C GLN A 11 4.11 1.56 -10.42
N SER A 12 3.14 0.68 -10.60
CA SER A 12 2.57 -0.07 -9.48
C SER A 12 3.61 -0.99 -8.87
N GLU A 13 4.47 -1.56 -9.71
CA GLU A 13 5.52 -2.46 -9.25
C GLU A 13 6.40 -1.78 -8.21
N LEU A 14 6.96 -0.62 -8.58
CA LEU A 14 7.81 0.14 -7.69
C LEU A 14 7.13 0.35 -6.35
N VAL A 15 5.81 0.58 -6.38
CA VAL A 15 5.03 0.80 -5.18
C VAL A 15 4.91 -0.49 -4.37
N LYS A 16 4.50 -1.56 -5.04
CA LYS A 16 4.34 -2.86 -4.40
C LYS A 16 5.65 -3.30 -3.74
N LYS A 17 6.75 -3.08 -4.45
CA LYS A 17 8.06 -3.46 -3.95
C LYS A 17 8.37 -2.73 -2.65
N MET A 18 7.96 -1.47 -2.57
CA MET A 18 8.18 -0.66 -1.39
C MET A 18 7.42 -1.23 -0.21
N VAL A 19 6.16 -1.60 -0.43
CA VAL A 19 5.31 -2.15 0.60
C VAL A 19 5.84 -3.52 1.05
N PHE A 20 6.21 -4.35 0.09
CA PHE A 20 6.73 -5.68 0.41
C PHE A 20 7.87 -5.59 1.41
N ASP A 21 8.93 -4.90 1.02
CA ASP A 21 10.09 -4.75 1.89
C ASP A 21 9.67 -4.19 3.25
N THR A 22 8.77 -3.22 3.24
CA THR A 22 8.27 -2.61 4.46
C THR A 22 7.45 -3.62 5.26
N LEU A 23 6.28 -3.98 4.73
CA LEU A 23 5.40 -4.93 5.40
C LEU A 23 6.16 -6.20 5.77
N LYS A 24 7.07 -6.62 4.90
CA LYS A 24 7.87 -7.81 5.14
C LYS A 24 8.53 -7.73 6.52
N ASP A 25 9.52 -6.84 6.62
CA ASP A 25 10.24 -6.65 7.87
C ASP A 25 9.30 -6.18 8.97
N LEU A 26 8.27 -5.42 8.60
CA LEU A 26 7.31 -4.90 9.56
C LEU A 26 6.57 -6.05 10.25
N TYR A 27 5.89 -6.88 9.46
CA TYR A 27 5.16 -8.02 10.00
C TYR A 27 6.10 -8.99 10.70
N LYS A 28 7.37 -8.96 10.31
CA LYS A 28 8.36 -9.85 10.91
C LYS A 28 8.73 -9.37 12.31
N LYS A 29 8.71 -8.06 12.51
CA LYS A 29 9.04 -7.47 13.81
C LYS A 29 7.96 -7.79 14.83
N THR A 30 6.71 -7.84 14.37
CA THR A 30 5.58 -8.13 15.25
C THR A 30 5.78 -9.46 15.96
N THR A 31 5.49 -10.56 15.26
CA THR A 31 5.64 -11.89 15.82
C THR A 31 6.95 -12.53 15.39
N ARG B 1 8.41 -18.29 3.89
CA ARG B 1 9.12 -18.12 5.19
C ARG B 1 8.15 -18.28 6.36
N ASN B 2 7.23 -17.33 6.48
CA ASN B 2 6.24 -17.36 7.56
C ASN B 2 5.05 -16.47 7.22
N ASP B 3 4.05 -16.47 8.10
CA ASP B 3 2.85 -15.67 7.89
C ASP B 3 3.21 -14.22 7.57
N ALA B 4 4.21 -13.70 8.29
CA ALA B 4 4.65 -12.33 8.08
C ALA B 4 4.96 -12.07 6.62
N GLU B 5 5.60 -13.04 5.96
CA GLU B 5 5.94 -12.92 4.55
C GLU B 5 4.69 -13.06 3.69
N ARG B 6 3.78 -13.93 4.13
CA ARG B 6 2.54 -14.15 3.39
C ARG B 6 1.68 -12.89 3.39
N LEU B 7 1.69 -12.18 4.50
CA LEU B 7 0.91 -10.95 4.63
C LEU B 7 1.45 -9.88 3.70
N ALA B 8 2.75 -9.63 3.78
CA ALA B 8 3.40 -8.63 2.94
C ALA B 8 3.02 -8.81 1.48
N ASP B 9 2.90 -10.07 1.06
CA ASP B 9 2.54 -10.38 -0.32
C ASP B 9 1.09 -10.03 -0.60
N GLU B 10 0.20 -10.50 0.27
CA GLU B 10 -1.23 -10.23 0.12
C GLU B 10 -1.51 -8.74 0.22
N GLN B 11 -0.79 -8.07 1.12
CA GLN B 11 -0.95 -6.64 1.31
C GLN B 11 -0.28 -5.86 0.19
N SER B 12 0.92 -6.30 -0.21
CA SER B 12 1.66 -5.64 -1.27
C SER B 12 0.93 -5.79 -2.60
N GLU B 13 0.64 -7.04 -2.97
CA GLU B 13 -0.07 -7.32 -4.21
C GLU B 13 -1.33 -6.47 -4.33
N LEU B 14 -2.01 -6.30 -3.20
CA LEU B 14 -3.24 -5.51 -3.16
C LEU B 14 -2.96 -4.08 -3.63
N VAL B 15 -1.86 -3.51 -3.15
CA VAL B 15 -1.48 -2.15 -3.51
C VAL B 15 -1.33 -2.01 -5.02
N LYS B 16 -0.82 -3.06 -5.66
CA LYS B 16 -0.62 -3.05 -7.10
C LYS B 16 -1.96 -3.07 -7.82
N LYS B 17 -2.95 -3.72 -7.21
CA LYS B 17 -4.28 -3.81 -7.80
C LYS B 17 -5.02 -2.48 -7.68
N MET B 18 -4.85 -1.82 -6.53
CA MET B 18 -5.49 -0.53 -6.30
C MET B 18 -4.82 0.57 -7.11
N VAL B 19 -3.51 0.48 -7.25
CA VAL B 19 -2.75 1.47 -8.00
C VAL B 19 -2.84 1.21 -9.50
N PHE B 20 -2.95 -0.06 -9.88
CA PHE B 20 -3.06 -0.43 -11.29
C PHE B 20 -4.28 0.24 -11.93
N ASP B 21 -5.44 0.07 -11.31
CA ASP B 21 -6.66 0.66 -11.82
C ASP B 21 -6.56 2.18 -11.85
N THR B 22 -6.04 2.74 -10.75
CA THR B 22 -5.89 4.19 -10.65
C THR B 22 -5.05 4.73 -11.81
N LEU B 23 -3.79 4.29 -11.88
CA LEU B 23 -2.89 4.72 -12.93
C LEU B 23 -3.54 4.59 -14.30
N LYS B 24 -4.28 3.50 -14.49
CA LYS B 24 -4.96 3.24 -15.77
C LYS B 24 -5.74 4.47 -16.21
N ASP B 25 -6.53 5.02 -15.29
CA ASP B 25 -7.34 6.19 -15.58
C ASP B 25 -6.45 7.43 -15.72
N LEU B 26 -5.40 7.50 -14.90
CA LEU B 26 -4.48 8.62 -14.93
C LEU B 26 -3.88 8.79 -16.33
N TYR B 27 -3.37 7.71 -16.89
CA TYR B 27 -2.78 7.73 -18.22
C TYR B 27 -3.84 7.91 -19.29
N LYS B 28 -4.95 7.19 -19.15
CA LYS B 28 -6.04 7.27 -20.12
C LYS B 28 -6.42 8.73 -20.38
N LYS B 29 -6.38 9.55 -19.35
CA LYS B 29 -6.72 10.96 -19.47
C LYS B 29 -5.78 11.67 -20.45
N THR B 30 -4.61 11.08 -20.67
CA THR B 30 -3.63 11.65 -21.59
C THR B 30 -2.50 10.66 -21.86
N THR B 31 -2.36 10.27 -23.12
CA THR B 31 -1.31 9.33 -23.51
C THR B 31 -0.57 9.83 -24.75
N ARG C 1 -7.10 -0.25 27.33
CA ARG C 1 -6.07 0.33 26.42
C ARG C 1 -5.83 -0.57 25.21
N ASN C 2 -5.23 -1.73 25.45
CA ASN C 2 -4.95 -2.68 24.39
C ASN C 2 -3.87 -2.15 23.44
N ASP C 3 -2.62 -2.18 23.90
CA ASP C 3 -1.51 -1.69 23.10
C ASP C 3 -1.48 -2.40 21.74
N ALA C 4 -1.92 -3.64 21.72
CA ALA C 4 -1.95 -4.42 20.48
C ALA C 4 -2.88 -3.78 19.46
N GLU C 5 -4.02 -3.28 19.94
CA GLU C 5 -5.00 -2.64 19.08
C GLU C 5 -4.45 -1.32 18.54
N ARG C 6 -3.95 -0.49 19.45
CA ARG C 6 -3.38 0.80 19.09
C ARG C 6 -2.16 0.61 18.21
N LEU C 7 -1.31 -0.34 18.61
CA LEU C 7 -0.09 -0.63 17.86
C LEU C 7 -0.43 -0.93 16.41
N ALA C 8 -1.38 -1.84 16.20
CA ALA C 8 -1.80 -2.21 14.86
C ALA C 8 -2.14 -0.98 14.02
N ASP C 9 -2.76 0.01 14.67
CA ASP C 9 -3.12 1.24 14.00
C ASP C 9 -1.92 2.18 13.88
N GLU C 10 -0.98 2.03 14.80
CA GLU C 10 0.22 2.85 14.81
C GLU C 10 1.16 2.45 13.68
N GLN C 11 1.45 1.16 13.61
CA GLN C 11 2.34 0.63 12.57
C GLN C 11 1.76 0.88 11.19
N SER C 12 0.44 0.80 11.08
CA SER C 12 -0.24 1.02 9.81
C SER C 12 -0.06 2.46 9.35
N GLU C 13 -0.08 3.38 10.30
CA GLU C 13 0.09 4.81 10.00
C GLU C 13 1.38 5.04 9.24
N LEU C 14 2.50 4.60 9.82
CA LEU C 14 3.80 4.76 9.19
C LEU C 14 3.78 4.25 7.76
N VAL C 15 3.05 3.15 7.55
CA VAL C 15 2.94 2.55 6.22
C VAL C 15 2.11 3.45 5.30
N LYS C 16 0.93 3.84 5.78
CA LYS C 16 0.04 4.69 5.00
C LYS C 16 0.74 5.99 4.61
N LYS C 17 1.48 6.55 5.55
CA LYS C 17 2.20 7.80 5.30
C LYS C 17 3.19 7.63 4.16
N MET C 18 3.84 6.46 4.11
CA MET C 18 4.81 6.17 3.07
C MET C 18 4.14 6.12 1.70
N VAL C 19 2.98 5.46 1.65
CA VAL C 19 2.24 5.35 0.39
C VAL C 19 1.71 6.71 -0.05
N PHE C 20 1.17 7.48 0.89
CA PHE C 20 0.63 8.79 0.58
C PHE C 20 1.67 9.63 -0.14
N ASP C 21 2.80 9.87 0.51
CA ASP C 21 3.88 10.67 -0.08
C ASP C 21 4.27 10.11 -1.43
N THR C 22 4.35 8.79 -1.53
CA THR C 22 4.70 8.13 -2.78
C THR C 22 3.60 8.33 -3.81
N LEU C 23 2.46 7.69 -3.58
CA LEU C 23 1.32 7.79 -4.49
C LEU C 23 1.00 9.24 -4.80
N LYS C 24 1.14 10.11 -3.79
CA LYS C 24 0.88 11.53 -3.98
C LYS C 24 1.68 12.06 -5.16
N ASP C 25 2.98 12.16 -4.98
CA ASP C 25 3.87 12.66 -6.03
C ASP C 25 3.81 11.75 -7.26
N LEU C 26 3.58 10.46 -7.04
CA LEU C 26 3.50 9.51 -8.13
C LEU C 26 2.33 9.85 -9.07
N TYR C 27 1.13 9.88 -8.52
CA TYR C 27 -0.06 10.19 -9.29
C TYR C 27 0.02 11.61 -9.86
N LYS C 28 0.81 12.46 -9.21
CA LYS C 28 0.98 13.84 -9.66
C LYS C 28 1.86 13.90 -10.91
N LYS C 29 2.81 12.98 -10.99
CA LYS C 29 3.73 12.94 -12.13
C LYS C 29 2.99 12.48 -13.39
N THR C 30 2.02 11.58 -13.21
CA THR C 30 1.24 11.07 -14.32
C THR C 30 0.57 12.20 -15.09
N THR C 31 -0.54 12.69 -14.56
CA THR C 31 -1.28 13.77 -15.19
C THR C 31 -0.93 15.12 -14.54
N ARG D 1 -6.50 19.13 -3.69
CA ARG D 1 -5.62 19.63 -4.78
C ARG D 1 -6.13 19.15 -6.14
N ASN D 2 -6.07 17.84 -6.37
CA ASN D 2 -6.53 17.27 -7.63
C ASN D 2 -6.78 15.77 -7.47
N ASP D 3 -7.26 15.14 -8.54
CA ASP D 3 -7.55 13.71 -8.51
C ASP D 3 -6.35 12.93 -8.01
N ALA D 4 -5.15 13.33 -8.44
CA ALA D 4 -3.93 12.67 -8.03
C ALA D 4 -3.85 12.56 -6.51
N GLU D 5 -4.24 13.64 -5.83
CA GLU D 5 -4.22 13.67 -4.37
C GLU D 5 -5.34 12.81 -3.81
N ARG D 6 -6.48 12.81 -4.50
CA ARG D 6 -7.63 12.03 -4.07
C ARG D 6 -7.32 10.53 -4.14
N LEU D 7 -6.57 10.14 -5.16
CA LEU D 7 -6.20 8.74 -5.34
C LEU D 7 -5.26 8.29 -4.22
N ALA D 8 -4.21 9.05 -4.00
CA ALA D 8 -3.23 8.72 -2.96
C ALA D 8 -3.93 8.46 -1.64
N ASP D 9 -4.98 9.22 -1.36
CA ASP D 9 -5.73 9.06 -0.12
C ASP D 9 -6.53 7.76 -0.13
N GLU D 10 -7.28 7.53 -1.21
CA GLU D 10 -8.08 6.32 -1.34
C GLU D 10 -7.20 5.09 -1.36
N GLN D 11 -6.04 5.20 -2.02
CA GLN D 11 -5.09 4.10 -2.13
C GLN D 11 -4.32 3.93 -0.82
N SER D 12 -3.92 5.06 -0.23
CA SER D 12 -3.17 5.02 1.03
C SER D 12 -4.06 4.48 2.16
N GLU D 13 -5.21 5.12 2.34
CA GLU D 13 -6.14 4.71 3.39
C GLU D 13 -6.42 3.22 3.30
N LEU D 14 -6.52 2.71 2.08
CA LEU D 14 -6.78 1.29 1.86
C LEU D 14 -5.68 0.44 2.48
N VAL D 15 -4.44 0.87 2.30
CA VAL D 15 -3.30 0.14 2.86
C VAL D 15 -3.41 0.03 4.37
N LYS D 16 -3.94 1.06 5.00
CA LYS D 16 -4.11 1.06 6.45
C LYS D 16 -5.18 0.07 6.87
N LYS D 17 -6.18 -0.12 6.01
CA LYS D 17 -7.26 -1.05 6.29
C LYS D 17 -6.79 -2.50 6.13
N MET D 18 -5.96 -2.73 5.13
CA MET D 18 -5.45 -4.08 4.87
C MET D 18 -4.38 -4.44 5.90
N VAL D 19 -3.59 -3.46 6.30
CA VAL D 19 -2.53 -3.68 7.28
C VAL D 19 -3.09 -3.71 8.70
N PHE D 20 -4.15 -2.94 8.92
CA PHE D 20 -4.77 -2.88 10.25
C PHE D 20 -5.25 -4.26 10.67
N ASP D 21 -6.04 -4.91 9.82
CA ASP D 21 -6.55 -6.24 10.10
C ASP D 21 -5.40 -7.24 10.28
N THR D 22 -4.44 -7.16 9.38
CA THR D 22 -3.28 -8.06 9.43
C THR D 22 -2.58 -7.95 10.78
N LEU D 23 -2.06 -6.75 11.08
CA LEU D 23 -1.36 -6.52 12.33
C LEU D 23 -2.18 -6.99 13.52
N LYS D 24 -3.49 -6.78 13.45
CA LYS D 24 -4.39 -7.19 14.52
C LYS D 24 -4.15 -8.65 14.90
N ASP D 25 -4.10 -9.51 13.89
CA ASP D 25 -3.86 -10.93 14.10
C ASP D 25 -2.43 -11.18 14.54
N LEU D 26 -1.50 -10.42 13.96
CA LEU D 26 -0.08 -10.55 14.30
C LEU D 26 0.15 -10.37 15.79
N TYR D 27 -0.41 -9.30 16.35
CA TYR D 27 -0.26 -9.01 17.77
C TYR D 27 -1.07 -10.00 18.61
N LYS D 28 -2.30 -10.26 18.18
CA LYS D 28 -3.18 -11.18 18.89
C LYS D 28 -2.47 -12.50 19.20
N LYS D 29 -1.64 -12.94 18.27
CA LYS D 29 -0.90 -14.19 18.44
C LYS D 29 0.03 -14.10 19.65
N THR D 30 0.35 -12.89 20.06
CA THR D 30 1.23 -12.67 21.22
C THR D 30 1.24 -11.21 21.63
N THR D 31 0.79 -10.95 22.85
CA THR D 31 0.75 -9.59 23.38
C THR D 31 1.34 -9.52 24.78
N ARG A 1 -1.34 -1.28 -28.99
CA ARG A 1 -0.24 -0.74 -28.15
C ARG A 1 -0.73 0.37 -27.23
N ASN A 2 -0.17 0.42 -26.03
CA ASN A 2 -0.55 1.45 -25.06
C ASN A 2 0.45 1.52 -23.92
N ASP A 3 1.32 2.53 -23.96
CA ASP A 3 2.33 2.72 -22.93
C ASP A 3 1.69 2.99 -21.58
N ALA A 4 0.52 3.62 -21.60
CA ALA A 4 -0.20 3.93 -20.37
C ALA A 4 -0.58 2.65 -19.65
N GLU A 5 -0.91 1.61 -20.41
CA GLU A 5 -1.28 0.33 -19.84
C GLU A 5 -0.05 -0.36 -19.24
N ARG A 6 0.98 -0.51 -20.06
CA ARG A 6 2.22 -1.13 -19.61
C ARG A 6 2.83 -0.33 -18.47
N LEU A 7 2.77 0.99 -18.59
CA LEU A 7 3.32 1.89 -17.58
C LEU A 7 2.60 1.68 -16.24
N ALA A 8 1.27 1.77 -16.29
CA ALA A 8 0.46 1.59 -15.08
C ALA A 8 0.86 0.34 -14.33
N ASP A 9 1.34 -0.66 -15.05
CA ASP A 9 1.77 -1.91 -14.45
C ASP A 9 3.17 -1.79 -13.88
N GLU A 10 3.97 -0.91 -14.48
CA GLU A 10 5.34 -0.68 -14.04
C GLU A 10 5.37 0.20 -12.79
N GLN A 11 4.63 1.29 -12.85
CA GLN A 11 4.56 2.23 -11.73
C GLN A 11 4.04 1.53 -10.48
N SER A 12 2.97 0.75 -10.64
CA SER A 12 2.39 0.03 -9.52
C SER A 12 3.38 -0.97 -8.93
N GLU A 13 4.19 -1.57 -9.81
CA GLU A 13 5.19 -2.54 -9.37
C GLU A 13 6.15 -1.91 -8.36
N LEU A 14 6.50 -0.64 -8.59
CA LEU A 14 7.40 0.07 -7.70
C LEU A 14 6.78 0.23 -6.32
N VAL A 15 5.51 0.61 -6.29
CA VAL A 15 4.80 0.80 -5.03
C VAL A 15 4.67 -0.51 -4.27
N LYS A 16 4.39 -1.59 -5.01
CA LYS A 16 4.24 -2.90 -4.41
C LYS A 16 5.52 -3.31 -3.69
N LYS A 17 6.65 -3.22 -4.40
CA LYS A 17 7.93 -3.58 -3.83
C LYS A 17 8.19 -2.80 -2.54
N MET A 18 7.78 -1.53 -2.54
CA MET A 18 7.96 -0.68 -1.37
C MET A 18 7.17 -1.21 -0.19
N VAL A 19 5.97 -1.71 -0.46
CA VAL A 19 5.11 -2.25 0.58
C VAL A 19 5.63 -3.61 1.05
N PHE A 20 6.01 -4.47 0.11
CA PHE A 20 6.53 -5.78 0.45
C PHE A 20 7.67 -5.63 1.46
N ASP A 21 8.81 -5.15 0.99
CA ASP A 21 9.97 -4.95 1.85
C ASP A 21 9.57 -4.30 3.17
N THR A 22 8.58 -3.42 3.11
CA THR A 22 8.10 -2.73 4.30
C THR A 22 7.40 -3.72 5.23
N LEU A 23 6.20 -4.13 4.85
CA LEU A 23 5.44 -5.09 5.64
C LEU A 23 6.28 -6.31 6.00
N LYS A 24 7.19 -6.68 5.11
CA LYS A 24 8.06 -7.82 5.34
C LYS A 24 8.79 -7.68 6.67
N ASP A 25 9.61 -6.63 6.78
CA ASP A 25 10.37 -6.38 7.99
C ASP A 25 9.44 -5.96 9.13
N LEU A 26 8.36 -5.26 8.78
CA LEU A 26 7.40 -4.81 9.77
C LEU A 26 6.67 -6.00 10.40
N TYR A 27 5.90 -6.71 9.60
CA TYR A 27 5.16 -7.87 10.09
C TYR A 27 6.11 -8.86 10.76
N LYS A 28 7.37 -8.84 10.34
CA LYS A 28 8.37 -9.73 10.89
C LYS A 28 8.65 -9.40 12.35
N LYS A 29 8.72 -8.11 12.66
CA LYS A 29 8.98 -7.68 14.02
C LYS A 29 7.79 -8.00 14.93
N THR A 30 6.59 -7.95 14.38
CA THR A 30 5.38 -8.24 15.13
C THR A 30 5.43 -9.65 15.71
N THR A 31 5.80 -10.62 14.88
CA THR A 31 5.90 -12.00 15.30
C THR A 31 7.30 -12.32 15.81
N ARG B 1 7.13 -19.38 12.84
CA ARG B 1 5.96 -18.85 12.07
C ARG B 1 6.42 -17.84 11.02
N ASN B 2 6.42 -18.27 9.76
CA ASN B 2 6.83 -17.41 8.66
C ASN B 2 5.62 -16.74 8.01
N ASP B 3 4.54 -16.62 8.78
CA ASP B 3 3.31 -16.00 8.27
C ASP B 3 3.54 -14.53 7.95
N ALA B 4 4.52 -13.92 8.60
CA ALA B 4 4.84 -12.52 8.38
C ALA B 4 5.19 -12.26 6.92
N GLU B 5 6.06 -13.09 6.35
CA GLU B 5 6.48 -12.95 4.96
C GLU B 5 5.29 -13.14 4.03
N ARG B 6 4.49 -14.16 4.30
CA ARG B 6 3.31 -14.45 3.48
C ARG B 6 2.34 -13.29 3.51
N LEU B 7 2.21 -12.67 4.68
CA LEU B 7 1.30 -11.55 4.84
C LEU B 7 1.71 -10.38 3.95
N ALA B 8 2.96 -9.97 4.08
CA ALA B 8 3.49 -8.87 3.28
C ALA B 8 3.19 -9.07 1.81
N ASP B 9 3.33 -10.31 1.34
CA ASP B 9 3.07 -10.62 -0.06
C ASP B 9 1.60 -10.43 -0.39
N GLU B 10 0.73 -10.72 0.57
CA GLU B 10 -0.69 -10.56 0.38
C GLU B 10 -1.06 -9.09 0.22
N GLN B 11 -0.45 -8.25 1.05
CA GLN B 11 -0.70 -6.81 1.01
C GLN B 11 -0.08 -6.18 -0.23
N SER B 12 1.20 -6.50 -0.48
CA SER B 12 1.90 -5.93 -1.63
C SER B 12 1.12 -6.13 -2.92
N GLU B 13 0.71 -7.36 -3.19
CA GLU B 13 -0.03 -7.67 -4.41
C GLU B 13 -1.31 -6.84 -4.52
N LEU B 14 -2.20 -6.95 -3.53
CA LEU B 14 -3.45 -6.20 -3.55
C LEU B 14 -3.18 -4.72 -3.79
N VAL B 15 -2.06 -4.23 -3.28
CA VAL B 15 -1.70 -2.83 -3.44
C VAL B 15 -1.54 -2.47 -4.91
N LYS B 16 -0.74 -3.24 -5.62
CA LYS B 16 -0.51 -3.00 -7.04
C LYS B 16 -1.83 -2.89 -7.80
N LYS B 17 -2.81 -3.69 -7.38
CA LYS B 17 -4.11 -3.69 -8.03
C LYS B 17 -4.85 -2.37 -7.81
N MET B 18 -4.71 -1.80 -6.61
CA MET B 18 -5.38 -0.54 -6.30
C MET B 18 -4.76 0.61 -7.10
N VAL B 19 -3.45 0.59 -7.25
CA VAL B 19 -2.75 1.63 -7.99
C VAL B 19 -2.70 1.32 -9.48
N PHE B 20 -2.78 0.05 -9.84
CA PHE B 20 -2.75 -0.35 -11.24
C PHE B 20 -3.98 0.19 -11.97
N ASP B 21 -5.11 0.20 -11.29
CA ASP B 21 -6.36 0.70 -11.87
C ASP B 21 -6.38 2.21 -11.87
N THR B 22 -5.96 2.81 -10.75
CA THR B 22 -5.93 4.26 -10.62
C THR B 22 -5.05 4.88 -11.69
N LEU B 23 -3.90 4.26 -11.93
CA LEU B 23 -2.96 4.76 -12.94
C LEU B 23 -3.57 4.66 -14.33
N LYS B 24 -4.24 3.55 -14.61
CA LYS B 24 -4.87 3.34 -15.91
C LYS B 24 -5.73 4.54 -16.29
N ASP B 25 -6.44 5.07 -15.31
CA ASP B 25 -7.30 6.22 -15.52
C ASP B 25 -6.49 7.51 -15.53
N LEU B 26 -5.41 7.52 -14.77
CA LEU B 26 -4.54 8.68 -14.68
C LEU B 26 -3.95 9.02 -16.04
N TYR B 27 -3.61 7.98 -16.80
CA TYR B 27 -3.03 8.17 -18.13
C TYR B 27 -4.13 8.35 -19.18
N LYS B 28 -5.23 7.64 -18.99
CA LYS B 28 -6.35 7.72 -19.93
C LYS B 28 -6.96 9.12 -19.93
N LYS B 29 -6.74 9.86 -18.84
CA LYS B 29 -7.27 11.22 -18.72
C LYS B 29 -6.52 12.18 -19.63
N THR B 30 -5.29 11.83 -19.98
CA THR B 30 -4.47 12.67 -20.84
C THR B 30 -3.95 11.88 -22.04
N THR B 31 -4.87 11.39 -22.86
CA THR B 31 -4.52 10.61 -24.04
C THR B 31 -3.81 11.49 -25.07
N ARG C 1 -7.98 -2.56 27.82
CA ARG C 1 -6.67 -2.09 27.30
C ARG C 1 -6.03 -3.14 26.39
N ASN C 2 -5.37 -2.68 25.34
CA ASN C 2 -4.70 -3.59 24.41
C ASN C 2 -3.72 -2.83 23.52
N ASP C 3 -2.43 -2.95 23.83
CA ASP C 3 -1.40 -2.27 23.06
C ASP C 3 -1.36 -2.80 21.63
N ALA C 4 -1.71 -4.06 21.46
CA ALA C 4 -1.73 -4.68 20.15
C ALA C 4 -2.73 -3.98 19.23
N GLU C 5 -3.84 -3.54 19.82
CA GLU C 5 -4.87 -2.84 19.08
C GLU C 5 -4.39 -1.45 18.69
N ARG C 6 -3.97 -0.69 19.69
CA ARG C 6 -3.48 0.66 19.47
C ARG C 6 -2.25 0.63 18.56
N LEU C 7 -1.39 -0.36 18.77
CA LEU C 7 -0.19 -0.53 17.97
C LEU C 7 -0.54 -0.77 16.51
N ALA C 8 -1.39 -1.77 16.28
CA ALA C 8 -1.81 -2.11 14.92
C ALA C 8 -2.26 -0.87 14.15
N ASP C 9 -2.79 0.11 14.88
CA ASP C 9 -3.25 1.34 14.26
C ASP C 9 -2.08 2.29 14.03
N GLU C 10 -1.05 2.18 14.86
CA GLU C 10 0.13 3.03 14.73
C GLU C 10 1.03 2.53 13.61
N GLN C 11 1.28 1.23 13.60
CA GLN C 11 2.12 0.62 12.58
C GLN C 11 1.55 0.85 11.19
N SER C 12 0.25 0.65 11.05
CA SER C 12 -0.43 0.84 9.77
C SER C 12 -0.32 2.30 9.32
N GLU C 13 -0.37 3.20 10.29
CA GLU C 13 -0.29 4.63 9.99
C GLU C 13 1.02 4.95 9.25
N LEU C 14 2.09 4.28 9.68
CA LEU C 14 3.40 4.50 9.06
C LEU C 14 3.39 4.07 7.60
N VAL C 15 2.80 2.90 7.33
CA VAL C 15 2.72 2.38 5.97
C VAL C 15 1.87 3.28 5.09
N LYS C 16 0.77 3.78 5.66
CA LYS C 16 -0.14 4.66 4.92
C LYS C 16 0.58 5.92 4.46
N LYS C 17 1.27 6.58 5.40
CA LYS C 17 2.01 7.79 5.08
C LYS C 17 3.01 7.53 3.95
N MET C 18 3.63 6.35 3.98
CA MET C 18 4.59 5.96 2.96
C MET C 18 3.93 5.90 1.58
N VAL C 19 2.70 5.37 1.56
CA VAL C 19 1.95 5.25 0.32
C VAL C 19 1.46 6.61 -0.16
N PHE C 20 0.91 7.39 0.76
CA PHE C 20 0.42 8.72 0.42
C PHE C 20 1.50 9.51 -0.30
N ASP C 21 2.52 9.94 0.44
CA ASP C 21 3.63 10.68 -0.14
C ASP C 21 4.11 10.06 -1.46
N THR C 22 4.04 8.72 -1.52
CA THR C 22 4.44 8.01 -2.72
C THR C 22 3.47 8.30 -3.86
N LEU C 23 2.28 7.72 -3.78
CA LEU C 23 1.26 7.92 -4.80
C LEU C 23 1.05 9.40 -5.08
N LYS C 24 1.22 10.23 -4.06
CA LYS C 24 1.06 11.67 -4.20
C LYS C 24 1.94 12.21 -5.32
N ASP C 25 3.25 12.05 -5.16
CA ASP C 25 4.20 12.51 -6.16
C ASP C 25 4.10 11.66 -7.43
N LEU C 26 3.78 10.38 -7.26
CA LEU C 26 3.66 9.46 -8.38
C LEU C 26 2.47 9.85 -9.25
N TYR C 27 1.26 9.73 -8.70
CA TYR C 27 0.05 10.08 -9.43
C TYR C 27 0.14 11.50 -9.97
N LYS C 28 0.93 12.34 -9.30
CA LYS C 28 1.10 13.72 -9.70
C LYS C 28 1.82 13.82 -11.04
N LYS C 29 2.84 12.98 -11.21
CA LYS C 29 3.62 12.97 -12.44
C LYS C 29 2.78 12.46 -13.61
N THR C 30 1.88 11.51 -13.31
CA THR C 30 1.01 10.94 -14.34
C THR C 30 0.17 12.02 -15.01
N THR C 31 -0.43 12.88 -14.20
CA THR C 31 -1.25 13.97 -14.72
C THR C 31 -0.42 15.23 -14.95
N ARG D 1 -6.14 19.75 -12.75
CA ARG D 1 -6.71 18.49 -12.19
C ARG D 1 -5.91 18.01 -10.99
N ASN D 2 -6.48 18.21 -9.80
CA ASN D 2 -5.83 17.79 -8.56
C ASN D 2 -6.31 16.41 -8.13
N ASP D 3 -6.80 15.63 -9.09
CA ASP D 3 -7.29 14.29 -8.80
C ASP D 3 -6.17 13.38 -8.30
N ALA D 4 -4.94 13.71 -8.68
CA ALA D 4 -3.78 12.92 -8.26
C ALA D 4 -3.67 12.86 -6.75
N GLU D 5 -3.78 14.01 -6.10
CA GLU D 5 -3.70 14.08 -4.64
C GLU D 5 -4.84 13.30 -4.00
N ARG D 6 -6.04 13.47 -4.52
CA ARG D 6 -7.21 12.78 -3.99
C ARG D 6 -7.06 11.28 -4.13
N LEU D 7 -6.45 10.84 -5.23
CA LEU D 7 -6.23 9.43 -5.49
C LEU D 7 -5.32 8.82 -4.42
N ALA D 8 -4.16 9.43 -4.24
CA ALA D 8 -3.19 8.95 -3.26
C ALA D 8 -3.85 8.76 -1.90
N ASP D 9 -4.73 9.68 -1.54
CA ASP D 9 -5.42 9.61 -0.25
C ASP D 9 -6.35 8.40 -0.22
N GLU D 10 -6.94 8.08 -1.36
CA GLU D 10 -7.84 6.94 -1.48
C GLU D 10 -7.08 5.64 -1.26
N GLN D 11 -5.90 5.54 -1.86
CA GLN D 11 -5.06 4.36 -1.74
C GLN D 11 -4.45 4.24 -0.35
N SER D 12 -3.87 5.34 0.14
CA SER D 12 -3.24 5.34 1.45
C SER D 12 -4.18 4.81 2.53
N GLU D 13 -5.38 5.37 2.59
CA GLU D 13 -6.36 4.96 3.59
C GLU D 13 -6.66 3.46 3.51
N LEU D 14 -7.13 3.00 2.34
CA LEU D 14 -7.44 1.59 2.18
C LEU D 14 -6.28 0.71 2.59
N VAL D 15 -5.06 1.20 2.38
CA VAL D 15 -3.86 0.46 2.74
C VAL D 15 -3.82 0.19 4.24
N LYS D 16 -3.97 1.24 5.03
CA LYS D 16 -3.94 1.10 6.48
C LYS D 16 -4.92 0.03 6.95
N LYS D 17 -6.06 -0.06 6.26
CA LYS D 17 -7.08 -1.04 6.61
C LYS D 17 -6.59 -2.47 6.37
N MET D 18 -5.85 -2.68 5.29
CA MET D 18 -5.34 -3.99 4.95
C MET D 18 -4.28 -4.45 5.97
N VAL D 19 -3.44 -3.50 6.39
CA VAL D 19 -2.39 -3.80 7.35
C VAL D 19 -2.88 -3.68 8.79
N PHE D 20 -3.92 -2.88 9.00
CA PHE D 20 -4.48 -2.70 10.33
C PHE D 20 -5.08 -4.01 10.84
N ASP D 21 -5.69 -4.76 9.93
CA ASP D 21 -6.31 -6.04 10.28
C ASP D 21 -5.24 -7.12 10.41
N THR D 22 -4.31 -7.15 9.45
CA THR D 22 -3.24 -8.13 9.47
C THR D 22 -2.43 -8.04 10.75
N LEU D 23 -2.14 -6.81 11.18
CA LEU D 23 -1.37 -6.58 12.40
C LEU D 23 -2.15 -7.08 13.62
N LYS D 24 -3.44 -6.78 13.66
CA LYS D 24 -4.29 -7.19 14.77
C LYS D 24 -4.11 -8.68 15.06
N ASP D 25 -4.00 -9.48 14.00
CA ASP D 25 -3.82 -10.91 14.14
C ASP D 25 -2.37 -11.24 14.44
N LEU D 26 -1.46 -10.42 13.91
CA LEU D 26 -0.04 -10.61 14.12
C LEU D 26 0.31 -10.55 15.60
N TYR D 27 -0.35 -9.65 16.32
CA TYR D 27 -0.11 -9.49 17.75
C TYR D 27 -0.94 -10.48 18.55
N LYS D 28 -2.15 -10.74 18.09
CA LYS D 28 -3.05 -11.68 18.76
C LYS D 28 -2.47 -13.09 18.75
N LYS D 29 -1.57 -13.35 17.82
CA LYS D 29 -0.95 -14.67 17.71
C LYS D 29 0.06 -14.90 18.84
N THR D 30 0.57 -13.82 19.41
CA THR D 30 1.53 -13.89 20.49
C THR D 30 1.06 -13.08 21.70
N THR D 31 -0.09 -13.46 22.25
CA THR D 31 -0.64 -12.77 23.41
C THR D 31 0.24 -12.98 24.64
N ARG A 1 -1.12 -1.65 -28.96
CA ARG A 1 0.00 -0.94 -28.30
C ARG A 1 -0.52 0.08 -27.28
N ASN A 2 -0.56 -0.34 -26.01
CA ASN A 2 -1.03 0.52 -24.94
C ASN A 2 0.03 0.68 -23.86
N ASP A 3 1.03 1.52 -24.14
CA ASP A 3 2.11 1.76 -23.18
C ASP A 3 1.54 2.19 -21.84
N ALA A 4 0.39 2.85 -21.86
CA ALA A 4 -0.25 3.31 -20.64
C ALA A 4 -0.59 2.13 -19.74
N GLU A 5 -1.10 1.06 -20.36
CA GLU A 5 -1.46 -0.14 -19.62
C GLU A 5 -0.22 -0.80 -19.03
N ARG A 6 0.78 -1.00 -19.87
CA ARG A 6 2.03 -1.61 -19.45
C ARG A 6 2.70 -0.74 -18.38
N LEU A 7 2.76 0.55 -18.66
CA LEU A 7 3.36 1.50 -17.73
C LEU A 7 2.77 1.35 -16.34
N ALA A 8 1.43 1.38 -16.28
CA ALA A 8 0.73 1.24 -15.01
C ALA A 8 1.24 0.04 -14.23
N ASP A 9 1.51 -1.05 -14.96
CA ASP A 9 2.01 -2.27 -14.34
C ASP A 9 3.44 -2.07 -13.83
N GLU A 10 4.16 -1.15 -14.47
CA GLU A 10 5.54 -0.86 -14.08
C GLU A 10 5.56 0.01 -12.83
N GLN A 11 4.80 1.10 -12.86
CA GLN A 11 4.73 2.02 -11.73
C GLN A 11 4.21 1.29 -10.49
N SER A 12 3.18 0.47 -10.68
CA SER A 12 2.60 -0.27 -9.57
C SER A 12 3.64 -1.21 -8.96
N GLU A 13 4.49 -1.79 -9.80
CA GLU A 13 5.52 -2.70 -9.34
C GLU A 13 6.43 -2.01 -8.33
N LEU A 14 6.80 -0.76 -8.62
CA LEU A 14 7.66 0.01 -7.74
C LEU A 14 7.01 0.17 -6.37
N VAL A 15 5.70 0.39 -6.36
CA VAL A 15 4.96 0.55 -5.12
C VAL A 15 4.96 -0.74 -4.31
N LYS A 16 4.72 -1.85 -5.00
CA LYS A 16 4.69 -3.16 -4.36
C LYS A 16 6.01 -3.45 -3.65
N LYS A 17 7.12 -3.15 -4.32
CA LYS A 17 8.44 -3.38 -3.75
C LYS A 17 8.61 -2.58 -2.47
N MET A 18 8.08 -1.36 -2.47
CA MET A 18 8.17 -0.49 -1.30
C MET A 18 7.36 -1.07 -0.14
N VAL A 19 6.15 -1.52 -0.44
CA VAL A 19 5.27 -2.09 0.58
C VAL A 19 5.79 -3.46 1.03
N PHE A 20 6.25 -4.27 0.09
CA PHE A 20 6.77 -5.58 0.42
C PHE A 20 7.88 -5.47 1.46
N ASP A 21 8.92 -4.73 1.11
CA ASP A 21 10.05 -4.53 2.00
C ASP A 21 9.57 -4.01 3.36
N THR A 22 8.67 -3.03 3.32
CA THR A 22 8.13 -2.45 4.54
C THR A 22 7.35 -3.51 5.32
N LEU A 23 6.20 -3.91 4.79
CA LEU A 23 5.36 -4.91 5.43
C LEU A 23 6.17 -6.14 5.81
N LYS A 24 7.10 -6.52 4.94
CA LYS A 24 7.95 -7.68 5.20
C LYS A 24 8.61 -7.57 6.55
N ASP A 25 9.54 -6.63 6.67
CA ASP A 25 10.26 -6.41 7.91
C ASP A 25 9.31 -5.95 9.03
N LEU A 26 8.23 -5.28 8.64
CA LEU A 26 7.25 -4.78 9.61
C LEU A 26 6.56 -5.95 10.31
N TYR A 27 5.95 -6.84 9.54
CA TYR A 27 5.25 -7.98 10.09
C TYR A 27 6.22 -8.90 10.83
N LYS A 28 7.50 -8.83 10.46
CA LYS A 28 8.52 -9.66 11.09
C LYS A 28 8.83 -9.15 12.50
N LYS A 29 8.67 -7.85 12.71
CA LYS A 29 8.94 -7.25 14.00
C LYS A 29 7.79 -7.50 14.97
N THR A 30 6.58 -7.70 14.43
CA THR A 30 5.40 -7.95 15.24
C THR A 30 5.53 -9.27 16.00
N THR A 31 5.95 -10.31 15.29
CA THR A 31 6.12 -11.63 15.90
C THR A 31 7.17 -11.59 16.99
N ARG B 1 8.21 -19.15 12.72
CA ARG B 1 7.12 -18.84 11.77
C ARG B 1 7.56 -17.80 10.73
N ASN B 2 7.11 -17.99 9.49
CA ASN B 2 7.47 -17.07 8.41
C ASN B 2 6.22 -16.49 7.75
N ASP B 3 5.11 -16.50 8.49
CA ASP B 3 3.85 -15.97 7.97
C ASP B 3 3.98 -14.48 7.67
N ALA B 4 4.88 -13.82 8.38
CA ALA B 4 5.11 -12.39 8.20
C ALA B 4 5.39 -12.06 6.74
N GLU B 5 6.26 -12.86 6.13
CA GLU B 5 6.62 -12.67 4.73
C GLU B 5 5.43 -12.98 3.82
N ARG B 6 4.83 -14.14 4.03
CA ARG B 6 3.68 -14.55 3.23
C ARG B 6 2.58 -13.50 3.29
N LEU B 7 2.46 -12.85 4.45
CA LEU B 7 1.45 -11.82 4.64
C LEU B 7 1.75 -10.62 3.77
N ALA B 8 2.91 -10.01 3.98
CA ALA B 8 3.32 -8.84 3.21
C ALA B 8 3.12 -9.07 1.71
N ASP B 9 3.28 -10.32 1.29
CA ASP B 9 3.10 -10.68 -0.12
C ASP B 9 1.65 -10.47 -0.53
N GLU B 10 0.73 -10.86 0.34
CA GLU B 10 -0.70 -10.71 0.08
C GLU B 10 -1.08 -9.23 0.06
N GLN B 11 -0.45 -8.47 0.95
CA GLN B 11 -0.71 -7.03 1.04
C GLN B 11 -0.20 -6.33 -0.21
N SER B 12 1.00 -6.70 -0.64
CA SER B 12 1.61 -6.11 -1.83
C SER B 12 0.69 -6.23 -3.04
N GLU B 13 0.42 -7.46 -3.46
CA GLU B 13 -0.45 -7.72 -4.59
C GLU B 13 -1.75 -6.94 -4.48
N LEU B 14 -2.18 -6.71 -3.25
CA LEU B 14 -3.41 -5.97 -3.00
C LEU B 14 -3.24 -4.50 -3.32
N VAL B 15 -2.08 -3.94 -3.00
CA VAL B 15 -1.78 -2.54 -3.26
C VAL B 15 -1.66 -2.29 -4.76
N LYS B 16 -1.04 -3.22 -5.47
CA LYS B 16 -0.85 -3.09 -6.90
C LYS B 16 -2.19 -2.91 -7.61
N LYS B 17 -3.08 -3.89 -7.45
CA LYS B 17 -4.40 -3.83 -8.08
C LYS B 17 -5.09 -2.51 -7.75
N MET B 18 -4.83 -1.99 -6.56
CA MET B 18 -5.44 -0.73 -6.13
C MET B 18 -4.89 0.43 -6.96
N VAL B 19 -3.56 0.57 -6.99
CA VAL B 19 -2.92 1.64 -7.74
C VAL B 19 -2.96 1.37 -9.24
N PHE B 20 -3.13 0.11 -9.60
CA PHE B 20 -3.18 -0.28 -11.00
C PHE B 20 -4.35 0.39 -11.71
N ASP B 21 -5.51 0.36 -11.06
CA ASP B 21 -6.72 0.97 -11.62
C ASP B 21 -6.59 2.49 -11.62
N THR B 22 -6.12 3.04 -10.49
CA THR B 22 -5.96 4.49 -10.36
C THR B 22 -5.08 5.03 -11.49
N LEU B 23 -3.94 4.39 -11.72
CA LEU B 23 -3.03 4.80 -12.77
C LEU B 23 -3.70 4.77 -14.14
N LYS B 24 -4.47 3.71 -14.38
CA LYS B 24 -5.18 3.56 -15.64
C LYS B 24 -5.95 4.82 -15.99
N ASP B 25 -6.64 5.38 -15.00
CA ASP B 25 -7.42 6.59 -15.19
C ASP B 25 -6.51 7.82 -15.25
N LEU B 26 -5.35 7.71 -14.61
CA LEU B 26 -4.39 8.80 -14.58
C LEU B 26 -3.81 9.04 -15.97
N TYR B 27 -3.63 7.97 -16.73
CA TYR B 27 -3.08 8.07 -18.08
C TYR B 27 -4.13 8.57 -19.06
N LYS B 28 -5.24 7.83 -19.16
CA LYS B 28 -6.32 8.19 -20.07
C LYS B 28 -6.77 9.62 -19.82
N LYS B 29 -6.63 10.08 -18.57
CA LYS B 29 -7.02 11.44 -18.20
C LYS B 29 -6.29 12.46 -19.05
N THR B 30 -5.14 12.07 -19.60
CA THR B 30 -4.36 12.96 -20.44
C THR B 30 -3.54 12.17 -21.45
N THR B 31 -4.07 12.01 -22.65
CA THR B 31 -3.39 11.28 -23.71
C THR B 31 -2.66 12.22 -24.65
N ARG C 1 -8.08 -2.13 27.75
CA ARG C 1 -6.67 -1.79 27.40
C ARG C 1 -6.09 -2.77 26.40
N ASN C 2 -6.15 -2.40 25.12
CA ASN C 2 -5.64 -3.25 24.06
C ASN C 2 -4.58 -2.52 23.24
N ASP C 3 -3.37 -2.42 23.79
CA ASP C 3 -2.27 -1.76 23.11
C ASP C 3 -2.06 -2.33 21.72
N ALA C 4 -2.37 -3.62 21.57
CA ALA C 4 -2.23 -4.28 20.28
C ALA C 4 -3.11 -3.62 19.23
N GLU C 5 -4.33 -3.28 19.63
CA GLU C 5 -5.27 -2.62 18.73
C GLU C 5 -4.77 -1.24 18.36
N ARG C 6 -4.41 -0.45 19.37
CA ARG C 6 -3.90 0.89 19.15
C ARG C 6 -2.61 0.84 18.34
N LEU C 7 -1.72 -0.05 18.74
CA LEU C 7 -0.44 -0.23 18.05
C LEU C 7 -0.66 -0.42 16.56
N ALA C 8 -1.53 -1.37 16.22
CA ALA C 8 -1.84 -1.66 14.82
C ALA C 8 -2.18 -0.38 14.06
N ASP C 9 -2.91 0.51 14.73
CA ASP C 9 -3.30 1.77 14.12
C ASP C 9 -2.09 2.68 13.95
N GLU C 10 -1.09 2.49 14.80
CA GLU C 10 0.13 3.29 14.74
C GLU C 10 1.03 2.80 13.61
N GLN C 11 1.28 1.50 13.58
CA GLN C 11 2.11 0.91 12.55
C GLN C 11 1.52 1.16 11.16
N SER C 12 0.20 0.99 11.05
CA SER C 12 -0.49 1.20 9.79
C SER C 12 -0.31 2.65 9.32
N GLU C 13 -0.33 3.58 10.27
CA GLU C 13 -0.16 4.99 9.96
C GLU C 13 1.15 5.23 9.23
N LEU C 14 2.22 4.58 9.71
CA LEU C 14 3.54 4.72 9.10
C LEU C 14 3.50 4.27 7.64
N VAL C 15 2.77 3.20 7.38
CA VAL C 15 2.64 2.68 6.03
C VAL C 15 1.89 3.65 5.13
N LYS C 16 0.81 4.21 5.65
CA LYS C 16 0.00 5.17 4.91
C LYS C 16 0.85 6.36 4.46
N LYS C 17 1.66 6.87 5.38
CA LYS C 17 2.52 8.02 5.07
C LYS C 17 3.47 7.68 3.93
N MET C 18 3.97 6.45 3.93
CA MET C 18 4.89 6.00 2.89
C MET C 18 4.18 5.93 1.53
N VAL C 19 2.96 5.38 1.53
CA VAL C 19 2.18 5.25 0.31
C VAL C 19 1.67 6.60 -0.15
N PHE C 20 1.22 7.43 0.79
CA PHE C 20 0.71 8.75 0.45
C PHE C 20 1.77 9.54 -0.30
N ASP C 21 2.92 9.72 0.32
CA ASP C 21 4.02 10.46 -0.29
C ASP C 21 4.34 9.88 -1.67
N THR C 22 4.41 8.55 -1.73
CA THR C 22 4.70 7.87 -2.98
C THR C 22 3.60 8.12 -4.00
N LEU C 23 2.43 7.54 -3.76
CA LEU C 23 1.29 7.71 -4.65
C LEU C 23 1.06 9.18 -4.96
N LYS C 24 1.23 10.04 -3.96
CA LYS C 24 1.04 11.47 -4.13
C LYS C 24 1.86 11.98 -5.31
N ASP C 25 3.18 11.98 -5.14
CA ASP C 25 4.09 12.43 -6.18
C ASP C 25 4.01 11.54 -7.42
N LEU C 26 3.66 10.27 -7.21
CA LEU C 26 3.55 9.33 -8.31
C LEU C 26 2.40 9.72 -9.24
N TYR C 27 1.21 9.84 -8.70
CA TYR C 27 0.04 10.21 -9.50
C TYR C 27 0.21 11.60 -10.08
N LYS C 28 1.05 12.42 -9.45
CA LYS C 28 1.29 13.77 -9.93
C LYS C 28 2.15 13.77 -11.19
N LYS C 29 3.01 12.75 -11.31
CA LYS C 29 3.89 12.63 -12.46
C LYS C 29 3.13 12.07 -13.67
N THR C 30 2.07 11.33 -13.42
CA THR C 30 1.26 10.75 -14.48
C THR C 30 0.59 11.83 -15.31
N THR C 31 -0.02 12.80 -14.62
CA THR C 31 -0.71 13.90 -15.28
C THR C 31 0.26 14.70 -16.14
N ARG D 1 -5.32 20.41 -12.21
CA ARG D 1 -6.04 19.33 -11.50
C ARG D 1 -5.24 18.82 -10.30
N ASN D 2 -5.93 18.53 -9.21
CA ASN D 2 -5.28 18.03 -8.00
C ASN D 2 -5.85 16.68 -7.58
N ASP D 3 -6.44 15.97 -8.53
CA ASP D 3 -7.02 14.66 -8.27
C ASP D 3 -5.94 13.68 -7.81
N ALA D 4 -4.71 13.92 -8.25
CA ALA D 4 -3.59 13.06 -7.89
C ALA D 4 -3.49 12.90 -6.37
N GLU D 5 -3.60 14.02 -5.66
CA GLU D 5 -3.53 14.00 -4.20
C GLU D 5 -4.74 13.29 -3.62
N ARG D 6 -5.93 13.70 -4.05
CA ARG D 6 -7.16 13.10 -3.56
C ARG D 6 -7.14 11.59 -3.77
N LEU D 7 -6.51 11.16 -4.86
CA LEU D 7 -6.42 9.75 -5.18
C LEU D 7 -5.55 9.02 -4.15
N ALA D 8 -4.29 9.44 -4.05
CA ALA D 8 -3.36 8.85 -3.10
C ALA D 8 -3.99 8.72 -1.73
N ASP D 9 -4.85 9.68 -1.38
CA ASP D 9 -5.52 9.66 -0.09
C ASP D 9 -6.43 8.45 0.01
N GLU D 10 -7.15 8.15 -1.07
CA GLU D 10 -8.04 7.01 -1.11
C GLU D 10 -7.25 5.71 -1.05
N GLN D 11 -6.10 5.70 -1.71
CA GLN D 11 -5.24 4.51 -1.72
C GLN D 11 -4.66 4.26 -0.33
N SER D 12 -4.23 5.34 0.32
CA SER D 12 -3.66 5.25 1.66
C SER D 12 -4.63 4.56 2.63
N GLU D 13 -5.77 5.20 2.86
CA GLU D 13 -6.78 4.66 3.75
C GLU D 13 -7.08 3.20 3.43
N LEU D 14 -6.93 2.85 2.15
CA LEU D 14 -7.18 1.49 1.71
C LEU D 14 -6.10 0.55 2.20
N VAL D 15 -4.85 1.03 2.18
CA VAL D 15 -3.72 0.22 2.63
C VAL D 15 -3.78 -0.02 4.14
N LYS D 16 -4.19 1.01 4.88
CA LYS D 16 -4.28 0.91 6.32
C LYS D 16 -5.21 -0.23 6.74
N LYS D 17 -6.46 -0.15 6.30
CA LYS D 17 -7.43 -1.18 6.63
C LYS D 17 -6.90 -2.57 6.28
N MET D 18 -6.10 -2.65 5.22
CA MET D 18 -5.52 -3.92 4.80
C MET D 18 -4.50 -4.42 5.82
N VAL D 19 -3.53 -3.58 6.15
CA VAL D 19 -2.49 -3.94 7.11
C VAL D 19 -3.03 -3.91 8.54
N PHE D 20 -4.13 -3.19 8.75
CA PHE D 20 -4.74 -3.08 10.06
C PHE D 20 -5.20 -4.45 10.55
N ASP D 21 -5.87 -5.20 9.67
CA ASP D 21 -6.36 -6.53 10.00
C ASP D 21 -5.20 -7.50 10.15
N THR D 22 -4.25 -7.44 9.23
CA THR D 22 -3.09 -8.33 9.26
C THR D 22 -2.36 -8.20 10.60
N LEU D 23 -2.10 -6.96 11.01
CA LEU D 23 -1.40 -6.70 12.26
C LEU D 23 -2.19 -7.29 13.44
N LYS D 24 -3.51 -7.12 13.41
CA LYS D 24 -4.36 -7.62 14.47
C LYS D 24 -4.07 -9.09 14.76
N ASP D 25 -3.92 -9.87 13.70
CA ASP D 25 -3.62 -11.29 13.82
C ASP D 25 -2.16 -11.51 14.19
N LEU D 26 -1.32 -10.55 13.81
CA LEU D 26 0.11 -10.64 14.10
C LEU D 26 0.38 -10.52 15.59
N TYR D 27 -0.44 -9.72 16.27
CA TYR D 27 -0.29 -9.53 17.72
C TYR D 27 -0.86 -10.71 18.49
N LYS D 28 -2.14 -10.99 18.27
CA LYS D 28 -2.80 -12.09 18.95
C LYS D 28 -2.04 -13.39 18.74
N LYS D 29 -1.36 -13.49 17.60
CA LYS D 29 -0.58 -14.67 17.27
C LYS D 29 0.46 -14.97 18.35
N THR D 30 0.83 -13.92 19.10
CA THR D 30 1.81 -14.07 20.17
C THR D 30 1.58 -13.03 21.26
N THR D 31 0.84 -13.42 22.30
CA THR D 31 0.55 -12.51 23.41
C THR D 31 1.51 -12.76 24.57
N ARG A 1 -3.81 -2.05 -25.20
CA ARG A 1 -2.35 -2.11 -25.53
C ARG A 1 -1.80 -0.72 -25.78
N ASN A 2 -1.04 -0.20 -24.81
CA ASN A 2 -0.45 1.12 -24.93
C ASN A 2 0.72 1.29 -23.94
N ASP A 3 1.31 2.47 -23.93
CA ASP A 3 2.42 2.77 -23.04
C ASP A 3 1.95 2.93 -21.61
N ALA A 4 0.71 3.37 -21.44
CA ALA A 4 0.14 3.55 -20.11
C ALA A 4 0.06 2.22 -19.37
N GLU A 5 -0.30 1.17 -20.09
CA GLU A 5 -0.40 -0.16 -19.52
C GLU A 5 0.96 -0.61 -18.98
N ARG A 6 1.95 -0.60 -19.85
CA ARG A 6 3.30 -1.00 -19.46
C ARG A 6 3.87 -0.03 -18.44
N LEU A 7 3.75 1.27 -18.74
CA LEU A 7 4.23 2.31 -17.84
C LEU A 7 3.62 2.14 -16.46
N ALA A 8 2.29 2.02 -16.41
CA ALA A 8 1.58 1.83 -15.16
C ALA A 8 2.07 0.60 -14.42
N ASP A 9 2.24 -0.49 -15.17
CA ASP A 9 2.70 -1.74 -14.60
C ASP A 9 3.99 -1.53 -13.80
N GLU A 10 4.85 -0.65 -14.29
CA GLU A 10 6.11 -0.35 -13.62
C GLU A 10 5.87 0.46 -12.36
N GLN A 11 4.96 1.43 -12.45
CA GLN A 11 4.64 2.29 -11.32
C GLN A 11 4.03 1.47 -10.18
N SER A 12 3.19 0.51 -10.55
CA SER A 12 2.54 -0.36 -9.56
C SER A 12 3.55 -1.33 -8.96
N GLU A 13 4.52 -1.73 -9.76
CA GLU A 13 5.55 -2.66 -9.30
C GLU A 13 6.48 -1.98 -8.29
N LEU A 14 6.70 -0.69 -8.49
CA LEU A 14 7.57 0.08 -7.61
C LEU A 14 6.90 0.29 -6.25
N VAL A 15 5.60 0.56 -6.27
CA VAL A 15 4.84 0.77 -5.04
C VAL A 15 4.71 -0.54 -4.26
N LYS A 16 4.47 -1.63 -4.97
CA LYS A 16 4.33 -2.94 -4.36
C LYS A 16 5.63 -3.37 -3.68
N LYS A 17 6.74 -3.16 -4.38
CA LYS A 17 8.05 -3.51 -3.84
C LYS A 17 8.33 -2.75 -2.55
N MET A 18 7.90 -1.49 -2.52
CA MET A 18 8.11 -0.64 -1.35
C MET A 18 7.30 -1.17 -0.17
N VAL A 19 6.06 -1.56 -0.43
CA VAL A 19 5.17 -2.08 0.61
C VAL A 19 5.62 -3.47 1.06
N PHE A 20 5.99 -4.31 0.08
CA PHE A 20 6.43 -5.66 0.39
C PHE A 20 7.54 -5.63 1.43
N ASP A 21 8.64 -4.97 1.10
CA ASP A 21 9.77 -4.87 2.02
C ASP A 21 9.31 -4.33 3.37
N THR A 22 8.54 -3.25 3.35
CA THR A 22 8.03 -2.66 4.58
C THR A 22 7.19 -3.66 5.35
N LEU A 23 6.02 -3.98 4.81
CA LEU A 23 5.11 -4.92 5.45
C LEU A 23 5.84 -6.21 5.80
N LYS A 24 6.75 -6.64 4.93
CA LYS A 24 7.51 -7.86 5.16
C LYS A 24 8.23 -7.78 6.51
N ASP A 25 9.19 -6.88 6.60
CA ASP A 25 9.96 -6.69 7.81
C ASP A 25 9.06 -6.21 8.95
N LEU A 26 8.00 -5.48 8.60
CA LEU A 26 7.06 -4.97 9.60
C LEU A 26 6.33 -6.12 10.28
N TYR A 27 5.68 -6.96 9.48
CA TYR A 27 4.95 -8.10 10.02
C TYR A 27 5.91 -9.06 10.73
N LYS A 28 7.16 -9.04 10.31
CA LYS A 28 8.18 -9.90 10.90
C LYS A 28 8.49 -9.47 12.33
N LYS A 29 8.34 -8.17 12.59
CA LYS A 29 8.61 -7.62 13.92
C LYS A 29 7.70 -8.27 14.96
N THR A 30 6.46 -8.52 14.56
CA THR A 30 5.48 -9.14 15.45
C THR A 30 5.89 -10.56 15.82
N THR A 31 6.09 -11.39 14.80
CA THR A 31 6.50 -12.77 15.00
C THR A 31 7.88 -12.85 15.61
N ARG B 1 9.05 -18.35 5.30
CA ARG B 1 9.56 -18.09 6.67
C ARG B 1 8.42 -18.07 7.69
N ASN B 2 7.32 -17.44 7.31
CA ASN B 2 6.16 -17.35 8.19
C ASN B 2 5.03 -16.56 7.54
N ASP B 3 3.88 -16.53 8.19
CA ASP B 3 2.72 -15.80 7.67
C ASP B 3 3.07 -14.34 7.39
N ALA B 4 4.05 -13.82 8.13
CA ALA B 4 4.47 -12.44 7.95
C ALA B 4 4.77 -12.14 6.49
N GLU B 5 5.40 -13.11 5.82
CA GLU B 5 5.74 -12.95 4.41
C GLU B 5 4.49 -13.06 3.54
N ARG B 6 3.70 -14.10 3.77
CA ARG B 6 2.47 -14.31 3.02
C ARG B 6 1.56 -13.10 3.13
N LEU B 7 1.56 -12.47 4.30
CA LEU B 7 0.74 -11.29 4.54
C LEU B 7 1.22 -10.12 3.69
N ALA B 8 2.46 -9.70 3.95
CA ALA B 8 3.05 -8.59 3.21
C ALA B 8 2.85 -8.76 1.71
N ASP B 9 2.78 -10.00 1.27
CA ASP B 9 2.58 -10.30 -0.15
C ASP B 9 1.11 -10.12 -0.53
N GLU B 10 0.22 -10.41 0.40
CA GLU B 10 -1.21 -10.28 0.17
C GLU B 10 -1.59 -8.80 0.07
N GLN B 11 -1.00 -8.00 0.94
CA GLN B 11 -1.26 -6.56 0.97
C GLN B 11 -0.58 -5.88 -0.22
N SER B 12 0.69 -6.19 -0.43
CA SER B 12 1.45 -5.61 -1.53
C SER B 12 0.70 -5.78 -2.85
N GLU B 13 0.36 -7.02 -3.18
CA GLU B 13 -0.37 -7.31 -4.40
C GLU B 13 -1.63 -6.45 -4.47
N LEU B 14 -2.25 -6.24 -3.32
CA LEU B 14 -3.46 -5.42 -3.25
C LEU B 14 -3.17 -3.99 -3.67
N VAL B 15 -1.99 -3.50 -3.29
CA VAL B 15 -1.58 -2.14 -3.63
C VAL B 15 -1.33 -1.99 -5.13
N LYS B 16 -0.78 -3.03 -5.74
CA LYS B 16 -0.49 -3.01 -7.17
C LYS B 16 -1.77 -3.02 -7.98
N LYS B 17 -2.78 -3.72 -7.48
CA LYS B 17 -4.07 -3.81 -8.16
C LYS B 17 -4.85 -2.50 -8.02
N MET B 18 -4.78 -1.89 -6.84
CA MET B 18 -5.48 -0.64 -6.59
C MET B 18 -4.75 0.53 -7.25
N VAL B 19 -3.43 0.45 -7.30
CA VAL B 19 -2.63 1.51 -7.89
C VAL B 19 -2.53 1.34 -9.41
N PHE B 20 -2.66 0.10 -9.88
CA PHE B 20 -2.59 -0.18 -11.30
C PHE B 20 -3.84 0.35 -12.00
N ASP B 21 -4.97 0.28 -11.32
CA ASP B 21 -6.23 0.77 -11.87
C ASP B 21 -6.26 2.28 -11.90
N THR B 22 -5.86 2.90 -10.80
CA THR B 22 -5.84 4.35 -10.71
C THR B 22 -5.05 4.96 -11.87
N LEU B 23 -3.83 4.46 -12.05
CA LEU B 23 -2.97 4.94 -13.13
C LEU B 23 -3.67 4.79 -14.48
N LYS B 24 -4.32 3.65 -14.68
CA LYS B 24 -5.04 3.38 -15.92
C LYS B 24 -6.00 4.52 -16.23
N ASP B 25 -6.72 4.98 -15.21
CA ASP B 25 -7.67 6.07 -15.36
C ASP B 25 -6.92 7.40 -15.49
N LEU B 26 -5.74 7.47 -14.87
CA LEU B 26 -4.93 8.68 -14.92
C LEU B 26 -4.50 8.98 -16.35
N TYR B 27 -3.91 7.98 -17.00
CA TYR B 27 -3.44 8.13 -18.37
C TYR B 27 -4.63 8.16 -19.34
N LYS B 28 -5.64 7.35 -19.05
CA LYS B 28 -6.83 7.28 -19.88
C LYS B 28 -7.43 8.67 -20.11
N LYS B 29 -7.38 9.50 -19.07
CA LYS B 29 -7.92 10.85 -19.15
C LYS B 29 -7.11 11.70 -20.12
N THR B 30 -5.84 11.32 -20.32
CA THR B 30 -4.97 12.04 -21.23
C THR B 30 -4.05 11.08 -21.98
N THR B 31 -4.61 10.39 -22.97
CA THR B 31 -3.85 9.44 -23.77
C THR B 31 -3.90 9.80 -25.26
N ARG C 1 -9.30 -3.47 23.58
CA ARG C 1 -8.43 -2.43 24.19
C ARG C 1 -7.12 -3.03 24.68
N ASN C 2 -6.04 -2.77 23.93
CA ASN C 2 -4.73 -3.29 24.29
C ASN C 2 -3.62 -2.50 23.60
N ASP C 3 -2.38 -2.92 23.81
CA ASP C 3 -1.23 -2.25 23.21
C ASP C 3 -1.14 -2.58 21.71
N ALA C 4 -1.63 -3.74 21.33
CA ALA C 4 -1.61 -4.16 19.94
C ALA C 4 -2.44 -3.21 19.09
N GLU C 5 -3.59 -2.79 19.63
CA GLU C 5 -4.47 -1.88 18.92
C GLU C 5 -3.76 -0.56 18.64
N ARG C 6 -3.26 0.07 19.70
CA ARG C 6 -2.55 1.32 19.57
C ARG C 6 -1.26 1.13 18.77
N LEU C 7 -0.50 0.12 19.16
CA LEU C 7 0.75 -0.19 18.48
C LEU C 7 0.50 -0.39 16.99
N ALA C 8 -0.47 -1.24 16.66
CA ALA C 8 -0.80 -1.50 15.27
C ALA C 8 -1.20 -0.22 14.55
N ASP C 9 -2.01 0.60 15.21
CA ASP C 9 -2.46 1.86 14.64
C ASP C 9 -1.28 2.68 14.15
N GLU C 10 -0.18 2.63 14.90
CA GLU C 10 1.02 3.37 14.53
C GLU C 10 1.70 2.74 13.32
N GLN C 11 1.76 1.42 13.31
CA GLN C 11 2.38 0.69 12.21
C GLN C 11 1.62 0.93 10.90
N SER C 12 0.30 0.97 11.00
CA SER C 12 -0.55 1.21 9.83
C SER C 12 -0.42 2.66 9.36
N GLU C 13 -0.22 3.57 10.31
CA GLU C 13 -0.07 4.98 9.99
C GLU C 13 1.24 5.24 9.27
N LEU C 14 2.26 4.48 9.63
CA LEU C 14 3.58 4.63 9.01
C LEU C 14 3.55 4.14 7.57
N VAL C 15 2.86 3.03 7.34
CA VAL C 15 2.75 2.45 6.00
C VAL C 15 1.90 3.35 5.10
N LYS C 16 0.82 3.88 5.65
CA LYS C 16 -0.08 4.74 4.90
C LYS C 16 0.64 6.02 4.48
N LYS C 17 1.40 6.60 5.41
CA LYS C 17 2.14 7.82 5.13
C LYS C 17 3.14 7.60 4.00
N MET C 18 3.75 6.43 3.99
CA MET C 18 4.74 6.08 2.97
C MET C 18 4.06 5.99 1.60
N VAL C 19 2.90 5.34 1.56
CA VAL C 19 2.15 5.19 0.32
C VAL C 19 1.56 6.52 -0.14
N PHE C 20 1.00 7.27 0.80
CA PHE C 20 0.42 8.56 0.48
C PHE C 20 1.41 9.42 -0.30
N ASP C 21 2.55 9.71 0.31
CA ASP C 21 3.57 10.51 -0.33
C ASP C 21 3.93 9.94 -1.70
N THR C 22 4.16 8.63 -1.75
CA THR C 22 4.50 7.97 -3.00
C THR C 22 3.37 8.14 -4.02
N LEU C 23 2.25 7.49 -3.76
CA LEU C 23 1.11 7.57 -4.66
C LEU C 23 0.75 9.02 -4.96
N LYS C 24 0.89 9.89 -3.96
CA LYS C 24 0.60 11.29 -4.13
C LYS C 24 1.41 11.87 -5.28
N ASP C 25 2.72 11.93 -5.08
CA ASP C 25 3.63 12.44 -6.09
C ASP C 25 3.59 11.57 -7.35
N LEU C 26 3.32 10.28 -7.17
CA LEU C 26 3.26 9.35 -8.28
C LEU C 26 2.09 9.70 -9.21
N TYR C 27 0.90 9.75 -8.64
CA TYR C 27 -0.29 10.09 -9.42
C TYR C 27 -0.18 11.49 -10.00
N LYS C 28 0.59 12.34 -9.32
CA LYS C 28 0.80 13.71 -9.76
C LYS C 28 1.61 13.75 -11.05
N LYS C 29 2.49 12.77 -11.22
CA LYS C 29 3.33 12.69 -12.41
C LYS C 29 2.47 12.59 -13.67
N THR C 30 1.38 11.85 -13.56
CA THR C 30 0.47 11.67 -14.70
C THR C 30 -0.18 12.99 -15.09
N THR C 31 -0.85 13.62 -14.12
CA THR C 31 -1.51 14.90 -14.36
C THR C 31 -0.50 15.99 -14.68
N ARG D 1 -5.70 19.73 -4.87
CA ARG D 1 -4.89 20.05 -6.08
C ARG D 1 -5.43 19.31 -7.31
N ASN D 2 -5.81 18.05 -7.13
CA ASN D 2 -6.34 17.25 -8.22
C ASN D 2 -6.68 15.84 -7.75
N ASP D 3 -7.31 15.06 -8.63
CA ASP D 3 -7.69 13.69 -8.30
C ASP D 3 -6.49 12.89 -7.82
N ALA D 4 -5.30 13.28 -8.29
CA ALA D 4 -4.07 12.59 -7.90
C ALA D 4 -3.98 12.45 -6.39
N GLU D 5 -4.37 13.52 -5.68
CA GLU D 5 -4.33 13.52 -4.23
C GLU D 5 -5.44 12.64 -3.66
N ARG D 6 -6.66 12.84 -4.15
CA ARG D 6 -7.80 12.05 -3.69
C ARG D 6 -7.53 10.56 -3.88
N LEU D 7 -6.84 10.23 -4.98
CA LEU D 7 -6.52 8.84 -5.27
C LEU D 7 -5.55 8.28 -4.24
N ALA D 8 -4.36 8.88 -4.18
CA ALA D 8 -3.33 8.46 -3.25
C ALA D 8 -3.89 8.30 -1.84
N ASP D 9 -4.93 9.08 -1.54
CA ASP D 9 -5.57 9.02 -0.23
C ASP D 9 -6.51 7.83 -0.15
N GLU D 10 -7.13 7.50 -1.27
CA GLU D 10 -8.05 6.36 -1.33
C GLU D 10 -7.29 5.05 -1.19
N GLN D 11 -6.14 4.98 -1.84
CA GLN D 11 -5.29 3.79 -1.79
C GLN D 11 -4.60 3.68 -0.45
N SER D 12 -4.01 4.79 0.01
CA SER D 12 -3.32 4.80 1.29
C SER D 12 -4.22 4.28 2.40
N GLU D 13 -5.39 4.88 2.54
CA GLU D 13 -6.35 4.46 3.55
C GLU D 13 -6.62 2.97 3.43
N LEU D 14 -6.64 2.48 2.19
CA LEU D 14 -6.86 1.06 1.93
C LEU D 14 -5.75 0.23 2.54
N VAL D 15 -4.52 0.74 2.47
CA VAL D 15 -3.37 0.03 3.01
C VAL D 15 -3.42 -0.02 4.53
N LYS D 16 -3.90 1.04 5.15
CA LYS D 16 -3.99 1.11 6.60
C LYS D 16 -5.03 0.14 7.12
N LYS D 17 -6.10 -0.05 6.35
CA LYS D 17 -7.18 -0.95 6.74
C LYS D 17 -6.76 -2.41 6.55
N MET D 18 -6.03 -2.67 5.47
CA MET D 18 -5.57 -4.03 5.19
C MET D 18 -4.40 -4.40 6.08
N VAL D 19 -3.57 -3.42 6.40
CA VAL D 19 -2.40 -3.65 7.25
C VAL D 19 -2.78 -3.59 8.74
N PHE D 20 -3.84 -2.87 9.05
CA PHE D 20 -4.30 -2.74 10.43
C PHE D 20 -4.92 -4.05 10.90
N ASP D 21 -5.58 -4.74 9.98
CA ASP D 21 -6.22 -6.02 10.29
C ASP D 21 -5.17 -7.12 10.46
N THR D 22 -4.23 -7.17 9.52
CA THR D 22 -3.16 -8.17 9.55
C THR D 22 -2.46 -8.14 10.90
N LEU D 23 -2.02 -6.95 11.31
CA LEU D 23 -1.33 -6.78 12.58
C LEU D 23 -2.20 -7.28 13.73
N LYS D 24 -3.49 -6.96 13.69
CA LYS D 24 -4.42 -7.39 14.72
C LYS D 24 -4.32 -8.90 14.92
N ASP D 25 -4.28 -9.63 13.82
CA ASP D 25 -4.17 -11.08 13.85
C ASP D 25 -2.77 -11.50 14.26
N LEU D 26 -1.79 -10.67 13.92
CA LEU D 26 -0.39 -10.95 14.24
C LEU D 26 -0.19 -10.98 15.75
N TYR D 27 -0.64 -9.92 16.42
CA TYR D 27 -0.51 -9.82 17.87
C TYR D 27 -1.50 -10.76 18.55
N LYS D 28 -2.69 -10.89 17.98
CA LYS D 28 -3.72 -11.74 18.53
C LYS D 28 -3.20 -13.16 18.75
N LYS D 29 -2.36 -13.62 17.83
CA LYS D 29 -1.78 -14.96 17.92
C LYS D 29 -0.84 -15.07 19.11
N THR D 30 -0.30 -13.93 19.54
CA THR D 30 0.61 -13.90 20.67
C THR D 30 0.39 -12.64 21.52
N THR D 31 -0.68 -12.64 22.30
CA THR D 31 -1.00 -11.50 23.15
C THR D 31 -1.09 -11.93 24.61
N ARG A 1 -1.62 3.25 -28.37
CA ARG A 1 -0.35 2.84 -27.69
C ARG A 1 -0.64 2.03 -26.44
N ASN A 2 0.23 1.06 -26.16
CA ASN A 2 0.07 0.21 -24.99
C ASN A 2 1.06 0.59 -23.89
N ASP A 3 1.51 1.84 -23.92
CA ASP A 3 2.46 2.33 -22.92
C ASP A 3 1.75 2.71 -21.63
N ALA A 4 0.53 3.22 -21.77
CA ALA A 4 -0.26 3.61 -20.61
C ALA A 4 -0.61 2.39 -19.76
N GLU A 5 -1.12 1.35 -20.41
CA GLU A 5 -1.48 0.12 -19.72
C GLU A 5 -0.24 -0.52 -19.09
N ARG A 6 0.83 -0.55 -19.85
CA ARG A 6 2.09 -1.13 -19.38
C ARG A 6 2.68 -0.27 -18.27
N LEU A 7 2.63 1.05 -18.48
CA LEU A 7 3.15 1.99 -17.50
C LEU A 7 2.47 1.81 -16.16
N ALA A 8 1.14 1.74 -16.18
CA ALA A 8 0.35 1.57 -14.96
C ALA A 8 0.86 0.38 -14.17
N ASP A 9 1.17 -0.71 -14.87
CA ASP A 9 1.67 -1.92 -14.22
C ASP A 9 3.10 -1.72 -13.74
N GLU A 10 3.86 -0.89 -14.45
CA GLU A 10 5.23 -0.60 -14.09
C GLU A 10 5.30 0.23 -12.81
N GLN A 11 4.55 1.33 -12.80
CA GLN A 11 4.52 2.21 -11.64
C GLN A 11 4.06 1.46 -10.40
N SER A 12 3.00 0.66 -10.57
CA SER A 12 2.47 -0.12 -9.46
C SER A 12 3.50 -1.13 -8.95
N GLU A 13 4.30 -1.66 -9.86
CA GLU A 13 5.33 -2.63 -9.50
C GLU A 13 6.29 -2.04 -8.49
N LEU A 14 6.67 -0.78 -8.69
CA LEU A 14 7.58 -0.09 -7.78
C LEU A 14 6.95 0.06 -6.40
N VAL A 15 5.65 0.35 -6.37
CA VAL A 15 4.93 0.52 -5.12
C VAL A 15 4.78 -0.81 -4.39
N LYS A 16 4.39 -1.85 -5.14
CA LYS A 16 4.23 -3.17 -4.55
C LYS A 16 5.53 -3.66 -3.94
N LYS A 17 6.57 -3.72 -4.76
CA LYS A 17 7.89 -4.16 -4.29
C LYS A 17 8.35 -3.28 -3.12
N MET A 18 7.94 -2.02 -3.14
CA MET A 18 8.28 -1.08 -2.09
C MET A 18 7.58 -1.44 -0.79
N VAL A 19 6.30 -1.79 -0.90
CA VAL A 19 5.51 -2.17 0.26
C VAL A 19 5.98 -3.52 0.82
N PHE A 20 6.43 -4.39 -0.07
CA PHE A 20 6.92 -5.70 0.34
C PHE A 20 8.01 -5.56 1.40
N ASP A 21 9.07 -4.85 1.04
CA ASP A 21 10.18 -4.64 1.96
C ASP A 21 9.68 -4.07 3.29
N THR A 22 8.90 -3.02 3.22
CA THR A 22 8.35 -2.39 4.42
C THR A 22 7.56 -3.42 5.23
N LEU A 23 6.40 -3.80 4.71
CA LEU A 23 5.54 -4.77 5.39
C LEU A 23 6.34 -6.00 5.80
N LYS A 24 7.28 -6.41 4.95
CA LYS A 24 8.12 -7.57 5.23
C LYS A 24 8.81 -7.40 6.58
N ASP A 25 9.74 -6.45 6.64
CA ASP A 25 10.49 -6.17 7.86
C ASP A 25 9.55 -5.71 8.97
N LEU A 26 8.41 -5.14 8.59
CA LEU A 26 7.44 -4.65 9.56
C LEU A 26 6.73 -5.82 10.26
N TYR A 27 5.97 -6.59 9.50
CA TYR A 27 5.26 -7.73 10.05
C TYR A 27 6.22 -8.64 10.82
N LYS A 28 7.46 -8.70 10.35
CA LYS A 28 8.47 -9.52 11.00
C LYS A 28 8.67 -9.11 12.45
N LYS A 29 8.54 -7.81 12.71
CA LYS A 29 8.70 -7.28 14.06
C LYS A 29 7.52 -7.71 14.94
N THR A 30 6.36 -7.90 14.32
CA THR A 30 5.17 -8.30 15.04
C THR A 30 5.27 -9.75 15.51
N THR A 31 5.88 -10.58 14.68
CA THR A 31 6.05 -12.00 15.01
C THR A 31 7.39 -12.24 15.69
N ARG B 1 9.07 -18.96 12.12
CA ARG B 1 7.76 -18.47 11.64
C ARG B 1 7.94 -17.43 10.53
N ASN B 2 7.47 -17.77 9.33
CA ASN B 2 7.58 -16.87 8.19
C ASN B 2 6.22 -16.29 7.81
N ASP B 3 5.32 -16.25 8.78
CA ASP B 3 3.98 -15.74 8.55
C ASP B 3 4.02 -14.25 8.18
N ALA B 4 5.01 -13.55 8.71
CA ALA B 4 5.17 -12.12 8.44
C ALA B 4 5.45 -11.89 6.95
N GLU B 5 6.34 -12.70 6.40
CA GLU B 5 6.70 -12.58 4.99
C GLU B 5 5.50 -12.91 4.10
N ARG B 6 4.85 -14.04 4.39
CA ARG B 6 3.69 -14.47 3.61
C ARG B 6 2.60 -13.40 3.62
N LEU B 7 2.50 -12.69 4.75
CA LEU B 7 1.50 -11.63 4.90
C LEU B 7 1.80 -10.46 3.97
N ALA B 8 2.98 -9.87 4.15
CA ALA B 8 3.41 -8.73 3.33
C ALA B 8 3.16 -8.99 1.86
N ASP B 9 3.30 -10.24 1.45
CA ASP B 9 3.09 -10.63 0.06
C ASP B 9 1.64 -10.37 -0.35
N GLU B 10 0.71 -10.83 0.49
CA GLU B 10 -0.71 -10.64 0.22
C GLU B 10 -1.06 -9.15 0.18
N GLN B 11 -0.36 -8.37 0.99
CA GLN B 11 -0.58 -6.93 1.04
C GLN B 11 -0.05 -6.26 -0.21
N SER B 12 1.19 -6.57 -0.56
CA SER B 12 1.82 -6.00 -1.76
C SER B 12 0.93 -6.18 -2.98
N GLU B 13 0.63 -7.43 -3.32
CA GLU B 13 -0.20 -7.74 -4.46
C GLU B 13 -1.50 -6.95 -4.40
N LEU B 14 -2.02 -6.74 -3.20
CA LEU B 14 -3.25 -5.99 -3.01
C LEU B 14 -3.04 -4.52 -3.36
N VAL B 15 -1.90 -3.98 -2.95
CA VAL B 15 -1.59 -2.58 -3.23
C VAL B 15 -1.45 -2.33 -4.73
N LYS B 16 -0.91 -3.30 -5.43
CA LYS B 16 -0.72 -3.19 -6.87
C LYS B 16 -2.06 -3.06 -7.59
N LYS B 17 -2.97 -3.99 -7.32
CA LYS B 17 -4.28 -3.97 -7.94
C LYS B 17 -4.99 -2.65 -7.65
N MET B 18 -4.68 -2.07 -6.50
CA MET B 18 -5.29 -0.81 -6.10
C MET B 18 -4.73 0.35 -6.94
N VAL B 19 -3.41 0.46 -6.95
CA VAL B 19 -2.75 1.53 -7.70
C VAL B 19 -2.78 1.24 -9.21
N PHE B 20 -2.97 -0.03 -9.56
CA PHE B 20 -3.03 -0.42 -10.96
C PHE B 20 -4.23 0.20 -11.65
N ASP B 21 -5.40 0.05 -11.02
CA ASP B 21 -6.63 0.60 -11.57
C ASP B 21 -6.57 2.12 -11.61
N THR B 22 -6.03 2.71 -10.55
CA THR B 22 -5.91 4.17 -10.46
C THR B 22 -5.10 4.72 -11.63
N LEU B 23 -3.86 4.25 -11.75
CA LEU B 23 -2.97 4.69 -12.82
C LEU B 23 -3.66 4.57 -14.18
N LYS B 24 -4.37 3.46 -14.38
CA LYS B 24 -5.07 3.22 -15.64
C LYS B 24 -5.92 4.43 -16.01
N ASP B 25 -6.70 4.91 -15.05
CA ASP B 25 -7.56 6.07 -15.27
C ASP B 25 -6.73 7.35 -15.38
N LEU B 26 -5.61 7.38 -14.66
CA LEU B 26 -4.73 8.53 -14.68
C LEU B 26 -4.25 8.82 -16.10
N TYR B 27 -3.95 7.77 -16.85
CA TYR B 27 -3.48 7.90 -18.22
C TYR B 27 -4.66 8.02 -19.18
N LYS B 28 -5.68 7.20 -18.96
CA LYS B 28 -6.86 7.20 -19.80
C LYS B 28 -7.51 8.58 -19.83
N LYS B 29 -7.64 9.19 -18.65
CA LYS B 29 -8.25 10.52 -18.54
C LYS B 29 -7.49 11.54 -19.37
N THR B 30 -6.23 11.23 -19.69
CA THR B 30 -5.41 12.12 -20.50
C THR B 30 -4.25 11.35 -21.15
N THR B 31 -4.47 10.92 -22.38
CA THR B 31 -3.45 10.19 -23.12
C THR B 31 -2.82 11.05 -24.20
N ARG C 1 -4.79 -5.89 27.57
CA ARG C 1 -4.10 -4.66 27.14
C ARG C 1 -4.60 -4.18 25.78
N ASN C 2 -4.64 -2.87 25.60
CA ASN C 2 -5.10 -2.29 24.34
C ASN C 2 -3.93 -1.76 23.52
N ASP C 3 -2.74 -2.30 23.77
CA ASP C 3 -1.55 -1.87 23.04
C ASP C 3 -1.48 -2.54 21.67
N ALA C 4 -1.97 -3.77 21.60
CA ALA C 4 -1.96 -4.51 20.35
C ALA C 4 -2.87 -3.84 19.33
N GLU C 5 -4.09 -3.53 19.75
CA GLU C 5 -5.06 -2.87 18.88
C GLU C 5 -4.56 -1.50 18.48
N ARG C 6 -4.03 -0.76 19.45
CA ARG C 6 -3.50 0.56 19.20
C ARG C 6 -2.26 0.49 18.32
N LEU C 7 -1.39 -0.48 18.64
CA LEU C 7 -0.17 -0.68 17.88
C LEU C 7 -0.47 -0.92 16.41
N ALA C 8 -1.41 -1.83 16.16
CA ALA C 8 -1.79 -2.16 14.79
C ALA C 8 -2.14 -0.90 14.00
N ASP C 9 -2.85 0.02 14.65
CA ASP C 9 -3.24 1.27 14.01
C ASP C 9 -2.04 2.20 13.86
N GLU C 10 -1.09 2.09 14.79
CA GLU C 10 0.11 2.91 14.76
C GLU C 10 1.02 2.49 13.60
N GLN C 11 1.31 1.20 13.55
CA GLN C 11 2.16 0.65 12.50
C GLN C 11 1.59 0.95 11.12
N SER C 12 0.28 0.75 10.99
CA SER C 12 -0.40 1.01 9.72
C SER C 12 -0.31 2.48 9.34
N GLU C 13 -0.37 3.35 10.35
CA GLU C 13 -0.29 4.78 10.13
C GLU C 13 1.00 5.15 9.38
N LEU C 14 2.10 4.52 9.79
CA LEU C 14 3.39 4.78 9.16
C LEU C 14 3.37 4.34 7.69
N VAL C 15 2.73 3.21 7.43
CA VAL C 15 2.63 2.69 6.08
C VAL C 15 1.74 3.57 5.21
N LYS C 16 0.59 3.95 5.75
CA LYS C 16 -0.36 4.80 5.03
C LYS C 16 0.31 6.13 4.65
N LYS C 17 0.79 6.85 5.67
CA LYS C 17 1.45 8.12 5.44
C LYS C 17 2.63 7.95 4.50
N MET C 18 3.25 6.76 4.55
CA MET C 18 4.38 6.46 3.68
C MET C 18 3.92 6.32 2.24
N VAL C 19 2.80 5.65 2.04
CA VAL C 19 2.25 5.44 0.71
C VAL C 19 1.72 6.76 0.14
N PHE C 20 1.22 7.61 1.01
CA PHE C 20 0.69 8.91 0.59
C PHE C 20 1.75 9.67 -0.19
N ASP C 21 2.89 9.92 0.45
CA ASP C 21 3.98 10.64 -0.20
C ASP C 21 4.33 10.01 -1.54
N THR C 22 4.55 8.70 -1.54
CA THR C 22 4.88 7.99 -2.76
C THR C 22 3.79 8.20 -3.81
N LEU C 23 2.63 7.59 -3.59
CA LEU C 23 1.51 7.72 -4.52
C LEU C 23 1.26 9.19 -4.87
N LYS C 24 1.42 10.07 -3.89
CA LYS C 24 1.22 11.49 -4.09
C LYS C 24 2.09 11.98 -5.25
N ASP C 25 3.39 11.99 -5.01
CA ASP C 25 4.35 12.43 -6.01
C ASP C 25 4.30 11.54 -7.25
N LEU C 26 3.86 10.30 -7.07
CA LEU C 26 3.76 9.35 -8.17
C LEU C 26 2.61 9.72 -9.10
N TYR C 27 1.39 9.65 -8.60
CA TYR C 27 0.22 9.99 -9.40
C TYR C 27 0.37 11.36 -10.03
N LYS C 28 1.06 12.25 -9.32
CA LYS C 28 1.30 13.60 -9.81
C LYS C 28 2.03 13.57 -11.14
N LYS C 29 2.93 12.60 -11.30
CA LYS C 29 3.70 12.47 -12.52
C LYS C 29 2.80 11.99 -13.67
N THR C 30 1.75 11.25 -13.32
CA THR C 30 0.83 10.74 -14.32
C THR C 30 -0.04 11.86 -14.89
N THR C 31 -0.41 12.81 -14.04
CA THR C 31 -1.23 13.94 -14.46
C THR C 31 -0.36 15.12 -14.85
N ARG D 1 -4.70 20.88 -11.45
CA ARG D 1 -5.33 19.55 -11.22
C ARG D 1 -4.72 18.86 -10.02
N ASN D 2 -5.54 18.64 -8.99
CA ASN D 2 -5.08 17.98 -7.77
C ASN D 2 -5.67 16.58 -7.65
N ASP D 3 -6.02 16.00 -8.79
CA ASP D 3 -6.59 14.65 -8.82
C ASP D 3 -5.59 13.63 -8.30
N ALA D 4 -4.31 13.89 -8.55
CA ALA D 4 -3.26 12.98 -8.11
C ALA D 4 -3.23 12.88 -6.58
N GLU D 5 -3.34 14.02 -5.92
CA GLU D 5 -3.34 14.06 -4.45
C GLU D 5 -4.57 13.36 -3.89
N ARG D 6 -5.73 13.69 -4.42
CA ARG D 6 -6.99 13.10 -3.98
C ARG D 6 -6.95 11.58 -4.13
N LEU D 7 -6.25 11.11 -5.17
CA LEU D 7 -6.14 9.68 -5.44
C LEU D 7 -5.31 9.00 -4.36
N ALA D 8 -4.06 9.44 -4.22
CA ALA D 8 -3.15 8.88 -3.23
C ALA D 8 -3.83 8.73 -1.88
N ASP D 9 -4.72 9.67 -1.57
CA ASP D 9 -5.44 9.65 -0.30
C ASP D 9 -6.31 8.41 -0.21
N GLU D 10 -7.07 8.14 -1.27
CA GLU D 10 -7.94 6.98 -1.31
C GLU D 10 -7.13 5.70 -1.20
N GLN D 11 -5.92 5.72 -1.76
CA GLN D 11 -5.04 4.56 -1.72
C GLN D 11 -4.48 4.35 -0.32
N SER D 12 -3.96 5.43 0.27
CA SER D 12 -3.40 5.35 1.61
C SER D 12 -4.39 4.73 2.59
N GLU D 13 -5.56 5.36 2.72
CA GLU D 13 -6.59 4.87 3.62
C GLU D 13 -6.87 3.41 3.36
N LEU D 14 -6.80 3.01 2.09
CA LEU D 14 -7.04 1.63 1.70
C LEU D 14 -5.94 0.72 2.22
N VAL D 15 -4.70 1.18 2.13
CA VAL D 15 -3.56 0.40 2.60
C VAL D 15 -3.62 0.19 4.10
N LYS D 16 -4.12 1.19 4.82
CA LYS D 16 -4.23 1.11 6.27
C LYS D 16 -5.18 0.00 6.68
N LYS D 17 -6.39 0.02 6.13
CA LYS D 17 -7.38 -0.99 6.45
C LYS D 17 -6.86 -2.39 6.14
N MET D 18 -5.99 -2.46 5.13
CA MET D 18 -5.40 -3.74 4.74
C MET D 18 -4.39 -4.21 5.77
N VAL D 19 -3.43 -3.36 6.10
CA VAL D 19 -2.40 -3.71 7.07
C VAL D 19 -2.96 -3.67 8.50
N PHE D 20 -4.07 -2.96 8.67
CA PHE D 20 -4.70 -2.85 9.98
C PHE D 20 -5.22 -4.22 10.44
N ASP D 21 -5.96 -4.88 9.56
CA ASP D 21 -6.51 -6.19 9.87
C ASP D 21 -5.40 -7.22 10.07
N THR D 22 -4.37 -7.14 9.22
CA THR D 22 -3.24 -8.05 9.29
C THR D 22 -2.58 -7.97 10.65
N LEU D 23 -2.11 -6.77 11.01
CA LEU D 23 -1.45 -6.55 12.29
C LEU D 23 -2.29 -7.08 13.44
N LYS D 24 -3.59 -6.84 13.37
CA LYS D 24 -4.51 -7.30 14.42
C LYS D 24 -4.30 -8.77 14.70
N ASP D 25 -4.26 -9.57 13.64
CA ASP D 25 -4.06 -11.01 13.77
C ASP D 25 -2.63 -11.32 14.18
N LEU D 26 -1.70 -10.48 13.74
CA LEU D 26 -0.29 -10.66 14.07
C LEU D 26 -0.07 -10.66 15.58
N TYR D 27 -0.81 -9.78 16.27
CA TYR D 27 -0.70 -9.66 17.72
C TYR D 27 -1.61 -10.68 18.39
N LYS D 28 -2.83 -10.82 17.87
CA LYS D 28 -3.80 -11.75 18.43
C LYS D 28 -3.25 -13.18 18.44
N LYS D 29 -2.65 -13.58 17.32
CA LYS D 29 -2.08 -14.91 17.21
C LYS D 29 -1.03 -15.17 18.29
N THR D 30 -0.49 -14.09 18.85
CA THR D 30 0.52 -14.20 19.90
C THR D 30 0.59 -12.91 20.70
N THR D 31 -0.13 -12.88 21.83
CA THR D 31 -0.15 -11.70 22.69
C THR D 31 0.65 -11.97 23.97
#